data_9BT1
#
_entry.id   9BT1
#
_cell.length_a   1.00
_cell.length_b   1.00
_cell.length_c   1.00
_cell.angle_alpha   90.00
_cell.angle_beta   90.00
_cell.angle_gamma   90.00
#
_symmetry.space_group_name_H-M   'P 1'
#
loop_
_entity.id
_entity.type
_entity.pdbx_description
1 polymer 'Spike glycoprotein'
2 branched 2-acetamido-2-deoxy-beta-D-glucopyranose-(1-4)-2-acetamido-2-deoxy-beta-D-glucopyranose
3 branched beta-D-mannopyranose-(1-4)-2-acetamido-2-deoxy-beta-D-glucopyranose-(1-4)-2-acetamido-2-deoxy-beta-D-glucopyranose
4 non-polymer 2-acetamido-2-deoxy-beta-D-glucopyranose
5 non-polymer '5-acetamido-8-O-(5-acetamido-9-O-acetyl-3,5-dideoxy-D-glycero-alpha-D-galacto-non-2-ulopyranonosyl)-3,5-dideoxy-D-glycero-alpha-D-galacto-non-2-ulopyranosonic acid'
#
_entity_poly.entity_id   1
_entity_poly.type   'polypeptide(L)'
_entity_poly.pdbx_seq_one_letter_code
;VIGDFNCTNFAINDLNTTVPRISEYVVDVSYGLGTYYILDRVYLNTTILFTGYFPKSGANFRDLSLKGTTYLSTLWYQKP
FLSDFNNGIFSRVKNTKLYVNKTLYSEFSTIVIGSVFINNSYTIVVQPHNGVLEITACQYTMCEYPHTICKSKGSSRNES
WHFDKSEPLCLFKKNFTYNVSTDWLYFHFYQERGTFYAYYADSGMPTTFLFSLYLGTLLSHYYVLPLTCNAISSNTDNET
LQYWVTPLSKRQYLLKFDNRGVITNAVDCSSSFFSEIQCKTKSLLPNTGVYDLSGFTVKPVATVHRRIPDLPDCDIDKWL
NNFNVPSPLNWERKIFSNCNFNLSTLLRLVHTDSFSCNNFDESKIYGSCFKSIVLDKFAIPNSRRSDLQLGSSGFLQSSN
YKIDTTSSSCQLYYSLPAINVTINNYNPSSWNRRYGFNNFNLSSHSVVYSRYCFSVNNTFCPCAKPSFASSCKSHKPPSA
SCPIGTNYRSCESTTVLDHTDWCRCSCLPDPITAYDPRSCSQKKSLVGVGEHCAGFGVDEEKCGVLDGSYNVSCLCSTDA
FLGWSYDTCVSNNRCNIFSNFILNGINSGTTCSNDLLQPNTEVFTDVCVDYDLYGITGQGIFKEVSAVYYNSWQNLLYDS
NGNIIGFKDFVTNKTYNIFPCYAGRVSAAFHQNASSLALLYRNLKCSYVLNNISLTTQPYFDSYLGCVFNADNLTDYSVS
SCALRMGSGFCVDYNSPSSSSSRRKRRSISASYRFVTFEPFNVSFVNDSIESVGGLYEIKIPTNFTIVGQEEFIQTNSPK
VTIDCSLFVCSNYAACHDLLSEYGTFCDNINSILDEVNGLLDTTQLHVADTLMQGVTLSSNLNTNLHFDVDNINFKSLVG
CLGPHCGSSSRSFFEDLLFDKVKLSDVGFVEAYNNCTGGSEIRDLLCVQSFNGIKVLPPILSESQISGYTTAATVAAMFP
PWSAAAGIPFSLNVQYRINGLGVTMDVLNKNQKLIATAFNNALLSIQNGFSAPNSALAKIQSVVNSNAQALNSLLQQLFN
KFGAISSSLQEILSRLDPPEAQVQIDRLINGRLTALNAYVSQQLSDISLVKFGAALAMEKVNECVKSQSPRINFCGNGNH
ILSLVQNAPYGLLFMHFSYKPISFKTVLVSPGLCISGDVGIAPKQGYFIKHNDHWMFTGSSYYYPEPISDKNVVFMNTCS
VNFTKAPLVYLNHSVPKLSDFESELSHWFKNQTSIAPNLTLNLHTINATFLDLYYEMNLIQESIKSLNNSYINLKDIGTY
EMYVKSGGYIPEAPRDGQAYVRKDGEWVLLSTFLNSGRAHHHHHHGAGGLNDIFEAQKIEWHEDTAAA
;
_entity_poly.pdbx_strand_id   B,C,A
#
loop_
_chem_comp.id
_chem_comp.type
_chem_comp.name
_chem_comp.formula
A1AR1 non-polymer '5-acetamido-8-O-(5-acetamido-9-O-acetyl-3,5-dideoxy-D-glycero-alpha-D-galacto-non-2-ulopyranonosyl)-3,5-dideoxy-D-glycero-alpha-D-galacto-non-2-ulopyranosonic acid' 'C24 H38 N2 O18'
BMA D-saccharide, beta linking beta-D-mannopyranose 'C6 H12 O6'
NAG D-saccharide, beta linking 2-acetamido-2-deoxy-beta-D-glucopyranose 'C8 H15 N O6'
#
# COMPACT_ATOMS: atom_id res chain seq x y z
N VAL A 1 -14.72 47.22 -1.32
CA VAL A 1 -15.94 47.24 -0.47
C VAL A 1 -16.23 45.86 0.11
N ILE A 2 -16.90 45.78 1.26
CA ILE A 2 -17.25 44.50 1.89
C ILE A 2 -18.50 43.91 1.24
N GLY A 3 -19.66 44.55 1.44
CA GLY A 3 -20.92 44.15 0.82
C GLY A 3 -21.27 44.89 -0.46
N ASP A 4 -22.36 44.49 -1.10
CA ASP A 4 -22.94 45.13 -2.29
C ASP A 4 -24.14 46.05 -1.97
N PHE A 5 -24.77 45.90 -0.79
CA PHE A 5 -25.95 46.68 -0.40
C PHE A 5 -25.59 48.16 -0.11
N ASN A 6 -26.23 49.09 -0.81
CA ASN A 6 -26.07 50.54 -0.62
C ASN A 6 -26.62 51.01 0.74
N CYS A 7 -25.77 51.05 1.75
CA CYS A 7 -26.15 51.25 3.15
C CYS A 7 -26.33 52.71 3.55
N THR A 8 -25.48 53.58 3.03
CA THR A 8 -25.43 55.02 3.37
C THR A 8 -24.71 55.81 2.28
N ASN A 9 -24.98 57.11 2.20
CA ASN A 9 -24.25 58.05 1.35
C ASN A 9 -23.75 59.28 2.15
N PHE A 10 -23.86 59.25 3.49
CA PHE A 10 -23.39 60.30 4.38
C PHE A 10 -21.87 60.24 4.60
N ALA A 11 -21.18 61.31 4.22
CA ALA A 11 -19.76 61.58 4.47
C ALA A 11 -18.88 60.45 3.95
N ILE A 12 -18.96 60.22 2.64
CA ILE A 12 -18.14 59.24 1.92
C ILE A 12 -17.14 59.99 1.05
N ASN A 13 -15.85 59.73 1.23
CA ASN A 13 -14.80 60.38 0.44
C ASN A 13 -13.75 59.33 0.08
N ASP A 14 -12.63 59.80 -0.49
CA ASP A 14 -11.55 58.93 -0.90
C ASP A 14 -10.21 59.38 -0.30
N LEU A 15 -10.26 60.06 0.83
CA LEU A 15 -9.04 60.54 1.46
C LEU A 15 -8.22 59.35 1.97
N ASN A 16 -6.91 59.42 1.75
CA ASN A 16 -5.99 58.34 2.11
C ASN A 16 -5.35 58.68 3.45
N THR A 17 -5.66 57.88 4.47
CA THR A 17 -5.09 58.05 5.80
C THR A 17 -3.81 57.20 5.90
N THR A 18 -3.30 57.05 7.11
CA THR A 18 -2.09 56.26 7.32
C THR A 18 -2.31 54.80 6.97
N VAL A 19 -1.31 54.19 6.34
CA VAL A 19 -1.33 52.78 5.99
C VAL A 19 -1.20 51.95 7.27
N PRO A 20 -1.53 50.66 7.26
CA PRO A 20 -1.38 49.85 8.47
C PRO A 20 0.03 49.93 9.02
N ARG A 21 0.13 50.07 10.33
CA ARG A 21 1.39 50.34 11.00
C ARG A 21 2.09 49.03 11.38
N ILE A 22 3.41 49.00 11.19
CA ILE A 22 4.20 47.86 11.62
C ILE A 22 4.50 48.00 13.11
N SER A 23 4.19 46.96 13.88
CA SER A 23 4.27 47.05 15.32
C SER A 23 5.72 47.04 15.79
N GLU A 24 5.91 47.42 17.05
CA GLU A 24 7.18 47.29 17.74
C GLU A 24 7.21 46.11 18.70
N TYR A 25 6.05 45.69 19.20
CA TYR A 25 5.97 44.50 20.03
C TYR A 25 6.17 43.25 19.18
N VAL A 26 6.81 42.24 19.77
CA VAL A 26 7.18 41.04 19.05
C VAL A 26 6.50 39.84 19.70
N VAL A 27 6.32 38.79 18.90
CA VAL A 27 5.62 37.58 19.35
C VAL A 27 6.57 36.76 20.23
N ASP A 28 6.13 36.44 21.44
CA ASP A 28 6.91 35.64 22.39
C ASP A 28 5.97 34.60 22.99
N VAL A 29 6.05 33.38 22.48
CA VAL A 29 5.17 32.30 22.91
C VAL A 29 5.81 31.46 24.02
N SER A 30 6.86 31.98 24.66
CA SER A 30 7.55 31.22 25.70
C SER A 30 6.64 30.87 26.87
N TYR A 31 5.60 31.67 27.13
CA TYR A 31 4.66 31.40 28.21
C TYR A 31 3.26 31.12 27.68
N GLY A 32 3.13 30.79 26.40
CA GLY A 32 1.85 30.43 25.83
C GLY A 32 0.97 31.58 25.42
N LEU A 33 1.49 32.80 25.36
CA LEU A 33 0.67 33.94 25.02
C LEU A 33 0.08 33.82 23.62
N GLY A 34 0.89 33.39 22.66
CA GLY A 34 0.41 33.20 21.31
C GLY A 34 -0.30 31.90 21.04
N THR A 35 -0.47 31.06 22.05
CA THR A 35 -1.08 29.74 21.89
C THR A 35 -2.51 29.75 22.42
N TYR A 36 -3.15 28.60 22.32
CA TYR A 36 -4.53 28.45 22.78
C TYR A 36 -4.72 27.05 23.35
N TYR A 37 -5.70 26.93 24.24
CA TYR A 37 -6.08 25.63 24.75
C TYR A 37 -6.78 24.83 23.66
N ILE A 38 -6.49 23.53 23.60
CA ILE A 38 -6.93 22.68 22.50
C ILE A 38 -8.42 22.43 22.67
N LEU A 39 -9.25 23.20 21.97
CA LEU A 39 -10.71 23.02 21.91
C LEU A 39 -11.23 22.89 23.33
N ASP A 40 -12.08 21.91 23.63
CA ASP A 40 -12.58 21.67 24.97
C ASP A 40 -11.75 20.64 25.73
N ARG A 41 -10.58 20.30 25.21
CA ARG A 41 -9.72 19.31 25.85
C ARG A 41 -8.89 19.96 26.96
N VAL A 42 -8.46 19.13 27.90
CA VAL A 42 -7.55 19.55 28.96
C VAL A 42 -6.51 18.45 29.16
N TYR A 43 -5.26 18.87 29.31
CA TYR A 43 -4.14 17.96 29.54
C TYR A 43 -3.52 18.28 30.89
N LEU A 44 -3.22 17.24 31.67
CA LEU A 44 -2.72 17.41 33.03
C LEU A 44 -1.29 16.88 33.13
N ASN A 45 -0.38 17.74 33.59
CA ASN A 45 0.99 17.32 33.94
C ASN A 45 1.70 16.67 32.76
N THR A 46 1.49 17.21 31.56
CA THR A 46 2.08 16.63 30.36
C THR A 46 2.61 17.73 29.46
N THR A 47 3.51 17.35 28.56
CA THR A 47 3.97 18.20 27.46
C THR A 47 3.51 17.55 26.17
N ILE A 48 2.73 18.29 25.38
CA ILE A 48 2.10 17.78 24.17
C ILE A 48 2.76 18.43 22.97
N LEU A 49 3.11 17.61 21.98
CA LEU A 49 3.57 18.10 20.69
C LEU A 49 2.36 18.29 19.80
N PHE A 50 1.93 19.54 19.62
CA PHE A 50 0.70 19.85 18.92
C PHE A 50 1.00 20.65 17.67
N THR A 51 0.42 20.24 16.55
CA THR A 51 0.56 20.93 15.28
C THR A 51 -0.73 21.68 15.01
N GLY A 52 -0.67 23.01 15.10
CA GLY A 52 -1.84 23.84 14.91
C GLY A 52 -1.46 25.17 14.30
N TYR A 53 -2.46 26.03 14.12
CA TYR A 53 -2.26 27.33 13.51
C TYR A 53 -1.84 28.31 14.58
N PHE A 54 -0.56 28.65 14.59
CA PHE A 54 0.06 29.47 15.62
C PHE A 54 0.79 30.63 14.97
N PRO A 55 0.98 31.73 15.69
CA PRO A 55 1.83 32.80 15.17
C PRO A 55 3.28 32.34 15.07
N LYS A 56 3.97 32.86 14.06
CA LYS A 56 5.40 32.59 13.94
C LYS A 56 6.14 33.36 15.03
N SER A 57 6.93 32.64 15.82
CA SER A 57 7.63 33.29 16.93
C SER A 57 8.58 34.36 16.41
N GLY A 58 8.54 35.52 17.06
CA GLY A 58 9.35 36.64 16.63
C GLY A 58 8.76 37.48 15.52
N ALA A 59 7.48 37.28 15.18
CA ALA A 59 6.84 38.07 14.15
C ALA A 59 6.36 39.40 14.71
N ASN A 60 5.87 40.26 13.83
CA ASN A 60 5.37 41.59 14.19
C ASN A 60 3.87 41.67 13.93
N PHE A 61 3.29 42.82 14.23
CA PHE A 61 1.85 43.02 14.14
C PHE A 61 1.52 44.22 13.27
N ARG A 62 0.30 44.23 12.75
CA ARG A 62 -0.25 45.36 12.01
C ARG A 62 -1.44 45.92 12.77
N ASP A 63 -1.47 47.25 12.93
CA ASP A 63 -2.60 47.90 13.60
C ASP A 63 -3.62 48.26 12.53
N LEU A 64 -4.63 47.40 12.40
CA LEU A 64 -5.70 47.61 11.42
C LEU A 64 -6.85 48.42 11.99
N SER A 65 -6.76 48.87 13.23
CA SER A 65 -7.81 49.66 13.84
C SER A 65 -7.96 51.01 13.14
N LEU A 66 -9.21 51.43 12.96
CA LEU A 66 -9.51 52.70 12.29
C LEU A 66 -10.46 53.49 13.17
N LYS A 67 -10.08 54.72 13.48
CA LYS A 67 -10.89 55.63 14.30
C LYS A 67 -11.25 56.84 13.46
N GLY A 68 -12.54 57.14 13.39
CA GLY A 68 -13.01 58.29 12.64
C GLY A 68 -14.09 59.06 13.38
N THR A 69 -14.47 60.22 12.85
CA THR A 69 -15.51 61.01 13.50
C THR A 69 -16.76 61.10 12.62
N THR A 70 -16.59 61.57 11.39
CA THR A 70 -17.71 61.78 10.48
C THR A 70 -17.56 61.05 9.16
N TYR A 71 -16.39 61.13 8.53
CA TYR A 71 -16.21 60.64 7.18
C TYR A 71 -15.71 59.20 7.18
N LEU A 72 -16.19 58.40 6.23
CA LEU A 72 -15.79 57.01 5.98
C LEU A 72 -15.13 56.96 4.60
N SER A 73 -13.80 56.92 4.58
CA SER A 73 -13.10 56.82 3.31
C SER A 73 -13.30 55.45 2.68
N THR A 74 -13.49 55.43 1.36
CA THR A 74 -13.66 54.16 0.65
C THR A 74 -12.38 53.34 0.68
N LEU A 75 -11.22 54.00 0.76
CA LEU A 75 -9.96 53.27 0.85
C LEU A 75 -9.85 52.45 2.12
N TRP A 76 -10.67 52.75 3.13
CA TRP A 76 -10.67 51.94 4.34
C TRP A 76 -11.13 50.52 4.08
N TYR A 77 -11.87 50.28 3.00
CA TYR A 77 -12.50 49.01 2.67
C TYR A 77 -11.84 48.34 1.47
N GLN A 78 -10.51 48.47 1.33
CA GLN A 78 -9.81 48.00 0.14
C GLN A 78 -8.63 47.10 0.51
N LYS A 79 -7.79 46.80 -0.47
CA LYS A 79 -6.65 45.90 -0.27
C LYS A 79 -5.74 46.27 0.90
N PRO A 80 -5.37 47.54 1.12
CA PRO A 80 -4.45 47.84 2.24
C PRO A 80 -4.96 47.37 3.60
N PHE A 81 -6.26 47.36 3.82
CA PHE A 81 -6.82 46.95 5.10
C PHE A 81 -7.63 45.65 5.02
N LEU A 82 -8.50 45.42 4.02
CA LEU A 82 -9.18 44.14 3.75
C LEU A 82 -8.14 43.13 3.29
N SER A 83 -7.60 42.39 4.25
CA SER A 83 -6.54 41.44 3.98
C SER A 83 -7.10 40.03 3.81
N ASP A 84 -6.34 39.20 3.11
CA ASP A 84 -6.74 37.81 2.91
C ASP A 84 -6.63 37.03 4.21
N PHE A 85 -7.65 36.22 4.49
CA PHE A 85 -7.62 35.40 5.68
C PHE A 85 -6.49 34.38 5.63
N ASN A 86 -6.30 33.74 4.48
CA ASN A 86 -5.27 32.71 4.28
C ASN A 86 -5.50 31.64 5.34
N ASN A 87 -4.46 31.19 6.05
CA ASN A 87 -4.68 30.25 7.15
C ASN A 87 -5.44 30.89 8.29
N GLY A 88 -5.12 32.14 8.61
CA GLY A 88 -5.79 32.84 9.68
C GLY A 88 -4.91 33.96 10.21
N ILE A 89 -5.37 34.58 11.29
CA ILE A 89 -4.64 35.64 11.96
C ILE A 89 -4.75 35.48 13.46
N PHE A 90 -3.69 35.89 14.16
CA PHE A 90 -3.71 36.03 15.61
C PHE A 90 -3.74 37.51 15.94
N SER A 91 -4.62 37.89 16.86
CA SER A 91 -4.93 39.28 17.10
C SER A 91 -4.62 39.65 18.55
N ARG A 92 -4.04 40.83 18.73
CA ARG A 92 -3.84 41.43 20.04
C ARG A 92 -4.60 42.75 20.07
N VAL A 93 -5.55 42.88 20.99
CA VAL A 93 -6.48 43.99 21.00
C VAL A 93 -6.27 44.79 22.28
N LYS A 94 -6.11 46.10 22.14
CA LYS A 94 -6.08 46.99 23.29
C LYS A 94 -7.51 47.34 23.71
N ASN A 95 -7.83 47.10 24.98
CA ASN A 95 -9.13 47.45 25.53
C ASN A 95 -9.03 48.88 26.05
N THR A 96 -9.22 49.85 25.16
CA THR A 96 -9.19 51.25 25.57
C THR A 96 -10.33 51.51 26.53
N LYS A 97 -10.04 52.20 27.63
CA LYS A 97 -10.97 52.36 28.74
C LYS A 97 -11.35 53.83 28.85
N LEU A 98 -12.57 54.15 28.42
CA LEU A 98 -13.09 55.50 28.46
C LEU A 98 -13.86 55.73 29.76
N TYR A 99 -13.76 56.93 30.30
CA TYR A 99 -14.45 57.31 31.53
C TYR A 99 -15.54 58.31 31.19
N VAL A 100 -16.78 57.96 31.52
CA VAL A 100 -17.94 58.84 31.34
C VAL A 100 -18.55 59.02 32.73
N ASN A 101 -18.29 60.16 33.35
CA ASN A 101 -18.69 60.42 34.73
C ASN A 101 -18.15 59.33 35.66
N LYS A 102 -16.88 58.99 35.46
CA LYS A 102 -16.12 58.00 36.20
C LYS A 102 -16.61 56.58 35.95
N THR A 103 -17.59 56.39 35.07
CA THR A 103 -18.08 55.04 34.75
C THR A 103 -17.13 54.41 33.72
N LEU A 104 -16.66 53.22 34.02
CA LEU A 104 -15.73 52.53 33.12
C LEU A 104 -16.46 52.00 31.90
N TYR A 105 -15.83 52.12 30.73
CA TYR A 105 -16.37 51.59 29.50
C TYR A 105 -15.27 50.88 28.72
N SER A 106 -15.67 49.86 27.97
CA SER A 106 -14.74 49.04 27.19
C SER A 106 -15.13 49.14 25.71
N GLU A 107 -14.16 49.49 24.87
CA GLU A 107 -14.37 49.63 23.44
C GLU A 107 -13.18 49.05 22.67
N PHE A 108 -13.48 48.50 21.49
CA PHE A 108 -12.45 48.17 20.51
C PHE A 108 -13.13 47.83 19.19
N SER A 109 -12.32 47.51 18.19
CA SER A 109 -12.79 47.39 16.82
C SER A 109 -13.56 46.09 16.61
N THR A 110 -13.93 45.85 15.35
CA THR A 110 -14.76 44.73 14.96
C THR A 110 -14.18 44.11 13.70
N ILE A 111 -14.31 42.79 13.57
CA ILE A 111 -13.77 42.05 12.42
C ILE A 111 -14.89 41.28 11.74
N VAL A 112 -14.93 41.34 10.42
CA VAL A 112 -15.78 40.53 9.57
C VAL A 112 -14.91 39.48 8.87
N ILE A 113 -15.29 38.19 8.90
CA ILE A 113 -14.55 37.11 8.25
C ILE A 113 -15.52 36.26 7.46
N GLY A 114 -15.14 35.91 6.22
CA GLY A 114 -15.81 34.84 5.51
C GLY A 114 -16.33 35.15 4.12
N SER A 115 -15.81 34.39 3.14
CA SER A 115 -16.32 34.39 1.77
C SER A 115 -16.44 35.79 1.16
N VAL A 116 -17.42 36.04 0.30
CA VAL A 116 -17.65 37.30 -0.43
C VAL A 116 -18.40 38.36 0.39
N PHE A 117 -18.82 38.04 1.62
CA PHE A 117 -19.54 38.93 2.52
C PHE A 117 -20.89 39.44 1.99
N ILE A 118 -21.71 38.55 1.45
CA ILE A 118 -23.06 38.87 0.95
C ILE A 118 -24.06 37.93 1.67
N ASN A 119 -25.33 38.29 1.73
CA ASN A 119 -26.40 37.47 2.34
C ASN A 119 -26.62 36.05 1.76
N ASN A 120 -25.87 35.68 0.72
CA ASN A 120 -25.82 34.32 0.18
C ASN A 120 -24.69 33.50 0.77
N SER A 121 -23.81 34.11 1.56
CA SER A 121 -22.65 33.43 2.12
C SER A 121 -22.55 33.71 3.61
N TYR A 122 -21.97 32.78 4.35
CA TYR A 122 -21.83 32.92 5.79
C TYR A 122 -20.60 33.77 6.13
N THR A 123 -20.81 34.75 7.00
CA THR A 123 -19.79 35.67 7.45
C THR A 123 -19.74 35.76 8.97
N ILE A 124 -18.55 35.91 9.52
CA ILE A 124 -18.32 35.90 10.97
C ILE A 124 -18.00 37.32 11.42
N VAL A 125 -18.78 37.83 12.36
CA VAL A 125 -18.59 39.17 12.90
C VAL A 125 -18.35 39.03 14.38
N VAL A 126 -17.42 39.81 14.94
CA VAL A 126 -17.16 39.88 16.37
C VAL A 126 -17.10 41.34 16.77
N GLN A 127 -18.04 41.77 17.62
CA GLN A 127 -18.10 43.15 18.11
C GLN A 127 -18.29 43.19 19.62
N PRO A 128 -17.72 44.21 20.30
CA PRO A 128 -17.91 44.34 21.75
C PRO A 128 -19.16 45.12 22.11
N HIS A 129 -19.68 44.81 23.27
CA HIS A 129 -20.80 45.45 23.89
C HIS A 129 -20.41 45.72 25.35
N ASN A 130 -19.36 46.52 25.59
CA ASN A 130 -18.98 47.02 26.92
C ASN A 130 -19.11 45.92 27.97
N GLY A 131 -18.30 44.88 27.78
CA GLY A 131 -18.30 43.72 28.65
C GLY A 131 -18.97 42.50 28.07
N VAL A 132 -19.70 42.64 26.97
CA VAL A 132 -20.32 41.51 26.29
C VAL A 132 -19.65 41.38 24.92
N LEU A 133 -19.07 40.22 24.65
CA LEU A 133 -18.32 39.96 23.43
C LEU A 133 -19.12 38.95 22.61
N GLU A 134 -19.61 39.38 21.46
CA GLU A 134 -20.68 38.69 20.74
C GLU A 134 -20.15 38.13 19.43
N ILE A 135 -20.41 36.85 19.18
CA ILE A 135 -20.18 36.23 17.88
C ILE A 135 -21.47 35.54 17.46
N THR A 136 -21.88 35.83 16.23
CA THR A 136 -22.98 35.15 15.56
C THR A 136 -22.69 34.92 14.12
N ALA A 137 -22.82 33.68 13.69
CA ALA A 137 -22.54 33.33 12.30
C ALA A 137 -23.86 33.32 11.55
N CYS A 138 -24.15 34.41 10.85
CA CYS A 138 -25.40 34.58 10.14
C CYS A 138 -25.14 34.98 8.69
N GLN A 139 -26.15 34.92 7.83
CA GLN A 139 -26.07 35.34 6.42
C GLN A 139 -26.25 36.87 6.26
N TYR A 140 -25.41 37.65 6.93
CA TYR A 140 -25.60 39.10 7.04
C TYR A 140 -25.60 39.84 5.68
N THR A 141 -26.52 40.79 5.52
CA THR A 141 -26.53 41.79 4.43
C THR A 141 -25.46 42.84 4.68
N MET A 142 -24.20 42.51 4.39
CA MET A 142 -23.12 43.49 4.58
C MET A 142 -23.38 44.78 3.79
N CYS A 143 -23.16 45.91 4.44
CA CYS A 143 -23.17 47.22 3.83
C CYS A 143 -21.95 47.43 2.90
N GLU A 144 -22.04 48.40 1.98
CA GLU A 144 -20.90 48.81 1.14
C GLU A 144 -19.70 49.33 1.97
N TYR A 145 -19.98 50.20 2.95
CA TYR A 145 -19.00 50.80 3.86
C TYR A 145 -19.38 50.53 5.32
N PRO A 146 -19.26 49.27 5.78
CA PRO A 146 -19.77 48.88 7.08
C PRO A 146 -18.95 49.52 8.21
N HIS A 147 -19.58 49.84 9.33
CA HIS A 147 -18.87 50.41 10.48
C HIS A 147 -19.67 50.28 11.76
N THR A 148 -19.02 50.54 12.89
CA THR A 148 -19.67 50.61 14.21
C THR A 148 -19.56 52.02 14.81
N ILE A 149 -20.35 52.27 15.85
CA ILE A 149 -20.40 53.58 16.54
C ILE A 149 -19.99 53.46 18.00
N CYS A 150 -19.95 54.61 18.68
CA CYS A 150 -19.43 54.69 20.03
C CYS A 150 -20.60 54.80 20.99
N LYS A 151 -20.86 53.69 21.70
CA LYS A 151 -21.95 53.60 22.67
C LYS A 151 -21.67 54.36 23.96
N SER A 152 -20.43 54.69 24.23
CA SER A 152 -20.07 55.36 25.49
C SER A 152 -20.13 56.88 25.35
N LYS A 153 -19.31 57.44 24.47
CA LYS A 153 -19.21 58.89 24.32
C LYS A 153 -20.02 59.43 23.16
N GLY A 154 -20.82 58.60 22.49
CA GLY A 154 -21.60 59.04 21.36
C GLY A 154 -20.80 59.07 20.07
N SER A 155 -21.52 59.18 18.96
CA SER A 155 -20.90 59.17 17.65
C SER A 155 -21.69 60.07 16.71
N SER A 156 -20.97 60.70 15.77
CA SER A 156 -21.63 61.53 14.78
C SER A 156 -22.41 60.72 13.76
N ARG A 157 -22.16 59.42 13.59
CA ARG A 157 -22.91 58.52 12.69
C ARG A 157 -23.86 57.61 13.46
N ASN A 158 -24.59 56.76 12.73
CA ASN A 158 -25.39 55.65 13.27
C ASN A 158 -24.82 54.30 12.79
N GLU A 159 -24.83 53.27 13.63
CA GLU A 159 -24.21 51.98 13.30
C GLU A 159 -24.88 51.29 12.12
N SER A 160 -24.15 51.04 11.02
CA SER A 160 -24.70 50.41 9.82
C SER A 160 -23.67 49.52 9.13
N TRP A 161 -23.39 48.36 9.72
CA TRP A 161 -22.59 47.33 9.06
C TRP A 161 -23.42 46.26 8.34
N HIS A 162 -24.67 46.06 8.76
CA HIS A 162 -25.67 45.24 8.07
C HIS A 162 -27.03 45.96 8.05
N PHE A 163 -27.98 45.50 7.24
CA PHE A 163 -29.31 46.10 7.14
C PHE A 163 -30.44 45.05 7.08
N ASP A 164 -30.27 43.92 7.77
CA ASP A 164 -31.27 42.86 7.86
C ASP A 164 -32.52 43.30 8.66
N LYS A 165 -33.62 43.64 7.97
CA LYS A 165 -34.90 44.04 8.61
C LYS A 165 -35.53 42.91 9.45
N SER A 166 -35.29 41.66 9.08
CA SER A 166 -35.56 40.46 9.88
C SER A 166 -34.28 39.65 10.02
N GLU A 167 -34.09 39.00 11.17
CA GLU A 167 -32.87 38.23 11.47
C GLU A 167 -32.53 37.22 10.35
N PRO A 168 -31.33 37.29 9.75
CA PRO A 168 -30.91 36.40 8.66
C PRO A 168 -30.67 34.98 9.17
N LEU A 169 -30.30 34.05 8.30
CA LEU A 169 -30.06 32.66 8.68
C LEU A 169 -28.76 32.55 9.50
N CYS A 170 -28.87 32.14 10.76
CA CYS A 170 -27.72 31.98 11.65
C CYS A 170 -27.41 30.50 11.94
N LEU A 171 -26.15 30.09 11.77
CA LEU A 171 -25.64 28.75 12.09
C LEU A 171 -25.05 28.68 13.51
N PHE A 172 -24.54 29.80 14.02
CA PHE A 172 -23.99 29.94 15.36
C PHE A 172 -24.54 31.19 16.03
N LYS A 173 -24.88 31.09 17.32
CA LYS A 173 -25.24 32.24 18.15
C LYS A 173 -24.78 32.04 19.59
N LYS A 174 -23.81 32.82 20.06
CA LYS A 174 -23.47 32.86 21.49
C LYS A 174 -22.87 34.20 21.92
N ASN A 175 -23.09 34.56 23.19
CA ASN A 175 -22.51 35.77 23.76
C ASN A 175 -21.46 35.38 24.79
N PHE A 176 -20.42 36.22 24.90
CA PHE A 176 -19.33 35.97 25.82
C PHE A 176 -19.01 37.23 26.60
N THR A 177 -18.59 37.05 27.85
CA THR A 177 -18.28 38.15 28.74
C THR A 177 -16.79 38.19 29.05
N TYR A 178 -16.24 39.38 29.14
CA TYR A 178 -14.82 39.56 29.42
C TYR A 178 -14.64 40.62 30.50
N ASN A 179 -13.57 40.46 31.28
CA ASN A 179 -13.21 41.43 32.32
C ASN A 179 -12.88 42.77 31.68
N VAL A 180 -13.74 43.77 31.93
CA VAL A 180 -13.60 45.06 31.26
C VAL A 180 -12.31 45.76 31.68
N SER A 181 -11.88 45.58 32.93
CA SER A 181 -10.70 46.27 33.42
C SER A 181 -9.41 45.81 32.75
N THR A 182 -9.45 44.72 31.99
CA THR A 182 -8.25 44.25 31.30
C THR A 182 -7.76 45.28 30.29
N ASP A 183 -6.44 45.37 30.17
CA ASP A 183 -5.83 46.30 29.23
C ASP A 183 -5.68 45.72 27.84
N TRP A 184 -5.57 44.40 27.72
CA TRP A 184 -5.34 43.74 26.44
C TRP A 184 -6.25 42.54 26.29
N LEU A 185 -6.66 42.28 25.04
CA LEU A 185 -7.46 41.12 24.69
C LEU A 185 -6.83 40.45 23.46
N TYR A 186 -6.86 39.12 23.45
CA TYR A 186 -6.23 38.34 22.41
C TYR A 186 -7.26 37.42 21.76
N PHE A 187 -7.18 37.30 20.44
CA PHE A 187 -8.14 36.51 19.67
C PHE A 187 -7.40 35.68 18.64
N HIS A 188 -7.83 34.43 18.48
CA HIS A 188 -7.35 33.55 17.41
C HIS A 188 -8.46 33.35 16.40
N PHE A 189 -8.15 33.56 15.12
CA PHE A 189 -9.11 33.35 14.05
C PHE A 189 -8.41 32.59 12.93
N TYR A 190 -8.91 31.39 12.63
CA TYR A 190 -8.31 30.59 11.57
C TYR A 190 -9.31 29.57 11.07
N GLN A 191 -8.97 28.93 9.96
CA GLN A 191 -9.81 27.93 9.33
C GLN A 191 -9.01 26.66 9.11
N GLU A 192 -9.70 25.52 9.10
CA GLU A 192 -9.03 24.23 9.10
C GLU A 192 -9.94 23.24 8.38
N ARG A 193 -9.55 22.85 7.17
CA ARG A 193 -10.37 22.07 6.23
C ARG A 193 -11.84 22.52 6.26
N GLY A 194 -12.03 23.82 6.10
CA GLY A 194 -13.35 24.40 5.95
C GLY A 194 -14.12 24.63 7.21
N THR A 195 -13.60 24.25 8.37
CA THR A 195 -14.26 24.46 9.65
C THR A 195 -13.58 25.62 10.37
N PHE A 196 -14.36 26.66 10.68
CA PHE A 196 -13.82 27.88 11.26
C PHE A 196 -13.64 27.72 12.76
N TYR A 197 -12.61 28.36 13.30
CA TYR A 197 -12.32 28.34 14.72
C TYR A 197 -12.11 29.76 15.23
N ALA A 198 -12.45 29.97 16.49
CA ALA A 198 -12.21 31.24 17.15
C ALA A 198 -11.77 30.98 18.58
N TYR A 199 -10.92 31.86 19.09
CA TYR A 199 -10.44 31.79 20.46
C TYR A 199 -10.35 33.21 21.00
N TYR A 200 -10.45 33.34 22.32
CA TYR A 200 -10.39 34.66 22.94
C TYR A 200 -9.80 34.54 24.33
N ALA A 201 -9.22 35.64 24.79
CA ALA A 201 -8.69 35.74 26.14
C ALA A 201 -8.55 37.22 26.49
N ASP A 202 -8.40 37.49 27.79
CA ASP A 202 -8.25 38.85 28.27
C ASP A 202 -7.17 39.03 29.33
N SER A 203 -6.61 37.95 29.86
CA SER A 203 -5.69 38.02 30.99
C SER A 203 -4.24 37.85 30.58
N GLY A 204 -3.91 38.00 29.30
CA GLY A 204 -2.55 37.79 28.85
C GLY A 204 -2.12 36.35 29.01
N MET A 205 -3.01 35.44 28.65
CA MET A 205 -2.82 34.01 28.84
C MET A 205 -3.19 33.30 27.54
N PRO A 206 -2.89 32.01 27.42
CA PRO A 206 -3.33 31.27 26.23
C PRO A 206 -4.83 31.41 26.01
N THR A 207 -5.22 31.72 24.78
CA THR A 207 -6.60 32.03 24.49
C THR A 207 -7.49 30.80 24.67
N THR A 208 -8.64 30.99 25.30
CA THR A 208 -9.56 29.89 25.54
C THR A 208 -10.41 29.64 24.30
N PHE A 209 -11.05 28.47 24.28
CA PHE A 209 -11.83 28.05 23.13
C PHE A 209 -13.15 28.80 23.07
N LEU A 210 -13.49 29.33 21.88
CA LEU A 210 -14.76 30.01 21.67
C LEU A 210 -15.80 29.10 21.03
N PHE A 211 -15.52 28.59 19.84
CA PHE A 211 -16.44 27.71 19.13
C PHE A 211 -15.75 27.16 17.89
N SER A 212 -16.07 25.92 17.57
CA SER A 212 -15.60 25.26 16.35
C SER A 212 -16.81 25.06 15.44
N LEU A 213 -16.88 25.85 14.36
CA LEU A 213 -18.02 25.92 13.47
C LEU A 213 -17.68 25.36 12.08
N TYR A 214 -18.46 24.40 11.60
CA TYR A 214 -18.22 23.75 10.33
C TYR A 214 -18.97 24.53 9.26
N LEU A 215 -18.22 25.20 8.38
CA LEU A 215 -18.83 25.93 7.27
C LEU A 215 -18.95 25.08 6.01
N GLY A 216 -17.94 24.26 5.71
CA GLY A 216 -17.92 23.58 4.43
C GLY A 216 -17.42 24.42 3.28
N THR A 217 -16.94 25.63 3.55
CA THR A 217 -16.45 26.53 2.52
C THR A 217 -15.15 27.17 2.98
N LEU A 218 -14.51 27.88 2.05
CA LEU A 218 -13.23 28.54 2.31
C LEU A 218 -13.50 30.02 2.57
N LEU A 219 -13.14 30.49 3.77
CA LEU A 219 -13.27 31.90 4.10
C LEU A 219 -12.05 32.64 3.59
N SER A 220 -12.21 33.35 2.47
CA SER A 220 -11.08 33.92 1.77
C SER A 220 -10.54 35.19 2.42
N HIS A 221 -11.40 36.02 2.99
CA HIS A 221 -11.00 37.37 3.35
C HIS A 221 -11.46 37.72 4.76
N TYR A 222 -10.79 38.71 5.34
CA TYR A 222 -11.17 39.28 6.64
C TYR A 222 -10.88 40.76 6.61
N TYR A 223 -11.52 41.51 7.50
CA TYR A 223 -11.35 42.96 7.54
C TYR A 223 -11.74 43.51 8.91
N VAL A 224 -11.01 44.53 9.37
CA VAL A 224 -11.27 45.18 10.66
C VAL A 224 -12.25 46.33 10.45
N LEU A 225 -13.48 46.28 10.88
CA LEU A 225 -14.49 47.32 10.83
C LEU A 225 -14.01 48.57 11.58
N PRO A 226 -14.08 49.74 10.94
CA PRO A 226 -13.80 51.03 11.57
C PRO A 226 -14.82 51.35 12.65
N LEU A 227 -14.37 52.08 13.66
CA LEU A 227 -15.21 52.50 14.78
C LEU A 227 -15.09 54.00 14.95
N THR A 228 -16.21 54.65 15.21
CA THR A 228 -16.28 56.11 15.26
C THR A 228 -16.71 56.57 16.64
N CYS A 229 -15.93 57.48 17.24
CA CYS A 229 -16.28 58.12 18.50
C CYS A 229 -16.10 59.62 18.37
N ASN A 230 -16.79 60.35 19.25
CA ASN A 230 -16.50 61.77 19.45
C ASN A 230 -15.34 61.99 20.41
N ALA A 231 -14.83 60.91 21.00
CA ALA A 231 -13.72 60.87 21.92
C ALA A 231 -12.61 60.01 21.31
N ILE A 232 -11.61 59.66 22.11
CA ILE A 232 -10.48 58.82 21.68
C ILE A 232 -9.67 59.58 20.63
N SER A 233 -9.00 60.65 21.06
CA SER A 233 -8.06 61.37 20.23
C SER A 233 -7.09 62.09 21.16
N SER A 234 -5.99 62.58 20.57
CA SER A 234 -4.97 63.24 21.36
C SER A 234 -5.49 64.53 21.99
N ASN A 235 -6.50 65.14 21.38
CA ASN A 235 -6.99 66.44 21.81
C ASN A 235 -8.13 66.38 22.83
N THR A 236 -8.67 65.19 23.13
CA THR A 236 -9.77 65.16 24.08
C THR A 236 -9.48 64.26 25.29
N ASP A 237 -8.90 63.07 25.07
CA ASP A 237 -8.69 62.15 26.18
C ASP A 237 -7.35 61.43 26.07
N ASN A 238 -6.63 61.66 24.98
CA ASN A 238 -5.35 61.01 24.69
C ASN A 238 -5.43 59.49 24.62
N GLU A 239 -6.64 58.94 24.50
CA GLU A 239 -6.79 57.50 24.34
C GLU A 239 -6.74 57.14 22.86
N THR A 240 -6.46 55.86 22.59
CA THR A 240 -6.27 55.44 21.20
C THR A 240 -6.76 54.00 21.03
N LEU A 241 -7.18 53.69 19.81
CA LEU A 241 -7.53 52.31 19.46
C LEU A 241 -6.32 51.58 18.90
N GLN A 242 -6.07 50.39 19.42
CA GLN A 242 -4.99 49.55 18.93
C GLN A 242 -5.53 48.15 18.67
N TYR A 243 -5.31 47.65 17.46
CA TYR A 243 -5.77 46.32 17.08
C TYR A 243 -4.63 45.64 16.32
N TRP A 244 -3.79 44.93 17.07
CA TRP A 244 -2.61 44.30 16.49
C TRP A 244 -2.98 42.96 15.87
N VAL A 245 -2.54 42.74 14.63
CA VAL A 245 -2.86 41.54 13.87
C VAL A 245 -1.58 40.94 13.32
N THR A 246 -1.39 39.63 13.52
CA THR A 246 -0.30 38.90 12.93
C THR A 246 -0.83 37.66 12.24
N PRO A 247 -0.22 37.24 11.13
CA PRO A 247 -0.74 36.09 10.40
C PRO A 247 -0.49 34.78 11.16
N LEU A 248 -1.33 33.80 10.86
CA LEU A 248 -1.20 32.46 11.39
C LEU A 248 -0.63 31.52 10.34
N SER A 249 -0.15 30.37 10.80
CA SER A 249 0.40 29.36 9.91
C SER A 249 0.40 28.02 10.63
N LYS A 250 0.20 26.95 9.86
CA LYS A 250 0.24 25.60 10.40
C LYS A 250 1.68 25.27 10.80
N ARG A 251 1.93 25.16 12.10
CA ARG A 251 3.27 24.90 12.60
C ARG A 251 3.18 24.03 13.85
N GLN A 252 4.30 23.42 14.20
CA GLN A 252 4.40 22.51 15.32
C GLN A 252 4.75 23.30 16.58
N TYR A 253 4.04 23.02 17.67
CA TYR A 253 4.26 23.69 18.94
C TYR A 253 4.37 22.65 20.05
N LEU A 254 5.26 22.93 21.00
CA LEU A 254 5.38 22.12 22.21
C LEU A 254 4.63 22.84 23.32
N LEU A 255 3.54 22.24 23.78
CA LEU A 255 2.71 22.82 24.83
C LEU A 255 2.91 22.04 26.12
N LYS A 256 3.33 22.74 27.18
CA LYS A 256 3.57 22.14 28.47
C LYS A 256 2.41 22.48 29.40
N PHE A 257 1.76 21.45 29.91
CA PHE A 257 0.66 21.59 30.86
C PHE A 257 1.11 21.10 32.22
N ASP A 258 0.88 21.91 33.25
CA ASP A 258 1.13 21.49 34.62
C ASP A 258 -0.14 20.90 35.20
N ASN A 259 -0.18 20.72 36.52
CA ASN A 259 -1.43 20.37 37.17
C ASN A 259 -2.45 21.50 37.00
N ARG A 260 -3.72 21.15 37.17
CA ARG A 260 -4.86 22.02 36.87
C ARG A 260 -4.98 22.29 35.38
N GLY A 261 -4.07 21.71 34.59
CA GLY A 261 -4.16 21.77 33.14
C GLY A 261 -4.05 23.15 32.53
N VAL A 262 -3.17 23.99 33.03
CA VAL A 262 -2.94 25.31 32.44
C VAL A 262 -1.62 25.29 31.70
N ILE A 263 -1.54 26.09 30.64
CA ILE A 263 -0.33 26.13 29.81
C ILE A 263 0.69 27.04 30.48
N THR A 264 1.79 26.46 30.94
CA THR A 264 2.86 27.24 31.56
C THR A 264 3.91 27.69 30.56
N ASN A 265 4.28 26.80 29.63
CA ASN A 265 5.30 27.11 28.64
C ASN A 265 4.85 26.61 27.27
N ALA A 266 5.36 27.25 26.24
CA ALA A 266 5.12 26.83 24.87
C ALA A 266 6.35 27.11 24.02
N VAL A 267 6.58 26.26 23.03
CA VAL A 267 7.77 26.33 22.20
C VAL A 267 7.36 26.30 20.75
N ASP A 268 7.86 27.25 19.97
CA ASP A 268 7.72 27.23 18.52
C ASP A 268 8.87 26.42 17.94
N CYS A 269 8.57 25.23 17.43
CA CYS A 269 9.61 24.27 17.09
C CYS A 269 10.53 24.82 15.99
N SER A 270 9.98 25.47 14.99
CA SER A 270 10.78 25.98 13.89
C SER A 270 11.44 27.32 14.20
N SER A 271 11.21 27.89 15.38
CA SER A 271 11.76 29.21 15.69
C SER A 271 13.28 29.18 15.77
N SER A 272 13.84 28.15 16.41
CA SER A 272 15.28 28.12 16.64
C SER A 272 15.74 26.68 16.77
N PHE A 273 17.07 26.50 16.76
CA PHE A 273 17.65 25.16 16.87
C PHE A 273 17.30 24.53 18.21
N PHE A 274 17.44 25.29 19.30
CA PHE A 274 17.13 24.75 20.62
C PHE A 274 15.65 24.43 20.73
N SER A 275 14.80 25.22 20.09
CA SER A 275 13.37 24.90 20.04
C SER A 275 13.14 23.59 19.30
N GLU A 276 13.89 23.38 18.21
CA GLU A 276 13.79 22.11 17.48
C GLU A 276 14.19 20.94 18.36
N ILE A 277 15.26 21.10 19.14
CA ILE A 277 15.67 20.03 20.06
C ILE A 277 14.60 19.78 21.11
N GLN A 278 14.03 20.87 21.65
CA GLN A 278 12.99 20.73 22.67
C GLN A 278 11.78 19.98 22.13
N CYS A 279 11.38 20.28 20.89
CA CYS A 279 10.26 19.57 20.30
C CYS A 279 10.62 18.13 19.95
N LYS A 280 11.85 17.86 19.53
CA LYS A 280 12.31 16.47 19.28
C LYS A 280 12.26 15.65 20.54
N THR A 281 12.68 16.20 21.68
CA THR A 281 12.67 15.49 22.94
C THR A 281 11.35 15.65 23.70
N LYS A 282 10.45 16.52 23.24
CA LYS A 282 9.19 16.79 23.91
C LYS A 282 9.41 17.17 25.37
N SER A 283 10.44 17.98 25.62
CA SER A 283 10.80 18.39 26.97
C SER A 283 11.28 19.83 26.95
N LEU A 284 10.90 20.58 27.98
CA LEU A 284 11.37 21.97 28.09
C LEU A 284 12.88 22.01 28.26
N LEU A 285 13.44 21.10 29.06
CA LEU A 285 14.88 20.99 29.25
C LEU A 285 15.35 19.65 28.71
N PRO A 286 15.86 19.59 27.49
CA PRO A 286 16.26 18.30 26.91
C PRO A 286 17.48 17.73 27.59
N ASN A 287 17.62 16.41 27.48
CA ASN A 287 18.79 15.73 28.00
C ASN A 287 20.03 16.10 27.19
N THR A 288 21.18 16.02 27.85
CA THR A 288 22.45 16.28 27.18
C THR A 288 22.66 15.26 26.06
N GLY A 289 23.02 15.77 24.88
CA GLY A 289 23.24 14.88 23.76
C GLY A 289 23.53 15.67 22.50
N VAL A 290 23.72 14.94 21.40
CA VAL A 290 23.94 15.51 20.08
C VAL A 290 22.72 15.22 19.24
N TYR A 291 22.12 16.27 18.67
CA TYR A 291 20.89 16.15 17.91
C TYR A 291 21.12 16.63 16.49
N ASP A 292 20.70 15.82 15.52
CA ASP A 292 20.81 16.18 14.11
C ASP A 292 19.56 16.97 13.75
N LEU A 293 19.72 18.28 13.57
CA LEU A 293 18.60 19.17 13.29
C LEU A 293 18.50 19.40 11.79
N SER A 294 17.28 19.29 11.26
CA SER A 294 17.04 19.40 9.83
C SER A 294 17.16 20.87 9.43
N GLY A 295 18.37 21.27 9.06
CA GLY A 295 18.56 22.61 8.56
C GLY A 295 17.84 22.84 7.24
N PHE A 296 17.44 24.07 7.01
CA PHE A 296 16.65 24.39 5.82
C PHE A 296 17.48 24.20 4.56
N THR A 297 16.82 23.73 3.50
CA THR A 297 17.43 23.62 2.16
C THR A 297 17.59 25.03 1.58
N VAL A 298 18.66 25.26 0.83
CA VAL A 298 18.88 26.54 0.16
C VAL A 298 17.76 26.78 -0.84
N LYS A 299 16.90 27.77 -0.57
CA LYS A 299 15.76 28.09 -1.42
C LYS A 299 16.28 28.70 -2.74
N PRO A 300 15.85 28.22 -3.92
CA PRO A 300 16.24 28.84 -5.19
C PRO A 300 15.83 30.30 -5.25
N VAL A 301 16.67 31.12 -5.88
CA VAL A 301 16.44 32.55 -5.98
C VAL A 301 15.99 32.97 -7.37
N ALA A 302 16.09 32.10 -8.37
CA ALA A 302 15.73 32.45 -9.74
C ALA A 302 15.15 31.23 -10.42
N THR A 303 14.63 31.44 -11.63
CA THR A 303 14.03 30.39 -12.44
C THR A 303 14.63 30.44 -13.83
N VAL A 304 15.00 29.28 -14.37
CA VAL A 304 15.56 29.16 -15.72
C VAL A 304 14.68 28.17 -16.46
N HIS A 305 13.98 28.65 -17.48
CA HIS A 305 13.23 27.83 -18.40
C HIS A 305 13.92 27.78 -19.77
N ARG A 306 14.01 26.59 -20.36
CA ARG A 306 14.38 26.37 -21.75
C ARG A 306 13.46 25.35 -22.37
N ARG A 307 13.08 25.59 -23.62
CA ARG A 307 12.29 24.67 -24.44
C ARG A 307 12.49 25.04 -25.90
N ILE A 308 12.58 24.05 -26.77
CA ILE A 308 12.61 24.28 -28.20
C ILE A 308 11.28 24.90 -28.62
N PRO A 309 11.28 26.01 -29.38
CA PRO A 309 10.08 26.43 -30.05
C PRO A 309 9.81 25.39 -31.13
N ASP A 310 8.84 24.58 -30.83
CA ASP A 310 8.45 23.43 -31.61
C ASP A 310 8.09 23.85 -33.04
N LEU A 311 7.17 24.83 -33.13
CA LEU A 311 6.82 25.49 -34.38
C LEU A 311 7.88 26.54 -34.80
N PRO A 312 8.02 26.78 -36.11
CA PRO A 312 8.87 27.86 -36.64
C PRO A 312 8.28 29.23 -36.31
N ASP A 313 9.12 30.27 -36.34
CA ASP A 313 8.63 31.64 -36.23
C ASP A 313 7.77 32.03 -37.44
N CYS A 314 6.75 32.87 -37.23
CA CYS A 314 5.89 33.36 -38.29
C CYS A 314 6.65 34.27 -39.28
N ASP A 315 7.68 34.98 -38.83
CA ASP A 315 8.46 35.93 -39.64
C ASP A 315 7.59 37.01 -40.31
N ILE A 316 6.51 37.44 -39.64
CA ILE A 316 5.59 38.47 -40.15
C ILE A 316 6.36 39.77 -40.46
N ASP A 317 7.31 40.16 -39.60
CA ASP A 317 8.16 41.32 -39.82
C ASP A 317 9.03 41.20 -41.09
N LYS A 318 9.46 39.99 -41.48
CA LYS A 318 10.29 39.80 -42.68
C LYS A 318 9.48 40.01 -43.96
N TRP A 319 8.21 39.56 -43.97
CA TRP A 319 7.29 39.82 -45.07
C TRP A 319 6.76 41.26 -45.09
N LEU A 320 6.47 41.86 -43.92
CA LEU A 320 6.12 43.28 -43.82
C LEU A 320 7.29 44.21 -44.18
N ASN A 321 8.54 43.87 -43.85
CA ASN A 321 9.74 44.60 -44.26
C ASN A 321 10.16 44.35 -45.72
N ASN A 322 9.39 43.58 -46.51
CA ASN A 322 9.69 43.41 -47.94
C ASN A 322 9.54 44.75 -48.66
N PHE A 323 10.64 45.25 -49.24
CA PHE A 323 10.66 46.56 -49.91
C PHE A 323 9.78 46.62 -51.17
N ASN A 324 9.43 45.49 -51.78
CA ASN A 324 8.59 45.44 -52.98
C ASN A 324 7.11 45.38 -52.59
N VAL A 325 6.67 46.44 -51.88
CA VAL A 325 5.28 46.59 -51.45
C VAL A 325 4.35 46.84 -52.64
N PRO A 326 3.19 46.17 -52.70
CA PRO A 326 2.27 46.33 -53.81
C PRO A 326 1.37 47.55 -53.62
N SER A 327 0.71 47.91 -54.71
CA SER A 327 -0.30 48.96 -54.67
C SER A 327 -1.63 48.39 -54.16
N PRO A 328 -2.51 49.27 -53.64
CA PRO A 328 -3.86 48.88 -53.24
C PRO A 328 -4.67 48.26 -54.38
N LEU A 329 -4.32 48.51 -55.64
CA LEU A 329 -4.94 47.85 -56.79
C LEU A 329 -4.55 46.38 -56.87
N ASN A 330 -3.29 46.07 -56.57
CA ASN A 330 -2.80 44.69 -56.64
C ASN A 330 -2.31 44.24 -55.28
N TRP A 331 -3.11 44.48 -54.25
CA TRP A 331 -2.72 44.16 -52.88
C TRP A 331 -2.35 42.69 -52.73
N GLU A 332 -1.24 42.43 -52.04
CA GLU A 332 -0.77 41.07 -51.79
C GLU A 332 -1.47 40.50 -50.56
N ARG A 333 -1.56 39.18 -50.53
CA ARG A 333 -2.09 38.41 -49.41
C ARG A 333 -1.08 37.37 -48.99
N LYS A 334 -0.81 37.28 -47.68
CA LYS A 334 -0.08 36.16 -47.07
C LYS A 334 -0.89 35.58 -45.92
N ILE A 335 -0.81 34.27 -45.75
CA ILE A 335 -1.47 33.55 -44.67
C ILE A 335 -0.40 32.98 -43.73
N PHE A 336 -0.49 33.32 -42.45
CA PHE A 336 0.35 32.83 -41.38
C PHE A 336 -0.47 31.87 -40.50
N SER A 337 -0.19 30.56 -40.43
CA SER A 337 -1.21 29.60 -39.96
C SER A 337 -0.87 28.43 -39.05
N ASN A 338 0.39 28.29 -38.71
CA ASN A 338 0.81 27.43 -37.63
C ASN A 338 2.26 27.88 -37.45
N CYS A 339 2.45 28.86 -36.59
CA CYS A 339 3.74 29.47 -36.36
C CYS A 339 3.71 30.26 -35.06
N ASN A 340 4.89 30.57 -34.53
CA ASN A 340 5.06 31.35 -33.32
C ASN A 340 5.43 32.79 -33.65
N PHE A 341 4.83 33.75 -32.95
CA PHE A 341 5.12 35.17 -33.15
C PHE A 341 5.09 35.92 -31.81
N ASN A 342 5.72 37.09 -31.78
CA ASN A 342 5.54 38.08 -30.73
C ASN A 342 5.13 39.40 -31.35
N LEU A 343 3.92 39.92 -31.08
CA LEU A 343 3.52 41.22 -31.66
C LEU A 343 4.39 42.35 -31.09
N SER A 344 4.82 42.24 -29.83
CA SER A 344 5.70 43.24 -29.22
C SER A 344 7.07 43.37 -29.92
N THR A 345 7.59 42.28 -30.49
CA THR A 345 8.80 42.27 -31.32
C THR A 345 8.48 42.75 -32.73
N LEU A 346 7.37 42.29 -33.32
CA LEU A 346 6.90 42.72 -34.63
C LEU A 346 6.79 44.25 -34.73
N LEU A 347 6.16 44.90 -33.74
CA LEU A 347 5.89 46.34 -33.75
C LEU A 347 7.15 47.19 -33.88
N ARG A 348 8.20 46.90 -33.08
CA ARG A 348 9.48 47.62 -33.15
C ARG A 348 10.34 47.23 -34.35
N LEU A 349 10.15 46.02 -34.91
CA LEU A 349 10.81 45.60 -36.15
C LEU A 349 10.22 46.24 -37.42
N VAL A 350 8.91 46.54 -37.46
CA VAL A 350 8.26 47.16 -38.65
C VAL A 350 8.19 48.70 -38.61
N HIS A 351 8.57 49.35 -37.50
CA HIS A 351 8.38 50.79 -37.27
C HIS A 351 6.90 51.19 -37.41
N THR A 352 6.09 50.74 -36.45
CA THR A 352 4.66 51.06 -36.41
C THR A 352 4.41 52.56 -36.21
N ASP A 353 3.43 53.08 -36.95
CA ASP A 353 2.83 54.41 -36.78
C ASP A 353 1.62 54.37 -35.84
N SER A 354 0.72 53.41 -36.04
CA SER A 354 -0.45 53.18 -35.20
C SER A 354 -0.96 51.73 -35.33
N PHE A 355 -1.52 51.18 -34.25
CA PHE A 355 -2.19 49.88 -34.22
C PHE A 355 -3.61 50.06 -33.65
N SER A 356 -4.60 49.43 -34.28
CA SER A 356 -6.01 49.46 -33.87
C SER A 356 -6.69 48.14 -34.22
N CYS A 357 -7.81 47.81 -33.57
CA CYS A 357 -8.55 46.59 -33.85
C CYS A 357 -10.06 46.83 -33.94
N ASN A 358 -10.75 45.90 -34.61
CA ASN A 358 -12.19 45.86 -34.83
C ASN A 358 -12.73 44.48 -34.41
N ASN A 359 -13.82 44.47 -33.63
CA ASN A 359 -14.36 43.27 -32.96
C ASN A 359 -13.37 42.55 -32.01
N PHE A 360 -12.26 43.21 -31.66
CA PHE A 360 -11.11 42.63 -30.96
C PHE A 360 -10.29 43.74 -30.28
N ASP A 361 -9.37 43.38 -29.38
CA ASP A 361 -8.49 44.31 -28.68
C ASP A 361 -7.02 43.88 -28.76
N GLU A 362 -6.10 44.82 -28.99
CA GLU A 362 -4.66 44.55 -29.07
C GLU A 362 -4.12 43.82 -27.83
N SER A 363 -4.59 44.17 -26.63
CA SER A 363 -4.18 43.51 -25.38
C SER A 363 -4.52 42.01 -25.36
N LYS A 364 -5.57 41.60 -26.08
CA LYS A 364 -6.01 40.20 -26.17
C LYS A 364 -5.28 39.43 -27.27
N ILE A 365 -4.43 40.07 -28.07
CA ILE A 365 -3.55 39.36 -29.02
C ILE A 365 -2.43 38.64 -28.26
N TYR A 366 -1.90 39.27 -27.20
CA TYR A 366 -0.82 38.72 -26.38
C TYR A 366 -1.20 37.34 -25.81
N GLY A 367 -0.34 36.32 -25.99
CA GLY A 367 -0.54 34.97 -25.42
C GLY A 367 -1.64 34.13 -26.08
N SER A 368 -2.48 34.73 -26.91
CA SER A 368 -3.60 34.07 -27.59
C SER A 368 -3.14 33.25 -28.80
N CYS A 369 -3.99 32.32 -29.26
CA CYS A 369 -3.71 31.50 -30.42
C CYS A 369 -4.86 31.57 -31.42
N PHE A 370 -4.53 31.56 -32.71
CA PHE A 370 -5.51 31.67 -33.78
C PHE A 370 -5.38 30.53 -34.79
N LYS A 371 -6.49 30.13 -35.42
CA LYS A 371 -6.51 29.13 -36.50
C LYS A 371 -5.69 29.55 -37.71
N SER A 372 -5.81 30.80 -38.11
CA SER A 372 -4.91 31.41 -39.08
C SER A 372 -4.94 32.93 -38.96
N ILE A 373 -3.85 33.54 -39.40
CA ILE A 373 -3.71 34.97 -39.61
C ILE A 373 -3.65 35.20 -41.12
N VAL A 374 -4.54 36.02 -41.66
CA VAL A 374 -4.45 36.48 -43.05
C VAL A 374 -4.05 37.95 -43.04
N LEU A 375 -3.01 38.31 -43.80
CA LEU A 375 -2.43 39.64 -43.80
C LEU A 375 -2.36 40.21 -45.22
N ASP A 376 -3.00 41.37 -45.44
CA ASP A 376 -2.99 42.06 -46.72
C ASP A 376 -2.35 43.42 -46.53
N LYS A 377 -1.31 43.70 -47.32
CA LYS A 377 -0.50 44.92 -47.23
C LYS A 377 -0.45 45.67 -48.55
N PHE A 378 -0.37 46.99 -48.48
CA PHE A 378 -0.13 47.87 -49.64
C PHE A 378 0.38 49.24 -49.17
N ALA A 379 1.05 49.95 -50.06
CA ALA A 379 1.49 51.32 -49.80
C ALA A 379 0.30 52.29 -49.64
N ILE A 380 0.42 53.25 -48.72
CA ILE A 380 -0.60 54.28 -48.48
C ILE A 380 -0.35 55.47 -49.42
N PRO A 381 -1.33 55.89 -50.25
CA PRO A 381 -1.24 57.14 -50.99
C PRO A 381 -1.49 58.33 -50.05
N ASN A 382 -0.57 59.29 -49.97
CA ASN A 382 -0.58 60.35 -48.95
C ASN A 382 -1.89 61.17 -48.88
N SER A 383 -2.42 61.57 -50.04
CA SER A 383 -3.68 62.31 -50.21
C SER A 383 -4.94 61.49 -49.91
N ARG A 384 -4.80 60.16 -49.84
CA ARG A 384 -5.91 59.19 -49.70
C ARG A 384 -5.99 58.58 -48.30
N ARG A 385 -5.16 59.04 -47.35
CA ARG A 385 -4.94 58.42 -46.04
C ARG A 385 -6.24 58.16 -45.24
N SER A 386 -7.21 59.06 -45.34
CA SER A 386 -8.52 58.97 -44.68
C SER A 386 -9.45 57.89 -45.27
N ASP A 387 -9.21 57.40 -46.48
CA ASP A 387 -10.03 56.37 -47.12
C ASP A 387 -9.75 54.95 -46.59
N LEU A 388 -8.80 54.78 -45.67
CA LEU A 388 -8.52 53.51 -44.98
C LEU A 388 -9.36 53.31 -43.70
N GLN A 389 -10.08 54.34 -43.23
CA GLN A 389 -10.87 54.28 -42.00
C GLN A 389 -12.14 53.43 -42.15
N LEU A 390 -12.46 52.62 -41.14
CA LEU A 390 -13.59 51.69 -41.18
C LEU A 390 -14.92 52.38 -41.51
N GLY A 391 -15.66 51.85 -42.47
CA GLY A 391 -16.93 52.42 -42.95
C GLY A 391 -16.81 53.62 -43.90
N SER A 392 -15.60 54.07 -44.24
CA SER A 392 -15.38 55.13 -45.23
C SER A 392 -15.70 54.64 -46.64
N SER A 393 -16.38 55.47 -47.45
CA SER A 393 -16.78 55.15 -48.81
C SER A 393 -15.82 55.71 -49.86
N GLY A 394 -14.55 55.87 -49.51
CA GLY A 394 -13.52 56.38 -50.42
C GLY A 394 -13.17 55.39 -51.54
N PHE A 395 -12.44 55.87 -52.55
CA PHE A 395 -12.06 55.05 -53.70
C PHE A 395 -11.27 53.79 -53.32
N LEU A 396 -10.47 53.84 -52.23
CA LEU A 396 -9.75 52.67 -51.74
C LEU A 396 -10.72 51.54 -51.36
N GLN A 397 -11.66 51.78 -50.44
CA GLN A 397 -12.63 50.77 -49.99
C GLN A 397 -13.71 50.40 -51.02
N SER A 398 -13.87 51.17 -52.09
CA SER A 398 -14.88 50.90 -53.10
C SER A 398 -14.32 50.20 -54.33
N SER A 399 -13.02 50.34 -54.61
CA SER A 399 -12.46 49.82 -55.85
C SER A 399 -11.12 49.11 -55.71
N ASN A 400 -10.41 49.26 -54.59
CA ASN A 400 -9.06 48.71 -54.44
C ASN A 400 -9.05 47.55 -53.43
N TYR A 401 -9.46 47.83 -52.19
CA TYR A 401 -9.45 46.83 -51.13
C TYR A 401 -10.49 47.22 -50.09
N LYS A 402 -11.46 46.33 -49.83
CA LYS A 402 -12.54 46.52 -48.86
C LYS A 402 -12.21 45.79 -47.55
N ILE A 403 -12.13 46.56 -46.45
CA ILE A 403 -11.94 46.03 -45.10
C ILE A 403 -13.30 45.58 -44.54
N ASP A 404 -13.40 44.32 -44.12
CA ASP A 404 -14.63 43.75 -43.57
C ASP A 404 -14.78 44.06 -42.07
N THR A 405 -15.71 44.94 -41.72
CA THR A 405 -16.03 45.30 -40.32
C THR A 405 -16.90 44.27 -39.59
N THR A 406 -17.34 43.19 -40.26
CA THR A 406 -18.19 42.15 -39.63
C THR A 406 -17.37 41.06 -38.94
N SER A 407 -16.10 40.91 -39.32
CA SER A 407 -15.19 39.89 -38.80
C SER A 407 -14.01 40.56 -38.08
N SER A 408 -13.54 39.88 -37.02
CA SER A 408 -12.44 40.39 -36.20
C SER A 408 -11.21 40.74 -37.03
N SER A 409 -10.91 42.03 -37.05
CA SER A 409 -9.87 42.66 -37.87
C SER A 409 -8.94 43.51 -37.01
N CYS A 410 -7.69 43.69 -37.42
CA CYS A 410 -6.82 44.71 -36.82
C CYS A 410 -6.10 45.52 -37.90
N GLN A 411 -6.06 46.84 -37.78
CA GLN A 411 -5.41 47.74 -38.73
C GLN A 411 -4.11 48.28 -38.13
N LEU A 412 -2.99 47.99 -38.78
CA LEU A 412 -1.66 48.41 -38.36
C LEU A 412 -1.01 49.23 -39.49
N TYR A 413 -0.59 50.45 -39.16
CA TYR A 413 0.07 51.42 -40.04
C TYR A 413 1.56 51.46 -39.66
N TYR A 414 2.45 51.54 -40.65
CA TYR A 414 3.90 51.51 -40.45
C TYR A 414 4.65 52.17 -41.60
N SER A 415 5.93 52.48 -41.40
CA SER A 415 6.73 53.20 -42.39
C SER A 415 8.12 52.59 -42.62
N LEU A 416 8.54 52.50 -43.88
CA LEU A 416 9.84 51.94 -44.27
C LEU A 416 10.66 52.95 -45.10
N PRO A 417 12.01 52.89 -45.06
CA PRO A 417 12.87 53.90 -45.69
C PRO A 417 12.68 53.98 -47.21
N ALA A 418 12.40 55.19 -47.72
CA ALA A 418 12.08 55.41 -49.14
C ALA A 418 13.25 55.13 -50.10
N ILE A 419 14.49 55.08 -49.60
CA ILE A 419 15.67 54.73 -50.41
C ILE A 419 15.70 53.25 -50.85
N ASN A 420 14.95 52.36 -50.19
CA ASN A 420 14.89 50.93 -50.51
C ASN A 420 13.53 50.49 -51.10
N VAL A 421 12.43 50.99 -50.53
CA VAL A 421 11.05 50.61 -50.92
C VAL A 421 10.74 50.96 -52.39
N THR A 422 10.20 50.00 -53.16
CA THR A 422 9.72 50.23 -54.51
C THR A 422 8.28 49.73 -54.62
N ILE A 423 7.42 50.53 -55.25
CA ILE A 423 6.00 50.20 -55.38
C ILE A 423 5.80 49.26 -56.56
N ASN A 424 5.14 48.12 -56.30
CA ASN A 424 4.86 47.12 -57.32
C ASN A 424 3.47 47.39 -57.90
N ASN A 425 3.42 48.34 -58.82
CA ASN A 425 2.17 48.69 -59.48
C ASN A 425 1.82 47.65 -60.53
N TYR A 426 0.62 47.10 -60.44
CA TYR A 426 0.18 46.07 -61.38
C TYR A 426 -1.34 46.05 -61.41
N ASN A 427 -1.89 45.74 -62.59
CA ASN A 427 -3.33 45.69 -62.77
C ASN A 427 -3.79 44.23 -62.74
N PRO A 428 -4.54 43.80 -61.73
CA PRO A 428 -4.97 42.40 -61.67
C PRO A 428 -6.20 42.10 -62.52
N SER A 429 -6.76 43.08 -63.22
CA SER A 429 -7.94 42.85 -64.03
C SER A 429 -7.60 41.97 -65.23
N SER A 430 -8.32 40.85 -65.37
CA SER A 430 -8.04 39.92 -66.46
C SER A 430 -8.54 40.46 -67.79
N TRP A 431 -9.75 41.03 -67.82
CA TRP A 431 -10.29 41.52 -69.07
C TRP A 431 -9.57 42.77 -69.55
N ASN A 432 -9.11 43.61 -68.62
CA ASN A 432 -8.27 44.74 -69.02
C ASN A 432 -6.96 44.26 -69.65
N ARG A 433 -6.34 43.25 -69.05
CA ARG A 433 -5.11 42.69 -69.61
C ARG A 433 -5.38 42.08 -70.99
N ARG A 434 -6.54 41.45 -71.17
CA ARG A 434 -6.87 40.85 -72.46
C ARG A 434 -6.99 41.91 -73.55
N TYR A 435 -7.49 43.09 -73.22
CA TYR A 435 -7.84 44.11 -74.21
C TYR A 435 -6.79 45.22 -74.30
N GLY A 436 -5.51 44.87 -74.19
CA GLY A 436 -4.44 45.79 -74.51
C GLY A 436 -3.70 46.40 -73.34
N PHE A 437 -4.24 46.33 -72.14
CA PHE A 437 -3.55 46.89 -70.98
C PHE A 437 -2.34 46.04 -70.64
N ASN A 438 -1.15 46.63 -70.72
CA ASN A 438 0.10 45.92 -70.46
C ASN A 438 0.62 46.20 -69.06
N ASN A 439 0.89 47.46 -68.74
CA ASN A 439 1.44 47.85 -67.44
C ASN A 439 1.34 49.36 -67.32
N PHE A 440 1.84 49.88 -66.20
CA PHE A 440 1.93 51.31 -65.96
C PHE A 440 3.34 51.81 -66.23
N ASN A 441 3.46 53.14 -66.32
CA ASN A 441 4.75 53.81 -66.49
C ASN A 441 4.76 55.04 -65.60
N LEU A 442 5.22 54.87 -64.36
CA LEU A 442 5.28 55.92 -63.33
C LEU A 442 6.58 55.82 -62.51
N SER A 443 6.84 56.83 -61.67
CA SER A 443 7.98 56.86 -60.76
C SER A 443 8.00 55.68 -59.77
N SER A 444 9.16 55.45 -59.14
CA SER A 444 9.38 54.36 -58.20
C SER A 444 8.44 54.46 -57.00
N HIS A 445 8.28 55.68 -56.44
CA HIS A 445 7.44 55.96 -55.27
C HIS A 445 5.96 56.22 -55.60
N SER A 446 5.61 56.22 -56.89
CA SER A 446 4.22 56.40 -57.32
C SER A 446 3.38 55.19 -56.97
N VAL A 447 2.28 55.39 -56.26
CA VAL A 447 1.31 54.35 -55.90
C VAL A 447 0.03 54.55 -56.70
N VAL A 448 -0.33 53.58 -57.55
CA VAL A 448 -1.58 53.63 -58.32
C VAL A 448 -2.76 53.17 -57.48
N TYR A 449 -3.95 53.69 -57.78
CA TYR A 449 -5.20 53.18 -57.23
C TYR A 449 -6.35 53.37 -58.24
N SER A 450 -7.33 52.49 -58.16
CA SER A 450 -8.57 52.59 -58.93
C SER A 450 -9.55 53.57 -58.27
N ARG A 451 -10.12 54.49 -59.04
CA ARG A 451 -11.32 55.29 -58.71
C ARG A 451 -12.60 54.46 -58.96
N TYR A 452 -12.79 53.87 -60.14
CA TYR A 452 -13.98 53.13 -60.48
C TYR A 452 -13.58 51.82 -61.16
N CYS A 453 -14.24 50.74 -60.77
CA CYS A 453 -13.97 49.42 -61.33
C CYS A 453 -15.23 48.91 -62.03
N PHE A 454 -15.05 48.41 -63.24
CA PHE A 454 -16.16 47.95 -64.08
C PHE A 454 -16.07 46.44 -64.24
N SER A 455 -17.19 45.76 -63.99
CA SER A 455 -17.29 44.32 -64.15
C SER A 455 -18.00 44.01 -65.46
N VAL A 456 -17.41 43.13 -66.25
CA VAL A 456 -17.94 42.79 -67.57
C VAL A 456 -18.11 41.28 -67.66
N ASN A 457 -18.99 40.86 -68.57
CA ASN A 457 -19.22 39.44 -68.79
C ASN A 457 -18.12 38.87 -69.68
N ASN A 458 -18.09 37.53 -69.76
CA ASN A 458 -17.11 36.86 -70.59
C ASN A 458 -17.34 37.11 -72.08
N THR A 459 -18.53 37.53 -72.47
CA THR A 459 -18.84 37.82 -73.86
C THR A 459 -18.64 39.29 -74.23
N PHE A 460 -18.16 40.12 -73.29
CA PHE A 460 -17.94 41.52 -73.58
C PHE A 460 -16.71 41.70 -74.47
N CYS A 461 -16.80 42.64 -75.40
CA CYS A 461 -15.69 43.01 -76.26
C CYS A 461 -15.88 44.45 -76.69
N PRO A 462 -14.90 45.32 -76.44
CA PRO A 462 -15.08 46.74 -76.76
C PRO A 462 -14.86 47.10 -78.23
N CYS A 463 -14.46 46.14 -79.07
CA CYS A 463 -14.19 46.42 -80.47
C CYS A 463 -15.46 46.19 -81.29
N ALA A 464 -15.80 47.17 -82.12
CA ALA A 464 -16.98 47.06 -82.97
C ALA A 464 -16.72 46.12 -84.14
N LYS A 465 -17.80 45.68 -84.77
CA LYS A 465 -17.69 44.78 -85.91
C LYS A 465 -17.09 45.51 -87.09
N PRO A 466 -16.11 44.93 -87.78
CA PRO A 466 -15.54 45.60 -88.98
C PRO A 466 -16.58 45.86 -90.05
N SER A 467 -17.53 44.94 -90.24
CA SER A 467 -18.57 45.16 -91.24
C SER A 467 -19.46 46.35 -90.88
N PHE A 468 -19.83 46.46 -89.59
CA PHE A 468 -20.65 47.59 -89.16
C PHE A 468 -19.90 48.90 -89.34
N ALA A 469 -18.61 48.93 -88.98
CA ALA A 469 -17.82 50.15 -89.15
C ALA A 469 -17.68 50.51 -90.63
N SER A 470 -17.49 49.52 -91.48
CA SER A 470 -17.43 49.78 -92.92
C SER A 470 -18.75 50.35 -93.43
N SER A 471 -19.87 49.83 -92.91
CA SER A 471 -21.17 50.38 -93.27
C SER A 471 -21.33 51.82 -92.78
N CYS A 472 -20.70 52.16 -91.66
CA CYS A 472 -20.77 53.52 -91.13
C CYS A 472 -20.02 54.49 -92.04
N LYS A 473 -20.53 55.71 -92.12
CA LYS A 473 -19.86 56.79 -92.83
C LYS A 473 -19.72 58.08 -92.03
N SER A 474 -20.54 58.29 -91.00
CA SER A 474 -20.43 59.43 -90.11
C SER A 474 -20.30 58.93 -88.69
N HIS A 475 -19.31 59.46 -87.96
CA HIS A 475 -19.01 59.02 -86.60
C HIS A 475 -18.77 57.51 -86.55
N LYS A 476 -17.89 57.05 -87.44
CA LYS A 476 -17.61 55.63 -87.54
C LYS A 476 -16.85 55.15 -86.31
N PRO A 477 -17.36 54.17 -85.57
CA PRO A 477 -16.63 53.68 -84.42
C PRO A 477 -15.45 52.83 -84.85
N PRO A 478 -14.39 52.78 -84.06
CA PRO A 478 -13.26 51.90 -84.38
C PRO A 478 -13.68 50.43 -84.31
N SER A 479 -13.04 49.62 -85.16
CA SER A 479 -13.39 48.21 -85.26
C SER A 479 -12.13 47.35 -85.20
N ALA A 480 -12.30 46.13 -84.69
CA ALA A 480 -11.23 45.15 -84.65
C ALA A 480 -11.85 43.77 -84.49
N SER A 481 -11.07 42.74 -84.80
CA SER A 481 -11.55 41.36 -84.70
C SER A 481 -11.65 40.96 -83.23
N CYS A 482 -12.86 40.81 -82.73
CA CYS A 482 -13.07 40.43 -81.35
C CYS A 482 -12.70 38.95 -81.13
N PRO A 483 -12.35 38.59 -79.90
CA PRO A 483 -12.10 37.16 -79.62
C PRO A 483 -13.35 36.33 -79.82
N ILE A 484 -13.14 35.07 -80.20
CA ILE A 484 -14.25 34.18 -80.50
C ILE A 484 -15.11 33.99 -79.26
N GLY A 485 -16.43 34.04 -79.45
CA GLY A 485 -17.38 33.90 -78.36
C GLY A 485 -17.68 35.17 -77.60
N THR A 486 -17.20 36.32 -78.05
CA THR A 486 -17.44 37.59 -77.39
C THR A 486 -18.25 38.50 -78.31
N ASN A 487 -19.29 39.12 -77.74
CA ASN A 487 -20.13 40.03 -78.49
C ASN A 487 -19.40 41.34 -78.77
N TYR A 488 -19.57 41.86 -79.98
CA TYR A 488 -18.89 43.08 -80.39
C TYR A 488 -19.46 44.29 -79.65
N ARG A 489 -18.84 45.45 -79.87
CA ARG A 489 -19.30 46.68 -79.26
C ARG A 489 -20.70 47.02 -79.74
N SER A 490 -21.57 47.38 -78.79
CA SER A 490 -22.97 47.68 -79.11
C SER A 490 -23.06 49.01 -79.85
N CYS A 491 -23.55 48.97 -81.08
CA CYS A 491 -23.71 50.17 -81.89
C CYS A 491 -24.99 50.05 -82.71
N GLU A 492 -25.54 51.21 -83.09
CA GLU A 492 -26.76 51.27 -83.86
C GLU A 492 -26.59 52.29 -84.99
N SER A 493 -27.38 52.12 -86.04
CA SER A 493 -27.38 53.00 -87.19
C SER A 493 -28.70 53.77 -87.25
N THR A 494 -28.61 55.10 -87.30
CA THR A 494 -29.79 55.96 -87.36
C THR A 494 -29.54 57.08 -88.35
N THR A 495 -30.56 57.40 -89.14
CA THR A 495 -30.47 58.48 -90.12
C THR A 495 -30.59 59.82 -89.40
N VAL A 496 -29.47 60.53 -89.28
CA VAL A 496 -29.41 61.80 -88.58
C VAL A 496 -28.78 62.84 -89.49
N LEU A 497 -29.45 63.99 -89.63
CA LEU A 497 -28.95 65.12 -90.41
C LEU A 497 -28.67 64.72 -91.86
N ASP A 498 -29.71 64.20 -92.51
CA ASP A 498 -29.73 63.79 -93.90
C ASP A 498 -28.78 62.64 -94.22
N HIS A 499 -28.08 62.09 -93.22
CA HIS A 499 -27.22 60.95 -93.46
C HIS A 499 -28.03 59.66 -93.50
N THR A 500 -27.45 58.64 -94.12
CA THR A 500 -28.10 57.34 -94.24
C THR A 500 -27.44 56.25 -93.41
N ASP A 501 -26.19 56.46 -92.97
CA ASP A 501 -25.46 55.45 -92.21
C ASP A 501 -24.75 56.08 -91.02
N TRP A 502 -25.36 57.10 -90.42
CA TRP A 502 -24.82 57.67 -89.19
C TRP A 502 -24.99 56.67 -88.06
N CYS A 503 -23.92 56.44 -87.30
CA CYS A 503 -23.86 55.36 -86.35
C CYS A 503 -23.73 55.89 -84.93
N ARG A 504 -24.55 55.35 -84.02
CA ARG A 504 -24.49 55.66 -82.60
C ARG A 504 -24.10 54.39 -81.83
N CYS A 505 -23.32 54.58 -80.77
CA CYS A 505 -22.81 53.45 -80.00
C CYS A 505 -23.07 53.69 -78.51
N SER A 506 -22.96 52.62 -77.73
CA SER A 506 -23.16 52.69 -76.29
C SER A 506 -21.88 53.16 -75.60
N CYS A 507 -21.95 53.31 -74.28
CA CYS A 507 -20.83 53.75 -73.46
C CYS A 507 -20.26 55.08 -73.95
N LEU A 508 -21.15 55.98 -74.36
CA LEU A 508 -20.63 57.24 -74.86
C LEU A 508 -20.84 58.36 -73.85
N PRO A 509 -19.86 59.27 -73.70
CA PRO A 509 -18.55 59.29 -74.37
C PRO A 509 -17.60 58.26 -73.79
N ASP A 510 -17.68 58.02 -72.49
CA ASP A 510 -16.88 57.02 -71.81
C ASP A 510 -17.77 56.19 -70.89
N PRO A 511 -17.41 54.93 -70.62
CA PRO A 511 -18.27 54.09 -69.77
C PRO A 511 -18.48 54.66 -68.37
N ILE A 512 -17.49 55.37 -67.82
CA ILE A 512 -17.65 55.95 -66.49
C ILE A 512 -18.75 57.00 -66.48
N THR A 513 -18.76 57.88 -67.49
CA THR A 513 -19.75 58.94 -67.61
C THR A 513 -20.71 58.67 -68.77
N ALA A 514 -21.09 57.40 -68.95
CA ALA A 514 -22.03 57.05 -70.01
C ALA A 514 -23.40 57.64 -69.72
N TYR A 515 -24.09 58.05 -70.79
CA TYR A 515 -25.42 58.64 -70.64
C TYR A 515 -26.44 57.64 -70.10
N ASP A 516 -26.20 56.34 -70.30
CA ASP A 516 -27.11 55.31 -69.79
C ASP A 516 -26.33 54.03 -69.51
N PRO A 517 -26.12 53.68 -68.25
CA PRO A 517 -25.37 52.45 -67.93
C PRO A 517 -26.06 51.18 -68.40
N ARG A 518 -27.37 51.22 -68.68
CA ARG A 518 -28.08 50.02 -69.10
C ARG A 518 -27.54 49.49 -70.43
N SER A 519 -27.32 50.39 -71.39
CA SER A 519 -26.82 49.97 -72.69
C SER A 519 -25.32 49.63 -72.65
N CYS A 520 -24.55 50.32 -71.81
CA CYS A 520 -23.13 50.05 -71.71
C CYS A 520 -22.89 48.66 -71.16
N SER A 521 -21.91 47.96 -71.75
CA SER A 521 -21.60 46.60 -71.33
C SER A 521 -20.71 46.55 -70.09
N GLN A 522 -20.18 47.68 -69.64
CA GLN A 522 -19.36 47.75 -68.44
C GLN A 522 -20.25 48.21 -67.28
N LYS A 523 -20.34 47.37 -66.25
CA LYS A 523 -21.21 47.62 -65.11
C LYS A 523 -20.39 48.03 -63.90
N LYS A 524 -20.79 49.12 -63.26
CA LYS A 524 -20.12 49.56 -62.04
C LYS A 524 -20.46 48.61 -60.90
N SER A 525 -19.44 48.17 -60.17
CA SER A 525 -19.62 47.24 -59.07
C SER A 525 -18.53 47.45 -58.04
N LEU A 526 -18.94 47.58 -56.78
CA LEU A 526 -17.98 47.73 -55.70
C LEU A 526 -17.21 46.43 -55.49
N VAL A 527 -15.94 46.56 -55.10
CA VAL A 527 -15.11 45.38 -54.86
C VAL A 527 -15.57 44.68 -53.60
N GLY A 528 -15.67 43.35 -53.67
CA GLY A 528 -16.06 42.57 -52.52
C GLY A 528 -14.93 42.42 -51.52
N VAL A 529 -15.26 41.84 -50.37
CA VAL A 529 -14.28 41.56 -49.30
C VAL A 529 -13.25 40.57 -49.82
N GLY A 530 -11.97 40.94 -49.83
CA GLY A 530 -10.92 40.07 -50.29
C GLY A 530 -10.84 39.92 -51.79
N GLU A 531 -11.39 40.86 -52.55
CA GLU A 531 -11.38 40.81 -54.00
C GLU A 531 -10.68 42.04 -54.57
N HIS A 532 -10.00 41.84 -55.69
CA HIS A 532 -9.28 42.93 -56.35
C HIS A 532 -10.26 43.73 -57.22
N CYS A 533 -9.72 44.67 -58.00
CA CYS A 533 -10.56 45.52 -58.84
C CYS A 533 -11.18 44.72 -59.97
N ALA A 534 -12.44 45.04 -60.28
CA ALA A 534 -13.11 44.39 -61.40
C ALA A 534 -12.45 44.75 -62.72
N GLY A 535 -12.09 46.02 -62.90
CA GLY A 535 -11.44 46.45 -64.12
C GLY A 535 -11.59 47.92 -64.42
N PHE A 536 -10.56 48.53 -65.00
CA PHE A 536 -10.59 49.95 -65.34
C PHE A 536 -11.62 50.22 -66.42
N GLY A 537 -12.20 51.42 -66.38
CA GLY A 537 -13.10 51.85 -67.43
C GLY A 537 -12.35 52.11 -68.71
N VAL A 538 -12.53 51.25 -69.69
CA VAL A 538 -11.81 51.33 -70.96
C VAL A 538 -12.62 52.16 -71.94
N ASP A 539 -11.95 53.11 -72.59
CA ASP A 539 -12.60 53.92 -73.63
C ASP A 539 -12.72 53.07 -74.90
N GLU A 540 -13.93 52.60 -75.18
CA GLU A 540 -14.17 51.76 -76.34
C GLU A 540 -14.01 52.51 -77.66
N GLU A 541 -13.95 53.84 -77.62
CA GLU A 541 -13.72 54.63 -78.82
C GLU A 541 -12.25 54.65 -79.23
N LYS A 542 -11.35 54.11 -78.40
CA LYS A 542 -9.94 54.02 -78.73
C LYS A 542 -9.47 52.60 -78.97
N CYS A 543 -10.34 51.61 -78.80
CA CYS A 543 -9.97 50.22 -79.01
C CYS A 543 -9.86 49.93 -80.50
N GLY A 544 -8.73 49.35 -80.91
CA GLY A 544 -8.50 49.08 -82.31
C GLY A 544 -8.23 50.36 -83.09
N VAL A 545 -8.32 50.24 -84.41
CA VAL A 545 -8.13 51.36 -85.31
C VAL A 545 -9.45 51.68 -86.00
N LEU A 546 -9.45 52.78 -86.76
CA LEU A 546 -10.68 53.25 -87.38
C LEU A 546 -11.25 52.25 -88.38
N ASP A 547 -10.38 51.65 -89.20
CA ASP A 547 -10.79 50.72 -90.25
C ASP A 547 -10.18 49.34 -90.02
N GLY A 548 -10.19 48.88 -88.77
CA GLY A 548 -9.65 47.57 -88.47
C GLY A 548 -10.51 46.46 -89.04
N SER A 549 -9.89 45.59 -89.83
CA SER A 549 -10.58 44.44 -90.40
C SER A 549 -10.46 43.24 -89.44
N TYR A 550 -10.82 42.05 -89.92
CA TYR A 550 -10.74 40.85 -89.10
C TYR A 550 -9.31 40.33 -88.96
N ASN A 551 -8.34 40.91 -89.66
CA ASN A 551 -6.97 40.44 -89.63
C ASN A 551 -6.17 40.99 -88.45
N VAL A 552 -6.71 41.94 -87.70
CA VAL A 552 -6.03 42.55 -86.56
C VAL A 552 -6.79 42.20 -85.29
N SER A 553 -6.06 41.89 -84.23
CA SER A 553 -6.67 41.50 -82.97
C SER A 553 -7.29 42.71 -82.28
N CYS A 554 -8.29 42.44 -81.44
CA CYS A 554 -8.96 43.48 -80.68
C CYS A 554 -8.09 43.89 -79.51
N LEU A 555 -7.78 45.19 -79.42
CA LEU A 555 -6.98 45.71 -78.33
C LEU A 555 -7.28 47.19 -78.17
N CYS A 556 -6.95 47.72 -76.99
CA CYS A 556 -7.19 49.12 -76.68
C CYS A 556 -5.90 49.77 -76.23
N SER A 557 -5.79 51.08 -76.46
CA SER A 557 -4.60 51.82 -76.09
C SER A 557 -4.54 51.99 -74.57
N THR A 558 -3.35 52.36 -74.09
CA THR A 558 -3.14 52.52 -72.65
C THR A 558 -3.99 53.65 -72.09
N ASP A 559 -4.07 54.77 -72.81
CA ASP A 559 -4.85 55.91 -72.33
C ASP A 559 -6.35 55.67 -72.37
N ALA A 560 -6.81 54.61 -73.03
CA ALA A 560 -8.24 54.32 -73.07
C ALA A 560 -8.75 53.84 -71.72
N PHE A 561 -7.88 53.24 -70.90
CA PHE A 561 -8.28 52.71 -69.60
C PHE A 561 -8.32 53.86 -68.59
N LEU A 562 -9.53 54.29 -68.24
CA LEU A 562 -9.73 55.37 -67.30
C LEU A 562 -10.14 54.80 -65.94
N GLY A 563 -10.51 55.69 -65.01
CA GLY A 563 -10.92 55.27 -63.69
C GLY A 563 -9.79 54.98 -62.72
N TRP A 564 -8.56 55.35 -63.04
CA TRP A 564 -7.42 55.18 -62.17
C TRP A 564 -6.74 56.54 -61.95
N SER A 565 -6.07 56.67 -60.81
CA SER A 565 -5.27 57.84 -60.41
C SER A 565 -4.07 57.33 -59.61
N TYR A 566 -3.11 58.19 -59.31
CA TYR A 566 -1.95 57.82 -58.50
C TYR A 566 -1.56 58.93 -57.52
N ASP A 567 -0.82 58.56 -56.49
CA ASP A 567 -0.23 59.49 -55.53
C ASP A 567 1.10 58.94 -54.99
N THR A 568 1.96 59.80 -54.44
CA THR A 568 3.17 59.37 -53.74
C THR A 568 2.85 58.83 -52.33
N CYS A 569 3.76 58.02 -51.77
CA CYS A 569 3.67 57.53 -50.39
C CYS A 569 4.73 58.10 -49.43
N VAL A 570 5.68 58.92 -49.93
CA VAL A 570 6.84 59.37 -49.14
C VAL A 570 6.43 60.44 -48.13
N SER A 571 6.72 60.21 -46.85
CA SER A 571 6.55 61.15 -45.74
C SER A 571 7.75 61.05 -44.79
N ASN A 572 8.42 62.16 -44.43
CA ASN A 572 9.66 62.14 -43.63
C ASN A 572 10.75 61.18 -44.16
N ASN A 573 10.90 61.07 -45.48
CA ASN A 573 11.76 60.10 -46.18
C ASN A 573 11.42 58.62 -45.93
N ARG A 574 10.19 58.32 -45.51
CA ARG A 574 9.67 56.97 -45.28
C ARG A 574 8.38 56.75 -46.08
N CYS A 575 8.20 55.62 -46.74
CA CYS A 575 6.93 55.28 -47.39
C CYS A 575 5.92 54.82 -46.32
N ASN A 576 4.72 55.40 -46.29
CA ASN A 576 3.63 54.90 -45.44
C ASN A 576 3.05 53.61 -46.05
N ILE A 577 2.84 52.58 -45.22
CA ILE A 577 2.30 51.28 -45.61
C ILE A 577 1.24 50.86 -44.58
N PHE A 578 0.17 50.23 -45.03
CA PHE A 578 -0.91 49.74 -44.19
C PHE A 578 -1.03 48.22 -44.34
N SER A 579 -1.37 47.53 -43.24
CA SER A 579 -1.75 46.12 -43.27
C SER A 579 -3.01 45.86 -42.43
N ASN A 580 -3.92 45.03 -42.95
CA ASN A 580 -5.09 44.56 -42.21
C ASN A 580 -4.91 43.09 -41.79
N PHE A 581 -4.93 42.85 -40.47
CA PHE A 581 -4.86 41.57 -39.78
C PHE A 581 -6.23 40.92 -39.66
N ILE A 582 -6.53 40.01 -40.57
CA ILE A 582 -7.70 39.14 -40.49
C ILE A 582 -7.41 38.01 -39.50
N LEU A 583 -8.12 37.99 -38.37
CA LEU A 583 -8.01 36.93 -37.37
C LEU A 583 -9.09 35.88 -37.65
N ASN A 584 -8.68 34.64 -37.91
CA ASN A 584 -9.59 33.50 -38.09
C ASN A 584 -9.39 32.49 -36.97
N GLY A 585 -10.49 31.99 -36.39
CA GLY A 585 -10.43 30.99 -35.34
C GLY A 585 -9.71 31.48 -34.09
N ILE A 586 -10.13 32.63 -33.57
CA ILE A 586 -9.59 33.21 -32.33
C ILE A 586 -9.74 32.27 -31.13
N ASN A 587 -8.77 32.33 -30.20
CA ASN A 587 -8.65 31.42 -29.06
C ASN A 587 -8.64 29.92 -29.48
N SER A 588 -8.05 29.59 -30.62
CA SER A 588 -8.04 28.22 -31.14
C SER A 588 -6.85 28.09 -32.08
N GLY A 589 -6.79 26.96 -32.80
CA GLY A 589 -5.74 26.80 -33.78
C GLY A 589 -4.36 26.57 -33.17
N THR A 590 -3.33 26.89 -33.97
CA THR A 590 -1.91 26.69 -33.62
C THR A 590 -1.00 27.85 -34.01
N THR A 591 -1.55 28.95 -34.49
CA THR A 591 -0.79 30.18 -34.71
C THR A 591 -0.82 30.98 -33.42
N CYS A 592 0.07 30.64 -32.49
CA CYS A 592 0.00 31.15 -31.12
C CYS A 592 1.09 32.20 -30.86
N SER A 593 0.74 33.20 -30.06
CA SER A 593 1.68 34.19 -29.58
C SER A 593 2.51 33.69 -28.39
N ASN A 594 3.81 33.99 -28.39
CA ASN A 594 4.69 33.75 -27.23
C ASN A 594 4.82 34.98 -26.31
N ASP A 595 4.02 36.03 -26.48
CA ASP A 595 4.17 37.25 -25.68
C ASP A 595 3.85 37.09 -24.19
N LEU A 596 2.85 36.28 -23.83
CA LEU A 596 2.55 35.92 -22.44
C LEU A 596 3.27 34.63 -21.99
N LEU A 597 4.51 34.47 -22.43
CA LEU A 597 5.37 33.34 -22.05
C LEU A 597 6.64 33.88 -21.40
N GLN A 598 7.12 33.29 -20.31
CA GLN A 598 8.29 33.81 -19.60
C GLN A 598 9.52 33.81 -20.51
N PRO A 599 10.37 34.84 -20.45
CA PRO A 599 11.56 34.85 -21.30
C PRO A 599 12.61 33.88 -20.81
N ASN A 600 13.57 33.60 -21.69
CA ASN A 600 14.67 32.71 -21.34
C ASN A 600 15.56 33.29 -20.24
N THR A 601 15.59 34.62 -20.10
CA THR A 601 16.37 35.32 -19.07
C THR A 601 17.83 34.93 -19.22
N GLU A 602 18.46 34.34 -18.20
CA GLU A 602 19.88 34.03 -18.26
C GLU A 602 20.15 32.80 -17.41
N VAL A 603 21.28 32.15 -17.69
CA VAL A 603 21.69 30.95 -16.96
C VAL A 603 22.49 31.42 -15.75
N PHE A 604 21.79 31.66 -14.64
CA PHE A 604 22.47 32.01 -13.40
C PHE A 604 23.27 30.82 -12.89
N THR A 605 24.44 31.10 -12.33
CA THR A 605 25.36 30.07 -11.88
C THR A 605 25.70 30.26 -10.42
N ASP A 606 26.20 29.18 -9.81
CA ASP A 606 26.69 29.16 -8.43
C ASP A 606 25.58 29.38 -7.41
N VAL A 607 24.34 29.51 -7.88
CA VAL A 607 23.17 29.54 -7.01
C VAL A 607 22.11 28.65 -7.65
N CYS A 608 21.53 27.75 -6.86
CA CYS A 608 20.63 26.77 -7.44
C CYS A 608 19.27 27.38 -7.76
N VAL A 609 18.67 26.88 -8.83
CA VAL A 609 17.46 27.45 -9.41
C VAL A 609 16.51 26.31 -9.76
N ASP A 610 15.21 26.51 -9.50
CA ASP A 610 14.20 25.52 -9.88
C ASP A 610 14.01 25.56 -11.40
N TYR A 611 15.00 25.01 -12.10
CA TYR A 611 15.06 25.08 -13.54
C TYR A 611 14.00 24.17 -14.17
N ASP A 612 13.64 24.47 -15.41
CA ASP A 612 12.77 23.65 -16.26
C ASP A 612 13.41 23.60 -17.64
N LEU A 613 14.22 22.57 -17.87
CA LEU A 613 15.03 22.42 -19.06
C LEU A 613 14.40 21.37 -19.97
N TYR A 614 13.94 21.81 -21.13
CA TYR A 614 13.40 20.98 -22.20
C TYR A 614 12.27 20.05 -21.75
N GLY A 615 11.49 20.49 -20.75
CA GLY A 615 10.33 19.76 -20.22
C GLY A 615 10.59 18.94 -18.96
N ILE A 616 11.83 18.91 -18.45
CA ILE A 616 12.16 18.26 -17.17
C ILE A 616 12.54 19.31 -16.13
N THR A 617 12.07 19.13 -14.90
CA THR A 617 12.23 20.11 -13.84
C THR A 617 13.20 19.63 -12.78
N GLY A 618 13.69 20.57 -11.98
CA GLY A 618 14.60 20.26 -10.90
C GLY A 618 15.29 21.49 -10.35
N GLN A 619 15.84 21.37 -9.14
CA GLN A 619 16.62 22.43 -8.49
C GLN A 619 18.09 22.06 -8.56
N GLY A 620 18.95 22.95 -9.07
CA GLY A 620 20.37 22.63 -9.14
C GLY A 620 21.21 23.85 -9.46
N ILE A 621 22.52 23.69 -9.25
CA ILE A 621 23.50 24.74 -9.45
C ILE A 621 24.15 24.56 -10.81
N PHE A 622 24.12 25.60 -11.63
CA PHE A 622 24.76 25.55 -12.94
C PHE A 622 26.20 26.04 -12.83
N LYS A 623 27.07 25.51 -13.68
CA LYS A 623 28.50 25.87 -13.70
C LYS A 623 29.07 25.54 -15.07
N GLU A 624 29.55 26.54 -15.80
CA GLU A 624 30.04 26.34 -17.16
C GLU A 624 31.25 25.41 -17.16
N VAL A 625 31.26 24.50 -18.11
CA VAL A 625 32.29 23.47 -18.25
C VAL A 625 32.87 23.44 -19.65
N SER A 626 32.27 24.20 -20.58
CA SER A 626 32.68 24.26 -21.99
C SER A 626 32.80 22.85 -22.58
N ALA A 627 31.81 21.99 -22.42
CA ALA A 627 31.74 20.67 -23.02
C ALA A 627 31.74 20.73 -24.55
N VAL A 628 32.11 19.60 -25.15
CA VAL A 628 32.18 19.40 -26.59
C VAL A 628 31.40 18.17 -27.06
N TYR A 629 30.82 17.37 -26.18
CA TYR A 629 30.15 16.11 -26.53
C TYR A 629 28.70 16.25 -27.01
N TYR A 630 28.07 17.42 -26.86
CA TYR A 630 26.70 17.65 -27.31
C TYR A 630 26.61 17.72 -28.84
N ASN A 631 25.84 16.82 -29.47
CA ASN A 631 25.47 16.91 -30.87
C ASN A 631 24.30 17.88 -31.11
N SER A 632 23.98 18.14 -32.38
CA SER A 632 22.91 19.07 -32.80
C SER A 632 21.54 18.76 -32.19
N TRP A 633 21.18 17.48 -32.07
CA TRP A 633 19.90 17.06 -31.50
C TRP A 633 19.92 16.92 -29.97
N GLN A 634 21.07 17.08 -29.31
CA GLN A 634 21.25 16.79 -27.90
C GLN A 634 21.37 18.06 -27.05
N ASN A 635 20.63 18.13 -25.94
CA ASN A 635 20.59 19.29 -25.04
C ASN A 635 20.84 18.95 -23.58
N LEU A 636 20.55 17.72 -23.13
CA LEU A 636 20.71 17.31 -21.73
C LEU A 636 21.75 16.20 -21.64
N LEU A 637 22.57 16.22 -20.61
CA LEU A 637 23.58 15.22 -20.35
C LEU A 637 23.17 14.45 -19.09
N TYR A 638 22.97 13.14 -19.22
CA TYR A 638 22.49 12.24 -18.18
C TYR A 638 23.63 11.37 -17.66
N ASP A 639 23.48 10.86 -16.44
CA ASP A 639 24.43 9.91 -15.84
C ASP A 639 24.06 8.44 -16.05
N SER A 640 24.93 7.55 -15.56
CA SER A 640 24.77 6.10 -15.61
C SER A 640 23.39 5.59 -15.18
N ASN A 641 22.77 6.20 -14.16
CA ASN A 641 21.48 5.75 -13.62
C ASN A 641 20.27 6.57 -14.09
N GLY A 642 20.43 7.42 -15.10
CA GLY A 642 19.29 8.07 -15.74
C GLY A 642 18.75 9.33 -15.06
N ASN A 643 19.61 10.17 -14.48
CA ASN A 643 19.23 11.51 -14.04
C ASN A 643 20.10 12.62 -14.64
N ILE A 644 19.52 13.81 -14.81
CA ILE A 644 20.19 14.98 -15.35
C ILE A 644 21.34 15.45 -14.45
N ILE A 645 22.55 15.52 -15.01
CA ILE A 645 23.72 16.09 -14.33
C ILE A 645 24.50 17.09 -15.22
N GLY A 646 24.04 17.32 -16.45
CA GLY A 646 24.55 18.36 -17.32
C GLY A 646 23.53 18.88 -18.33
N PHE A 647 23.74 20.06 -18.88
CA PHE A 647 22.91 20.56 -19.98
C PHE A 647 23.68 21.54 -20.89
N LYS A 648 23.13 21.79 -22.08
CA LYS A 648 23.56 22.85 -23.00
C LYS A 648 22.39 23.77 -23.30
N ASP A 649 22.64 25.07 -23.26
CA ASP A 649 21.63 26.08 -23.58
C ASP A 649 21.61 26.30 -25.10
N PHE A 650 20.50 25.95 -25.74
CA PHE A 650 20.35 26.15 -27.17
C PHE A 650 20.30 27.62 -27.56
N VAL A 651 19.89 28.53 -26.65
CA VAL A 651 19.87 29.95 -26.96
C VAL A 651 21.29 30.49 -27.12
N THR A 652 22.20 30.09 -26.24
CA THR A 652 23.55 30.66 -26.19
C THR A 652 24.64 29.67 -26.56
N ASN A 653 24.30 28.41 -26.83
CA ASN A 653 25.29 27.38 -27.15
C ASN A 653 26.33 27.22 -26.06
N LYS A 654 25.94 27.43 -24.81
CA LYS A 654 26.83 27.35 -23.66
C LYS A 654 26.49 26.10 -22.86
N THR A 655 27.52 25.34 -22.49
CA THR A 655 27.35 24.08 -21.78
C THR A 655 27.66 24.28 -20.30
N TYR A 656 26.82 23.70 -19.45
CA TYR A 656 27.00 23.80 -18.01
C TYR A 656 26.81 22.43 -17.36
N ASN A 657 27.54 22.14 -16.28
CA ASN A 657 27.25 21.02 -15.38
C ASN A 657 26.17 21.43 -14.37
N ILE A 658 25.49 20.45 -13.78
CA ILE A 658 24.43 20.66 -12.78
C ILE A 658 24.79 19.96 -11.47
N PHE A 659 24.79 20.65 -10.34
CA PHE A 659 25.08 20.13 -8.99
C PHE A 659 23.95 20.44 -8.02
N PRO A 660 23.51 19.59 -7.11
CA PRO A 660 22.41 19.98 -6.22
C PRO A 660 22.89 21.01 -5.18
N CYS A 661 22.08 22.00 -4.79
CA CYS A 661 22.48 22.88 -3.71
C CYS A 661 22.40 22.16 -2.38
N TYR A 662 23.05 22.74 -1.38
CA TYR A 662 23.18 22.10 -0.08
C TYR A 662 21.82 21.85 0.55
N ALA A 663 21.60 20.65 1.07
CA ALA A 663 20.37 20.29 1.77
C ALA A 663 20.70 19.42 2.99
N GLY A 664 21.80 19.74 3.67
CA GLY A 664 22.26 18.96 4.79
C GLY A 664 21.60 19.35 6.09
N ARG A 665 22.10 18.75 7.17
CA ARG A 665 21.63 18.95 8.55
C ARG A 665 22.64 19.75 9.36
N VAL A 666 22.30 20.06 10.59
CA VAL A 666 23.19 20.65 11.58
C VAL A 666 23.22 19.75 12.79
N SER A 667 24.42 19.38 13.23
CA SER A 667 24.60 18.58 14.43
C SER A 667 24.74 19.52 15.62
N ALA A 668 23.78 19.52 16.52
CA ALA A 668 23.75 20.42 17.66
C ALA A 668 24.12 19.65 18.92
N ALA A 669 25.14 20.13 19.62
CA ALA A 669 25.56 19.55 20.89
C ALA A 669 24.98 20.38 22.02
N PHE A 670 24.20 19.74 22.88
CA PHE A 670 23.55 20.42 24.00
C PHE A 670 23.90 19.75 25.30
N HIS A 671 24.20 20.56 26.31
CA HIS A 671 24.38 20.09 27.67
C HIS A 671 23.29 20.70 28.54
N GLN A 672 22.79 19.91 29.51
CA GLN A 672 21.65 20.36 30.32
C GLN A 672 21.97 21.64 31.06
N ASN A 673 23.17 21.75 31.63
CA ASN A 673 23.54 22.93 32.40
C ASN A 673 23.79 24.15 31.52
N ALA A 674 23.87 23.99 30.21
CA ALA A 674 24.17 25.10 29.32
C ALA A 674 22.89 25.84 28.93
N SER A 675 23.07 27.09 28.49
CA SER A 675 21.97 27.92 28.04
C SER A 675 21.96 28.12 26.53
N SER A 676 22.95 27.58 25.82
CA SER A 676 23.04 27.74 24.38
C SER A 676 23.41 26.39 23.77
N LEU A 677 23.74 26.40 22.49
CA LEU A 677 24.06 25.19 21.74
C LEU A 677 25.44 25.31 21.13
N ALA A 678 26.05 24.16 20.85
CA ALA A 678 27.25 24.07 20.04
C ALA A 678 26.86 23.41 18.72
N LEU A 679 26.98 24.16 17.62
CA LEU A 679 26.52 23.72 16.32
C LEU A 679 27.70 23.30 15.46
N LEU A 680 27.60 22.10 14.89
CA LEU A 680 28.60 21.59 13.97
C LEU A 680 27.96 21.49 12.59
N TYR A 681 28.42 22.33 11.67
CA TYR A 681 28.00 22.25 10.28
C TYR A 681 28.94 21.26 9.61
N ARG A 682 28.56 19.99 9.66
CA ARG A 682 29.45 18.90 9.31
C ARG A 682 29.90 19.00 7.85
N ASN A 683 31.22 18.87 7.65
CA ASN A 683 31.82 18.84 6.32
C ASN A 683 31.61 20.13 5.55
N LEU A 684 31.38 21.23 6.26
CA LEU A 684 31.16 22.53 5.65
C LEU A 684 32.17 23.53 6.19
N LYS A 685 32.79 24.29 5.30
CA LYS A 685 33.72 25.34 5.71
C LYS A 685 32.94 26.53 6.26
N CYS A 686 33.56 27.24 7.19
CA CYS A 686 32.88 28.36 7.84
C CYS A 686 32.55 29.47 6.85
N SER A 687 33.41 29.70 5.86
CA SER A 687 33.12 30.71 4.85
C SER A 687 31.84 30.35 4.10
N TYR A 688 31.72 29.09 3.67
CA TYR A 688 30.51 28.66 2.99
C TYR A 688 29.28 28.81 3.88
N VAL A 689 29.39 28.40 5.14
CA VAL A 689 28.24 28.48 6.04
C VAL A 689 27.79 29.92 6.19
N LEU A 690 28.73 30.82 6.51
CA LEU A 690 28.36 32.21 6.74
C LEU A 690 27.82 32.87 5.48
N ASN A 691 28.43 32.59 4.32
CA ASN A 691 28.03 33.28 3.11
C ASN A 691 26.70 32.76 2.56
N ASN A 692 26.49 31.44 2.58
CA ASN A 692 25.39 30.86 1.83
C ASN A 692 24.28 30.27 2.70
N ILE A 693 24.51 30.09 4.00
CA ILE A 693 23.50 29.46 4.84
C ILE A 693 22.82 30.51 5.72
N SER A 694 23.59 31.17 6.58
CA SER A 694 23.03 32.16 7.48
C SER A 694 24.16 32.94 8.14
N LEU A 695 24.00 34.25 8.23
CA LEU A 695 24.91 35.06 9.00
C LEU A 695 24.66 34.85 10.48
N THR A 696 25.73 34.62 11.24
CA THR A 696 25.63 34.30 12.66
C THR A 696 26.60 35.15 13.45
N THR A 697 26.18 35.58 14.64
CA THR A 697 27.00 36.37 15.53
C THR A 697 27.84 35.52 16.49
N GLN A 698 27.62 34.22 16.51
CA GLN A 698 28.37 33.36 17.41
C GLN A 698 29.78 33.12 16.88
N PRO A 699 30.74 32.82 17.76
CA PRO A 699 32.09 32.50 17.30
C PRO A 699 32.13 31.19 16.53
N TYR A 700 33.11 31.08 15.65
CA TYR A 700 33.20 29.93 14.76
C TYR A 700 34.66 29.65 14.43
N PHE A 701 34.92 28.40 14.04
CA PHE A 701 36.23 28.01 13.55
C PHE A 701 36.06 26.76 12.71
N ASP A 702 37.06 26.50 11.85
CA ASP A 702 37.03 25.38 10.93
C ASP A 702 37.67 24.17 11.60
N SER A 703 36.84 23.25 12.08
CA SER A 703 37.34 22.01 12.64
C SER A 703 37.52 20.96 11.55
N TYR A 704 38.05 19.81 11.94
CA TYR A 704 38.22 18.72 10.99
C TYR A 704 36.87 18.21 10.49
N LEU A 705 35.89 18.14 11.39
CA LEU A 705 34.55 17.65 11.04
C LEU A 705 33.71 18.70 10.32
N GLY A 706 34.11 19.96 10.37
CA GLY A 706 33.33 21.03 9.75
C GLY A 706 33.33 22.29 10.60
N CYS A 707 32.57 23.30 10.19
CA CYS A 707 32.50 24.53 10.94
C CYS A 707 31.80 24.29 12.27
N VAL A 708 32.40 24.78 13.35
CA VAL A 708 31.87 24.60 14.70
C VAL A 708 31.52 25.99 15.24
N PHE A 709 30.26 26.16 15.62
CA PHE A 709 29.77 27.42 16.17
C PHE A 709 29.58 27.30 17.67
N ASN A 710 29.89 28.39 18.38
CA ASN A 710 29.65 28.51 19.81
C ASN A 710 30.41 27.46 20.62
N ALA A 711 31.59 27.06 20.17
CA ALA A 711 32.46 26.19 20.93
C ALA A 711 33.90 26.59 20.66
N ASP A 712 34.72 26.56 21.71
CA ASP A 712 36.10 27.04 21.63
C ASP A 712 37.00 25.93 21.14
N ASN A 713 37.87 26.27 20.19
CA ASN A 713 38.82 25.30 19.64
C ASN A 713 39.86 24.95 20.70
N LEU A 714 39.74 23.76 21.27
CA LEU A 714 40.68 23.28 22.27
C LEU A 714 41.07 21.83 21.97
N THR A 715 41.42 21.54 20.72
CA THR A 715 41.77 20.18 20.35
C THR A 715 43.04 19.70 21.06
N ASP A 716 43.86 20.61 21.59
CA ASP A 716 45.01 20.19 22.37
C ASP A 716 44.59 19.46 23.63
N TYR A 717 43.53 19.91 24.29
CA TYR A 717 43.03 19.24 25.46
C TYR A 717 42.36 17.94 25.08
N SER A 718 42.24 17.04 26.07
CA SER A 718 41.60 15.74 25.85
C SER A 718 40.69 15.44 27.03
N VAL A 719 39.67 14.63 26.78
CA VAL A 719 38.77 14.15 27.82
C VAL A 719 38.63 12.65 27.66
N SER A 720 38.72 11.93 28.78
CA SER A 720 38.58 10.48 28.77
C SER A 720 37.12 10.04 28.71
N SER A 721 36.17 10.93 28.98
CA SER A 721 34.76 10.64 28.88
C SER A 721 34.08 11.79 28.15
N CYS A 722 33.05 11.47 27.37
CA CYS A 722 32.38 12.49 26.57
C CYS A 722 30.94 12.08 26.34
N ALA A 723 30.00 12.95 26.71
CA ALA A 723 28.60 12.74 26.40
C ALA A 723 28.17 13.45 25.12
N LEU A 724 29.06 14.17 24.48
CA LEU A 724 28.78 14.94 23.27
C LEU A 724 29.76 14.58 22.17
N ARG A 725 29.94 13.27 21.95
CA ARG A 725 30.87 12.78 20.95
C ARG A 725 30.48 13.26 19.56
N MET A 726 31.40 13.95 18.89
CA MET A 726 31.11 14.52 17.59
C MET A 726 31.50 13.58 16.46
N GLY A 727 32.52 12.76 16.68
CA GLY A 727 33.00 11.86 15.65
C GLY A 727 34.48 12.05 15.36
N SER A 728 35.14 11.00 14.89
CA SER A 728 36.57 11.03 14.57
C SER A 728 37.40 11.49 15.76
N GLY A 729 37.02 11.05 16.96
CA GLY A 729 37.78 11.34 18.15
C GLY A 729 37.70 12.76 18.63
N PHE A 730 36.65 13.49 18.29
CA PHE A 730 36.46 14.86 18.74
C PHE A 730 35.24 14.94 19.64
N CYS A 731 35.30 15.82 20.62
CA CYS A 731 34.29 15.92 21.66
C CYS A 731 33.91 17.37 21.89
N VAL A 732 32.69 17.57 22.37
CA VAL A 732 32.23 18.88 22.82
C VAL A 732 32.05 18.81 24.33
N ASP A 733 32.79 19.64 25.05
CA ASP A 733 32.80 19.61 26.50
C ASP A 733 32.32 20.96 27.04
N TYR A 734 31.43 20.91 28.02
CA TYR A 734 30.86 22.10 28.64
C TYR A 734 31.43 22.27 30.05
N ASN A 735 31.88 23.48 30.35
CA ASN A 735 32.41 23.79 31.68
C ASN A 735 31.30 23.83 32.71
N SER A 752 31.39 27.68 29.07
CA SER A 752 31.06 27.61 27.65
C SER A 752 31.38 26.23 27.08
N TYR A 753 31.11 26.05 25.79
CA TYR A 753 31.42 24.80 25.13
C TYR A 753 32.86 24.78 24.66
N ARG A 754 33.52 23.63 24.84
CA ARG A 754 34.89 23.44 24.41
C ARG A 754 34.94 22.29 23.42
N PHE A 755 35.55 22.55 22.25
CA PHE A 755 35.72 21.53 21.24
C PHE A 755 37.07 20.86 21.48
N VAL A 756 37.06 19.67 22.06
CA VAL A 756 38.27 18.98 22.49
C VAL A 756 38.34 17.63 21.79
N THR A 757 39.43 16.92 22.04
CA THR A 757 39.63 15.58 21.50
C THR A 757 39.16 14.53 22.50
N PHE A 758 38.53 13.50 21.97
CA PHE A 758 38.02 12.38 22.78
C PHE A 758 39.08 11.29 22.79
N GLU A 759 39.62 11.02 23.98
CA GLU A 759 40.64 9.98 24.17
C GLU A 759 40.16 9.07 25.30
N PRO A 760 39.26 8.14 25.00
CA PRO A 760 38.69 7.30 26.07
C PRO A 760 39.70 6.35 26.70
N PHE A 761 40.80 6.04 26.02
CA PHE A 761 41.75 5.06 26.51
C PHE A 761 43.16 5.59 26.36
N ASN A 762 43.96 5.42 27.41
CA ASN A 762 45.32 5.90 27.46
C ASN A 762 46.25 4.79 27.91
N VAL A 763 47.48 4.82 27.43
CA VAL A 763 48.46 3.82 27.83
C VAL A 763 48.92 4.10 29.25
N SER A 764 48.90 3.07 30.09
CA SER A 764 49.51 3.17 31.41
C SER A 764 51.02 3.20 31.23
N PHE A 765 51.65 4.30 31.62
CA PHE A 765 53.06 4.52 31.34
C PHE A 765 53.92 4.26 32.58
N VAL A 766 55.11 3.73 32.33
CA VAL A 766 56.15 3.59 33.33
C VAL A 766 57.41 4.23 32.78
N ASN A 767 58.33 4.58 33.68
CA ASN A 767 59.58 5.20 33.28
C ASN A 767 60.77 4.26 33.41
N ASP A 768 60.52 2.95 33.35
CA ASP A 768 61.60 1.98 33.43
C ASP A 768 62.37 1.94 32.11
N SER A 769 63.56 1.34 32.17
CA SER A 769 64.39 1.22 30.98
C SER A 769 63.80 0.22 30.01
N ILE A 770 64.10 0.42 28.72
CA ILE A 770 63.64 -0.49 27.68
C ILE A 770 64.71 -1.49 27.26
N GLU A 771 65.97 -1.24 27.60
CA GLU A 771 67.06 -2.16 27.30
C GLU A 771 67.20 -3.18 28.42
N SER A 772 68.13 -4.11 28.24
CA SER A 772 68.55 -5.04 29.27
C SER A 772 69.96 -4.69 29.68
N VAL A 773 70.15 -4.40 30.96
CA VAL A 773 71.45 -3.99 31.50
C VAL A 773 72.03 -5.18 32.24
N GLY A 774 73.12 -5.73 31.70
CA GLY A 774 73.70 -6.93 32.27
C GLY A 774 72.80 -8.14 32.21
N GLY A 775 71.98 -8.25 31.17
CA GLY A 775 71.07 -9.36 31.03
C GLY A 775 69.80 -9.26 31.86
N LEU A 776 69.55 -8.11 32.49
CA LEU A 776 68.40 -7.93 33.35
C LEU A 776 67.55 -6.76 32.85
N TYR A 777 66.24 -6.93 32.95
CA TYR A 777 65.28 -5.91 32.54
C TYR A 777 64.61 -5.32 33.77
N GLU A 778 64.14 -4.08 33.64
CA GLU A 778 63.43 -3.40 34.72
C GLU A 778 61.94 -3.73 34.61
N ILE A 779 61.39 -4.29 35.69
CA ILE A 779 60.00 -4.71 35.73
C ILE A 779 59.40 -4.22 37.04
N LYS A 780 58.15 -3.77 36.98
CA LYS A 780 57.42 -3.37 38.18
C LYS A 780 56.53 -4.52 38.62
N ILE A 781 56.92 -5.19 39.71
CA ILE A 781 56.20 -6.34 40.24
C ILE A 781 55.37 -5.86 41.43
N PRO A 782 54.10 -6.24 41.52
CA PRO A 782 53.26 -5.78 42.64
C PRO A 782 53.82 -6.24 43.98
N THR A 783 53.70 -5.35 44.97
CA THR A 783 54.07 -5.67 46.34
C THR A 783 52.89 -5.69 47.29
N ASN A 784 51.69 -5.41 46.79
CA ASN A 784 50.49 -5.38 47.61
C ASN A 784 49.30 -5.38 46.66
N PHE A 785 48.21 -6.02 47.10
CA PHE A 785 47.08 -6.22 46.21
C PHE A 785 45.79 -6.16 47.00
N THR A 786 44.69 -5.98 46.27
CA THR A 786 43.35 -6.09 46.80
C THR A 786 42.52 -6.88 45.81
N ILE A 787 41.27 -7.15 46.17
CA ILE A 787 40.33 -7.83 45.29
C ILE A 787 39.24 -6.84 44.91
N VAL A 788 39.05 -6.64 43.61
CA VAL A 788 38.09 -5.69 43.10
C VAL A 788 36.93 -6.45 42.47
N GLY A 789 35.72 -6.02 42.78
CA GLY A 789 34.54 -6.62 42.20
C GLY A 789 34.06 -5.85 40.98
N GLN A 790 33.52 -6.57 40.03
CA GLN A 790 33.03 -5.99 38.78
C GLN A 790 31.77 -6.73 38.37
N GLU A 791 30.63 -6.08 38.52
CA GLU A 791 29.37 -6.71 38.17
C GLU A 791 29.12 -6.57 36.68
N GLU A 792 28.48 -7.59 36.09
CA GLU A 792 28.15 -7.58 34.69
C GLU A 792 26.76 -8.19 34.51
N PHE A 793 25.91 -7.50 33.77
CA PHE A 793 24.58 -7.99 33.46
C PHE A 793 24.56 -8.51 32.03
N ILE A 794 24.13 -9.75 31.85
CA ILE A 794 23.94 -10.35 30.54
C ILE A 794 22.47 -10.69 30.40
N GLN A 795 21.82 -10.16 29.37
CA GLN A 795 20.40 -10.38 29.16
C GLN A 795 20.18 -11.75 28.54
N THR A 796 19.45 -12.61 29.24
CA THR A 796 19.12 -13.94 28.75
C THR A 796 17.64 -14.10 28.40
N ASN A 797 16.84 -13.07 28.60
CA ASN A 797 15.40 -13.18 28.43
C ASN A 797 14.84 -11.81 28.09
N SER A 798 13.62 -11.79 27.59
CA SER A 798 12.92 -10.56 27.26
C SER A 798 11.43 -10.80 27.46
N PRO A 799 10.65 -9.74 27.67
CA PRO A 799 9.20 -9.93 27.82
C PRO A 799 8.60 -10.65 26.64
N LYS A 800 7.76 -11.65 26.93
CA LYS A 800 7.10 -12.44 25.90
C LYS A 800 5.89 -11.67 25.40
N VAL A 801 6.10 -10.85 24.39
CA VAL A 801 5.02 -10.05 23.84
C VAL A 801 4.16 -10.92 22.93
N THR A 802 2.87 -10.97 23.22
CA THR A 802 1.90 -11.67 22.38
C THR A 802 0.92 -10.64 21.83
N ILE A 803 0.61 -10.76 20.54
CA ILE A 803 -0.28 -9.83 19.86
C ILE A 803 -1.46 -10.61 19.30
N ASP A 804 -2.67 -10.26 19.72
CA ASP A 804 -3.89 -10.75 19.05
C ASP A 804 -4.03 -9.98 17.74
N CYS A 805 -3.53 -10.53 16.64
CA CYS A 805 -3.44 -9.82 15.38
C CYS A 805 -4.80 -9.33 14.89
N SER A 806 -5.84 -10.17 14.93
CA SER A 806 -7.17 -9.76 14.47
C SER A 806 -7.76 -8.65 15.35
N LEU A 807 -7.57 -8.71 16.66
CA LEU A 807 -8.09 -7.70 17.57
C LEU A 807 -7.27 -6.41 17.52
N PHE A 808 -5.97 -6.47 17.30
CA PHE A 808 -5.19 -5.28 17.05
C PHE A 808 -5.64 -4.60 15.76
N VAL A 809 -5.66 -5.33 14.65
CA VAL A 809 -5.97 -4.74 13.34
C VAL A 809 -7.42 -4.27 13.24
N CYS A 810 -8.40 -5.10 13.66
CA CYS A 810 -9.82 -4.87 13.42
C CYS A 810 -10.67 -4.68 14.67
N SER A 811 -10.12 -4.88 15.86
CA SER A 811 -10.84 -4.81 17.12
C SER A 811 -12.00 -5.81 17.20
N ASN A 812 -13.24 -5.42 16.96
CA ASN A 812 -14.34 -6.40 16.88
C ASN A 812 -15.32 -6.04 15.74
N TYR A 813 -14.85 -5.30 14.75
CA TYR A 813 -15.68 -4.77 13.67
C TYR A 813 -15.75 -5.73 12.49
N ALA A 814 -16.92 -6.31 12.24
CA ALA A 814 -17.11 -7.39 11.29
C ALA A 814 -16.65 -7.04 9.87
N ALA A 815 -16.89 -5.84 9.39
CA ALA A 815 -16.47 -5.42 8.06
C ALA A 815 -14.94 -5.40 7.90
N CYS A 816 -14.22 -5.01 8.94
CA CYS A 816 -12.76 -5.11 8.95
C CYS A 816 -12.32 -6.57 8.96
N HIS A 817 -12.93 -7.44 9.77
CA HIS A 817 -12.57 -8.86 9.76
C HIS A 817 -12.76 -9.52 8.40
N ASP A 818 -13.84 -9.18 7.69
CA ASP A 818 -14.09 -9.69 6.34
C ASP A 818 -13.02 -9.20 5.37
N LEU A 819 -12.64 -7.92 5.40
CA LEU A 819 -11.55 -7.38 4.57
C LEU A 819 -10.18 -7.96 4.95
N LEU A 820 -9.89 -8.13 6.23
CA LEU A 820 -8.65 -8.74 6.70
C LEU A 820 -8.51 -10.18 6.22
N SER A 821 -9.63 -10.91 6.05
CA SER A 821 -9.58 -12.26 5.49
C SER A 821 -9.06 -12.31 4.05
N GLU A 822 -9.10 -11.21 3.30
CA GLU A 822 -8.48 -11.17 1.98
C GLU A 822 -6.96 -11.22 2.08
N TYR A 823 -6.41 -10.93 3.25
CA TYR A 823 -5.01 -11.16 3.57
C TYR A 823 -4.85 -12.39 4.45
N GLY A 824 -5.59 -13.46 4.15
CA GLY A 824 -5.87 -14.49 5.15
C GLY A 824 -4.65 -15.09 5.82
N THR A 825 -3.54 -15.18 5.11
CA THR A 825 -2.34 -15.77 5.68
C THR A 825 -1.62 -14.85 6.65
N PHE A 826 -1.97 -13.56 6.73
CA PHE A 826 -1.14 -12.55 7.35
C PHE A 826 -1.20 -12.59 8.87
N CYS A 827 -2.40 -12.63 9.46
CA CYS A 827 -2.50 -12.75 10.90
C CYS A 827 -2.06 -14.11 11.42
N ASP A 828 -2.33 -15.19 10.68
CA ASP A 828 -1.79 -16.48 11.07
C ASP A 828 -0.27 -16.48 11.00
N ASN A 829 0.30 -15.82 9.99
CA ASN A 829 1.75 -15.75 9.89
C ASN A 829 2.34 -14.99 11.07
N ILE A 830 1.73 -13.87 11.45
CA ILE A 830 2.23 -13.11 12.58
C ILE A 830 2.11 -13.91 13.87
N ASN A 831 0.98 -14.60 14.05
CA ASN A 831 0.81 -15.42 15.25
C ASN A 831 1.83 -16.54 15.29
N SER A 832 2.10 -17.18 14.15
CA SER A 832 3.10 -18.24 14.11
C SER A 832 4.49 -17.71 14.44
N ILE A 833 4.86 -16.55 13.87
CA ILE A 833 6.18 -16.00 14.14
C ILE A 833 6.33 -15.63 15.61
N LEU A 834 5.31 -14.99 16.18
CA LEU A 834 5.40 -14.59 17.58
C LEU A 834 5.38 -15.80 18.50
N ASP A 835 4.61 -16.83 18.16
CA ASP A 835 4.62 -18.05 18.95
C ASP A 835 5.97 -18.74 18.89
N GLU A 836 6.59 -18.76 17.71
CA GLU A 836 7.93 -19.33 17.59
C GLU A 836 8.93 -18.53 18.40
N VAL A 837 8.82 -17.19 18.38
CA VAL A 837 9.71 -16.34 19.15
C VAL A 837 9.54 -16.60 20.65
N ASN A 838 8.29 -16.70 21.11
CA ASN A 838 8.06 -16.91 22.53
C ASN A 838 8.46 -18.32 22.97
N GLY A 839 8.24 -19.32 22.12
CA GLY A 839 8.74 -20.65 22.43
C GLY A 839 10.26 -20.70 22.45
N LEU A 840 10.90 -19.91 21.59
CA LEU A 840 12.35 -19.80 21.62
C LEU A 840 12.82 -19.17 22.92
N LEU A 841 12.12 -18.12 23.38
CA LEU A 841 12.44 -17.53 24.67
C LEU A 841 12.26 -18.52 25.81
N ASP A 842 11.19 -19.32 25.76
CA ASP A 842 10.94 -20.30 26.81
C ASP A 842 12.02 -21.38 26.81
N THR A 843 12.38 -21.87 25.62
CA THR A 843 13.45 -22.86 25.51
C THR A 843 14.77 -22.29 26.01
N THR A 844 15.04 -21.03 25.69
CA THR A 844 16.26 -20.38 26.17
C THR A 844 16.26 -20.27 27.69
N GLN A 845 15.13 -19.90 28.29
CA GLN A 845 15.07 -19.82 29.74
C GLN A 845 15.27 -21.19 30.38
N LEU A 846 14.68 -22.23 29.79
CA LEU A 846 14.90 -23.58 30.29
C LEU A 846 16.36 -23.98 30.18
N HIS A 847 17.01 -23.62 29.07
CA HIS A 847 18.42 -23.95 28.90
C HIS A 847 19.28 -23.22 29.91
N VAL A 848 18.97 -21.95 30.19
CA VAL A 848 19.72 -21.20 31.18
C VAL A 848 19.54 -21.81 32.57
N ALA A 849 18.31 -22.19 32.90
CA ALA A 849 18.06 -22.84 34.18
C ALA A 849 18.79 -24.18 34.29
N ASP A 850 18.81 -24.94 33.20
CA ASP A 850 19.54 -26.21 33.18
C ASP A 850 21.03 -25.99 33.37
N THR A 851 21.58 -24.96 32.74
CA THR A 851 22.98 -24.61 32.87
C THR A 851 23.29 -24.20 34.29
N LEU A 852 22.42 -23.44 34.94
CA LEU A 852 22.62 -23.02 36.32
C LEU A 852 22.58 -24.20 37.27
N MET A 853 21.66 -25.14 37.03
CA MET A 853 21.46 -26.27 37.92
C MET A 853 22.22 -27.52 37.50
N GLN A 854 22.99 -27.49 36.41
CA GLN A 854 23.74 -28.65 35.93
C GLN A 854 24.80 -29.03 36.96
N GLY A 855 24.74 -30.25 37.46
CA GLY A 855 25.75 -30.79 38.34
C GLY A 855 25.72 -30.28 39.76
N VAL A 856 24.67 -29.55 40.15
CA VAL A 856 24.59 -28.99 41.49
C VAL A 856 24.10 -30.06 42.45
N THR A 857 24.88 -30.33 43.50
CA THR A 857 24.51 -31.28 44.53
C THR A 857 24.62 -30.58 45.88
N LEU A 858 23.52 -30.57 46.63
CA LEU A 858 23.47 -29.91 47.92
C LEU A 858 23.10 -30.91 49.01
N SER A 859 23.60 -30.65 50.21
CA SER A 859 23.30 -31.51 51.34
C SER A 859 21.89 -31.25 51.86
N SER A 860 21.27 -32.31 52.37
CA SER A 860 19.98 -32.14 53.03
C SER A 860 20.11 -31.36 54.32
N ASN A 861 21.29 -31.42 54.96
CA ASN A 861 21.54 -30.69 56.19
C ASN A 861 21.72 -29.20 55.97
N LEU A 862 21.78 -28.76 54.71
CA LEU A 862 22.05 -27.37 54.41
C LEU A 862 20.88 -26.49 54.84
N ASN A 863 21.15 -25.54 55.72
CA ASN A 863 20.14 -24.61 56.21
C ASN A 863 20.71 -23.20 56.09
N THR A 864 20.16 -22.43 55.14
CA THR A 864 20.70 -21.09 54.86
C THR A 864 20.48 -20.12 56.01
N ASN A 865 19.47 -20.36 56.85
CA ASN A 865 19.21 -19.47 57.97
C ASN A 865 20.36 -19.49 58.98
N LEU A 866 21.12 -20.59 59.03
CA LEU A 866 22.22 -20.73 59.96
C LEU A 866 23.59 -20.77 59.29
N HIS A 867 23.65 -21.10 58.00
CA HIS A 867 24.91 -21.30 57.30
C HIS A 867 25.01 -20.25 56.19
N PHE A 868 25.79 -19.20 56.42
CA PHE A 868 25.91 -18.13 55.44
C PHE A 868 27.32 -17.61 55.25
N ASP A 869 28.30 -18.09 56.00
CA ASP A 869 29.67 -17.63 55.81
C ASP A 869 30.64 -18.75 56.18
N VAL A 870 31.61 -18.99 55.31
CA VAL A 870 32.63 -20.01 55.51
C VAL A 870 33.99 -19.36 55.32
N ASP A 871 34.90 -19.63 56.26
CA ASP A 871 36.28 -19.15 56.18
C ASP A 871 36.35 -17.63 56.00
N ASN A 872 35.55 -16.92 56.79
CA ASN A 872 35.48 -15.46 56.86
C ASN A 872 34.90 -14.82 55.60
N ILE A 873 34.48 -15.60 54.61
CA ILE A 873 33.85 -15.07 53.42
C ILE A 873 32.34 -15.13 53.63
N ASN A 874 31.69 -13.97 53.60
CA ASN A 874 30.28 -13.85 53.92
C ASN A 874 29.48 -13.81 52.63
N PHE A 875 28.58 -14.78 52.46
CA PHE A 875 27.73 -14.86 51.28
C PHE A 875 26.26 -14.90 51.70
N LYS A 876 25.93 -14.29 52.83
CA LYS A 876 24.54 -14.25 53.28
C LYS A 876 23.65 -13.52 52.30
N SER A 877 24.13 -12.40 51.76
CA SER A 877 23.33 -11.62 50.82
C SER A 877 23.17 -12.32 49.48
N LEU A 878 24.00 -13.31 49.17
CA LEU A 878 23.94 -14.01 47.90
C LEU A 878 23.04 -15.23 47.93
N VAL A 879 22.49 -15.59 49.09
CA VAL A 879 21.76 -16.84 49.27
C VAL A 879 20.39 -16.54 49.83
N GLY A 880 19.37 -17.12 49.22
CA GLY A 880 18.00 -17.09 49.70
C GLY A 880 17.69 -18.27 50.60
N CYS A 881 16.41 -18.63 50.66
CA CYS A 881 15.99 -19.75 51.48
C CYS A 881 16.11 -21.06 50.70
N LEU A 882 16.41 -22.14 51.43
CA LEU A 882 16.47 -23.47 50.86
C LEU A 882 15.63 -24.42 51.71
N GLY A 883 14.91 -25.32 51.03
CA GLY A 883 14.09 -26.29 51.70
C GLY A 883 12.70 -25.77 52.00
N PRO A 884 11.88 -26.61 52.66
CA PRO A 884 10.49 -26.19 52.95
C PRO A 884 10.37 -25.22 54.12
N HIS A 885 11.48 -24.81 54.73
CA HIS A 885 11.41 -23.90 55.88
C HIS A 885 10.87 -22.53 55.48
N CYS A 886 11.02 -22.13 54.22
CA CYS A 886 10.46 -20.86 53.75
C CYS A 886 9.59 -21.08 52.52
N GLY A 887 9.84 -22.17 51.79
CA GLY A 887 9.09 -22.44 50.58
C GLY A 887 9.46 -21.51 49.44
N SER A 888 8.56 -20.60 49.10
CA SER A 888 8.82 -19.62 48.05
C SER A 888 9.68 -18.49 48.62
N SER A 889 9.82 -17.42 47.85
CA SER A 889 10.61 -16.25 48.24
C SER A 889 12.06 -16.64 48.56
N SER A 890 12.62 -17.54 47.76
CA SER A 890 14.00 -17.95 47.90
C SER A 890 14.98 -16.95 47.30
N ARG A 891 14.48 -15.74 47.02
CA ARG A 891 15.32 -14.69 46.49
C ARG A 891 16.30 -14.19 47.54
N SER A 892 17.53 -13.93 47.11
CA SER A 892 18.56 -13.47 48.03
C SER A 892 18.45 -11.97 48.25
N PHE A 893 19.15 -11.49 49.28
CA PHE A 893 19.18 -10.07 49.57
C PHE A 893 19.77 -9.29 48.40
N PHE A 894 20.84 -9.81 47.81
CA PHE A 894 21.42 -9.21 46.61
C PHE A 894 20.38 -9.14 45.49
N GLU A 895 19.72 -10.26 45.22
CA GLU A 895 18.71 -10.28 44.16
C GLU A 895 17.49 -9.46 44.54
N ASP A 896 17.15 -9.37 45.82
CA ASP A 896 16.06 -8.49 46.25
C ASP A 896 16.40 -7.03 45.95
N LEU A 897 17.62 -6.61 46.29
CA LEU A 897 18.05 -5.25 46.00
C LEU A 897 18.10 -4.99 44.51
N LEU A 898 18.44 -6.00 43.72
CA LEU A 898 18.46 -5.84 42.27
C LEU A 898 17.07 -5.80 41.66
N PHE A 899 16.11 -6.51 42.25
CA PHE A 899 14.77 -6.62 41.70
C PHE A 899 13.85 -5.50 42.15
N ASP A 900 14.18 -4.81 43.25
CA ASP A 900 13.31 -3.74 43.72
C ASP A 900 13.37 -2.51 42.82
N LYS A 901 14.47 -2.34 42.09
CA LYS A 901 14.65 -1.16 41.26
C LYS A 901 14.08 -1.33 39.85
N VAL A 902 13.51 -2.48 39.54
CA VAL A 902 12.89 -2.73 38.24
C VAL A 902 11.44 -3.08 38.49
N LYS A 903 10.52 -2.17 38.15
CA LYS A 903 9.09 -2.37 38.40
C LYS A 903 8.52 -3.48 37.53
N LEU A 904 8.66 -3.37 36.21
CA LEU A 904 8.10 -4.33 35.25
C LEU A 904 8.94 -5.59 35.09
N SER A 905 9.08 -6.35 36.17
CA SER A 905 9.58 -7.72 36.11
C SER A 905 8.42 -8.61 35.67
N ASP A 906 8.59 -9.93 35.76
CA ASP A 906 7.48 -10.83 35.46
C ASP A 906 6.35 -10.62 36.46
N VAL A 907 6.68 -10.53 37.75
CA VAL A 907 5.68 -10.23 38.76
C VAL A 907 5.14 -8.83 38.58
N GLY A 908 5.98 -7.89 38.12
CA GLY A 908 5.50 -6.55 37.85
C GLY A 908 4.45 -6.52 36.76
N PHE A 909 4.69 -7.21 35.64
CA PHE A 909 3.71 -7.32 34.57
C PHE A 909 2.46 -8.02 35.06
N VAL A 910 2.58 -9.10 35.84
CA VAL A 910 1.40 -9.80 36.33
C VAL A 910 0.56 -8.89 37.19
N GLU A 911 1.20 -8.15 38.11
CA GLU A 911 0.47 -7.23 38.97
C GLU A 911 -0.16 -6.10 38.18
N ALA A 912 0.52 -5.56 37.18
CA ALA A 912 -0.02 -4.49 36.37
C ALA A 912 -1.25 -4.95 35.60
N TYR A 913 -1.21 -6.12 34.99
CA TYR A 913 -2.39 -6.69 34.34
C TYR A 913 -3.48 -7.07 35.33
N ASN A 914 -3.15 -7.38 36.58
CA ASN A 914 -4.18 -7.64 37.59
C ASN A 914 -4.98 -6.38 37.88
N ASN A 915 -4.37 -5.20 37.80
CA ASN A 915 -5.05 -3.93 38.10
C ASN A 915 -5.94 -3.39 36.98
N CYS A 916 -6.02 -4.05 35.82
CA CYS A 916 -6.88 -3.63 34.73
C CYS A 916 -8.38 -3.85 34.94
N THR A 917 -8.76 -4.72 35.88
CA THR A 917 -10.17 -5.00 36.22
C THR A 917 -10.44 -4.94 37.73
N GLY A 918 -9.50 -4.41 38.53
CA GLY A 918 -9.64 -4.26 39.97
C GLY A 918 -10.45 -3.01 40.40
N GLY A 919 -10.94 -2.22 39.44
CA GLY A 919 -11.65 -0.97 39.70
C GLY A 919 -10.74 0.21 40.08
N SER A 920 -9.42 0.07 39.90
CA SER A 920 -8.41 1.09 40.22
C SER A 920 -8.67 2.44 39.54
N GLU A 921 -8.09 3.52 40.06
CA GLU A 921 -8.23 4.87 39.51
C GLU A 921 -7.16 5.25 38.46
N ILE A 922 -6.25 4.33 38.14
CA ILE A 922 -5.08 4.61 37.31
C ILE A 922 -5.30 4.10 35.88
N ARG A 923 -5.23 4.98 34.88
CA ARG A 923 -5.20 4.63 33.46
C ARG A 923 -3.81 4.15 33.03
N ASP A 924 -3.45 2.95 33.46
CA ASP A 924 -2.17 2.33 33.13
C ASP A 924 -2.10 1.99 31.64
N LEU A 925 -1.02 2.41 30.95
CA LEU A 925 -0.80 2.07 29.55
C LEU A 925 -0.77 0.57 29.29
N LEU A 926 -0.34 -0.28 30.22
CA LEU A 926 -0.40 -1.73 30.01
C LEU A 926 -1.85 -2.24 29.96
N CYS A 927 -2.79 -1.62 30.66
CA CYS A 927 -4.20 -1.96 30.51
C CYS A 927 -4.74 -1.50 29.16
N VAL A 928 -4.31 -0.35 28.66
CA VAL A 928 -4.67 0.08 27.31
C VAL A 928 -4.10 -0.88 26.28
N GLN A 929 -2.83 -1.27 26.39
CA GLN A 929 -2.21 -2.23 25.47
C GLN A 929 -2.90 -3.58 25.49
N SER A 930 -3.16 -4.15 26.67
CA SER A 930 -3.77 -5.47 26.77
C SER A 930 -5.17 -5.52 26.19
N PHE A 931 -5.98 -4.49 26.36
CA PHE A 931 -7.31 -4.42 25.76
C PHE A 931 -7.29 -4.08 24.27
N ASN A 932 -6.15 -3.70 23.72
CA ASN A 932 -5.89 -3.63 22.28
C ASN A 932 -5.15 -4.85 21.72
N GLY A 933 -5.05 -5.93 22.51
CA GLY A 933 -4.48 -7.20 22.07
C GLY A 933 -2.97 -7.34 22.26
N ILE A 934 -2.28 -6.34 22.82
CA ILE A 934 -0.84 -6.36 23.06
C ILE A 934 -0.62 -6.69 24.52
N LYS A 935 -0.23 -7.92 24.82
CA LYS A 935 -0.05 -8.38 26.19
C LYS A 935 1.27 -9.10 26.35
N VAL A 936 1.97 -8.83 27.43
CA VAL A 936 3.20 -9.54 27.79
C VAL A 936 2.81 -10.75 28.61
N LEU A 937 3.19 -11.96 28.19
CA LEU A 937 2.88 -13.11 29.02
C LEU A 937 4.05 -13.45 29.92
N PRO A 938 3.77 -14.03 31.10
CA PRO A 938 4.86 -14.37 32.01
C PRO A 938 5.72 -15.47 31.42
N PRO A 939 7.00 -15.52 31.77
CA PRO A 939 7.84 -16.63 31.32
C PRO A 939 7.41 -17.93 31.96
N ILE A 940 7.78 -19.04 31.31
CA ILE A 940 7.36 -20.34 31.79
C ILE A 940 7.92 -20.63 33.17
N LEU A 941 9.13 -20.16 33.45
CA LEU A 941 9.73 -20.24 34.77
C LEU A 941 9.70 -18.87 35.41
N SER A 942 9.14 -18.77 36.61
CA SER A 942 9.10 -17.50 37.31
C SER A 942 10.51 -17.08 37.71
N GLU A 943 10.70 -15.76 37.84
CA GLU A 943 11.99 -15.26 38.29
C GLU A 943 12.32 -15.72 39.69
N SER A 944 11.31 -16.10 40.48
CA SER A 944 11.58 -16.72 41.78
C SER A 944 12.25 -18.07 41.61
N GLN A 945 11.81 -18.86 40.63
CA GLN A 945 12.46 -20.14 40.36
C GLN A 945 13.89 -19.94 39.89
N ILE A 946 14.13 -18.95 39.03
CA ILE A 946 15.48 -18.66 38.58
C ILE A 946 16.34 -18.19 39.74
N SER A 947 15.74 -17.41 40.65
CA SER A 947 16.47 -16.99 41.85
C SER A 947 16.84 -18.19 42.70
N GLY A 948 15.93 -19.15 42.84
CA GLY A 948 16.24 -20.35 43.57
C GLY A 948 17.36 -21.15 42.91
N TYR A 949 17.34 -21.20 41.58
CA TYR A 949 18.42 -21.88 40.86
C TYR A 949 19.75 -21.20 41.10
N THR A 950 19.78 -19.88 41.05
CA THR A 950 21.03 -19.15 41.29
C THR A 950 21.51 -19.32 42.72
N THR A 951 20.59 -19.34 43.69
CA THR A 951 20.99 -19.55 45.07
C THR A 951 21.54 -20.95 45.28
N ALA A 952 20.92 -21.95 44.64
CA ALA A 952 21.44 -23.31 44.72
C ALA A 952 22.82 -23.41 44.09
N ALA A 953 23.03 -22.70 42.97
CA ALA A 953 24.35 -22.66 42.36
C ALA A 953 25.36 -21.96 43.25
N THR A 954 24.91 -21.00 44.05
CA THR A 954 25.82 -20.25 44.92
C THR A 954 26.22 -21.06 46.14
N VAL A 955 25.25 -21.71 46.79
CA VAL A 955 25.60 -22.55 47.94
C VAL A 955 26.32 -23.82 47.50
N ALA A 956 26.22 -24.18 46.22
CA ALA A 956 26.95 -25.34 45.72
C ALA A 956 28.46 -25.10 45.72
N ALA A 957 28.92 -23.87 45.92
CA ALA A 957 30.33 -23.57 45.92
C ALA A 957 30.91 -23.40 47.32
N MET A 958 30.08 -23.32 48.34
CA MET A 958 30.56 -22.93 49.67
C MET A 958 30.40 -24.00 50.73
N PHE A 959 29.86 -25.16 50.41
CA PHE A 959 29.69 -26.26 51.35
C PHE A 959 29.96 -27.56 50.64
N PRO A 960 30.34 -28.61 51.36
CA PRO A 960 30.54 -29.91 50.75
C PRO A 960 29.27 -30.37 50.05
N PRO A 961 29.39 -31.03 48.90
CA PRO A 961 30.61 -31.47 48.22
C PRO A 961 31.26 -30.43 47.33
N TRP A 962 30.86 -29.16 47.43
CA TRP A 962 31.39 -28.09 46.60
C TRP A 962 31.25 -28.42 45.11
N SER A 963 30.03 -28.78 44.72
CA SER A 963 29.78 -29.25 43.36
C SER A 963 29.95 -28.17 42.31
N ALA A 964 30.08 -26.90 42.70
CA ALA A 964 30.29 -25.82 41.75
C ALA A 964 31.54 -25.00 42.08
N ALA A 965 32.46 -25.58 42.84
CA ALA A 965 33.71 -24.90 43.21
C ALA A 965 34.89 -25.85 43.05
N ALA A 966 34.85 -26.67 42.01
CA ALA A 966 35.89 -27.66 41.70
C ALA A 966 36.07 -28.68 42.81
N GLY A 967 35.05 -28.87 43.64
CA GLY A 967 35.11 -29.89 44.67
C GLY A 967 36.02 -29.58 45.83
N ILE A 968 36.35 -28.31 46.06
CA ILE A 968 37.17 -27.91 47.19
C ILE A 968 36.52 -26.71 47.86
N PRO A 969 36.89 -26.41 49.11
CA PRO A 969 36.31 -25.25 49.78
C PRO A 969 36.53 -23.97 49.00
N PHE A 970 35.56 -23.06 49.12
CA PHE A 970 35.55 -21.84 48.32
C PHE A 970 36.79 -20.99 48.57
N SER A 971 37.20 -20.85 49.84
CA SER A 971 38.40 -20.09 50.16
C SER A 971 39.63 -20.73 49.54
N LEU A 972 39.71 -22.06 49.57
CA LEU A 972 40.82 -22.75 48.92
C LEU A 972 40.81 -22.51 47.43
N ASN A 973 39.62 -22.51 46.81
CA ASN A 973 39.54 -22.23 45.38
C ASN A 973 40.04 -20.83 45.07
N VAL A 974 39.65 -19.84 45.88
CA VAL A 974 40.11 -18.48 45.67
C VAL A 974 41.63 -18.41 45.81
N GLN A 975 42.16 -19.07 46.84
CA GLN A 975 43.60 -19.05 47.07
C GLN A 975 44.36 -19.67 45.90
N TYR A 976 43.87 -20.80 45.40
CA TYR A 976 44.54 -21.47 44.30
C TYR A 976 44.43 -20.67 43.01
N ARG A 977 43.29 -20.00 42.80
CA ARG A 977 43.13 -19.15 41.63
C ARG A 977 44.08 -17.96 41.67
N ILE A 978 44.24 -17.34 42.83
CA ILE A 978 45.19 -16.24 42.94
C ILE A 978 46.61 -16.74 42.72
N ASN A 979 46.91 -17.95 43.19
CA ASN A 979 48.25 -18.50 43.02
C ASN A 979 48.58 -18.68 41.54
N GLY A 980 47.61 -19.11 40.75
CA GLY A 980 47.84 -19.33 39.33
C GLY A 980 48.17 -18.08 38.55
N LEU A 981 47.94 -16.91 39.13
CA LEU A 981 48.28 -15.64 38.49
C LEU A 981 49.73 -15.24 38.73
N GLY A 982 50.48 -16.01 39.48
CA GLY A 982 51.84 -15.66 39.84
C GLY A 982 52.01 -15.16 41.26
N VAL A 983 51.11 -15.51 42.16
CA VAL A 983 51.17 -15.08 43.55
C VAL A 983 51.60 -16.27 44.40
N THR A 984 52.63 -16.08 45.21
CA THR A 984 53.16 -17.16 46.02
C THR A 984 52.12 -17.63 47.04
N MET A 985 52.13 -18.94 47.32
CA MET A 985 51.18 -19.48 48.27
C MET A 985 51.43 -18.99 49.68
N ASP A 986 52.66 -18.56 49.97
CA ASP A 986 53.00 -18.13 51.33
C ASP A 986 52.16 -16.93 51.76
N VAL A 987 52.11 -15.89 50.94
CA VAL A 987 51.33 -14.72 51.30
C VAL A 987 49.83 -15.02 51.26
N LEU A 988 49.42 -15.99 50.43
CA LEU A 988 48.00 -16.32 50.34
C LEU A 988 47.50 -17.02 51.60
N ASN A 989 48.25 -18.01 52.07
CA ASN A 989 47.85 -18.67 53.31
C ASN A 989 48.29 -17.90 54.54
N LYS A 990 49.07 -16.82 54.38
CA LYS A 990 49.39 -15.92 55.47
C LYS A 990 48.37 -14.80 55.60
N ASN A 991 47.93 -14.25 54.48
CA ASN A 991 46.93 -13.18 54.45
C ASN A 991 45.55 -13.68 54.10
N GLN A 992 45.19 -14.89 54.57
CA GLN A 992 43.90 -15.46 54.21
C GLN A 992 42.74 -14.59 54.68
N LYS A 993 42.80 -14.09 55.92
CA LYS A 993 41.72 -13.27 56.43
C LYS A 993 41.65 -11.93 55.71
N LEU A 994 42.80 -11.34 55.39
CA LEU A 994 42.80 -10.10 54.62
C LEU A 994 42.22 -10.33 53.23
N ILE A 995 42.54 -11.46 52.61
CA ILE A 995 41.97 -11.77 51.29
C ILE A 995 40.47 -11.95 51.39
N ALA A 996 39.99 -12.63 52.43
CA ALA A 996 38.55 -12.82 52.60
C ALA A 996 37.84 -11.48 52.82
N THR A 997 38.43 -10.60 53.63
CA THR A 997 37.84 -9.28 53.83
C THR A 997 37.84 -8.48 52.54
N ALA A 998 38.91 -8.58 51.75
CA ALA A 998 38.92 -7.92 50.45
C ALA A 998 37.83 -8.46 49.55
N PHE A 999 37.62 -9.78 49.57
CA PHE A 999 36.58 -10.39 48.75
C PHE A 999 35.20 -9.89 49.14
N ASN A 1000 34.87 -9.92 50.43
CA ASN A 1000 33.53 -9.50 50.80
C ASN A 1000 33.36 -7.98 50.75
N ASN A 1001 34.45 -7.22 50.86
CA ASN A 1001 34.35 -5.79 50.61
C ASN A 1001 34.10 -5.50 49.15
N ALA A 1002 34.71 -6.28 48.25
CA ALA A 1002 34.40 -6.15 46.83
C ALA A 1002 32.95 -6.50 46.55
N LEU A 1003 32.45 -7.55 47.22
CA LEU A 1003 31.04 -7.91 47.08
C LEU A 1003 30.14 -6.79 47.57
N LEU A 1004 30.48 -6.17 48.70
CA LEU A 1004 29.70 -5.05 49.20
C LEU A 1004 29.75 -3.86 48.24
N SER A 1005 30.93 -3.58 47.68
CA SER A 1005 31.05 -2.48 46.72
C SER A 1005 30.20 -2.73 45.49
N ILE A 1006 30.14 -3.98 45.03
CA ILE A 1006 29.21 -4.34 43.97
C ILE A 1006 27.78 -4.07 44.41
N GLN A 1007 27.45 -4.45 45.65
CA GLN A 1007 26.12 -4.20 46.18
C GLN A 1007 25.83 -2.71 46.27
N ASN A 1008 26.78 -1.93 46.79
CA ASN A 1008 26.55 -0.50 46.96
C ASN A 1008 26.59 0.25 45.65
N GLY A 1009 27.10 -0.37 44.58
CA GLY A 1009 27.11 0.28 43.28
C GLY A 1009 25.74 0.43 42.65
N PHE A 1010 24.76 -0.36 43.11
CA PHE A 1010 23.41 -0.27 42.57
C PHE A 1010 22.67 0.96 43.06
N SER A 1011 23.06 1.54 44.20
CA SER A 1011 22.50 2.79 44.67
C SER A 1011 23.09 3.99 43.95
N ALA A 1012 23.84 3.76 42.87
CA ALA A 1012 24.47 4.79 42.07
C ALA A 1012 24.21 4.48 40.61
N PRO A 1013 24.32 5.47 39.72
CA PRO A 1013 24.08 5.21 38.29
C PRO A 1013 25.15 4.32 37.68
N ASN A 1014 25.08 3.02 37.96
CA ASN A 1014 26.02 2.07 37.38
C ASN A 1014 25.46 1.47 36.10
N SER A 1015 26.35 0.87 35.31
CA SER A 1015 25.99 0.44 33.96
C SER A 1015 25.12 -0.80 33.96
N ALA A 1016 25.27 -1.68 34.97
CA ALA A 1016 24.49 -2.91 34.99
C ALA A 1016 23.01 -2.64 35.22
N LEU A 1017 22.69 -1.83 36.23
CA LEU A 1017 21.30 -1.46 36.46
C LEU A 1017 20.76 -0.65 35.29
N ALA A 1018 21.61 0.18 34.67
CA ALA A 1018 21.19 0.92 33.49
C ALA A 1018 20.81 -0.03 32.37
N LYS A 1019 21.59 -1.08 32.15
CA LYS A 1019 21.27 -2.08 31.13
C LYS A 1019 19.98 -2.81 31.45
N ILE A 1020 19.81 -3.20 32.71
CA ILE A 1020 18.60 -3.93 33.11
C ILE A 1020 17.37 -3.06 32.88
N GLN A 1021 17.44 -1.80 33.29
CA GLN A 1021 16.30 -0.90 33.09
C GLN A 1021 16.12 -0.54 31.63
N SER A 1022 17.20 -0.54 30.85
CA SER A 1022 17.10 -0.24 29.43
C SER A 1022 16.36 -1.35 28.69
N VAL A 1023 16.53 -2.60 29.13
CA VAL A 1023 15.76 -3.68 28.53
C VAL A 1023 14.26 -3.42 28.69
N VAL A 1024 13.84 -3.12 29.92
CA VAL A 1024 12.43 -2.87 30.20
C VAL A 1024 11.95 -1.62 29.47
N ASN A 1025 12.77 -0.57 29.46
CA ASN A 1025 12.37 0.67 28.81
C ASN A 1025 12.23 0.49 27.31
N SER A 1026 13.14 -0.25 26.68
CA SER A 1026 13.02 -0.53 25.26
C SER A 1026 11.77 -1.33 24.95
N ASN A 1027 11.48 -2.34 25.78
CA ASN A 1027 10.26 -3.12 25.56
C ASN A 1027 9.01 -2.25 25.70
N ALA A 1028 8.96 -1.41 26.75
CA ALA A 1028 7.83 -0.54 27.01
C ALA A 1028 7.67 0.51 25.90
N GLN A 1029 8.77 1.07 25.40
CA GLN A 1029 8.75 1.98 24.27
C GLN A 1029 8.25 1.29 23.00
N ALA A 1030 8.68 0.06 22.72
CA ALA A 1030 8.20 -0.66 21.55
C ALA A 1030 6.70 -0.94 21.65
N LEU A 1031 6.20 -1.34 22.82
CA LEU A 1031 4.77 -1.59 23.00
C LEU A 1031 3.94 -0.31 22.91
N ASN A 1032 4.41 0.78 23.50
CA ASN A 1032 3.75 2.08 23.35
C ASN A 1032 3.71 2.49 21.88
N SER A 1033 4.83 2.38 21.18
CA SER A 1033 4.89 2.71 19.76
C SER A 1033 3.90 1.87 18.96
N LEU A 1034 3.84 0.56 19.20
CA LEU A 1034 2.92 -0.32 18.48
C LEU A 1034 1.47 0.04 18.79
N LEU A 1035 1.14 0.33 20.05
CA LEU A 1035 -0.20 0.78 20.41
C LEU A 1035 -0.54 2.09 19.72
N GLN A 1036 0.40 3.02 19.62
CA GLN A 1036 0.14 4.29 18.96
C GLN A 1036 -0.13 4.12 17.47
N GLN A 1037 0.28 3.00 16.85
CA GLN A 1037 -0.03 2.73 15.45
C GLN A 1037 -1.53 2.60 15.23
N LEU A 1038 -2.32 2.24 16.25
CA LEU A 1038 -3.77 2.17 16.10
C LEU A 1038 -4.40 3.54 15.90
N PHE A 1039 -3.74 4.61 16.34
CA PHE A 1039 -4.27 5.96 16.20
C PHE A 1039 -3.67 6.70 15.01
N ASN A 1040 -2.85 6.04 14.20
CA ASN A 1040 -2.43 6.61 12.94
C ASN A 1040 -3.50 6.36 11.88
N LYS A 1041 -3.54 7.24 10.88
CA LYS A 1041 -4.56 7.16 9.85
C LYS A 1041 -4.06 6.54 8.56
N PHE A 1042 -2.75 6.62 8.28
CA PHE A 1042 -2.15 6.04 7.08
C PHE A 1042 -2.86 6.51 5.81
N GLY A 1043 -3.25 7.78 5.79
CA GLY A 1043 -3.93 8.34 4.64
C GLY A 1043 -5.43 8.16 4.65
N ALA A 1044 -5.99 7.42 5.60
CA ALA A 1044 -7.43 7.30 5.70
C ALA A 1044 -8.02 8.52 6.37
N ILE A 1045 -9.34 8.67 6.23
CA ILE A 1045 -10.01 9.83 6.80
C ILE A 1045 -10.02 9.80 8.32
N SER A 1046 -9.90 8.62 8.92
CA SER A 1046 -9.89 8.52 10.38
C SER A 1046 -9.11 7.27 10.78
N SER A 1047 -8.63 7.28 12.01
CA SER A 1047 -7.97 6.12 12.59
C SER A 1047 -8.93 5.22 13.35
N SER A 1048 -10.19 5.62 13.52
CA SER A 1048 -11.18 4.86 14.25
C SER A 1048 -12.08 4.15 13.26
N LEU A 1049 -12.17 2.81 13.35
CA LEU A 1049 -13.02 2.01 12.49
C LEU A 1049 -14.50 2.31 12.73
N GLN A 1050 -14.89 2.72 13.94
CA GLN A 1050 -16.26 3.17 14.19
C GLN A 1050 -16.59 4.41 13.37
N GLU A 1051 -15.68 5.38 13.28
CA GLU A 1051 -15.91 6.56 12.44
C GLU A 1051 -16.03 6.17 10.97
N ILE A 1052 -15.19 5.25 10.52
CA ILE A 1052 -15.25 4.81 9.13
C ILE A 1052 -16.60 4.16 8.84
N LEU A 1053 -17.06 3.28 9.72
CA LEU A 1053 -18.30 2.54 9.51
C LEU A 1053 -19.55 3.36 9.79
N SER A 1054 -19.43 4.52 10.44
CA SER A 1054 -20.56 5.40 10.65
C SER A 1054 -20.67 6.53 9.64
N ARG A 1055 -19.53 7.09 9.21
CA ARG A 1055 -19.55 8.23 8.32
C ARG A 1055 -19.70 7.85 6.84
N LEU A 1056 -19.52 6.58 6.49
CA LEU A 1056 -19.45 6.19 5.09
C LEU A 1056 -20.32 4.97 4.83
N ASP A 1057 -20.76 4.86 3.58
CA ASP A 1057 -21.43 3.67 3.07
C ASP A 1057 -20.38 2.62 2.71
N PRO A 1058 -20.78 1.35 2.64
CA PRO A 1058 -19.79 0.26 2.54
C PRO A 1058 -18.83 0.40 1.37
N PRO A 1059 -19.25 0.86 0.18
CA PRO A 1059 -18.27 0.92 -0.93
C PRO A 1059 -17.01 1.73 -0.65
N GLU A 1060 -17.11 2.87 0.05
CA GLU A 1060 -15.91 3.64 0.37
C GLU A 1060 -15.39 3.35 1.77
N ALA A 1061 -16.27 2.95 2.68
CA ALA A 1061 -15.81 2.45 3.97
C ALA A 1061 -14.84 1.30 3.78
N GLN A 1062 -15.06 0.44 2.79
CA GLN A 1062 -14.16 -0.66 2.52
C GLN A 1062 -12.77 -0.16 2.10
N VAL A 1063 -12.67 0.88 1.27
CA VAL A 1063 -11.35 1.36 0.86
C VAL A 1063 -10.65 2.05 2.03
N GLN A 1064 -11.41 2.77 2.86
CA GLN A 1064 -10.78 3.40 4.03
C GLN A 1064 -10.29 2.34 5.02
N ILE A 1065 -11.10 1.34 5.30
CA ILE A 1065 -10.70 0.23 6.18
C ILE A 1065 -9.52 -0.50 5.55
N ASP A 1066 -9.47 -0.63 4.24
CA ASP A 1066 -8.33 -1.28 3.59
C ASP A 1066 -7.05 -0.48 3.81
N ARG A 1067 -7.14 0.84 3.71
CA ARG A 1067 -5.98 1.68 4.00
C ARG A 1067 -5.51 1.49 5.44
N LEU A 1068 -6.44 1.47 6.40
CA LEU A 1068 -6.09 1.21 7.81
C LEU A 1068 -5.51 -0.18 8.03
N ILE A 1069 -6.09 -1.23 7.45
CA ILE A 1069 -5.54 -2.57 7.50
C ILE A 1069 -4.13 -2.56 6.94
N ASN A 1070 -3.87 -1.94 5.79
CA ASN A 1070 -2.53 -1.98 5.23
C ASN A 1070 -1.54 -1.30 6.15
N GLY A 1071 -1.90 -0.13 6.69
CA GLY A 1071 -1.00 0.55 7.62
C GLY A 1071 -0.71 -0.29 8.86
N ARG A 1072 -1.74 -0.86 9.48
CA ARG A 1072 -1.60 -1.67 10.70
C ARG A 1072 -0.84 -2.96 10.44
N LEU A 1073 -1.09 -3.64 9.32
CA LEU A 1073 -0.32 -4.81 8.93
C LEU A 1073 1.14 -4.48 8.66
N THR A 1074 1.46 -3.35 8.02
CA THR A 1074 2.86 -2.97 7.85
C THR A 1074 3.53 -2.70 9.19
N ALA A 1075 2.81 -2.03 10.09
CA ALA A 1075 3.36 -1.79 11.42
C ALA A 1075 3.62 -3.10 12.16
N LEU A 1076 2.68 -4.05 12.10
CA LEU A 1076 2.88 -5.35 12.73
C LEU A 1076 4.05 -6.10 12.10
N ASN A 1077 4.21 -6.04 10.78
CA ASN A 1077 5.35 -6.69 10.15
C ASN A 1077 6.66 -6.08 10.62
N ALA A 1078 6.72 -4.74 10.71
CA ALA A 1078 7.93 -4.09 11.20
C ALA A 1078 8.23 -4.50 12.63
N TYR A 1079 7.18 -4.55 13.47
CA TYR A 1079 7.39 -4.96 14.86
C TYR A 1079 7.87 -6.40 14.92
N VAL A 1080 7.32 -7.27 14.09
CA VAL A 1080 7.73 -8.68 14.09
C VAL A 1080 9.18 -8.82 13.66
N SER A 1081 9.60 -8.07 12.63
CA SER A 1081 11.00 -8.12 12.21
C SER A 1081 11.93 -7.63 13.30
N GLN A 1082 11.61 -6.51 13.92
CA GLN A 1082 12.42 -5.98 15.01
C GLN A 1082 12.43 -6.95 16.19
N GLN A 1083 11.32 -7.64 16.45
CA GLN A 1083 11.27 -8.64 17.50
C GLN A 1083 12.16 -9.83 17.19
N LEU A 1084 12.16 -10.28 15.93
CA LEU A 1084 13.06 -11.37 15.54
C LEU A 1084 14.51 -10.98 15.74
N SER A 1085 14.89 -9.77 15.34
CA SER A 1085 16.26 -9.32 15.53
C SER A 1085 16.61 -9.27 17.02
N ASP A 1086 15.73 -8.69 17.83
CA ASP A 1086 15.98 -8.57 19.26
C ASP A 1086 16.08 -9.93 19.92
N ILE A 1087 15.26 -10.89 19.48
CA ILE A 1087 15.29 -12.21 20.09
C ILE A 1087 16.51 -12.99 19.66
N SER A 1088 17.01 -12.76 18.44
CA SER A 1088 18.31 -13.31 18.09
C SER A 1088 19.40 -12.77 19.01
N LEU A 1089 19.38 -11.45 19.25
CA LEU A 1089 20.34 -10.86 20.18
C LEU A 1089 20.22 -11.47 21.56
N VAL A 1090 18.98 -11.68 22.03
CA VAL A 1090 18.75 -12.26 23.34
C VAL A 1090 19.25 -13.70 23.40
N LYS A 1091 19.02 -14.47 22.33
CA LYS A 1091 19.51 -15.84 22.28
C LYS A 1091 21.02 -15.88 22.39
N PHE A 1092 21.72 -15.01 21.66
CA PHE A 1092 23.16 -15.06 21.70
C PHE A 1092 23.73 -14.51 23.00
N GLY A 1093 23.05 -13.51 23.59
CA GLY A 1093 23.42 -13.10 24.93
C GLY A 1093 23.24 -14.19 25.95
N ALA A 1094 22.16 -14.98 25.81
CA ALA A 1094 21.94 -16.09 26.73
C ALA A 1094 22.97 -17.21 26.52
N ALA A 1095 23.38 -17.43 25.28
CA ALA A 1095 24.46 -18.37 25.03
C ALA A 1095 25.75 -17.91 25.69
N LEU A 1096 26.04 -16.61 25.59
CA LEU A 1096 27.20 -16.06 26.30
C LEU A 1096 27.07 -16.21 27.80
N ALA A 1097 25.85 -16.01 28.33
CA ALA A 1097 25.64 -16.14 29.77
C ALA A 1097 25.82 -17.58 30.23
N MET A 1098 25.36 -18.54 29.43
CA MET A 1098 25.59 -19.95 29.75
C MET A 1098 27.08 -20.27 29.69
N GLU A 1099 27.80 -19.76 28.70
CA GLU A 1099 29.24 -19.94 28.68
C GLU A 1099 29.87 -19.34 29.92
N LYS A 1100 29.45 -18.15 30.37
CA LYS A 1100 30.04 -17.55 31.57
C LYS A 1100 29.71 -18.38 32.81
N VAL A 1101 28.50 -18.92 32.95
CA VAL A 1101 28.16 -19.84 34.05
C VAL A 1101 29.06 -21.07 34.04
N ASN A 1102 29.26 -21.70 32.89
CA ASN A 1102 30.11 -22.87 32.80
C ASN A 1102 31.57 -22.54 33.08
N GLU A 1103 32.08 -21.44 32.54
CA GLU A 1103 33.51 -21.17 32.47
C GLU A 1103 34.02 -20.04 33.36
N CYS A 1104 33.20 -19.45 34.24
CA CYS A 1104 33.65 -18.43 35.18
C CYS A 1104 33.12 -18.75 36.57
N VAL A 1105 31.91 -19.30 36.64
CA VAL A 1105 31.25 -19.59 37.90
C VAL A 1105 31.52 -21.02 38.32
N LYS A 1106 31.18 -22.01 37.50
CA LYS A 1106 31.34 -23.44 37.84
C LYS A 1106 32.73 -23.99 37.65
N SER A 1107 33.51 -23.33 36.82
CA SER A 1107 34.90 -23.63 36.54
C SER A 1107 35.55 -22.35 36.06
N GLN A 1108 36.85 -22.37 35.91
CA GLN A 1108 37.68 -21.24 35.51
C GLN A 1108 38.43 -21.62 34.24
N SER A 1109 37.80 -21.44 33.09
CA SER A 1109 38.43 -21.77 31.83
C SER A 1109 39.67 -20.90 31.58
N PRO A 1110 40.78 -21.42 31.02
CA PRO A 1110 42.01 -20.67 30.80
C PRO A 1110 41.91 -19.69 29.63
N ARG A 1111 41.00 -18.72 29.72
CA ARG A 1111 40.72 -17.65 28.77
C ARG A 1111 40.90 -16.34 29.52
N ILE A 1112 41.62 -15.37 28.95
CA ILE A 1112 42.19 -14.28 29.72
C ILE A 1112 41.12 -13.27 30.13
N ASN A 1113 40.46 -12.64 29.15
CA ASN A 1113 39.50 -11.59 29.44
C ASN A 1113 38.07 -12.01 29.16
N PHE A 1114 37.80 -13.31 29.21
CA PHE A 1114 36.43 -13.79 29.02
C PHE A 1114 35.54 -13.39 30.19
N CYS A 1115 36.01 -13.64 31.41
CA CYS A 1115 35.22 -13.37 32.61
C CYS A 1115 35.63 -12.03 33.22
N GLY A 1116 35.36 -10.96 32.48
CA GLY A 1116 35.72 -9.63 32.92
C GLY A 1116 37.19 -9.33 32.73
N ASN A 1117 37.47 -8.05 32.52
CA ASN A 1117 38.84 -7.60 32.32
C ASN A 1117 39.66 -7.73 33.59
N GLY A 1118 40.94 -8.02 33.43
CA GLY A 1118 41.86 -8.07 34.54
C GLY A 1118 42.24 -9.49 34.91
N ASN A 1119 42.98 -9.61 36.01
CA ASN A 1119 43.44 -10.89 36.52
C ASN A 1119 42.27 -11.57 37.22
N HIS A 1120 41.49 -12.30 36.43
CA HIS A 1120 40.25 -12.90 36.93
C HIS A 1120 40.56 -14.02 37.91
N ILE A 1121 40.03 -13.90 39.12
CA ILE A 1121 40.16 -14.93 40.14
C ILE A 1121 39.02 -15.92 40.00
N LEU A 1122 37.80 -15.40 40.01
CA LEU A 1122 36.62 -16.21 40.23
C LEU A 1122 35.39 -15.34 39.95
N SER A 1123 34.26 -16.00 39.68
CA SER A 1123 33.05 -15.30 39.35
C SER A 1123 31.86 -15.96 40.03
N LEU A 1124 30.85 -15.16 40.31
CA LEU A 1124 29.60 -15.63 40.91
C LEU A 1124 28.44 -15.08 40.09
N VAL A 1125 27.29 -15.75 40.20
CA VAL A 1125 26.13 -15.40 39.39
C VAL A 1125 24.93 -15.20 40.32
N GLN A 1126 24.11 -14.19 39.99
CA GLN A 1126 22.86 -13.93 40.69
C GLN A 1126 21.76 -13.69 39.67
N ASN A 1127 20.54 -13.92 40.10
CA ASN A 1127 19.39 -13.68 39.23
C ASN A 1127 19.16 -12.18 39.08
N ALA A 1128 18.78 -11.77 37.87
CA ALA A 1128 18.44 -10.40 37.56
C ALA A 1128 17.19 -10.40 36.70
N PRO A 1129 16.48 -9.28 36.64
CA PRO A 1129 15.33 -9.20 35.73
C PRO A 1129 15.77 -9.39 34.28
N TYR A 1130 15.18 -10.39 33.63
CA TYR A 1130 15.41 -10.68 32.22
C TYR A 1130 16.89 -10.95 31.92
N GLY A 1131 17.59 -11.59 32.84
CA GLY A 1131 18.98 -11.93 32.60
C GLY A 1131 19.66 -12.40 33.86
N LEU A 1132 20.97 -12.51 33.78
CA LEU A 1132 21.80 -12.87 34.92
C LEU A 1132 22.80 -11.77 35.19
N LEU A 1133 23.14 -11.60 36.46
CA LEU A 1133 24.19 -10.66 36.87
C LEU A 1133 25.38 -11.46 37.36
N PHE A 1134 26.54 -11.21 36.75
CA PHE A 1134 27.77 -11.91 37.10
C PHE A 1134 28.67 -10.98 37.89
N MET A 1135 29.23 -11.51 38.98
CA MET A 1135 30.16 -10.75 39.82
C MET A 1135 31.55 -11.30 39.54
N HIS A 1136 32.35 -10.53 38.81
CA HIS A 1136 33.70 -10.96 38.43
C HIS A 1136 34.69 -10.38 39.44
N PHE A 1137 35.40 -11.26 40.13
CA PHE A 1137 36.36 -10.87 41.16
C PHE A 1137 37.76 -10.99 40.60
N SER A 1138 38.54 -9.91 40.73
CA SER A 1138 39.82 -9.79 40.06
C SER A 1138 40.92 -9.52 41.07
N TYR A 1139 42.13 -9.92 40.71
CA TYR A 1139 43.33 -9.61 41.48
C TYR A 1139 43.83 -8.24 41.03
N LYS A 1140 43.74 -7.25 41.92
CA LYS A 1140 44.14 -5.89 41.58
C LYS A 1140 45.39 -5.51 42.34
N PRO A 1141 46.54 -5.37 41.68
CA PRO A 1141 47.73 -4.87 42.37
C PRO A 1141 47.51 -3.46 42.91
N ILE A 1142 48.03 -3.21 44.10
CA ILE A 1142 47.87 -1.92 44.76
C ILE A 1142 49.13 -1.06 44.64
N SER A 1143 50.28 -1.63 44.99
CA SER A 1143 51.54 -0.92 44.93
C SER A 1143 52.56 -1.77 44.19
N PHE A 1144 53.51 -1.11 43.55
CA PHE A 1144 54.49 -1.78 42.70
C PHE A 1144 55.89 -1.44 43.17
N LYS A 1145 56.82 -2.33 42.84
CA LYS A 1145 58.24 -2.13 43.09
C LYS A 1145 59.02 -2.40 41.82
N THR A 1146 59.88 -1.46 41.44
CA THR A 1146 60.73 -1.66 40.28
C THR A 1146 61.88 -2.58 40.64
N VAL A 1147 61.96 -3.72 39.96
CA VAL A 1147 62.94 -4.74 40.27
C VAL A 1147 63.54 -5.26 38.98
N LEU A 1148 64.86 -5.45 38.97
CA LEU A 1148 65.55 -6.02 37.83
C LEU A 1148 65.33 -7.52 37.80
N VAL A 1149 64.82 -8.03 36.68
CA VAL A 1149 64.48 -9.44 36.57
C VAL A 1149 65.25 -10.05 35.40
N SER A 1150 65.26 -11.38 35.37
CA SER A 1150 65.84 -12.12 34.27
C SER A 1150 64.82 -13.13 33.77
N PRO A 1151 64.62 -13.25 32.46
CA PRO A 1151 63.67 -14.23 31.93
C PRO A 1151 64.23 -15.62 31.73
N GLY A 1152 65.47 -15.87 32.14
CA GLY A 1152 66.07 -17.18 31.99
C GLY A 1152 67.52 -17.19 32.42
N LEU A 1153 68.01 -18.35 32.86
CA LEU A 1153 69.38 -18.49 33.34
C LEU A 1153 70.06 -19.67 32.67
N CYS A 1154 71.34 -19.51 32.38
CA CYS A 1154 72.19 -20.59 31.90
C CYS A 1154 73.02 -21.07 33.08
N ILE A 1155 72.64 -22.21 33.66
CA ILE A 1155 73.21 -22.66 34.92
C ILE A 1155 74.02 -23.93 34.70
N SER A 1156 74.92 -24.20 35.65
CA SER A 1156 75.70 -25.43 35.72
C SER A 1156 76.34 -25.81 34.39
N GLY A 1157 76.03 -27.01 33.91
CA GLY A 1157 76.57 -27.47 32.65
C GLY A 1157 75.83 -26.93 31.46
N ASP A 1158 75.74 -25.60 31.37
CA ASP A 1158 75.04 -24.89 30.29
C ASP A 1158 73.57 -25.29 30.20
N VAL A 1159 72.99 -25.77 31.30
CA VAL A 1159 71.58 -26.11 31.31
C VAL A 1159 70.76 -24.84 31.48
N GLY A 1160 69.79 -24.64 30.60
CA GLY A 1160 68.94 -23.47 30.66
C GLY A 1160 67.72 -23.71 31.52
N ILE A 1161 67.35 -22.68 32.30
CA ILE A 1161 66.18 -22.72 33.14
C ILE A 1161 65.39 -21.43 32.95
N ALA A 1162 64.07 -21.56 32.84
CA ALA A 1162 63.20 -20.41 32.73
C ALA A 1162 62.28 -20.35 33.94
N PRO A 1163 61.98 -19.15 34.44
CA PRO A 1163 61.05 -19.04 35.57
C PRO A 1163 59.65 -19.48 35.16
N LYS A 1164 58.98 -20.19 36.06
CA LYS A 1164 57.63 -20.69 35.80
C LYS A 1164 56.63 -19.73 36.42
N GLN A 1165 55.96 -18.94 35.57
CA GLN A 1165 55.00 -17.93 36.01
C GLN A 1165 55.65 -16.98 37.02
N GLY A 1166 56.78 -16.42 36.62
CA GLY A 1166 57.52 -15.54 37.51
C GLY A 1166 58.79 -15.05 36.84
N TYR A 1167 59.71 -14.57 37.65
CA TYR A 1167 60.94 -14.00 37.15
C TYR A 1167 62.10 -14.42 38.05
N PHE A 1168 63.31 -14.38 37.50
CA PHE A 1168 64.52 -14.57 38.28
C PHE A 1168 65.09 -13.21 38.67
N ILE A 1169 65.36 -13.05 39.96
CA ILE A 1169 65.80 -11.78 40.51
C ILE A 1169 67.04 -12.01 41.38
N LYS A 1170 67.80 -10.94 41.58
CA LYS A 1170 68.98 -10.96 42.43
C LYS A 1170 68.62 -10.35 43.78
N HIS A 1171 68.38 -11.21 44.78
CA HIS A 1171 68.08 -10.77 46.13
C HIS A 1171 69.16 -11.31 47.06
N ASN A 1172 69.74 -10.41 47.86
CA ASN A 1172 70.88 -10.74 48.71
C ASN A 1172 72.05 -11.29 47.89
N ASP A 1173 72.25 -10.70 46.71
CA ASP A 1173 73.40 -10.99 45.85
C ASP A 1173 73.46 -12.47 45.46
N HIS A 1174 72.29 -13.07 45.22
CA HIS A 1174 72.23 -14.40 44.63
C HIS A 1174 70.87 -14.58 43.97
N TRP A 1175 70.83 -15.49 43.00
CA TRP A 1175 69.65 -15.63 42.16
C TRP A 1175 68.50 -16.26 42.93
N MET A 1176 67.34 -15.62 42.87
CA MET A 1176 66.12 -16.15 43.48
C MET A 1176 64.95 -15.91 42.54
N PHE A 1177 63.86 -16.63 42.82
CA PHE A 1177 62.64 -16.56 42.01
C PHE A 1177 61.59 -15.73 42.73
N THR A 1178 60.86 -14.93 41.97
CA THR A 1178 59.69 -14.22 42.48
C THR A 1178 58.54 -14.42 41.51
N GLY A 1179 57.33 -14.53 42.05
CA GLY A 1179 56.15 -14.63 41.19
C GLY A 1179 55.94 -13.36 40.41
N SER A 1180 55.25 -13.49 39.28
CA SER A 1180 55.06 -12.35 38.39
C SER A 1180 54.08 -11.33 38.96
N SER A 1181 53.11 -11.77 39.75
CA SER A 1181 52.06 -10.88 40.25
C SER A 1181 52.24 -10.48 41.70
N TYR A 1182 53.34 -10.85 42.33
CA TYR A 1182 53.59 -10.47 43.72
C TYR A 1182 55.07 -10.61 44.01
N TYR A 1183 55.70 -9.54 44.45
CA TYR A 1183 57.13 -9.55 44.74
C TYR A 1183 57.35 -10.31 46.05
N TYR A 1184 57.94 -11.50 45.94
CA TYR A 1184 58.25 -12.33 47.09
C TYR A 1184 59.38 -13.27 46.71
N PRO A 1185 60.62 -12.91 46.98
CA PRO A 1185 61.75 -13.76 46.56
C PRO A 1185 61.68 -15.14 47.20
N GLU A 1186 61.94 -16.16 46.39
CA GLU A 1186 61.90 -17.56 46.80
C GLU A 1186 63.16 -18.26 46.35
N PRO A 1187 63.58 -19.32 47.04
CA PRO A 1187 64.68 -20.14 46.53
C PRO A 1187 64.30 -20.76 45.19
N ILE A 1188 65.29 -20.86 44.30
CA ILE A 1188 65.06 -21.47 43.01
C ILE A 1188 64.97 -22.97 43.16
N SER A 1189 63.91 -23.57 42.63
CA SER A 1189 63.68 -24.99 42.75
C SER A 1189 62.93 -25.48 41.51
N ASP A 1190 62.88 -26.80 41.35
CA ASP A 1190 62.18 -27.38 40.21
C ASP A 1190 60.69 -27.08 40.22
N LYS A 1191 60.15 -26.64 41.36
CA LYS A 1191 58.73 -26.30 41.42
C LYS A 1191 58.41 -25.06 40.59
N ASN A 1192 59.35 -24.12 40.49
CA ASN A 1192 59.11 -22.85 39.82
C ASN A 1192 60.06 -22.64 38.64
N VAL A 1193 60.48 -23.72 38.00
CA VAL A 1193 61.48 -23.66 36.93
C VAL A 1193 61.08 -24.62 35.82
N VAL A 1194 61.25 -24.16 34.58
CA VAL A 1194 61.14 -25.01 33.40
C VAL A 1194 62.56 -25.30 32.91
N PHE A 1195 62.90 -26.57 32.79
CA PHE A 1195 64.26 -26.97 32.45
C PHE A 1195 64.45 -27.06 30.94
N MET A 1196 65.64 -26.69 30.49
CA MET A 1196 66.03 -26.79 29.09
C MET A 1196 67.44 -27.35 29.03
N ASN A 1197 67.66 -28.36 28.19
CA ASN A 1197 68.97 -29.00 28.11
C ASN A 1197 70.05 -28.07 27.55
N THR A 1198 69.67 -27.08 26.75
CA THR A 1198 70.59 -26.08 26.24
C THR A 1198 70.00 -24.70 26.50
N CYS A 1199 70.78 -23.83 27.12
CA CYS A 1199 70.27 -22.51 27.46
C CYS A 1199 70.19 -21.63 26.23
N SER A 1200 69.12 -20.85 26.17
CA SER A 1200 68.97 -19.86 25.11
C SER A 1200 70.04 -18.78 25.23
N VAL A 1201 70.45 -18.24 24.09
CA VAL A 1201 71.41 -17.16 24.11
C VAL A 1201 70.77 -15.94 24.76
N ASN A 1202 71.61 -15.09 25.33
CA ASN A 1202 71.23 -13.90 26.11
C ASN A 1202 70.59 -14.25 27.45
N PHE A 1203 70.43 -15.54 27.77
CA PHE A 1203 70.11 -15.91 29.13
C PHE A 1203 71.26 -15.53 30.04
N THR A 1204 70.93 -15.03 31.23
CA THR A 1204 71.98 -14.58 32.14
C THR A 1204 72.82 -15.77 32.60
N LYS A 1205 74.13 -15.67 32.42
CA LYS A 1205 75.03 -16.76 32.74
C LYS A 1205 75.22 -16.83 34.25
N ALA A 1206 74.79 -17.94 34.85
CA ALA A 1206 74.89 -18.15 36.29
C ALA A 1206 75.45 -19.54 36.55
N PRO A 1207 76.76 -19.74 36.34
CA PRO A 1207 77.35 -21.05 36.58
C PRO A 1207 77.30 -21.50 38.04
N LEU A 1208 77.11 -20.57 38.97
CA LEU A 1208 77.12 -20.90 40.39
C LEU A 1208 75.75 -21.33 40.92
N VAL A 1209 74.74 -21.42 40.05
CA VAL A 1209 73.40 -21.83 40.48
C VAL A 1209 73.27 -23.34 40.34
N TYR A 1210 72.90 -24.00 41.44
CA TYR A 1210 72.69 -25.43 41.48
C TYR A 1210 73.91 -26.20 40.98
N VAL B 1 -8.80 2.27 -49.16
CA VAL B 1 -8.43 3.71 -49.29
C VAL B 1 -8.00 4.27 -47.94
N ILE B 2 -7.22 5.36 -47.95
CA ILE B 2 -6.75 6.02 -46.72
C ILE B 2 -7.57 7.26 -46.35
N GLY B 3 -7.69 8.23 -47.27
CA GLY B 3 -8.59 9.38 -47.13
C GLY B 3 -9.94 9.16 -47.80
N ASP B 4 -10.88 10.08 -47.55
CA ASP B 4 -12.22 10.13 -48.16
C ASP B 4 -12.34 11.16 -49.31
N PHE B 5 -11.41 12.12 -49.42
CA PHE B 5 -11.44 13.17 -50.45
C PHE B 5 -11.12 12.61 -51.84
N ASN B 6 -12.05 12.76 -52.79
CA ASN B 6 -11.91 12.32 -54.18
C ASN B 6 -10.86 13.15 -54.95
N CYS B 7 -9.62 12.70 -54.86
CA CYS B 7 -8.44 13.45 -55.30
C CYS B 7 -8.20 13.45 -56.81
N THR B 8 -8.45 12.30 -57.45
CA THR B 8 -8.20 12.06 -58.87
C THR B 8 -9.01 10.84 -59.33
N ASN B 9 -9.24 10.73 -60.63
CA ASN B 9 -9.81 9.55 -61.27
C ASN B 9 -8.95 9.05 -62.45
N PHE B 10 -7.77 9.64 -62.66
CA PHE B 10 -6.85 9.27 -63.73
C PHE B 10 -6.11 7.95 -63.44
N ALA B 11 -6.27 6.96 -64.32
CA ALA B 11 -5.57 5.68 -64.34
C ALA B 11 -5.70 4.96 -62.99
N ILE B 12 -6.94 4.67 -62.62
CA ILE B 12 -7.28 3.91 -61.40
C ILE B 12 -7.80 2.55 -61.83
N ASN B 13 -7.16 1.47 -61.37
CA ASN B 13 -7.57 0.11 -61.70
C ASN B 13 -7.49 -0.73 -60.43
N ASP B 14 -7.65 -2.05 -60.59
CA ASP B 14 -7.63 -3.00 -59.47
C ASP B 14 -6.62 -4.11 -59.72
N LEU B 15 -5.61 -3.85 -60.54
CA LEU B 15 -4.61 -4.87 -60.83
C LEU B 15 -3.79 -5.18 -59.59
N ASN B 16 -3.53 -6.47 -59.38
CA ASN B 16 -2.82 -6.95 -58.19
C ASN B 16 -1.35 -7.17 -58.56
N THR B 17 -0.48 -6.35 -57.99
CA THR B 17 0.95 -6.50 -58.19
C THR B 17 1.52 -7.43 -57.13
N THR B 18 2.85 -7.49 -57.02
CA THR B 18 3.49 -8.36 -56.04
C THR B 18 3.14 -7.92 -54.62
N VAL B 19 2.92 -8.90 -53.75
CA VAL B 19 2.65 -8.66 -52.34
C VAL B 19 3.94 -8.19 -51.67
N PRO B 20 3.88 -7.59 -50.49
CA PRO B 20 5.12 -7.16 -49.83
C PRO B 20 6.09 -8.32 -49.66
N ARG B 21 7.36 -8.05 -49.95
CA ARG B 21 8.38 -9.08 -50.02
C ARG B 21 9.04 -9.29 -48.66
N ILE B 22 9.40 -10.54 -48.39
CA ILE B 22 10.16 -10.87 -47.18
C ILE B 22 11.63 -10.67 -47.46
N SER B 23 12.29 -9.90 -46.60
CA SER B 23 13.68 -9.52 -46.85
C SER B 23 14.63 -10.69 -46.60
N GLU B 24 15.86 -10.52 -47.07
CA GLU B 24 16.95 -11.43 -46.76
C GLU B 24 17.90 -10.87 -45.72
N TYR B 25 18.00 -9.56 -45.61
CA TYR B 25 18.78 -8.93 -44.55
C TYR B 25 18.10 -9.13 -43.21
N VAL B 26 18.91 -9.25 -42.16
CA VAL B 26 18.42 -9.58 -40.83
C VAL B 26 18.84 -8.48 -39.86
N VAL B 27 18.07 -8.35 -38.78
CA VAL B 27 18.30 -7.31 -37.80
C VAL B 27 19.48 -7.70 -36.92
N ASP B 28 20.48 -6.83 -36.85
CA ASP B 28 21.68 -7.05 -36.04
C ASP B 28 21.98 -5.76 -35.29
N VAL B 29 21.58 -5.71 -34.02
CA VAL B 29 21.74 -4.52 -33.20
C VAL B 29 23.04 -4.56 -32.40
N SER B 30 23.98 -5.42 -32.77
CA SER B 30 25.23 -5.55 -32.03
C SER B 30 26.02 -4.25 -31.99
N TYR B 31 25.89 -3.42 -33.03
CA TYR B 31 26.59 -2.13 -33.07
C TYR B 31 25.63 -0.96 -33.01
N GLY B 32 24.40 -1.19 -32.56
CA GLY B 32 23.44 -0.12 -32.37
C GLY B 32 22.69 0.30 -33.61
N LEU B 33 22.77 -0.47 -34.70
CA LEU B 33 22.11 -0.06 -35.94
C LEU B 33 20.60 0.05 -35.76
N GLY B 34 20.00 -0.91 -35.07
CA GLY B 34 18.57 -0.86 -34.84
C GLY B 34 18.13 -0.02 -33.67
N THR B 35 19.05 0.67 -33.00
CA THR B 35 18.73 1.47 -31.83
C THR B 35 18.74 2.95 -32.17
N TYR B 36 18.47 3.79 -31.18
CA TYR B 36 18.41 5.24 -31.31
C TYR B 36 19.02 5.94 -30.11
N TYR B 37 19.50 7.17 -30.28
CA TYR B 37 19.88 8.00 -29.14
C TYR B 37 18.65 8.44 -28.36
N ILE B 38 18.72 8.43 -27.03
CA ILE B 38 17.56 8.64 -26.19
C ILE B 38 17.12 10.10 -26.22
N LEU B 39 16.17 10.44 -27.07
CA LEU B 39 15.69 11.82 -27.23
C LEU B 39 16.88 12.78 -27.44
N ASP B 40 16.86 13.94 -26.78
CA ASP B 40 17.97 14.88 -26.72
C ASP B 40 18.98 14.64 -25.59
N ARG B 41 19.00 13.43 -25.02
CA ARG B 41 19.86 13.07 -23.89
C ARG B 41 21.18 12.49 -24.39
N VAL B 42 22.25 12.70 -23.64
CA VAL B 42 23.59 12.11 -23.91
C VAL B 42 24.07 11.38 -22.67
N TYR B 43 24.71 10.22 -22.86
CA TYR B 43 25.37 9.45 -21.81
C TYR B 43 26.83 9.31 -22.19
N LEU B 44 27.77 9.57 -21.28
CA LEU B 44 29.20 9.45 -21.53
C LEU B 44 29.78 8.25 -20.79
N ASN B 45 30.66 7.48 -21.43
CA ASN B 45 31.44 6.40 -20.82
C ASN B 45 30.63 5.51 -19.84
N THR B 46 29.43 5.11 -20.24
CA THR B 46 28.47 4.38 -19.40
C THR B 46 27.77 3.30 -20.19
N THR B 47 27.25 2.30 -19.48
CA THR B 47 26.40 1.29 -20.07
C THR B 47 25.03 1.36 -19.41
N ILE B 48 24.00 1.64 -20.19
CA ILE B 48 22.64 1.94 -19.73
C ILE B 48 21.72 0.78 -20.04
N LEU B 49 20.84 0.42 -19.11
CA LEU B 49 19.77 -0.53 -19.36
C LEU B 49 18.48 0.25 -19.62
N PHE B 50 18.01 0.24 -20.86
CA PHE B 50 16.94 1.11 -21.33
C PHE B 50 15.82 0.29 -21.97
N THR B 51 14.59 0.48 -21.52
CA THR B 51 13.42 -0.19 -22.08
C THR B 51 12.74 0.73 -23.06
N GLY B 52 12.67 0.32 -24.32
CA GLY B 52 12.25 1.18 -25.44
C GLY B 52 11.65 0.38 -26.57
N TYR B 53 11.24 1.07 -27.64
CA TYR B 53 10.63 0.43 -28.78
C TYR B 53 11.71 0.07 -29.79
N PHE B 54 12.16 -1.18 -29.74
CA PHE B 54 13.29 -1.64 -30.52
C PHE B 54 12.88 -2.78 -31.46
N PRO B 55 13.55 -2.93 -32.60
CA PRO B 55 13.31 -4.13 -33.42
C PRO B 55 13.75 -5.38 -32.67
N LYS B 56 13.03 -6.47 -32.93
CA LYS B 56 13.44 -7.76 -32.38
C LYS B 56 14.67 -8.24 -33.11
N SER B 57 15.74 -8.52 -32.37
CA SER B 57 17.00 -8.92 -32.98
C SER B 57 16.80 -10.21 -33.77
N GLY B 58 17.34 -10.24 -34.98
CA GLY B 58 17.17 -11.39 -35.85
C GLY B 58 15.89 -11.43 -36.65
N ALA B 59 15.18 -10.30 -36.75
CA ALA B 59 13.94 -10.26 -37.51
C ALA B 59 14.22 -9.92 -38.97
N ASN B 60 13.18 -10.00 -39.80
CA ASN B 60 13.24 -9.73 -41.23
C ASN B 60 12.55 -8.40 -41.53
N PHE B 61 12.46 -8.07 -42.81
CA PHE B 61 11.89 -6.81 -43.25
C PHE B 61 10.89 -7.06 -44.38
N ARG B 62 9.95 -6.13 -44.52
CA ARG B 62 9.00 -6.11 -45.63
C ARG B 62 9.28 -4.90 -46.50
N ASP B 63 9.36 -5.11 -47.81
CA ASP B 63 9.56 -4.01 -48.75
C ASP B 63 8.19 -3.46 -49.14
N LEU B 64 7.82 -2.35 -48.51
CA LEU B 64 6.54 -1.70 -48.78
C LEU B 64 6.64 -0.65 -49.87
N SER B 65 7.81 -0.48 -50.49
CA SER B 65 7.98 0.49 -51.55
C SER B 65 7.18 0.07 -52.78
N LEU B 66 6.57 1.07 -53.43
CA LEU B 66 5.78 0.84 -54.63
C LEU B 66 6.20 1.82 -55.71
N LYS B 67 6.59 1.30 -56.86
CA LYS B 67 7.02 2.11 -58.00
C LYS B 67 6.03 1.92 -59.14
N GLY B 68 5.50 3.02 -59.65
CA GLY B 68 4.56 2.96 -60.76
C GLY B 68 4.84 4.03 -61.79
N THR B 69 4.18 3.95 -62.95
CA THR B 69 4.38 4.94 -64.00
C THR B 69 3.13 5.76 -64.24
N THR B 70 2.02 5.09 -64.51
CA THR B 70 0.76 5.76 -64.85
C THR B 70 -0.39 5.36 -63.95
N TYR B 71 -0.57 4.05 -63.73
CA TYR B 71 -1.77 3.55 -63.05
C TYR B 71 -1.53 3.41 -61.56
N LEU B 72 -2.55 3.72 -60.76
CA LEU B 72 -2.58 3.60 -59.30
C LEU B 72 -3.64 2.55 -58.95
N SER B 73 -3.20 1.34 -58.65
CA SER B 73 -4.14 0.29 -58.25
C SER B 73 -4.72 0.59 -56.88
N THR B 74 -6.03 0.33 -56.73
CA THR B 74 -6.68 0.53 -55.44
C THR B 74 -6.16 -0.44 -54.40
N LEU B 75 -5.71 -1.62 -54.83
CA LEU B 75 -5.14 -2.58 -53.89
C LEU B 75 -3.87 -2.07 -53.22
N TRP B 76 -3.23 -1.05 -53.82
CA TRP B 76 -2.06 -0.46 -53.19
C TRP B 76 -2.39 0.21 -51.86
N TYR B 77 -3.65 0.55 -51.62
CA TYR B 77 -4.13 1.31 -50.47
C TYR B 77 -5.02 0.45 -49.56
N GLN B 78 -4.68 -0.83 -49.37
CA GLN B 78 -5.53 -1.75 -48.63
C GLN B 78 -4.75 -2.50 -47.55
N LYS B 79 -5.39 -3.50 -46.96
CA LYS B 79 -4.76 -4.27 -45.88
C LYS B 79 -3.39 -4.85 -46.22
N PRO B 80 -3.14 -5.42 -47.41
CA PRO B 80 -1.81 -6.00 -47.66
C PRO B 80 -0.67 -4.99 -47.53
N PHE B 81 -0.92 -3.71 -47.76
CA PHE B 81 0.12 -2.70 -47.63
C PHE B 81 -0.15 -1.69 -46.52
N LEU B 82 -1.34 -1.10 -46.37
CA LEU B 82 -1.73 -0.23 -45.25
C LEU B 82 -1.77 -1.08 -43.97
N SER B 83 -0.63 -1.18 -43.28
CA SER B 83 -0.49 -2.03 -42.12
C SER B 83 -0.80 -1.26 -40.85
N ASP B 84 -1.13 -2.00 -39.79
CA ASP B 84 -1.40 -1.40 -38.50
C ASP B 84 -0.12 -0.88 -37.88
N PHE B 85 -0.15 0.34 -37.36
CA PHE B 85 1.01 0.90 -36.68
C PHE B 85 1.34 0.10 -35.44
N ASN B 86 0.33 -0.30 -34.67
CA ASN B 86 0.48 -1.03 -33.41
C ASN B 86 1.41 -0.21 -32.52
N ASN B 87 2.44 -0.81 -31.92
CA ASN B 87 3.41 -0.02 -31.16
C ASN B 87 4.24 0.85 -32.06
N GLY B 88 4.64 0.35 -33.22
CA GLY B 88 5.44 1.11 -34.16
C GLY B 88 6.20 0.20 -35.08
N ILE B 89 7.00 0.82 -35.95
CA ILE B 89 7.83 0.10 -36.90
C ILE B 89 9.22 0.72 -36.95
N PHE B 90 10.19 -0.09 -37.38
CA PHE B 90 11.53 0.37 -37.68
C PHE B 90 11.76 0.19 -39.17
N SER B 91 12.37 1.18 -39.82
CA SER B 91 12.45 1.23 -41.27
C SER B 91 13.89 1.34 -41.72
N ARG B 92 14.23 0.61 -42.78
CA ARG B 92 15.49 0.74 -43.49
C ARG B 92 15.19 1.15 -44.92
N VAL B 93 15.73 2.30 -45.33
CA VAL B 93 15.38 2.91 -46.60
C VAL B 93 16.60 2.96 -47.50
N LYS B 94 16.44 2.48 -48.72
CA LYS B 94 17.49 2.61 -49.72
C LYS B 94 17.38 3.97 -50.39
N ASN B 95 18.47 4.74 -50.34
CA ASN B 95 18.52 6.04 -51.00
C ASN B 95 18.98 5.81 -52.43
N THR B 96 18.05 5.45 -53.30
CA THR B 96 18.38 5.25 -54.71
C THR B 96 18.82 6.58 -55.32
N LYS B 97 19.91 6.53 -56.09
CA LYS B 97 20.55 7.73 -56.60
C LYS B 97 20.42 7.76 -58.12
N LEU B 98 19.70 8.74 -58.63
CA LEU B 98 19.48 8.90 -60.06
C LEU B 98 20.45 9.95 -60.62
N TYR B 99 20.90 9.72 -61.84
CA TYR B 99 21.82 10.63 -62.52
C TYR B 99 21.07 11.34 -63.64
N VAL B 100 20.98 12.65 -63.55
CA VAL B 100 20.38 13.48 -64.59
C VAL B 100 21.47 14.46 -65.03
N ASN B 101 22.09 14.18 -66.17
CA ASN B 101 23.24 14.94 -66.65
C ASN B 101 24.35 14.99 -65.61
N LYS B 102 24.64 13.82 -65.03
CA LYS B 102 25.66 13.62 -64.01
C LYS B 102 25.38 14.40 -62.73
N THR B 103 24.12 14.75 -62.48
CA THR B 103 23.73 15.43 -61.24
C THR B 103 23.12 14.42 -60.29
N LEU B 104 23.63 14.38 -59.06
CA LEU B 104 23.15 13.42 -58.07
C LEU B 104 21.76 13.83 -57.60
N TYR B 105 20.87 12.84 -57.48
CA TYR B 105 19.52 13.05 -56.97
C TYR B 105 19.17 11.94 -56.00
N SER B 106 18.34 12.26 -55.01
CA SER B 106 17.95 11.34 -53.96
C SER B 106 16.44 11.18 -53.97
N GLU B 107 15.97 9.93 -54.06
CA GLU B 107 14.56 9.61 -54.00
C GLU B 107 14.32 8.41 -53.10
N PHE B 108 13.16 8.39 -52.44
CA PHE B 108 12.63 7.19 -51.81
C PHE B 108 11.19 7.45 -51.43
N SER B 109 10.55 6.43 -50.88
CA SER B 109 9.10 6.43 -50.68
C SER B 109 8.72 7.36 -49.53
N THR B 110 7.42 7.37 -49.22
CA THR B 110 6.83 8.29 -48.25
C THR B 110 5.87 7.51 -47.37
N ILE B 111 5.79 7.87 -46.10
CA ILE B 111 4.97 7.17 -45.12
C ILE B 111 3.93 8.13 -44.55
N VAL B 112 2.71 7.66 -44.37
CA VAL B 112 1.63 8.39 -43.71
C VAL B 112 1.25 7.63 -42.46
N ILE B 113 1.17 8.31 -41.31
CA ILE B 113 0.87 7.71 -40.01
C ILE B 113 -0.17 8.55 -39.29
N GLY B 114 -1.13 7.89 -38.63
CA GLY B 114 -2.02 8.56 -37.67
C GLY B 114 -3.53 8.40 -37.92
N SER B 115 -4.21 7.90 -36.89
CA SER B 115 -5.68 7.90 -36.77
C SER B 115 -6.40 7.40 -38.03
N VAL B 116 -7.50 8.07 -38.38
CA VAL B 116 -8.38 7.82 -39.54
C VAL B 116 -7.94 8.54 -40.81
N PHE B 117 -6.87 9.35 -40.75
CA PHE B 117 -6.28 10.08 -41.88
C PHE B 117 -7.19 11.15 -42.52
N ILE B 118 -8.25 11.59 -41.86
CA ILE B 118 -9.10 12.65 -42.40
C ILE B 118 -8.68 13.99 -41.78
N ASN B 119 -9.07 15.13 -42.36
CA ASN B 119 -8.80 16.48 -41.84
C ASN B 119 -9.25 16.73 -40.39
N ASN B 120 -10.12 15.89 -39.85
CA ASN B 120 -10.52 15.97 -38.45
C ASN B 120 -9.48 15.38 -37.51
N SER B 121 -8.42 14.76 -38.02
CA SER B 121 -7.37 14.08 -37.24
C SER B 121 -5.97 14.51 -37.70
N TYR B 122 -5.03 14.62 -36.77
CA TYR B 122 -3.64 14.84 -37.15
C TYR B 122 -3.06 13.64 -37.91
N THR B 123 -2.20 13.92 -38.89
CA THR B 123 -1.55 12.92 -39.72
C THR B 123 -0.08 13.26 -39.88
N ILE B 124 0.81 12.29 -39.73
CA ILE B 124 2.25 12.45 -39.85
C ILE B 124 2.66 11.89 -41.20
N VAL B 125 3.35 12.68 -41.99
CA VAL B 125 3.88 12.30 -43.30
C VAL B 125 5.35 12.66 -43.37
N VAL B 126 6.14 11.76 -43.94
CA VAL B 126 7.58 11.94 -44.13
C VAL B 126 7.85 11.98 -45.62
N GLN B 127 8.39 13.09 -46.14
CA GLN B 127 8.60 13.19 -47.58
C GLN B 127 9.98 13.75 -47.91
N PRO B 128 10.72 13.11 -48.80
CA PRO B 128 12.06 13.58 -49.16
C PRO B 128 12.05 14.54 -50.34
N HIS B 129 12.93 15.54 -50.27
CA HIS B 129 13.01 16.57 -51.30
C HIS B 129 14.43 16.73 -51.79
N ASN B 130 15.10 15.61 -52.09
CA ASN B 130 16.44 15.60 -52.67
C ASN B 130 17.43 16.34 -51.77
N GLY B 131 17.64 15.76 -50.60
CA GLY B 131 18.52 16.32 -49.60
C GLY B 131 17.82 17.01 -48.45
N VAL B 132 16.53 17.25 -48.57
CA VAL B 132 15.72 17.84 -47.51
C VAL B 132 14.64 16.84 -47.13
N LEU B 133 14.66 16.40 -45.89
CA LEU B 133 13.67 15.46 -45.37
C LEU B 133 12.71 16.27 -44.50
N GLU B 134 11.45 16.35 -44.92
CA GLU B 134 10.45 17.16 -44.25
C GLU B 134 9.52 16.29 -43.42
N ILE B 135 9.25 16.70 -42.19
CA ILE B 135 8.18 16.14 -41.40
C ILE B 135 7.36 17.28 -40.84
N THR B 136 6.08 17.28 -41.15
CA THR B 136 5.14 18.26 -40.63
C THR B 136 3.90 17.54 -40.15
N ALA B 137 3.54 17.67 -38.88
CA ALA B 137 2.35 17.05 -38.30
C ALA B 137 1.17 18.01 -38.45
N CYS B 138 0.38 17.83 -39.50
CA CYS B 138 -0.76 18.68 -39.82
C CYS B 138 -2.00 17.81 -40.02
N GLN B 139 -3.16 18.46 -39.90
CA GLN B 139 -4.44 17.84 -40.23
C GLN B 139 -4.66 17.94 -41.74
N TYR B 140 -3.98 17.04 -42.45
CA TYR B 140 -4.03 17.04 -43.91
C TYR B 140 -5.36 16.48 -44.40
N THR B 141 -5.77 16.92 -45.60
CA THR B 141 -6.88 16.36 -46.37
C THR B 141 -6.37 15.18 -47.20
N MET B 142 -6.23 14.01 -46.59
CA MET B 142 -5.72 12.85 -47.32
C MET B 142 -6.61 12.51 -48.53
N CYS B 143 -5.97 12.30 -49.68
CA CYS B 143 -6.60 11.82 -50.89
C CYS B 143 -7.07 10.35 -50.77
N GLU B 144 -7.99 9.92 -51.63
CA GLU B 144 -8.40 8.50 -51.74
C GLU B 144 -7.26 7.57 -52.17
N TYR B 145 -6.49 7.97 -53.19
CA TYR B 145 -5.36 7.22 -53.75
C TYR B 145 -4.10 8.10 -53.76
N PRO B 146 -3.55 8.46 -52.58
CA PRO B 146 -2.47 9.43 -52.50
C PRO B 146 -1.20 8.89 -53.13
N HIS B 147 -0.38 9.75 -53.73
CA HIS B 147 0.90 9.33 -54.29
C HIS B 147 1.83 10.52 -54.45
N THR B 148 3.08 10.22 -54.76
CA THR B 148 4.11 11.23 -54.99
C THR B 148 4.70 11.01 -56.38
N ILE B 149 5.38 12.04 -56.88
CA ILE B 149 5.94 11.98 -58.22
C ILE B 149 7.45 12.16 -58.18
N CYS B 150 8.07 12.17 -59.34
CA CYS B 150 9.51 12.06 -59.48
C CYS B 150 10.05 13.43 -59.91
N LYS B 151 10.65 14.16 -58.96
CA LYS B 151 11.13 15.50 -59.25
C LYS B 151 12.41 15.48 -60.09
N SER B 152 13.07 14.33 -60.23
CA SER B 152 14.32 14.27 -60.95
C SER B 152 14.12 13.89 -62.42
N LYS B 153 13.53 12.73 -62.69
CA LYS B 153 13.35 12.24 -64.04
C LYS B 153 11.96 12.52 -64.60
N GLY B 154 11.10 13.22 -63.86
CA GLY B 154 9.75 13.48 -64.30
C GLY B 154 8.81 12.32 -64.00
N SER B 155 7.51 12.61 -64.12
CA SER B 155 6.50 11.62 -63.82
C SER B 155 5.31 11.83 -64.75
N SER B 156 4.63 10.73 -65.10
CA SER B 156 3.44 10.82 -65.92
C SER B 156 2.26 11.40 -65.17
N ARG B 157 2.20 11.25 -63.84
CA ARG B 157 1.14 11.80 -63.00
C ARG B 157 1.59 13.11 -62.37
N ASN B 158 0.70 13.70 -61.59
CA ASN B 158 0.97 14.88 -60.77
C ASN B 158 0.83 14.51 -59.29
N GLU B 159 1.71 15.07 -58.47
CA GLU B 159 1.74 14.73 -57.06
C GLU B 159 0.46 15.20 -56.38
N SER B 160 -0.29 14.25 -55.81
CA SER B 160 -1.57 14.57 -55.15
C SER B 160 -1.86 13.56 -54.05
N TRP B 161 -1.27 13.80 -52.88
CA TRP B 161 -1.54 13.04 -51.66
C TRP B 161 -2.40 13.80 -50.65
N HIS B 162 -2.42 15.12 -50.75
CA HIS B 162 -3.35 15.98 -50.04
C HIS B 162 -3.86 17.08 -50.97
N PHE B 163 -4.98 17.71 -50.63
CA PHE B 163 -5.56 18.80 -51.43
C PHE B 163 -5.93 20.00 -50.55
N ASP B 164 -5.09 20.31 -49.56
CA ASP B 164 -5.35 21.46 -48.69
C ASP B 164 -5.05 22.73 -49.48
N LYS B 165 -6.11 23.45 -49.87
CA LYS B 165 -5.93 24.69 -50.62
C LYS B 165 -5.17 25.72 -49.79
N SER B 166 -5.49 25.84 -48.50
CA SER B 166 -4.75 26.68 -47.55
C SER B 166 -4.05 25.79 -46.52
N GLU B 167 -2.86 26.20 -46.06
CA GLU B 167 -2.04 25.40 -45.15
C GLU B 167 -2.86 24.91 -43.94
N PRO B 168 -2.97 23.60 -43.73
CA PRO B 168 -3.81 23.04 -42.68
C PRO B 168 -3.23 23.33 -41.30
N LEU B 169 -4.08 23.22 -40.27
CA LEU B 169 -3.65 23.20 -38.88
C LEU B 169 -2.53 22.19 -38.65
N CYS B 170 -1.33 22.68 -38.43
CA CYS B 170 -0.19 21.89 -37.99
C CYS B 170 -0.09 21.90 -36.45
N LEU B 171 0.64 20.95 -35.87
CA LEU B 171 1.06 20.92 -34.47
C LEU B 171 2.59 20.78 -34.36
N PHE B 172 3.22 20.31 -35.43
CA PHE B 172 4.67 20.26 -35.63
C PHE B 172 5.03 20.66 -37.06
N LYS B 173 6.07 21.46 -37.25
CA LYS B 173 6.67 21.73 -38.56
C LYS B 173 8.19 21.79 -38.43
N LYS B 174 8.92 20.95 -39.16
CA LYS B 174 10.38 21.06 -39.27
C LYS B 174 10.91 20.43 -40.54
N ASN B 175 12.06 20.89 -41.01
CA ASN B 175 12.76 20.30 -42.14
C ASN B 175 14.12 19.79 -41.68
N PHE B 176 14.59 18.72 -42.25
CA PHE B 176 15.86 18.12 -41.88
C PHE B 176 16.63 17.92 -43.18
N THR B 177 17.92 17.82 -43.09
CA THR B 177 18.82 17.59 -44.21
C THR B 177 19.60 16.31 -43.99
N TYR B 178 19.81 15.55 -45.07
CA TYR B 178 20.55 14.30 -45.00
C TYR B 178 21.57 14.25 -46.13
N ASN B 179 22.67 13.55 -45.86
CA ASN B 179 23.73 13.36 -46.86
C ASN B 179 23.17 12.54 -48.02
N VAL B 180 23.06 13.16 -49.19
CA VAL B 180 22.44 12.52 -50.34
C VAL B 180 23.26 11.33 -50.81
N SER B 181 24.58 11.40 -50.69
CA SER B 181 25.45 10.32 -51.17
C SER B 181 25.28 9.03 -50.39
N THR B 182 24.61 9.07 -49.24
CA THR B 182 24.39 7.86 -48.45
C THR B 182 23.58 6.85 -49.22
N ASP B 183 23.92 5.57 -49.05
CA ASP B 183 23.20 4.49 -49.72
C ASP B 183 21.97 4.04 -48.95
N TRP B 184 21.97 4.19 -47.63
CA TRP B 184 20.88 3.70 -46.78
C TRP B 184 20.48 4.76 -45.77
N LEU B 185 19.18 4.79 -45.46
CA LEU B 185 18.64 5.66 -44.43
C LEU B 185 17.73 4.84 -43.52
N TYR B 186 17.74 5.16 -42.23
CA TYR B 186 17.00 4.41 -41.23
C TYR B 186 16.07 5.35 -40.47
N PHE B 187 14.88 4.85 -40.15
CA PHE B 187 13.87 5.65 -39.49
C PHE B 187 13.18 4.83 -38.41
N HIS B 188 12.95 5.45 -37.25
CA HIS B 188 12.16 4.87 -36.18
C HIS B 188 10.84 5.61 -36.08
N PHE B 189 9.72 4.90 -36.11
CA PHE B 189 8.40 5.49 -35.91
C PHE B 189 7.65 4.65 -34.89
N TYR B 190 7.28 5.26 -33.77
CA TYR B 190 6.56 4.60 -32.69
C TYR B 190 5.73 5.55 -31.86
N GLN B 191 4.90 4.98 -31.02
CA GLN B 191 4.05 5.74 -30.09
C GLN B 191 4.19 5.24 -28.66
N GLU B 192 4.00 6.14 -27.70
CA GLU B 192 4.17 5.81 -26.29
C GLU B 192 3.26 6.71 -25.47
N ARG B 193 2.20 6.12 -24.87
CA ARG B 193 1.16 6.80 -24.07
C ARG B 193 0.54 7.97 -24.82
N GLY B 194 0.17 7.73 -26.08
CA GLY B 194 -0.47 8.72 -26.96
C GLY B 194 0.45 9.87 -27.42
N THR B 195 1.77 9.75 -27.20
CA THR B 195 2.77 10.65 -27.77
C THR B 195 3.53 9.91 -28.87
N PHE B 196 3.71 10.54 -30.02
CA PHE B 196 4.43 9.99 -31.17
C PHE B 196 5.90 10.37 -31.12
N TYR B 197 6.78 9.48 -31.60
CA TYR B 197 8.22 9.74 -31.70
C TYR B 197 8.71 9.36 -33.09
N ALA B 198 9.67 10.14 -33.57
CA ALA B 198 10.37 9.87 -34.81
C ALA B 198 11.89 9.99 -34.62
N TYR B 199 12.64 9.18 -35.36
CA TYR B 199 14.10 9.22 -35.41
C TYR B 199 14.55 8.91 -36.82
N TYR B 200 15.73 9.39 -37.19
CA TYR B 200 16.26 9.23 -38.53
C TYR B 200 17.78 9.20 -38.47
N ALA B 201 18.38 8.58 -39.48
CA ALA B 201 19.82 8.53 -39.64
C ALA B 201 20.12 8.18 -41.10
N ASP B 202 21.37 8.42 -41.49
CA ASP B 202 21.80 8.11 -42.85
C ASP B 202 23.16 7.43 -42.93
N SER B 203 23.93 7.36 -41.85
CA SER B 203 25.29 6.86 -41.89
C SER B 203 25.42 5.42 -41.43
N GLY B 204 24.31 4.70 -41.28
CA GLY B 204 24.37 3.35 -40.77
C GLY B 204 24.75 3.31 -39.31
N MET B 205 24.03 4.08 -38.49
CA MET B 205 24.38 4.28 -37.09
C MET B 205 23.09 4.40 -36.30
N PRO B 206 23.17 4.40 -34.98
CA PRO B 206 21.96 4.62 -34.17
C PRO B 206 21.24 5.89 -34.58
N THR B 207 19.94 5.76 -34.87
CA THR B 207 19.18 6.87 -35.42
C THR B 207 19.08 8.01 -34.41
N THR B 208 19.25 9.24 -34.90
CA THR B 208 19.20 10.40 -34.04
C THR B 208 17.75 10.84 -33.82
N PHE B 209 17.53 11.67 -32.80
CA PHE B 209 16.19 12.16 -32.47
C PHE B 209 15.66 13.15 -33.50
N LEU B 210 14.46 12.93 -34.03
CA LEU B 210 13.75 13.94 -34.82
C LEU B 210 12.91 14.83 -33.90
N PHE B 211 11.82 14.29 -33.35
CA PHE B 211 10.92 15.02 -32.44
C PHE B 211 10.10 14.05 -31.58
N SER B 212 9.60 14.54 -30.44
CA SER B 212 8.59 13.90 -29.61
C SER B 212 7.34 14.78 -29.59
N LEU B 213 6.22 14.28 -30.10
CA LEU B 213 4.99 15.05 -30.27
C LEU B 213 3.82 14.44 -29.49
N TYR B 214 3.22 15.20 -28.57
CA TYR B 214 2.04 14.75 -27.84
C TYR B 214 0.78 14.87 -28.71
N LEU B 215 0.13 13.76 -29.06
CA LEU B 215 -1.17 13.78 -29.77
C LEU B 215 -2.36 13.65 -28.82
N GLY B 216 -2.24 12.85 -27.75
CA GLY B 216 -3.38 12.47 -26.90
C GLY B 216 -4.36 11.50 -27.57
N THR B 217 -3.93 10.78 -28.61
CA THR B 217 -4.70 9.76 -29.33
C THR B 217 -3.83 8.58 -29.77
N LEU B 218 -4.46 7.42 -29.96
CA LEU B 218 -3.85 6.21 -30.51
C LEU B 218 -3.71 6.35 -32.03
N LEU B 219 -2.47 6.42 -32.53
CA LEU B 219 -2.20 6.39 -33.97
C LEU B 219 -2.34 4.94 -34.46
N SER B 220 -3.43 4.59 -35.14
CA SER B 220 -3.74 3.19 -35.38
C SER B 220 -2.97 2.61 -36.56
N HIS B 221 -2.83 3.34 -37.66
CA HIS B 221 -2.40 2.80 -38.94
C HIS B 221 -1.21 3.55 -39.50
N TYR B 222 -0.48 2.89 -40.37
CA TYR B 222 0.50 3.53 -41.23
C TYR B 222 0.48 2.95 -42.62
N TYR B 223 0.97 3.72 -43.58
CA TYR B 223 1.04 3.27 -44.94
C TYR B 223 2.22 3.93 -45.66
N VAL B 224 2.81 3.22 -46.61
CA VAL B 224 3.90 3.74 -47.43
C VAL B 224 3.33 4.28 -48.73
N LEU B 225 3.22 5.58 -48.95
CA LEU B 225 2.83 6.19 -50.20
C LEU B 225 3.66 5.66 -51.39
N PRO B 226 3.00 5.25 -52.47
CA PRO B 226 3.64 4.90 -53.73
C PRO B 226 4.30 6.12 -54.37
N LEU B 227 5.39 5.88 -55.07
CA LEU B 227 6.13 6.92 -55.77
C LEU B 227 6.22 6.57 -57.25
N THR B 228 6.01 7.56 -58.10
CA THR B 228 5.95 7.36 -59.54
C THR B 228 7.10 8.09 -60.21
N CYS B 229 7.85 7.37 -61.06
CA CYS B 229 8.89 7.95 -61.89
C CYS B 229 8.72 7.47 -63.31
N ASN B 230 9.22 8.27 -64.25
CA ASN B 230 9.42 7.83 -65.63
C ASN B 230 10.73 7.09 -65.81
N ALA B 231 11.30 6.58 -64.71
CA ALA B 231 12.61 5.96 -64.69
C ALA B 231 12.66 4.89 -63.61
N ILE B 232 13.87 4.49 -63.21
CA ILE B 232 14.08 3.52 -62.14
C ILE B 232 13.44 2.19 -62.52
N SER B 233 14.00 1.52 -63.53
CA SER B 233 13.53 0.22 -63.94
C SER B 233 14.66 -0.51 -64.64
N SER B 234 14.43 -1.80 -64.93
CA SER B 234 15.42 -2.57 -65.67
C SER B 234 15.60 -2.05 -67.09
N ASN B 235 14.60 -1.32 -67.61
CA ASN B 235 14.67 -0.82 -68.97
C ASN B 235 15.60 0.38 -69.11
N THR B 236 15.73 1.21 -68.07
CA THR B 236 16.44 2.47 -68.22
C THR B 236 17.59 2.65 -67.22
N ASP B 237 17.42 2.17 -65.99
CA ASP B 237 18.38 2.49 -64.94
C ASP B 237 18.95 1.27 -64.24
N ASN B 238 18.14 0.22 -64.12
CA ASN B 238 18.39 -0.93 -63.26
C ASN B 238 18.42 -0.57 -61.78
N GLU B 239 18.09 0.67 -61.44
CA GLU B 239 17.93 1.07 -60.05
C GLU B 239 16.57 0.65 -59.54
N THR B 240 16.42 0.65 -58.22
CA THR B 240 15.17 0.17 -57.62
C THR B 240 14.90 0.91 -56.32
N LEU B 241 13.62 1.03 -55.97
CA LEU B 241 13.23 1.57 -54.68
C LEU B 241 13.08 0.44 -53.66
N GLN B 242 13.72 0.61 -52.51
CA GLN B 242 13.64 -0.36 -51.43
C GLN B 242 13.28 0.35 -50.14
N TYR B 243 12.23 -0.13 -49.48
CA TYR B 243 11.77 0.43 -48.22
C TYR B 243 11.53 -0.74 -47.26
N TRP B 244 12.57 -1.10 -46.52
CA TRP B 244 12.49 -2.23 -45.60
C TRP B 244 11.83 -1.80 -44.29
N VAL B 245 10.82 -2.53 -43.86
CA VAL B 245 10.07 -2.21 -42.66
C VAL B 245 10.01 -3.44 -41.77
N THR B 246 10.33 -3.25 -40.49
CA THR B 246 10.18 -4.30 -39.49
C THR B 246 9.41 -3.75 -38.29
N PRO B 247 8.59 -4.56 -37.65
CA PRO B 247 7.82 -4.08 -36.50
C PRO B 247 8.72 -3.82 -35.30
N LEU B 248 8.27 -2.90 -34.45
CA LEU B 248 8.94 -2.61 -33.19
C LEU B 248 8.30 -3.42 -32.08
N SER B 249 8.85 -3.36 -30.88
CA SER B 249 8.19 -3.87 -29.67
C SER B 249 8.79 -3.19 -28.45
N LYS B 250 8.03 -3.04 -27.37
CA LYS B 250 8.57 -2.56 -26.09
C LYS B 250 9.45 -3.67 -25.52
N ARG B 251 10.75 -3.47 -25.49
CA ARG B 251 11.72 -4.46 -25.02
C ARG B 251 12.93 -3.81 -24.36
N GLN B 252 13.56 -4.54 -23.45
CA GLN B 252 14.74 -4.07 -22.75
C GLN B 252 15.97 -4.20 -23.64
N TYR B 253 16.72 -3.12 -23.78
CA TYR B 253 18.00 -3.08 -24.47
C TYR B 253 19.08 -2.59 -23.53
N LEU B 254 20.29 -3.08 -23.76
CA LEU B 254 21.48 -2.63 -23.08
C LEU B 254 22.29 -1.82 -24.08
N LEU B 255 22.55 -0.56 -23.76
CA LEU B 255 23.20 0.41 -24.65
C LEU B 255 24.55 0.83 -24.06
N LYS B 256 25.64 0.67 -24.80
CA LYS B 256 26.97 1.08 -24.36
C LYS B 256 27.39 2.37 -25.06
N PHE B 257 27.72 3.38 -24.26
CA PHE B 257 28.22 4.67 -24.68
C PHE B 257 29.68 4.84 -24.26
N ASP B 258 30.58 5.19 -25.16
CA ASP B 258 31.95 5.59 -24.80
C ASP B 258 32.05 7.10 -24.53
N ASN B 259 33.26 7.64 -24.43
CA ASN B 259 33.47 9.09 -24.45
C ASN B 259 32.93 9.71 -25.74
N ARG B 260 32.57 10.99 -25.70
CA ARG B 260 31.78 11.67 -26.75
C ARG B 260 30.33 11.16 -26.88
N GLY B 261 29.97 10.09 -26.19
CA GLY B 261 28.58 9.66 -26.04
C GLY B 261 27.96 9.02 -27.27
N VAL B 262 28.77 8.39 -28.12
CA VAL B 262 28.31 7.64 -29.31
C VAL B 262 28.04 6.18 -28.91
N ILE B 263 26.90 5.63 -29.34
CA ILE B 263 26.56 4.24 -29.04
C ILE B 263 27.52 3.34 -29.81
N THR B 264 28.33 2.58 -29.08
CA THR B 264 29.25 1.64 -29.70
C THR B 264 28.64 0.25 -29.84
N ASN B 265 27.97 -0.23 -28.80
CA ASN B 265 27.39 -1.57 -28.81
C ASN B 265 25.98 -1.49 -28.23
N ALA B 266 25.14 -2.43 -28.67
CA ALA B 266 23.80 -2.56 -28.13
C ALA B 266 23.44 -4.04 -28.06
N VAL B 267 22.62 -4.39 -27.08
CA VAL B 267 22.26 -5.78 -26.82
C VAL B 267 20.74 -5.88 -26.69
N ASP B 268 20.14 -6.81 -27.42
CA ASP B 268 18.74 -7.16 -27.26
C ASP B 268 18.64 -8.22 -26.17
N CYS B 269 18.14 -7.83 -24.99
CA CYS B 269 18.20 -8.65 -23.80
C CYS B 269 17.44 -9.96 -23.94
N SER B 270 16.31 -9.98 -24.65
CA SER B 270 15.54 -11.20 -24.84
C SER B 270 15.97 -12.01 -26.05
N SER B 271 16.98 -11.55 -26.79
CA SER B 271 17.37 -12.26 -28.00
C SER B 271 17.99 -13.61 -27.69
N SER B 272 18.86 -13.69 -26.69
CA SER B 272 19.58 -14.91 -26.40
C SER B 272 19.95 -14.96 -24.92
N PHE B 273 20.40 -16.14 -24.49
CA PHE B 273 20.77 -16.32 -23.09
C PHE B 273 21.94 -15.43 -22.72
N PHE B 274 22.97 -15.38 -23.57
CA PHE B 274 24.12 -14.52 -23.27
C PHE B 274 23.72 -13.06 -23.24
N SER B 275 22.78 -12.66 -24.10
CA SER B 275 22.25 -11.31 -24.04
C SER B 275 21.53 -11.06 -22.72
N GLU B 276 20.80 -12.06 -22.23
CA GLU B 276 20.14 -11.93 -20.93
C GLU B 276 21.16 -11.74 -19.82
N ILE B 277 22.25 -12.50 -19.86
CA ILE B 277 23.32 -12.34 -18.88
C ILE B 277 23.92 -10.94 -18.97
N GLN B 278 24.18 -10.47 -20.19
CA GLN B 278 24.78 -9.16 -20.39
C GLN B 278 23.89 -8.07 -19.81
N CYS B 279 22.56 -8.17 -19.99
CA CYS B 279 21.62 -7.21 -19.42
C CYS B 279 21.50 -7.32 -17.91
N LYS B 280 21.48 -8.53 -17.34
CA LYS B 280 21.54 -8.72 -15.89
C LYS B 280 22.78 -8.08 -15.28
N THR B 281 23.93 -8.19 -15.93
CA THR B 281 25.16 -7.60 -15.39
C THR B 281 25.40 -6.19 -15.89
N LYS B 282 24.59 -5.64 -16.80
CA LYS B 282 24.79 -4.30 -17.39
C LYS B 282 26.21 -4.13 -17.96
N SER B 283 26.74 -5.18 -18.60
CA SER B 283 28.11 -5.21 -19.11
C SER B 283 28.19 -5.94 -20.44
N LEU B 284 29.03 -5.48 -21.36
CA LEU B 284 29.26 -6.19 -22.63
C LEU B 284 30.02 -7.49 -22.42
N LEU B 285 30.90 -7.57 -21.42
CA LEU B 285 31.60 -8.80 -21.06
C LEU B 285 31.33 -9.08 -19.60
N PRO B 286 30.36 -9.94 -19.29
CA PRO B 286 30.00 -10.18 -17.89
C PRO B 286 31.09 -10.97 -17.16
N ASN B 287 31.07 -10.86 -15.84
CA ASN B 287 32.00 -11.61 -15.01
C ASN B 287 31.67 -13.10 -15.06
N THR B 288 32.69 -13.91 -14.81
CA THR B 288 32.50 -15.35 -14.73
C THR B 288 31.56 -15.69 -13.57
N GLY B 289 30.56 -16.50 -13.85
CA GLY B 289 29.61 -16.87 -12.82
C GLY B 289 28.51 -17.73 -13.39
N VAL B 290 27.59 -18.09 -12.50
CA VAL B 290 26.40 -18.86 -12.85
C VAL B 290 25.18 -17.96 -12.70
N TYR B 291 24.41 -17.84 -13.76
CA TYR B 291 23.28 -16.91 -13.81
C TYR B 291 22.00 -17.71 -14.05
N ASP B 292 21.00 -17.48 -13.20
CA ASP B 292 19.70 -18.15 -13.34
C ASP B 292 18.86 -17.32 -14.30
N LEU B 293 18.84 -17.74 -15.56
CA LEU B 293 18.11 -17.01 -16.58
C LEU B 293 16.65 -17.43 -16.63
N SER B 294 15.77 -16.46 -16.74
CA SER B 294 14.32 -16.71 -16.71
C SER B 294 13.91 -17.33 -18.03
N GLY B 295 14.01 -18.65 -18.13
CA GLY B 295 13.51 -19.41 -19.27
C GLY B 295 12.01 -19.20 -19.45
N PHE B 296 11.55 -19.16 -20.70
CA PHE B 296 10.15 -18.92 -21.00
C PHE B 296 9.26 -20.03 -20.43
N THR B 297 8.06 -19.67 -19.97
CA THR B 297 7.01 -20.63 -19.69
C THR B 297 6.47 -21.19 -21.01
N VAL B 298 6.17 -22.49 -21.06
CA VAL B 298 5.67 -23.10 -22.30
C VAL B 298 4.30 -22.52 -22.66
N LYS B 299 4.15 -22.05 -23.90
CA LYS B 299 2.90 -21.40 -24.32
C LYS B 299 1.82 -22.46 -24.57
N PRO B 300 0.61 -22.32 -23.98
CA PRO B 300 -0.50 -23.21 -24.26
C PRO B 300 -0.90 -23.23 -25.74
N VAL B 301 -1.02 -24.40 -26.35
CA VAL B 301 -1.24 -24.54 -27.80
C VAL B 301 -2.72 -24.56 -28.19
N ALA B 302 -3.61 -24.81 -27.24
CA ALA B 302 -5.05 -24.98 -27.42
C ALA B 302 -5.82 -24.46 -26.20
N THR B 303 -7.13 -24.25 -26.38
CA THR B 303 -8.06 -23.78 -25.35
C THR B 303 -9.15 -24.82 -25.12
N VAL B 304 -9.51 -25.07 -23.86
CA VAL B 304 -10.62 -25.96 -23.46
C VAL B 304 -11.62 -25.18 -22.64
N HIS B 305 -12.87 -25.12 -23.06
CA HIS B 305 -13.95 -24.50 -22.30
C HIS B 305 -15.01 -25.53 -21.90
N ARG B 306 -15.47 -25.49 -20.65
CA ARG B 306 -16.59 -26.31 -20.19
C ARG B 306 -17.44 -25.47 -19.25
N ARG B 307 -18.76 -25.60 -19.39
CA ARG B 307 -19.69 -24.87 -18.56
C ARG B 307 -21.08 -25.46 -18.72
N ILE B 308 -21.78 -25.64 -17.60
CA ILE B 308 -23.15 -26.14 -17.67
C ILE B 308 -24.03 -25.14 -18.39
N PRO B 309 -24.83 -25.55 -19.37
CA PRO B 309 -25.62 -24.58 -20.15
C PRO B 309 -26.70 -23.88 -19.35
N ASP B 310 -26.93 -24.26 -18.09
CA ASP B 310 -27.89 -23.61 -17.21
C ASP B 310 -29.31 -23.78 -17.72
N LEU B 311 -29.66 -23.05 -18.78
CA LEU B 311 -30.99 -23.15 -19.36
C LEU B 311 -31.14 -24.44 -20.16
N PRO B 312 -32.33 -25.03 -20.17
CA PRO B 312 -32.55 -26.24 -20.98
C PRO B 312 -32.58 -25.91 -22.47
N ASP B 313 -32.34 -26.94 -23.27
CA ASP B 313 -32.40 -26.78 -24.72
C ASP B 313 -33.82 -26.51 -25.18
N CYS B 314 -33.96 -25.70 -26.23
CA CYS B 314 -35.27 -25.40 -26.77
C CYS B 314 -35.96 -26.63 -27.34
N ASP B 315 -35.18 -27.54 -27.93
CA ASP B 315 -35.72 -28.75 -28.56
C ASP B 315 -36.77 -28.39 -29.61
N ILE B 316 -36.47 -27.37 -30.40
CA ILE B 316 -37.38 -26.95 -31.47
C ILE B 316 -37.52 -28.05 -32.51
N ASP B 317 -36.43 -28.75 -32.80
CA ASP B 317 -36.46 -29.83 -33.78
C ASP B 317 -37.40 -30.95 -33.35
N LYS B 318 -37.41 -31.27 -32.05
CA LYS B 318 -38.26 -32.35 -31.56
C LYS B 318 -39.73 -32.06 -31.82
N TRP B 319 -40.17 -30.81 -31.57
CA TRP B 319 -41.55 -30.45 -31.83
C TRP B 319 -41.81 -30.29 -33.33
N LEU B 320 -40.83 -29.81 -34.12
CA LEU B 320 -40.97 -29.72 -35.58
C LEU B 320 -40.93 -31.12 -36.23
N ASN B 321 -40.19 -32.07 -35.67
CA ASN B 321 -40.13 -33.42 -36.22
C ASN B 321 -41.36 -34.25 -35.88
N ASN B 322 -42.25 -33.75 -35.01
CA ASN B 322 -43.46 -34.45 -34.60
C ASN B 322 -44.32 -34.78 -35.82
N PHE B 323 -44.52 -36.08 -36.05
CA PHE B 323 -45.21 -36.58 -37.22
C PHE B 323 -46.71 -36.22 -37.29
N ASN B 324 -47.36 -35.89 -36.16
CA ASN B 324 -48.76 -35.50 -36.13
C ASN B 324 -48.90 -34.00 -36.42
N VAL B 325 -48.45 -33.60 -37.60
CA VAL B 325 -48.52 -32.21 -38.07
C VAL B 325 -49.98 -31.82 -38.34
N PRO B 326 -50.41 -30.62 -37.91
CA PRO B 326 -51.77 -30.18 -38.13
C PRO B 326 -51.97 -29.57 -39.51
N SER B 327 -53.23 -29.40 -39.86
CA SER B 327 -53.59 -28.70 -41.08
C SER B 327 -53.55 -27.19 -40.84
N PRO B 328 -53.42 -26.40 -41.91
CA PRO B 328 -53.49 -24.94 -41.74
C PRO B 328 -54.80 -24.46 -41.15
N LEU B 329 -55.88 -25.23 -41.31
CA LEU B 329 -57.14 -24.90 -40.67
C LEU B 329 -57.01 -24.94 -39.15
N ASN B 330 -56.29 -25.93 -38.62
CA ASN B 330 -56.12 -26.09 -37.18
C ASN B 330 -54.65 -25.99 -36.81
N TRP B 331 -53.97 -24.97 -37.33
CA TRP B 331 -52.54 -24.81 -37.11
C TRP B 331 -52.20 -24.76 -35.62
N GLU B 332 -51.17 -25.49 -35.24
CA GLU B 332 -50.70 -25.53 -33.86
C GLU B 332 -49.77 -24.36 -33.58
N ARG B 333 -49.73 -23.94 -32.32
CA ARG B 333 -48.87 -22.84 -31.88
C ARG B 333 -48.09 -23.28 -30.66
N LYS B 334 -46.78 -23.10 -30.70
CA LYS B 334 -45.90 -23.37 -29.58
C LYS B 334 -44.98 -22.18 -29.35
N ILE B 335 -44.79 -21.82 -28.08
CA ILE B 335 -43.95 -20.69 -27.70
C ILE B 335 -42.68 -21.24 -27.09
N PHE B 336 -41.54 -20.84 -27.65
CA PHE B 336 -40.23 -21.24 -27.14
C PHE B 336 -39.62 -20.04 -26.41
N SER B 337 -39.69 -20.06 -25.10
CA SER B 337 -39.20 -18.97 -24.27
C SER B 337 -38.21 -19.51 -23.24
N ASN B 338 -37.12 -18.75 -23.03
CA ASN B 338 -36.13 -19.04 -21.99
C ASN B 338 -35.53 -20.44 -22.19
N CYS B 339 -34.84 -20.61 -23.31
CA CYS B 339 -34.17 -21.87 -23.61
C CYS B 339 -33.01 -21.59 -24.55
N ASN B 340 -32.16 -22.60 -24.71
CA ASN B 340 -31.01 -22.53 -25.59
C ASN B 340 -31.27 -23.31 -26.87
N PHE B 341 -30.86 -22.75 -28.01
CA PHE B 341 -31.06 -23.34 -29.33
C PHE B 341 -29.87 -23.09 -30.22
N ASN B 342 -29.75 -23.93 -31.25
CA ASN B 342 -28.75 -23.75 -32.30
C ASN B 342 -29.42 -24.00 -33.63
N LEU B 343 -29.68 -22.91 -34.38
CA LEU B 343 -30.35 -22.98 -35.68
C LEU B 343 -29.53 -23.81 -36.66
N SER B 344 -28.21 -23.82 -36.53
CA SER B 344 -27.34 -24.57 -37.43
C SER B 344 -27.63 -26.06 -37.33
N THR B 345 -27.77 -26.57 -36.10
CA THR B 345 -28.16 -27.97 -35.92
C THR B 345 -29.65 -28.17 -36.17
N LEU B 346 -30.47 -27.17 -35.86
CA LEU B 346 -31.91 -27.29 -36.06
C LEU B 346 -32.26 -27.52 -37.52
N LEU B 347 -31.64 -26.76 -38.42
CA LEU B 347 -31.90 -26.85 -39.86
C LEU B 347 -31.56 -28.26 -40.37
N ARG B 348 -30.43 -28.85 -39.94
CA ARG B 348 -30.07 -30.19 -40.37
C ARG B 348 -30.95 -31.25 -39.71
N LEU B 349 -31.49 -30.95 -38.53
CA LEU B 349 -32.36 -31.90 -37.85
C LEU B 349 -33.79 -31.88 -38.37
N VAL B 350 -34.24 -30.80 -39.02
CA VAL B 350 -35.59 -30.76 -39.61
C VAL B 350 -35.62 -31.06 -41.10
N HIS B 351 -34.47 -31.16 -41.78
CA HIS B 351 -34.37 -31.25 -43.25
C HIS B 351 -35.05 -30.04 -43.91
N THR B 352 -34.49 -28.85 -43.67
CA THR B 352 -35.08 -27.63 -44.20
C THR B 352 -35.02 -27.60 -45.72
N ASP B 353 -36.03 -27.05 -46.37
CA ASP B 353 -36.09 -26.80 -47.81
C ASP B 353 -35.69 -25.36 -48.15
N SER B 354 -36.10 -24.37 -47.33
CA SER B 354 -35.72 -22.98 -47.55
C SER B 354 -35.95 -22.20 -46.26
N PHE B 355 -35.09 -21.23 -45.98
CA PHE B 355 -35.22 -20.33 -44.83
C PHE B 355 -35.13 -18.88 -45.28
N SER B 356 -36.06 -18.05 -44.82
CA SER B 356 -36.16 -16.63 -45.18
C SER B 356 -36.68 -15.81 -44.00
N CYS B 357 -36.42 -14.51 -43.97
CA CYS B 357 -36.85 -13.64 -42.89
C CYS B 357 -37.45 -12.31 -43.41
N ASN B 358 -38.34 -11.76 -42.60
CA ASN B 358 -39.08 -10.52 -42.81
C ASN B 358 -38.82 -9.55 -41.63
N ASN B 359 -38.47 -8.31 -41.94
CA ASN B 359 -37.99 -7.30 -40.96
C ASN B 359 -36.72 -7.73 -40.17
N PHE B 360 -36.01 -8.75 -40.64
CA PHE B 360 -34.90 -9.42 -39.94
C PHE B 360 -34.01 -10.19 -40.94
N ASP B 361 -32.83 -10.65 -40.52
CA ASP B 361 -31.90 -11.42 -41.36
C ASP B 361 -31.42 -12.70 -40.66
N GLU B 362 -31.33 -13.82 -41.40
CA GLU B 362 -30.89 -15.11 -40.87
C GLU B 362 -29.48 -15.05 -40.24
N SER B 363 -28.57 -14.24 -40.79
CA SER B 363 -27.23 -14.07 -40.22
C SER B 363 -27.25 -13.43 -38.82
N LYS B 364 -28.28 -12.63 -38.50
CA LYS B 364 -28.46 -11.99 -37.20
C LYS B 364 -29.19 -12.87 -36.19
N ILE B 365 -29.62 -14.08 -36.58
CA ILE B 365 -30.17 -15.06 -35.63
C ILE B 365 -29.05 -15.69 -34.79
N TYR B 366 -27.91 -16.02 -35.41
CA TYR B 366 -26.76 -16.64 -34.73
C TYR B 366 -26.27 -15.79 -33.55
N GLY B 367 -26.15 -16.40 -32.35
CA GLY B 367 -25.62 -15.72 -31.16
C GLY B 367 -26.57 -14.74 -30.48
N SER B 368 -27.70 -14.39 -31.10
CA SER B 368 -28.67 -13.42 -30.59
C SER B 368 -29.63 -14.03 -29.56
N CYS B 369 -30.26 -13.20 -28.72
CA CYS B 369 -31.19 -13.63 -27.70
C CYS B 369 -32.53 -12.94 -27.90
N PHE B 370 -33.61 -13.69 -27.74
CA PHE B 370 -34.97 -13.22 -27.95
C PHE B 370 -35.78 -13.40 -26.67
N LYS B 371 -36.77 -12.52 -26.45
CA LYS B 371 -37.65 -12.65 -25.29
C LYS B 371 -38.44 -13.94 -25.35
N SER B 372 -38.98 -14.26 -26.53
CA SER B 372 -39.72 -15.50 -26.73
C SER B 372 -39.74 -15.81 -28.21
N ILE B 373 -39.97 -17.09 -28.54
CA ILE B 373 -40.07 -17.55 -29.92
C ILE B 373 -41.41 -18.24 -30.07
N VAL B 374 -42.26 -17.72 -30.94
CA VAL B 374 -43.57 -18.28 -31.23
C VAL B 374 -43.48 -19.00 -32.57
N LEU B 375 -43.82 -20.29 -32.57
CA LEU B 375 -43.68 -21.14 -33.75
C LEU B 375 -45.03 -21.73 -34.11
N ASP B 376 -45.47 -21.48 -35.35
CA ASP B 376 -46.69 -22.07 -35.89
C ASP B 376 -46.33 -22.89 -37.12
N LYS B 377 -46.72 -24.18 -37.10
CA LYS B 377 -46.42 -25.16 -38.15
C LYS B 377 -47.68 -25.81 -38.68
N PHE B 378 -47.66 -26.17 -39.96
CA PHE B 378 -48.71 -26.98 -40.58
C PHE B 378 -48.20 -27.61 -41.88
N ALA B 379 -48.83 -28.68 -42.32
CA ALA B 379 -48.54 -29.30 -43.60
C ALA B 379 -48.87 -28.36 -44.78
N ILE B 380 -48.07 -28.43 -45.83
CA ILE B 380 -48.25 -27.63 -47.04
C ILE B 380 -49.13 -28.41 -48.05
N PRO B 381 -50.34 -27.92 -48.40
CA PRO B 381 -51.06 -28.38 -49.58
C PRO B 381 -50.30 -28.06 -50.89
N ASN B 382 -49.99 -29.05 -51.71
CA ASN B 382 -49.16 -28.90 -52.92
C ASN B 382 -49.69 -27.87 -53.94
N SER B 383 -51.01 -27.78 -54.10
CA SER B 383 -51.74 -26.86 -54.98
C SER B 383 -51.74 -25.43 -54.45
N ARG B 384 -51.85 -25.26 -53.12
CA ARG B 384 -51.87 -23.95 -52.46
C ARG B 384 -50.49 -23.49 -51.98
N ARG B 385 -49.40 -24.08 -52.51
CA ARG B 385 -48.02 -23.74 -52.13
C ARG B 385 -47.75 -22.23 -52.19
N SER B 386 -48.25 -21.55 -53.22
CA SER B 386 -47.97 -20.13 -53.44
C SER B 386 -48.71 -19.23 -52.45
N ASP B 387 -49.71 -19.77 -51.75
CA ASP B 387 -50.49 -18.95 -50.81
C ASP B 387 -49.67 -18.54 -49.59
N LEU B 388 -48.56 -19.23 -49.31
CA LEU B 388 -47.76 -18.95 -48.13
C LEU B 388 -46.81 -17.78 -48.31
N GLN B 389 -46.70 -17.23 -49.52
CA GLN B 389 -45.81 -16.11 -49.77
C GLN B 389 -46.33 -14.85 -49.08
N LEU B 390 -45.39 -14.01 -48.64
CA LEU B 390 -45.76 -12.77 -47.96
C LEU B 390 -46.48 -11.83 -48.92
N GLY B 391 -47.58 -11.25 -48.45
CA GLY B 391 -48.37 -10.34 -49.26
C GLY B 391 -49.34 -11.01 -50.21
N SER B 392 -49.40 -12.34 -50.23
CA SER B 392 -50.31 -13.04 -51.13
C SER B 392 -51.70 -13.12 -50.53
N SER B 393 -52.71 -13.01 -51.38
CA SER B 393 -54.11 -13.07 -50.98
C SER B 393 -54.72 -14.44 -51.26
N GLY B 394 -53.95 -15.51 -51.13
CA GLY B 394 -54.44 -16.84 -51.41
C GLY B 394 -55.38 -17.34 -50.34
N PHE B 395 -55.88 -18.57 -50.56
CA PHE B 395 -56.84 -19.15 -49.64
C PHE B 395 -56.24 -19.35 -48.25
N LEU B 396 -54.98 -19.80 -48.20
CA LEU B 396 -54.36 -20.08 -46.90
C LEU B 396 -54.24 -18.81 -46.06
N GLN B 397 -53.70 -17.73 -46.63
CA GLN B 397 -53.55 -16.51 -45.86
C GLN B 397 -54.89 -15.86 -45.54
N SER B 398 -55.88 -16.05 -46.42
CA SER B 398 -57.17 -15.40 -46.23
C SER B 398 -58.09 -16.14 -45.26
N SER B 399 -57.93 -17.44 -45.09
CA SER B 399 -58.89 -18.20 -44.30
C SER B 399 -58.29 -19.20 -43.32
N ASN B 400 -57.00 -19.54 -43.40
CA ASN B 400 -56.41 -20.57 -42.55
C ASN B 400 -55.39 -19.98 -41.58
N TYR B 401 -54.39 -19.27 -42.08
CA TYR B 401 -53.36 -18.69 -41.22
C TYR B 401 -52.77 -17.49 -41.93
N LYS B 402 -52.84 -16.32 -41.29
CA LYS B 402 -52.32 -15.07 -41.85
C LYS B 402 -50.97 -14.77 -41.19
N ILE B 403 -49.95 -14.58 -42.03
CA ILE B 403 -48.61 -14.26 -41.55
C ILE B 403 -48.48 -12.75 -41.43
N ASP B 404 -48.07 -12.28 -40.25
CA ASP B 404 -47.94 -10.85 -39.99
C ASP B 404 -46.63 -10.35 -40.60
N THR B 405 -46.72 -9.49 -41.61
CA THR B 405 -45.58 -8.79 -42.24
C THR B 405 -45.16 -7.51 -41.50
N THR B 406 -45.90 -7.09 -40.47
CA THR B 406 -45.59 -5.85 -39.72
C THR B 406 -44.61 -6.09 -38.56
N SER B 407 -44.45 -7.35 -38.15
CA SER B 407 -43.59 -7.77 -37.05
C SER B 407 -42.50 -8.71 -37.54
N SER B 408 -41.31 -8.63 -36.94
CA SER B 408 -40.17 -9.45 -37.34
C SER B 408 -40.50 -10.95 -37.31
N SER B 409 -40.42 -11.57 -38.49
CA SER B 409 -40.88 -12.94 -38.75
C SER B 409 -39.86 -13.70 -39.61
N CYS B 410 -39.80 -15.03 -39.54
CA CYS B 410 -38.94 -15.83 -40.42
C CYS B 410 -39.63 -17.11 -40.91
N GLN B 411 -39.75 -17.28 -42.21
CA GLN B 411 -40.48 -18.36 -42.84
C GLN B 411 -39.53 -19.51 -43.10
N LEU B 412 -39.85 -20.71 -42.62
CA LEU B 412 -39.05 -21.91 -42.75
C LEU B 412 -39.89 -22.99 -43.40
N TYR B 413 -39.37 -23.60 -44.45
CA TYR B 413 -39.99 -24.74 -45.11
C TYR B 413 -39.11 -25.96 -44.87
N TYR B 414 -39.70 -27.13 -44.63
CA TYR B 414 -38.97 -28.37 -44.34
C TYR B 414 -39.80 -29.61 -44.73
N SER B 415 -39.17 -30.78 -44.80
CA SER B 415 -39.87 -31.99 -45.23
C SER B 415 -39.55 -33.20 -44.35
N LEU B 416 -40.58 -34.01 -44.08
CA LEU B 416 -40.48 -35.23 -43.25
C LEU B 416 -41.00 -36.46 -44.02
N PRO B 417 -40.51 -37.67 -43.73
CA PRO B 417 -40.89 -38.88 -44.45
C PRO B 417 -42.40 -39.20 -44.37
N ALA B 418 -43.02 -39.40 -45.54
CA ALA B 418 -44.48 -39.61 -45.65
C ALA B 418 -44.97 -40.92 -45.00
N ILE B 419 -44.08 -41.88 -44.76
CA ILE B 419 -44.41 -43.13 -44.09
C ILE B 419 -44.72 -42.95 -42.59
N ASN B 420 -44.32 -41.82 -41.95
CA ASN B 420 -44.60 -41.59 -40.54
C ASN B 420 -45.52 -40.42 -40.27
N VAL B 421 -45.49 -39.40 -41.12
CA VAL B 421 -46.27 -38.17 -40.95
C VAL B 421 -47.76 -38.46 -41.16
N THR B 422 -48.61 -38.08 -40.21
CA THR B 422 -50.06 -38.13 -40.35
C THR B 422 -50.63 -36.74 -40.15
N ILE B 423 -51.55 -36.33 -41.02
CA ILE B 423 -52.14 -34.99 -40.96
C ILE B 423 -53.26 -34.96 -39.93
N ASN B 424 -53.20 -34.02 -38.99
CA ASN B 424 -54.21 -33.85 -37.95
C ASN B 424 -55.24 -32.84 -38.44
N ASN B 425 -56.20 -33.33 -39.22
CA ASN B 425 -57.26 -32.49 -39.75
C ASN B 425 -58.34 -32.27 -38.69
N TYR B 426 -58.61 -31.01 -38.36
CA TYR B 426 -59.59 -30.69 -37.34
C TYR B 426 -60.14 -29.30 -37.62
N ASN B 427 -61.42 -29.11 -37.28
CA ASN B 427 -62.08 -27.83 -37.50
C ASN B 427 -62.15 -27.07 -36.19
N PRO B 428 -61.43 -25.96 -36.03
CA PRO B 428 -61.47 -25.21 -34.77
C PRO B 428 -62.67 -24.30 -34.60
N SER B 429 -63.58 -24.27 -35.57
CA SER B 429 -64.74 -23.40 -35.48
C SER B 429 -65.71 -23.90 -34.42
N SER B 430 -66.02 -23.04 -33.46
CA SER B 430 -66.90 -23.43 -32.36
C SER B 430 -68.35 -23.53 -32.81
N TRP B 431 -68.82 -22.56 -33.59
CA TRP B 431 -70.21 -22.58 -34.03
C TRP B 431 -70.47 -23.68 -35.05
N ASN B 432 -69.49 -23.99 -35.88
CA ASN B 432 -69.61 -25.15 -36.78
C ASN B 432 -69.73 -26.44 -35.98
N ARG B 433 -68.91 -26.59 -34.94
CA ARG B 433 -68.99 -27.77 -34.08
C ARG B 433 -70.34 -27.84 -33.38
N ARG B 434 -70.88 -26.70 -32.96
CA ARG B 434 -72.18 -26.68 -32.31
C ARG B 434 -73.29 -27.15 -33.23
N TYR B 435 -73.20 -26.85 -34.52
CA TYR B 435 -74.30 -27.09 -35.46
C TYR B 435 -74.07 -28.34 -36.31
N GLY B 436 -73.51 -29.40 -35.74
CA GLY B 436 -73.48 -30.70 -36.37
C GLY B 436 -72.16 -31.13 -36.97
N PHE B 437 -71.21 -30.22 -37.15
CA PHE B 437 -69.91 -30.60 -37.70
C PHE B 437 -69.13 -31.41 -36.68
N ASN B 438 -68.81 -32.66 -37.02
CA ASN B 438 -68.10 -33.56 -36.13
C ASN B 438 -66.62 -33.64 -36.46
N ASN B 439 -66.29 -34.05 -37.68
CA ASN B 439 -64.90 -34.23 -38.10
C ASN B 439 -64.89 -34.44 -39.61
N PHE B 440 -63.69 -34.66 -40.15
CA PHE B 440 -63.50 -34.98 -41.56
C PHE B 440 -63.30 -36.48 -41.73
N ASN B 441 -63.40 -36.92 -42.99
CA ASN B 441 -63.15 -38.32 -43.36
C ASN B 441 -62.36 -38.30 -44.67
N LEU B 442 -61.03 -38.30 -44.57
CA LEU B 442 -60.09 -38.23 -45.69
C LEU B 442 -58.89 -39.15 -45.45
N SER B 443 -58.05 -39.31 -46.48
CA SER B 443 -56.80 -40.07 -46.41
C SER B 443 -55.82 -39.50 -45.37
N SER B 444 -54.82 -40.31 -44.99
CA SER B 444 -53.81 -39.96 -44.00
C SER B 444 -53.00 -38.73 -44.43
N HIS B 445 -52.58 -38.68 -45.71
CA HIS B 445 -51.78 -37.59 -46.29
C HIS B 445 -52.61 -36.39 -46.76
N SER B 446 -53.94 -36.48 -46.68
CA SER B 446 -54.84 -35.40 -47.06
C SER B 446 -54.73 -34.23 -46.07
N VAL B 447 -54.50 -33.02 -46.58
CA VAL B 447 -54.45 -31.79 -45.80
C VAL B 447 -55.65 -30.92 -46.16
N VAL B 448 -56.51 -30.64 -45.18
CA VAL B 448 -57.65 -29.73 -45.39
C VAL B 448 -57.21 -28.27 -45.31
N TYR B 449 -57.90 -27.38 -46.03
CA TYR B 449 -57.74 -25.94 -45.88
C TYR B 449 -59.07 -25.23 -46.14
N SER B 450 -59.28 -24.09 -45.48
CA SER B 450 -60.51 -23.32 -45.64
C SER B 450 -60.37 -22.35 -46.78
N ARG B 451 -61.38 -22.32 -47.67
CA ARG B 451 -61.42 -21.35 -48.75
C ARG B 451 -62.11 -20.06 -48.33
N TYR B 452 -63.25 -20.17 -47.65
CA TYR B 452 -63.97 -19.02 -47.13
C TYR B 452 -64.40 -19.31 -45.70
N CYS B 453 -64.22 -18.32 -44.82
CA CYS B 453 -64.58 -18.44 -43.41
C CYS B 453 -65.67 -17.43 -43.09
N PHE B 454 -66.71 -17.87 -42.41
CA PHE B 454 -67.85 -17.05 -42.07
C PHE B 454 -67.91 -16.83 -40.57
N SER B 455 -68.06 -15.57 -40.15
CA SER B 455 -68.17 -15.21 -38.74
C SER B 455 -69.64 -14.92 -38.43
N VAL B 456 -70.13 -15.52 -37.35
CA VAL B 456 -71.53 -15.37 -36.96
C VAL B 456 -71.59 -14.91 -35.51
N ASN B 457 -72.73 -14.30 -35.16
CA ASN B 457 -72.95 -13.84 -33.81
C ASN B 457 -73.37 -15.00 -32.91
N ASN B 458 -73.38 -14.75 -31.60
CA ASN B 458 -73.79 -15.77 -30.65
C ASN B 458 -75.27 -16.11 -30.76
N THR B 459 -76.07 -15.23 -31.36
CA THR B 459 -77.49 -15.46 -31.54
C THR B 459 -77.84 -16.10 -32.88
N PHE B 460 -76.84 -16.42 -33.70
CA PHE B 460 -77.10 -17.05 -34.99
C PHE B 460 -77.52 -18.50 -34.81
N CYS B 461 -78.46 -18.94 -35.64
CA CYS B 461 -78.89 -20.33 -35.67
C CYS B 461 -79.42 -20.62 -37.06
N PRO B 462 -78.90 -21.64 -37.74
CA PRO B 462 -79.31 -21.91 -39.12
C PRO B 462 -80.62 -22.67 -39.25
N CYS B 463 -81.24 -23.07 -38.15
CA CYS B 463 -82.47 -23.84 -38.18
C CYS B 463 -83.68 -22.91 -38.11
N ALA B 464 -84.62 -23.09 -39.03
CA ALA B 464 -85.81 -22.27 -39.05
C ALA B 464 -86.78 -22.68 -37.94
N LYS B 465 -87.72 -21.79 -37.65
CA LYS B 465 -88.70 -22.06 -36.61
C LYS B 465 -89.65 -23.16 -37.07
N PRO B 466 -89.92 -24.17 -36.22
CA PRO B 466 -90.87 -25.22 -36.62
C PRO B 466 -92.26 -24.69 -36.96
N SER B 467 -92.73 -23.67 -36.22
CA SER B 467 -94.03 -23.09 -36.51
C SER B 467 -94.05 -22.43 -37.89
N PHE B 468 -92.98 -21.70 -38.22
CA PHE B 468 -92.91 -21.06 -39.53
C PHE B 468 -92.88 -22.10 -40.65
N ALA B 469 -92.10 -23.16 -40.46
CA ALA B 469 -92.04 -24.22 -41.47
C ALA B 469 -93.38 -24.91 -41.63
N SER B 470 -94.09 -25.15 -40.51
CA SER B 470 -95.42 -25.73 -40.58
C SER B 470 -96.38 -24.82 -41.33
N SER B 471 -96.26 -23.50 -41.10
CA SER B 471 -97.08 -22.55 -41.86
C SER B 471 -96.73 -22.57 -43.34
N CYS B 472 -95.48 -22.86 -43.69
CA CYS B 472 -95.09 -22.93 -45.09
C CYS B 472 -95.72 -24.13 -45.77
N LYS B 473 -96.02 -23.96 -47.06
CA LYS B 473 -96.51 -25.05 -47.89
C LYS B 473 -95.77 -25.20 -49.21
N SER B 474 -95.11 -24.16 -49.69
CA SER B 474 -94.30 -24.23 -50.91
C SER B 474 -92.89 -23.77 -50.57
N HIS B 475 -91.90 -24.55 -50.98
CA HIS B 475 -90.49 -24.28 -50.66
C HIS B 475 -90.30 -24.15 -49.15
N LYS B 476 -90.77 -25.16 -48.42
CA LYS B 476 -90.71 -25.13 -46.97
C LYS B 476 -89.27 -25.31 -46.50
N PRO B 477 -88.70 -24.37 -45.75
CA PRO B 477 -87.34 -24.55 -45.26
C PRO B 477 -87.31 -25.59 -44.15
N PRO B 478 -86.19 -26.29 -43.99
CA PRO B 478 -86.08 -27.23 -42.87
C PRO B 478 -86.08 -26.50 -41.54
N SER B 479 -86.61 -27.18 -40.51
CA SER B 479 -86.77 -26.58 -39.20
C SER B 479 -86.24 -27.52 -38.12
N ALA B 480 -85.76 -26.93 -37.03
CA ALA B 480 -85.30 -27.66 -35.87
C ALA B 480 -85.29 -26.72 -34.67
N SER B 481 -85.27 -27.32 -33.48
CA SER B 481 -85.28 -26.52 -32.25
C SER B 481 -83.91 -25.88 -32.05
N CYS B 482 -83.86 -24.56 -32.20
CA CYS B 482 -82.62 -23.83 -32.03
C CYS B 482 -82.23 -23.77 -30.56
N PRO B 483 -80.94 -23.60 -30.27
CA PRO B 483 -80.51 -23.43 -28.88
C PRO B 483 -81.11 -22.15 -28.29
N ILE B 484 -81.32 -22.18 -26.98
CA ILE B 484 -81.95 -21.06 -26.30
C ILE B 484 -81.08 -19.82 -26.42
N GLY B 485 -81.72 -18.69 -26.71
CA GLY B 485 -81.02 -17.43 -26.89
C GLY B 485 -80.47 -17.19 -28.28
N THR B 486 -80.78 -18.04 -29.25
CA THR B 486 -80.30 -17.89 -30.61
C THR B 486 -81.48 -17.65 -31.54
N ASN B 487 -81.35 -16.63 -32.40
CA ASN B 487 -82.39 -16.32 -33.36
C ASN B 487 -82.45 -17.38 -34.45
N TYR B 488 -83.67 -17.73 -34.84
CA TYR B 488 -83.87 -18.77 -35.85
C TYR B 488 -83.44 -18.28 -37.23
N ARG B 489 -83.48 -19.18 -38.20
CA ARG B 489 -83.12 -18.84 -39.57
C ARG B 489 -84.08 -17.79 -40.12
N SER B 490 -83.52 -16.76 -40.76
CA SER B 490 -84.33 -15.66 -41.27
C SER B 490 -85.10 -16.11 -42.50
N CYS B 491 -86.43 -16.03 -42.42
CA CYS B 491 -87.30 -16.42 -43.52
C CYS B 491 -88.50 -15.50 -43.57
N GLU B 492 -89.10 -15.39 -44.75
CA GLU B 492 -90.25 -14.53 -44.98
C GLU B 492 -91.30 -15.28 -45.79
N SER B 493 -92.55 -14.86 -45.65
CA SER B 493 -93.68 -15.45 -46.37
C SER B 493 -94.21 -14.43 -47.37
N THR B 494 -94.29 -14.84 -48.63
CA THR B 494 -94.79 -13.97 -49.70
C THR B 494 -95.68 -14.77 -50.62
N THR B 495 -96.80 -14.17 -51.04
CA THR B 495 -97.73 -14.82 -51.95
C THR B 495 -97.17 -14.77 -53.37
N VAL B 496 -96.70 -15.92 -53.85
CA VAL B 496 -96.08 -16.03 -55.17
C VAL B 496 -96.76 -17.14 -55.94
N LEU B 497 -97.18 -16.84 -57.17
CA LEU B 497 -97.80 -17.80 -58.08
C LEU B 497 -99.03 -18.45 -57.45
N ASP B 498 -99.97 -17.59 -57.07
CA ASP B 498 -101.28 -17.93 -56.50
C ASP B 498 -101.18 -18.63 -55.16
N HIS B 499 -99.98 -18.84 -54.61
CA HIS B 499 -99.85 -19.45 -53.31
C HIS B 499 -100.10 -18.42 -52.21
N THR B 500 -100.45 -18.92 -51.02
CA THR B 500 -100.71 -18.06 -49.88
C THR B 500 -99.65 -18.15 -48.79
N ASP B 501 -98.82 -19.19 -48.79
CA ASP B 501 -97.80 -19.38 -47.76
C ASP B 501 -96.47 -19.79 -48.37
N TRP B 502 -96.17 -19.28 -49.56
CA TRP B 502 -94.86 -19.50 -50.15
C TRP B 502 -93.82 -18.76 -49.35
N CYS B 503 -92.72 -19.43 -49.03
CA CYS B 503 -91.75 -18.94 -48.07
C CYS B 503 -90.40 -18.71 -48.73
N ARG B 504 -89.81 -17.54 -48.48
CA ARG B 504 -88.47 -17.20 -48.93
C ARG B 504 -87.56 -17.01 -47.72
N CYS B 505 -86.31 -17.42 -47.87
CA CYS B 505 -85.34 -17.37 -46.78
C CYS B 505 -84.06 -16.70 -47.25
N SER B 506 -83.23 -16.31 -46.29
CA SER B 506 -81.96 -15.68 -46.58
C SER B 506 -80.88 -16.73 -46.83
N CYS B 507 -79.68 -16.27 -47.17
CA CYS B 507 -78.54 -17.14 -47.44
C CYS B 507 -78.87 -18.16 -48.54
N LEU B 508 -79.57 -17.70 -49.57
CA LEU B 508 -79.97 -18.57 -50.66
C LEU B 508 -79.15 -18.29 -51.91
N PRO B 509 -78.70 -19.34 -52.63
CA PRO B 509 -78.87 -20.76 -52.34
C PRO B 509 -77.95 -21.22 -51.21
N ASP B 510 -76.74 -20.66 -51.15
CA ASP B 510 -75.78 -20.94 -50.10
C ASP B 510 -75.20 -19.63 -49.58
N PRO B 511 -74.76 -19.60 -48.32
CA PRO B 511 -74.22 -18.36 -47.77
C PRO B 511 -73.01 -17.82 -48.52
N ILE B 512 -72.19 -18.70 -49.09
CA ILE B 512 -71.02 -18.24 -49.85
C ILE B 512 -71.45 -17.46 -51.08
N THR B 513 -72.43 -17.99 -51.82
CA THR B 513 -72.94 -17.35 -53.03
C THR B 513 -74.35 -16.79 -52.82
N ALA B 514 -74.59 -16.22 -51.64
CA ALA B 514 -75.89 -15.63 -51.35
C ALA B 514 -76.13 -14.42 -52.22
N TYR B 515 -77.39 -14.22 -52.63
CA TYR B 515 -77.74 -13.09 -53.47
C TYR B 515 -77.54 -11.75 -52.76
N ASP B 516 -77.59 -11.74 -51.43
CA ASP B 516 -77.38 -10.52 -50.67
C ASP B 516 -76.78 -10.84 -49.31
N PRO B 517 -75.51 -10.54 -49.08
CA PRO B 517 -74.89 -10.84 -47.78
C PRO B 517 -75.50 -10.09 -46.61
N ARG B 518 -76.21 -8.98 -46.88
CA ARG B 518 -76.80 -8.19 -45.79
C ARG B 518 -77.83 -9.00 -45.02
N SER B 519 -78.70 -9.72 -45.72
CA SER B 519 -79.72 -10.52 -45.06
C SER B 519 -79.15 -11.79 -44.45
N CYS B 520 -78.10 -12.35 -45.05
CA CYS B 520 -77.51 -13.58 -44.53
C CYS B 520 -76.85 -13.31 -43.19
N SER B 521 -77.05 -14.23 -42.25
CA SER B 521 -76.48 -14.10 -40.92
C SER B 521 -75.01 -14.49 -40.85
N GLN B 522 -74.48 -15.11 -41.90
CA GLN B 522 -73.06 -15.48 -41.96
C GLN B 522 -72.31 -14.38 -42.71
N LYS B 523 -71.33 -13.77 -42.05
CA LYS B 523 -70.59 -12.65 -42.59
C LYS B 523 -69.19 -13.10 -42.98
N LYS B 524 -68.78 -12.78 -44.20
CA LYS B 524 -67.42 -13.08 -44.65
C LYS B 524 -66.43 -12.18 -43.94
N SER B 525 -65.37 -12.79 -43.39
CA SER B 525 -64.35 -12.04 -42.66
C SER B 525 -63.01 -12.75 -42.78
N LEU B 526 -61.99 -12.00 -43.17
CA LEU B 526 -60.65 -12.56 -43.26
C LEU B 526 -60.12 -12.92 -41.86
N VAL B 527 -59.32 -13.98 -41.81
CA VAL B 527 -58.75 -14.42 -40.53
C VAL B 527 -57.70 -13.41 -40.08
N GLY B 528 -57.75 -13.06 -38.79
CA GLY B 528 -56.78 -12.14 -38.24
C GLY B 528 -55.44 -12.80 -37.99
N VAL B 529 -54.48 -11.99 -37.57
CA VAL B 529 -53.14 -12.49 -37.28
C VAL B 529 -53.20 -13.36 -36.03
N GLY B 530 -52.73 -14.59 -36.15
CA GLY B 530 -52.77 -15.52 -35.02
C GLY B 530 -54.15 -16.04 -34.69
N GLU B 531 -55.08 -16.01 -35.62
CA GLU B 531 -56.44 -16.47 -35.40
C GLU B 531 -56.77 -17.58 -36.39
N HIS B 532 -57.59 -18.54 -35.94
CA HIS B 532 -58.01 -19.65 -36.78
C HIS B 532 -59.20 -19.22 -37.64
N CYS B 533 -59.77 -20.17 -38.36
CA CYS B 533 -60.90 -19.86 -39.25
C CYS B 533 -62.14 -19.51 -38.44
N ALA B 534 -62.89 -18.52 -38.95
CA ALA B 534 -64.14 -18.13 -38.30
C ALA B 534 -65.16 -19.26 -38.36
N GLY B 535 -65.26 -19.93 -39.51
CA GLY B 535 -66.20 -21.02 -39.66
C GLY B 535 -66.59 -21.30 -41.08
N PHE B 536 -66.81 -22.57 -41.41
CA PHE B 536 -67.20 -22.96 -42.76
C PHE B 536 -68.59 -22.45 -43.09
N GLY B 537 -68.82 -22.18 -44.38
CA GLY B 537 -70.13 -21.81 -44.85
C GLY B 537 -71.09 -22.97 -44.79
N VAL B 538 -72.04 -22.92 -43.85
CA VAL B 538 -72.97 -24.02 -43.64
C VAL B 538 -74.22 -23.79 -44.47
N ASP B 539 -74.64 -24.82 -45.22
CA ASP B 539 -75.86 -24.75 -46.00
C ASP B 539 -77.05 -24.86 -45.05
N GLU B 540 -77.71 -23.73 -44.80
CA GLU B 540 -78.84 -23.71 -43.88
C GLU B 540 -80.06 -24.45 -44.42
N GLU B 541 -80.07 -24.81 -45.72
CA GLU B 541 -81.15 -25.60 -46.28
C GLU B 541 -81.03 -27.08 -45.97
N LYS B 542 -79.92 -27.51 -45.37
CA LYS B 542 -79.73 -28.89 -44.96
C LYS B 542 -79.73 -29.09 -43.45
N CYS B 543 -79.82 -28.00 -42.69
CA CYS B 543 -79.83 -28.10 -41.23
C CYS B 543 -81.17 -28.62 -40.74
N GLY B 544 -81.13 -29.65 -39.91
CA GLY B 544 -82.35 -30.26 -39.44
C GLY B 544 -83.03 -31.09 -40.53
N VAL B 545 -84.31 -31.35 -40.29
CA VAL B 545 -85.14 -32.09 -41.24
C VAL B 545 -86.26 -31.19 -41.72
N LEU B 546 -87.03 -31.70 -42.70
CA LEU B 546 -88.07 -30.88 -43.34
C LEU B 546 -89.15 -30.47 -42.34
N ASP B 547 -89.58 -31.40 -41.49
CA ASP B 547 -90.65 -31.17 -40.54
C ASP B 547 -90.18 -31.35 -39.11
N GLY B 548 -88.99 -30.82 -38.80
CA GLY B 548 -88.45 -30.94 -37.46
C GLY B 548 -89.23 -30.09 -36.49
N SER B 549 -89.72 -30.70 -35.41
CA SER B 549 -90.43 -29.99 -34.37
C SER B 549 -89.44 -29.52 -33.31
N TYR B 550 -89.94 -29.06 -32.16
CA TYR B 550 -89.09 -28.61 -31.07
C TYR B 550 -88.43 -29.75 -30.31
N ASN B 551 -88.78 -31.00 -30.61
CA ASN B 551 -88.23 -32.14 -29.89
C ASN B 551 -86.90 -32.62 -30.44
N VAL B 552 -86.44 -32.07 -31.56
CA VAL B 552 -85.17 -32.46 -32.17
C VAL B 552 -84.22 -31.27 -32.10
N SER B 553 -82.96 -31.54 -31.78
CA SER B 553 -81.98 -30.47 -31.65
C SER B 553 -81.58 -29.93 -33.03
N CYS B 554 -81.16 -28.68 -33.05
CA CYS B 554 -80.71 -28.05 -34.28
C CYS B 554 -79.32 -28.56 -34.65
N LEU B 555 -79.20 -29.10 -35.86
CA LEU B 555 -77.92 -29.60 -36.34
C LEU B 555 -77.95 -29.60 -37.87
N CYS B 556 -76.77 -29.65 -38.47
CA CYS B 556 -76.62 -29.64 -39.92
C CYS B 556 -75.77 -30.82 -40.36
N SER B 557 -76.04 -31.29 -41.56
CA SER B 557 -75.31 -32.43 -42.11
C SER B 557 -73.87 -32.03 -42.45
N THR B 558 -73.02 -33.04 -42.62
CA THR B 558 -71.61 -32.79 -42.90
C THR B 558 -71.43 -32.09 -44.24
N ASP B 559 -72.18 -32.50 -45.26
CA ASP B 559 -72.04 -31.89 -46.58
C ASP B 559 -72.60 -30.47 -46.63
N ALA B 560 -73.32 -30.02 -45.61
CA ALA B 560 -73.84 -28.66 -45.61
C ALA B 560 -72.73 -27.65 -45.41
N PHE B 561 -71.63 -28.03 -44.77
CA PHE B 561 -70.53 -27.12 -44.48
C PHE B 561 -69.66 -27.01 -45.72
N LEU B 562 -69.76 -25.88 -46.41
CA LEU B 562 -69.00 -25.62 -47.62
C LEU B 562 -67.84 -24.67 -47.32
N GLY B 563 -67.15 -24.23 -48.36
CA GLY B 563 -66.04 -23.31 -48.20
C GLY B 563 -64.72 -23.95 -47.81
N TRP B 564 -64.59 -25.27 -47.87
CA TRP B 564 -63.35 -25.98 -47.57
C TRP B 564 -62.94 -26.82 -48.78
N SER B 565 -61.65 -27.09 -48.89
CA SER B 565 -61.07 -27.98 -49.89
C SER B 565 -59.95 -28.78 -49.23
N TYR B 566 -59.41 -29.78 -49.92
CA TYR B 566 -58.25 -30.52 -49.44
C TYR B 566 -57.26 -30.76 -50.57
N ASP B 567 -56.02 -31.03 -50.21
CA ASP B 567 -54.98 -31.47 -51.12
C ASP B 567 -53.96 -32.36 -50.41
N THR B 568 -53.19 -33.16 -51.15
CA THR B 568 -52.06 -33.92 -50.58
C THR B 568 -50.85 -33.01 -50.29
N CYS B 569 -49.93 -33.50 -49.45
CA CYS B 569 -48.65 -32.86 -49.16
C CYS B 569 -47.41 -33.63 -49.62
N VAL B 570 -47.58 -34.85 -50.15
CA VAL B 570 -46.45 -35.74 -50.48
C VAL B 570 -45.72 -35.26 -51.73
N SER B 571 -44.41 -35.12 -51.64
CA SER B 571 -43.48 -34.79 -52.72
C SER B 571 -42.16 -35.53 -52.49
N ASN B 572 -41.67 -36.31 -53.46
CA ASN B 572 -40.47 -37.16 -53.30
C ASN B 572 -40.55 -38.12 -52.09
N ASN B 573 -41.74 -38.67 -51.80
CA ASN B 573 -42.04 -39.46 -50.58
C ASN B 573 -41.87 -38.70 -49.24
N ARG B 574 -41.84 -37.37 -49.27
CA ARG B 574 -41.73 -36.50 -48.08
C ARG B 574 -42.94 -35.55 -48.03
N CYS B 575 -43.59 -35.40 -46.88
CA CYS B 575 -44.61 -34.36 -46.72
C CYS B 575 -43.93 -32.99 -46.59
N ASN B 576 -44.32 -32.02 -47.41
CA ASN B 576 -43.89 -30.63 -47.24
C ASN B 576 -44.58 -30.00 -46.02
N ILE B 577 -43.82 -29.33 -45.15
CA ILE B 577 -44.31 -28.68 -43.92
C ILE B 577 -43.72 -27.26 -43.88
N PHE B 578 -44.52 -26.30 -43.46
CA PHE B 578 -44.10 -24.92 -43.31
C PHE B 578 -44.22 -24.49 -41.85
N SER B 579 -43.27 -23.69 -41.40
CA SER B 579 -43.21 -23.08 -40.07
C SER B 579 -42.83 -21.61 -40.16
N ASN B 580 -43.51 -20.77 -39.39
CA ASN B 580 -43.27 -19.32 -39.33
C ASN B 580 -42.71 -18.97 -37.97
N PHE B 581 -41.52 -18.37 -37.96
CA PHE B 581 -40.83 -18.01 -36.73
C PHE B 581 -41.21 -16.58 -36.35
N ILE B 582 -41.86 -16.43 -35.20
CA ILE B 582 -42.23 -15.12 -34.67
C ILE B 582 -41.20 -14.73 -33.62
N LEU B 583 -40.43 -13.69 -33.89
CA LEU B 583 -39.37 -13.21 -33.00
C LEU B 583 -39.90 -12.05 -32.15
N ASN B 584 -40.03 -12.27 -30.84
CA ASN B 584 -40.51 -11.27 -29.89
C ASN B 584 -39.37 -10.86 -28.98
N GLY B 585 -39.21 -9.55 -28.79
CA GLY B 585 -38.16 -9.05 -27.92
C GLY B 585 -36.77 -9.38 -28.41
N ILE B 586 -36.48 -9.09 -29.68
CA ILE B 586 -35.17 -9.31 -30.29
C ILE B 586 -34.04 -8.56 -29.55
N ASN B 587 -32.84 -9.16 -29.54
CA ASN B 587 -31.69 -8.69 -28.77
C ASN B 587 -32.00 -8.48 -27.27
N SER B 588 -32.86 -9.33 -26.68
CA SER B 588 -33.26 -9.19 -25.28
C SER B 588 -33.73 -10.57 -24.80
N GLY B 589 -34.31 -10.60 -23.60
CA GLY B 589 -34.87 -11.84 -23.11
C GLY B 589 -33.82 -12.86 -22.70
N THR B 590 -34.27 -14.11 -22.60
CA THR B 590 -33.42 -15.22 -22.17
C THR B 590 -33.38 -16.38 -23.16
N THR B 591 -34.17 -16.35 -24.24
CA THR B 591 -34.15 -17.40 -25.24
C THR B 591 -33.03 -17.07 -26.24
N CYS B 592 -31.80 -17.33 -25.81
CA CYS B 592 -30.62 -16.98 -26.58
C CYS B 592 -30.13 -18.16 -27.41
N SER B 593 -29.27 -17.88 -28.39
CA SER B 593 -28.64 -18.86 -29.28
C SER B 593 -27.19 -19.07 -28.90
N ASN B 594 -26.75 -20.33 -28.94
CA ASN B 594 -25.38 -20.72 -28.66
C ASN B 594 -24.55 -20.88 -29.91
N ASP B 595 -25.02 -20.43 -31.08
CA ASP B 595 -24.31 -20.66 -32.34
C ASP B 595 -23.00 -19.86 -32.44
N LEU B 596 -23.00 -18.59 -31.98
CA LEU B 596 -21.78 -17.78 -31.83
C LEU B 596 -21.12 -18.00 -30.46
N LEU B 597 -20.98 -19.26 -30.07
CA LEU B 597 -20.29 -19.66 -28.85
C LEU B 597 -19.29 -20.75 -29.20
N GLN B 598 -18.11 -20.69 -28.60
CA GLN B 598 -17.08 -21.66 -28.92
C GLN B 598 -17.53 -23.05 -28.50
N PRO B 599 -17.20 -24.09 -29.27
CA PRO B 599 -17.64 -25.44 -28.93
C PRO B 599 -16.78 -26.04 -27.84
N ASN B 600 -17.25 -27.17 -27.31
CA ASN B 600 -16.49 -27.87 -26.27
C ASN B 600 -15.17 -28.41 -26.80
N THR B 601 -15.09 -28.68 -28.10
CA THR B 601 -13.89 -29.20 -28.77
C THR B 601 -13.51 -30.51 -28.09
N GLU B 602 -12.30 -30.65 -27.55
CA GLU B 602 -11.87 -31.92 -26.96
C GLU B 602 -10.88 -31.62 -25.84
N VAL B 603 -10.76 -32.54 -24.88
CA VAL B 603 -9.80 -32.44 -23.78
C VAL B 603 -8.42 -32.89 -24.26
N PHE B 604 -7.59 -31.95 -24.69
CA PHE B 604 -6.21 -32.22 -25.11
C PHE B 604 -5.35 -32.59 -23.89
N THR B 605 -4.73 -33.77 -23.89
CA THR B 605 -3.88 -34.23 -22.78
C THR B 605 -2.40 -34.00 -23.05
N ASP B 606 -1.58 -34.08 -22.00
CA ASP B 606 -0.11 -34.03 -22.03
C ASP B 606 0.53 -32.72 -22.53
N VAL B 607 -0.23 -31.86 -23.19
CA VAL B 607 0.11 -30.50 -23.58
C VAL B 607 -0.75 -29.53 -22.77
N CYS B 608 -0.17 -28.53 -22.11
CA CYS B 608 -0.98 -27.63 -21.30
C CYS B 608 -1.77 -26.63 -22.16
N VAL B 609 -2.90 -26.20 -21.59
CA VAL B 609 -3.97 -25.44 -22.26
C VAL B 609 -4.46 -24.37 -21.30
N ASP B 610 -4.82 -23.19 -21.79
CA ASP B 610 -5.43 -22.12 -20.99
C ASP B 610 -6.92 -22.34 -20.79
N TYR B 611 -7.25 -23.41 -20.08
CA TYR B 611 -8.61 -23.85 -19.83
C TYR B 611 -9.48 -22.81 -19.11
N ASP B 612 -10.79 -22.95 -19.32
CA ASP B 612 -11.86 -22.29 -18.59
C ASP B 612 -12.92 -23.35 -18.26
N LEU B 613 -12.77 -23.98 -17.10
CA LEU B 613 -13.62 -25.08 -16.67
C LEU B 613 -14.65 -24.56 -15.67
N TYR B 614 -15.93 -24.61 -15.98
CA TYR B 614 -17.04 -24.25 -15.13
C TYR B 614 -16.90 -22.87 -14.48
N GLY B 615 -16.38 -21.89 -15.23
CA GLY B 615 -16.29 -20.53 -14.74
C GLY B 615 -14.97 -20.14 -14.11
N ILE B 616 -14.02 -21.06 -13.94
CA ILE B 616 -12.68 -20.77 -13.45
C ILE B 616 -11.60 -21.05 -14.50
N THR B 617 -10.68 -20.10 -14.66
CA THR B 617 -9.60 -20.20 -15.63
C THR B 617 -8.28 -20.72 -15.03
N GLY B 618 -7.41 -21.27 -15.87
CA GLY B 618 -6.04 -21.60 -15.51
C GLY B 618 -5.29 -22.23 -16.67
N GLN B 619 -3.97 -22.42 -16.54
CA GLN B 619 -3.17 -23.18 -17.50
C GLN B 619 -2.69 -24.47 -16.86
N GLY B 620 -2.89 -25.60 -17.53
CA GLY B 620 -2.46 -26.89 -17.00
C GLY B 620 -2.54 -28.02 -18.03
N ILE B 621 -1.77 -29.06 -17.76
CA ILE B 621 -1.76 -30.35 -18.43
C ILE B 621 -2.90 -31.22 -17.91
N PHE B 622 -3.77 -31.69 -18.78
CA PHE B 622 -4.73 -32.74 -18.46
C PHE B 622 -4.14 -34.12 -18.66
N LYS B 623 -4.54 -35.08 -17.83
CA LYS B 623 -4.14 -36.48 -17.92
C LYS B 623 -5.23 -37.38 -17.35
N GLU B 624 -5.77 -38.32 -18.13
CA GLU B 624 -6.90 -39.15 -17.70
C GLU B 624 -6.47 -40.07 -16.55
N VAL B 625 -7.27 -40.10 -15.48
CA VAL B 625 -6.99 -40.93 -14.29
C VAL B 625 -8.12 -41.91 -13.99
N SER B 626 -9.24 -41.81 -14.71
CA SER B 626 -10.43 -42.65 -14.50
C SER B 626 -10.87 -42.62 -13.04
N ALA B 627 -11.25 -41.42 -12.59
CA ALA B 627 -11.69 -41.24 -11.21
C ALA B 627 -13.09 -41.80 -10.99
N VAL B 628 -13.40 -42.09 -9.73
CA VAL B 628 -14.68 -42.69 -9.28
C VAL B 628 -15.38 -41.89 -8.18
N TYR B 629 -14.72 -40.87 -7.64
CA TYR B 629 -15.21 -40.06 -6.52
C TYR B 629 -16.13 -38.91 -6.93
N TYR B 630 -16.25 -38.57 -8.21
CA TYR B 630 -17.17 -37.52 -8.65
C TYR B 630 -18.64 -37.93 -8.52
N ASN B 631 -19.43 -37.17 -7.78
CA ASN B 631 -20.89 -37.26 -7.78
C ASN B 631 -21.53 -36.49 -8.94
N SER B 632 -22.86 -36.58 -9.04
CA SER B 632 -23.67 -35.97 -10.09
C SER B 632 -23.48 -34.45 -10.12
N TRP B 633 -23.47 -33.80 -8.97
CA TRP B 633 -23.36 -32.35 -8.87
C TRP B 633 -21.91 -31.85 -8.94
N GLN B 634 -20.92 -32.75 -8.95
CA GLN B 634 -19.51 -32.44 -8.81
C GLN B 634 -18.76 -32.53 -10.13
N ASN B 635 -17.96 -31.52 -10.44
CA ASN B 635 -17.18 -31.44 -11.66
C ASN B 635 -15.71 -31.12 -11.43
N LEU B 636 -15.34 -30.49 -10.32
CA LEU B 636 -13.97 -30.11 -10.02
C LEU B 636 -13.51 -30.79 -8.72
N LEU B 637 -12.24 -31.16 -8.70
CA LEU B 637 -11.54 -31.80 -7.60
C LEU B 637 -10.45 -30.84 -7.13
N TYR B 638 -10.49 -30.49 -5.85
CA TYR B 638 -9.68 -29.44 -5.24
C TYR B 638 -8.75 -30.04 -4.20
N ASP B 639 -7.60 -29.41 -4.01
CA ASP B 639 -6.64 -29.82 -2.99
C ASP B 639 -6.94 -29.24 -1.60
N SER B 640 -6.07 -29.55 -0.64
CA SER B 640 -6.19 -29.17 0.76
C SER B 640 -6.19 -27.66 1.03
N ASN B 641 -5.81 -26.81 0.07
CA ASN B 641 -5.70 -25.37 0.24
C ASN B 641 -6.71 -24.56 -0.57
N GLY B 642 -7.35 -25.17 -1.57
CA GLY B 642 -8.43 -24.56 -2.31
C GLY B 642 -8.06 -24.14 -3.74
N ASN B 643 -7.26 -24.93 -4.46
CA ASN B 643 -7.01 -24.70 -5.88
C ASN B 643 -7.33 -25.95 -6.74
N ILE B 644 -7.69 -25.73 -8.02
CA ILE B 644 -8.07 -26.80 -8.93
C ILE B 644 -6.85 -27.64 -9.31
N ILE B 645 -6.95 -28.93 -9.01
CA ILE B 645 -5.97 -29.95 -9.39
C ILE B 645 -6.59 -31.21 -10.00
N GLY B 646 -7.92 -31.26 -10.13
CA GLY B 646 -8.61 -32.26 -10.91
C GLY B 646 -9.94 -31.77 -11.42
N PHE B 647 -10.45 -32.40 -12.47
CA PHE B 647 -11.74 -32.06 -13.06
C PHE B 647 -12.31 -33.25 -13.80
N LYS B 648 -13.61 -33.19 -14.08
CA LYS B 648 -14.31 -34.21 -14.85
C LYS B 648 -15.13 -33.53 -15.94
N ASP B 649 -15.09 -34.09 -17.14
CA ASP B 649 -15.80 -33.51 -18.28
C ASP B 649 -17.24 -33.99 -18.29
N PHE B 650 -18.18 -33.06 -18.19
CA PHE B 650 -19.60 -33.43 -18.21
C PHE B 650 -20.04 -33.88 -19.59
N VAL B 651 -19.40 -33.41 -20.65
CA VAL B 651 -19.78 -33.83 -22.00
C VAL B 651 -19.47 -35.31 -22.22
N THR B 652 -18.30 -35.76 -21.77
CA THR B 652 -17.82 -37.10 -22.07
C THR B 652 -17.74 -38.01 -20.85
N ASN B 653 -18.06 -37.50 -19.65
CA ASN B 653 -17.97 -38.28 -18.42
C ASN B 653 -16.56 -38.85 -18.20
N LYS B 654 -15.55 -38.11 -18.63
CA LYS B 654 -14.16 -38.55 -18.51
C LYS B 654 -13.46 -37.69 -17.47
N THR B 655 -12.72 -38.33 -16.58
CA THR B 655 -12.06 -37.67 -15.47
C THR B 655 -10.58 -37.51 -15.78
N TYR B 656 -10.00 -36.38 -15.38
CA TYR B 656 -8.59 -36.06 -15.56
C TYR B 656 -8.00 -35.38 -14.34
N ASN B 657 -6.72 -35.66 -14.06
CA ASN B 657 -5.90 -34.84 -13.18
C ASN B 657 -5.35 -33.62 -13.92
N ILE B 658 -5.07 -32.54 -13.19
CA ILE B 658 -4.52 -31.30 -13.75
C ILE B 658 -3.13 -31.04 -13.17
N PHE B 659 -2.11 -30.99 -14.00
CA PHE B 659 -0.74 -30.67 -13.61
C PHE B 659 -0.34 -29.31 -14.16
N PRO B 660 0.42 -28.47 -13.47
CA PRO B 660 0.93 -27.25 -14.09
C PRO B 660 1.99 -27.63 -15.13
N CYS B 661 2.05 -26.92 -16.26
CA CYS B 661 3.17 -27.10 -17.19
C CYS B 661 4.43 -26.36 -16.73
N TYR B 662 5.57 -26.77 -17.26
CA TYR B 662 6.87 -26.22 -16.89
C TYR B 662 6.95 -24.70 -17.04
N ALA B 663 7.49 -24.07 -16.01
CA ALA B 663 7.78 -22.64 -15.93
C ALA B 663 9.10 -22.41 -15.17
N GLY B 664 10.06 -23.32 -15.34
CA GLY B 664 11.36 -23.22 -14.68
C GLY B 664 12.33 -22.25 -15.34
N ARG B 665 13.54 -22.18 -14.77
CA ARG B 665 14.64 -21.33 -15.23
C ARG B 665 15.72 -22.16 -15.91
N VAL B 666 16.71 -21.51 -16.51
CA VAL B 666 17.93 -22.13 -17.02
C VAL B 666 19.12 -21.57 -16.26
N SER B 667 19.96 -22.42 -15.69
CA SER B 667 21.19 -22.01 -15.02
C SER B 667 22.31 -21.98 -16.05
N ALA B 668 22.80 -20.79 -16.35
CA ALA B 668 23.82 -20.59 -17.37
C ALA B 668 25.16 -20.36 -16.70
N ALA B 669 26.15 -21.18 -17.06
CA ALA B 669 27.50 -21.04 -16.56
C ALA B 669 28.34 -20.32 -17.61
N PHE B 670 28.90 -19.18 -17.25
CA PHE B 670 29.67 -18.36 -18.17
C PHE B 670 31.06 -18.10 -17.61
N HIS B 671 32.07 -18.22 -18.46
CA HIS B 671 33.43 -17.83 -18.14
C HIS B 671 33.84 -16.68 -19.04
N GLN B 672 34.60 -15.73 -18.47
CA GLN B 672 34.95 -14.53 -19.22
C GLN B 672 35.70 -14.85 -20.50
N ASN B 673 36.64 -15.79 -20.43
CA ASN B 673 37.44 -16.14 -21.60
C ASN B 673 36.66 -16.91 -22.64
N ALA B 674 35.46 -17.39 -22.33
CA ALA B 674 34.69 -18.20 -23.25
C ALA B 674 33.86 -17.33 -24.18
N SER B 675 33.45 -17.91 -25.30
CA SER B 675 32.61 -17.24 -26.28
C SER B 675 31.18 -17.77 -26.30
N SER B 676 30.86 -18.76 -25.46
CA SER B 676 29.53 -19.34 -25.43
C SER B 676 29.16 -19.59 -23.98
N LEU B 677 28.09 -20.35 -23.77
CA LEU B 677 27.57 -20.65 -22.44
C LEU B 677 27.46 -22.15 -22.24
N ALA B 678 27.45 -22.56 -20.98
CA ALA B 678 27.09 -23.91 -20.58
C ALA B 678 25.76 -23.82 -19.84
N LEU B 679 24.74 -24.48 -20.37
CA LEU B 679 23.38 -24.36 -19.85
C LEU B 679 23.00 -25.63 -19.11
N LEU B 680 22.50 -25.46 -17.89
CA LEU B 680 21.98 -26.57 -17.09
C LEU B 680 20.48 -26.41 -16.97
N TYR B 681 19.72 -27.28 -17.59
CA TYR B 681 18.27 -27.37 -17.41
C TYR B 681 18.01 -28.25 -16.20
N ARG B 682 18.08 -27.61 -15.04
CA ARG B 682 18.11 -28.26 -13.74
C ARG B 682 16.88 -29.15 -13.55
N ASN B 683 17.08 -30.40 -13.17
CA ASN B 683 16.05 -31.40 -12.87
C ASN B 683 15.21 -31.76 -14.08
N LEU B 684 15.66 -31.45 -15.30
CA LEU B 684 14.97 -31.83 -16.53
C LEU B 684 15.80 -32.81 -17.32
N LYS B 685 15.17 -33.84 -17.85
CA LYS B 685 15.83 -34.80 -18.73
C LYS B 685 16.00 -34.18 -20.11
N CYS B 686 17.08 -34.59 -20.80
CA CYS B 686 17.39 -34.00 -22.09
C CYS B 686 16.31 -34.26 -23.12
N SER B 687 15.68 -35.43 -23.06
CA SER B 687 14.58 -35.71 -23.99
C SER B 687 13.46 -34.72 -23.81
N TYR B 688 13.05 -34.43 -22.56
CA TYR B 688 12.01 -33.46 -22.26
C TYR B 688 12.42 -32.07 -22.73
N VAL B 689 13.67 -31.68 -22.52
CA VAL B 689 14.12 -30.35 -22.94
C VAL B 689 14.04 -30.23 -24.46
N LEU B 690 14.61 -31.20 -25.18
CA LEU B 690 14.65 -31.11 -26.63
C LEU B 690 13.26 -31.20 -27.24
N ASN B 691 12.37 -32.01 -26.66
CA ASN B 691 11.06 -32.19 -27.27
C ASN B 691 10.10 -31.07 -26.94
N ASN B 692 10.11 -30.57 -25.70
CA ASN B 692 9.07 -29.70 -25.16
C ASN B 692 9.54 -28.26 -24.85
N ILE B 693 10.84 -27.96 -24.83
CA ILE B 693 11.35 -26.61 -24.62
C ILE B 693 11.85 -25.97 -25.91
N SER B 694 12.91 -26.52 -26.52
CA SER B 694 13.51 -25.94 -27.71
C SER B 694 14.49 -26.94 -28.31
N LEU B 695 14.46 -27.07 -29.63
CA LEU B 695 15.47 -27.85 -30.33
C LEU B 695 16.78 -27.07 -30.35
N THR B 696 17.88 -27.75 -30.00
CA THR B 696 19.18 -27.10 -29.88
C THR B 696 20.23 -27.92 -30.62
N THR B 697 21.15 -27.22 -31.27
CA THR B 697 22.24 -27.87 -31.98
C THR B 697 23.47 -28.12 -31.10
N GLN B 698 23.47 -27.63 -29.86
CA GLN B 698 24.61 -27.82 -28.99
C GLN B 698 24.62 -29.24 -28.42
N PRO B 699 25.79 -29.76 -28.07
CA PRO B 699 25.85 -31.08 -27.45
C PRO B 699 25.21 -31.08 -26.07
N TYR B 700 24.71 -32.25 -25.67
CA TYR B 700 23.96 -32.37 -24.44
C TYR B 700 24.16 -33.75 -23.84
N PHE B 701 23.93 -33.84 -22.53
CA PHE B 701 23.92 -35.11 -21.83
C PHE B 701 23.15 -34.95 -20.53
N ASP B 702 22.70 -36.07 -19.99
CA ASP B 702 21.89 -36.08 -18.77
C ASP B 702 22.80 -36.22 -17.57
N SER B 703 23.00 -35.11 -16.86
CA SER B 703 23.76 -35.12 -15.62
C SER B 703 22.84 -35.38 -14.44
N TYR B 704 23.44 -35.50 -13.25
CA TYR B 704 22.66 -35.68 -12.04
C TYR B 704 21.78 -34.47 -11.77
N LEU B 705 22.31 -33.26 -12.01
CA LEU B 705 21.57 -32.03 -11.77
C LEU B 705 20.53 -31.75 -12.83
N GLY B 706 20.65 -32.35 -14.00
CA GLY B 706 19.74 -32.13 -15.11
C GLY B 706 20.50 -32.15 -16.41
N CYS B 707 19.79 -31.81 -17.49
CA CYS B 707 20.40 -31.76 -18.81
C CYS B 707 21.42 -30.64 -18.87
N VAL B 708 22.60 -30.95 -19.39
CA VAL B 708 23.69 -29.97 -19.51
C VAL B 708 24.01 -29.79 -20.99
N PHE B 709 23.94 -28.56 -21.47
CA PHE B 709 24.22 -28.23 -22.85
C PHE B 709 25.57 -27.53 -22.96
N ASN B 710 26.29 -27.83 -24.04
CA ASN B 710 27.53 -27.15 -24.38
C ASN B 710 28.60 -27.34 -23.30
N ALA B 711 28.60 -28.49 -22.66
CA ALA B 711 29.64 -28.85 -21.71
C ALA B 711 29.88 -30.35 -21.78
N ASP B 712 31.14 -30.74 -21.70
CA ASP B 712 31.53 -32.14 -21.88
C ASP B 712 31.43 -32.88 -20.55
N ASN B 713 30.82 -34.06 -20.57
CA ASN B 713 30.67 -34.88 -19.38
C ASN B 713 32.04 -35.40 -18.96
N LEU B 714 32.59 -34.85 -17.88
CA LEU B 714 33.88 -35.28 -17.35
C LEU B 714 33.80 -35.39 -15.84
N THR B 715 32.75 -36.07 -15.35
CA THR B 715 32.58 -36.21 -13.90
C THR B 715 33.69 -37.05 -13.27
N ASP B 716 34.43 -37.82 -14.07
CA ASP B 716 35.59 -38.53 -13.52
C ASP B 716 36.66 -37.58 -13.04
N TYR B 717 36.87 -36.47 -13.75
CA TYR B 717 37.85 -35.48 -13.34
C TYR B 717 37.33 -34.69 -12.15
N SER B 718 38.25 -34.03 -11.45
CA SER B 718 37.91 -33.23 -10.29
C SER B 718 38.71 -31.94 -10.31
N VAL B 719 38.15 -30.91 -9.69
CA VAL B 719 38.82 -29.63 -9.53
C VAL B 719 38.70 -29.21 -8.07
N SER B 720 39.81 -28.74 -7.51
CA SER B 720 39.80 -28.29 -6.12
C SER B 720 39.29 -26.86 -5.96
N SER B 721 39.19 -26.11 -7.05
CA SER B 721 38.62 -24.77 -7.03
C SER B 721 37.67 -24.64 -8.19
N CYS B 722 36.59 -23.89 -8.00
CA CYS B 722 35.55 -23.78 -9.01
C CYS B 722 34.84 -22.44 -8.89
N ALA B 723 34.84 -21.67 -9.97
CA ALA B 723 34.08 -20.43 -10.03
C ALA B 723 32.69 -20.63 -10.61
N LEU B 724 32.36 -21.83 -11.06
CA LEU B 724 31.08 -22.14 -11.70
C LEU B 724 30.41 -23.30 -11.01
N ARG B 725 30.36 -23.25 -9.68
CA ARG B 725 29.74 -24.32 -8.90
C ARG B 725 28.27 -24.43 -9.23
N MET B 726 27.83 -25.65 -9.55
CA MET B 726 26.46 -25.88 -9.96
C MET B 726 25.60 -26.56 -8.88
N GLY B 727 26.23 -27.23 -7.92
CA GLY B 727 25.48 -27.90 -6.88
C GLY B 727 25.79 -29.38 -6.78
N SER B 728 25.67 -29.92 -5.58
CA SER B 728 25.90 -31.35 -5.33
C SER B 728 27.30 -31.78 -5.77
N GLY B 729 28.28 -30.91 -5.53
CA GLY B 729 29.65 -31.25 -5.84
C GLY B 729 29.97 -31.35 -7.31
N PHE B 730 29.23 -30.66 -8.16
CA PHE B 730 29.48 -30.65 -9.60
C PHE B 730 29.89 -29.25 -10.01
N CYS B 731 30.82 -29.18 -10.97
CA CYS B 731 31.41 -27.92 -11.38
C CYS B 731 31.46 -27.84 -12.90
N VAL B 732 31.49 -26.61 -13.40
CA VAL B 732 31.68 -26.34 -14.82
C VAL B 732 33.04 -25.67 -14.97
N ASP B 733 33.94 -26.31 -15.72
CA ASP B 733 35.30 -25.83 -15.88
C ASP B 733 35.54 -25.50 -17.35
N TYR B 734 36.17 -24.35 -17.59
CA TYR B 734 36.48 -23.89 -18.93
C TYR B 734 37.98 -23.99 -19.17
N ASN B 735 38.35 -24.59 -20.31
CA ASN B 735 39.75 -24.71 -20.68
C ASN B 735 40.29 -23.41 -21.27
N SER B 752 36.82 -25.51 -24.26
CA SER B 752 35.38 -25.64 -24.10
C SER B 752 35.01 -25.78 -22.62
N TYR B 753 33.72 -25.95 -22.37
CA TYR B 753 33.24 -26.16 -21.00
C TYR B 753 33.29 -27.64 -20.64
N ARG B 754 33.75 -27.92 -19.44
CA ARG B 754 33.83 -29.28 -18.93
C ARG B 754 32.98 -29.39 -17.67
N PHE B 755 32.09 -30.38 -17.64
CA PHE B 755 31.25 -30.64 -16.48
C PHE B 755 31.96 -31.65 -15.60
N VAL B 756 32.62 -31.16 -14.55
CA VAL B 756 33.45 -32.01 -13.69
C VAL B 756 32.91 -32.00 -12.28
N THR B 757 33.53 -32.79 -11.40
CA THR B 757 33.15 -32.83 -10.00
C THR B 757 33.96 -31.84 -9.20
N PHE B 758 33.31 -31.17 -8.25
CA PHE B 758 33.95 -30.20 -7.38
C PHE B 758 34.38 -30.91 -6.11
N GLU B 759 35.68 -30.97 -5.87
CA GLU B 759 36.26 -31.59 -4.67
C GLU B 759 37.18 -30.57 -4.02
N PRO B 760 36.62 -29.63 -3.26
CA PRO B 760 37.46 -28.58 -2.67
C PRO B 760 38.47 -29.09 -1.66
N PHE B 761 38.21 -30.22 -1.01
CA PHE B 761 39.06 -30.71 0.06
C PHE B 761 39.40 -32.17 -0.18
N ASN B 762 40.65 -32.52 0.04
CA ASN B 762 41.16 -33.86 -0.19
C ASN B 762 41.95 -34.31 1.03
N VAL B 763 41.93 -35.62 1.26
CA VAL B 763 42.68 -36.18 2.38
C VAL B 763 44.17 -36.17 2.04
N SER B 764 44.97 -35.65 2.96
CA SER B 764 46.42 -35.82 2.86
C SER B 764 46.75 -37.28 3.13
N PHE B 765 47.38 -37.94 2.16
CA PHE B 765 47.60 -39.37 2.25
C PHE B 765 49.06 -39.70 2.54
N VAL B 766 49.25 -40.78 3.29
CA VAL B 766 50.56 -41.38 3.52
C VAL B 766 50.44 -42.86 3.20
N ASN B 767 51.58 -43.49 2.93
CA ASN B 767 51.59 -44.91 2.62
C ASN B 767 52.19 -45.74 3.76
N ASP B 768 52.12 -45.23 4.99
CA ASP B 768 52.62 -45.96 6.13
C ASP B 768 51.62 -47.05 6.53
N SER B 769 52.10 -47.98 7.35
CA SER B 769 51.29 -49.10 7.78
C SER B 769 50.14 -48.65 8.68
N ILE B 770 49.04 -49.40 8.63
CA ILE B 770 47.87 -49.10 9.46
C ILE B 770 47.87 -49.86 10.77
N GLU B 771 48.78 -50.80 10.95
CA GLU B 771 48.82 -51.66 12.13
C GLU B 771 50.13 -51.45 12.88
N SER B 772 50.25 -52.13 14.01
CA SER B 772 51.44 -52.08 14.85
C SER B 772 52.25 -53.36 14.64
N VAL B 773 53.51 -53.20 14.28
CA VAL B 773 54.43 -54.31 14.07
C VAL B 773 55.42 -54.33 15.22
N GLY B 774 55.34 -55.36 16.05
CA GLY B 774 56.18 -55.42 17.24
C GLY B 774 55.83 -54.39 18.28
N GLY B 775 54.57 -53.94 18.31
CA GLY B 775 54.16 -52.92 19.23
C GLY B 775 54.49 -51.50 18.80
N LEU B 776 54.95 -51.31 17.57
CA LEU B 776 55.33 -49.99 17.09
C LEU B 776 54.53 -49.64 15.84
N TYR B 777 54.19 -48.37 15.72
CA TYR B 777 53.42 -47.85 14.60
C TYR B 777 54.31 -46.97 13.73
N GLU B 778 53.99 -46.90 12.44
CA GLU B 778 54.71 -46.04 11.52
C GLU B 778 54.09 -44.64 11.55
N ILE B 779 54.92 -43.64 11.86
CA ILE B 779 54.49 -42.26 11.98
C ILE B 779 55.48 -41.39 11.23
N LYS B 780 54.98 -40.37 10.54
CA LYS B 780 55.81 -39.39 9.87
C LYS B 780 55.98 -38.18 10.79
N ILE B 781 57.18 -37.99 11.31
CA ILE B 781 57.47 -36.91 12.24
C ILE B 781 58.27 -35.84 11.51
N PRO B 782 57.92 -34.57 11.64
CA PRO B 782 58.65 -33.52 10.92
C PRO B 782 60.12 -33.49 11.31
N THR B 783 60.97 -33.24 10.31
CA THR B 783 62.40 -33.08 10.53
C THR B 783 62.89 -31.67 10.22
N ASN B 784 62.01 -30.81 9.71
CA ASN B 784 62.37 -29.44 9.36
C ASN B 784 61.07 -28.66 9.23
N PHE B 785 61.13 -27.38 9.58
CA PHE B 785 59.92 -26.58 9.65
C PHE B 785 60.22 -25.15 9.25
N THR B 786 59.14 -24.43 8.96
CA THR B 786 59.18 -22.98 8.75
C THR B 786 58.00 -22.37 9.48
N ILE B 787 57.92 -21.06 9.48
CA ILE B 787 56.81 -20.33 10.07
C ILE B 787 56.03 -19.69 8.94
N VAL B 788 54.74 -20.00 8.85
CA VAL B 788 53.87 -19.50 7.79
C VAL B 788 52.92 -18.48 8.39
N GLY B 789 52.74 -17.36 7.69
CA GLY B 789 51.85 -16.31 8.12
C GLY B 789 50.52 -16.42 7.41
N GLN B 790 49.45 -16.19 8.17
CA GLN B 790 48.08 -16.24 7.65
C GLN B 790 47.33 -15.03 8.17
N GLU B 791 46.95 -14.13 7.26
CA GLU B 791 46.22 -12.94 7.64
C GLU B 791 44.72 -13.24 7.62
N GLU B 792 44.01 -12.65 8.58
CA GLU B 792 42.56 -12.79 8.67
C GLU B 792 41.96 -11.45 8.98
N PHE B 793 40.93 -11.06 8.24
CA PHE B 793 40.21 -9.83 8.50
C PHE B 793 38.89 -10.14 9.17
N ILE B 794 38.64 -9.50 10.31
CA ILE B 794 37.39 -9.63 11.03
C ILE B 794 36.77 -8.25 11.09
N GLN B 795 35.53 -8.13 10.62
CA GLN B 795 34.86 -6.84 10.58
C GLN B 795 34.27 -6.51 11.95
N THR B 796 34.72 -5.40 12.53
CA THR B 796 34.22 -4.94 13.82
C THR B 796 33.41 -3.66 13.71
N ASN B 797 33.25 -3.12 12.50
CA ASN B 797 32.60 -1.83 12.34
C ASN B 797 32.01 -1.75 10.95
N SER B 798 31.09 -0.81 10.78
CA SER B 798 30.47 -0.54 9.49
C SER B 798 30.21 0.95 9.41
N PRO B 799 30.08 1.50 8.19
CA PRO B 799 29.75 2.91 8.06
C PRO B 799 28.45 3.25 8.78
N LYS B 800 28.47 4.34 9.54
CA LYS B 800 27.32 4.77 10.33
C LYS B 800 26.37 5.53 9.42
N VAL B 801 25.48 4.81 8.76
CA VAL B 801 24.53 5.45 7.85
C VAL B 801 23.45 6.15 8.65
N THR B 802 23.25 7.43 8.38
CA THR B 802 22.18 8.22 8.96
C THR B 802 21.27 8.70 7.84
N ILE B 803 19.97 8.58 8.05
CA ILE B 803 18.97 9.02 7.09
C ILE B 803 18.14 10.13 7.72
N ASP B 804 18.08 11.29 7.09
CA ASP B 804 17.05 12.28 7.41
C ASP B 804 15.73 11.81 6.80
N CYS B 805 14.91 11.11 7.57
CA CYS B 805 13.72 10.44 7.06
C CYS B 805 12.75 11.40 6.36
N SER B 806 12.45 12.55 6.97
CA SER B 806 11.51 13.51 6.36
C SER B 806 12.06 14.09 5.05
N LEU B 807 13.36 14.39 4.99
CA LEU B 807 13.97 14.96 3.80
C LEU B 807 14.18 13.91 2.71
N PHE B 808 14.46 12.66 3.06
CA PHE B 808 14.43 11.57 2.10
C PHE B 808 13.03 11.40 1.50
N VAL B 809 12.01 11.22 2.34
CA VAL B 809 10.66 10.94 1.86
C VAL B 809 10.03 12.11 1.12
N CYS B 810 10.10 13.33 1.67
CA CYS B 810 9.38 14.50 1.19
C CYS B 810 10.23 15.66 0.70
N SER B 811 11.54 15.59 0.85
CA SER B 811 12.46 16.65 0.49
C SER B 811 12.19 17.96 1.23
N ASN B 812 11.51 18.93 0.65
CA ASN B 812 11.07 20.11 1.41
C ASN B 812 9.66 20.56 1.00
N TYR B 813 8.85 19.63 0.51
CA TYR B 813 7.52 19.92 -0.03
C TYR B 813 6.44 19.83 1.05
N ALA B 814 5.84 20.96 1.41
CA ALA B 814 4.91 21.05 2.54
C ALA B 814 3.72 20.09 2.43
N ALA B 815 3.16 19.89 1.24
CA ALA B 815 2.05 18.96 1.04
C ALA B 815 2.44 17.51 1.37
N CYS B 816 3.66 17.10 1.01
CA CYS B 816 4.17 15.79 1.37
C CYS B 816 4.42 15.71 2.87
N HIS B 817 5.01 16.71 3.50
CA HIS B 817 5.21 16.71 4.95
C HIS B 817 3.89 16.60 5.72
N ASP B 818 2.85 17.29 5.27
CA ASP B 818 1.52 17.19 5.87
C ASP B 818 0.94 15.79 5.74
N LEU B 819 1.03 15.16 4.55
CA LEU B 819 0.60 13.77 4.36
C LEU B 819 1.44 12.77 5.15
N LEU B 820 2.75 12.96 5.23
CA LEU B 820 3.64 12.11 6.00
C LEU B 820 3.31 12.15 7.49
N SER B 821 2.88 13.30 8.01
CA SER B 821 2.42 13.39 9.39
C SER B 821 1.21 12.49 9.67
N GLU B 822 0.42 12.12 8.66
CA GLU B 822 -0.70 11.22 8.84
C GLU B 822 -0.25 9.80 9.19
N TYR B 823 1.01 9.47 8.92
CA TYR B 823 1.57 8.18 9.29
C TYR B 823 2.16 8.16 10.68
N GLY B 824 2.00 9.25 11.45
CA GLY B 824 2.40 9.35 12.84
C GLY B 824 3.91 9.33 13.01
N THR B 825 4.36 8.64 14.05
CA THR B 825 5.77 8.57 14.45
C THR B 825 6.66 7.80 13.48
N PHE B 826 6.23 7.42 12.28
CA PHE B 826 7.01 6.55 11.38
C PHE B 826 8.44 7.04 11.14
N CYS B 827 8.63 8.32 10.83
CA CYS B 827 9.99 8.84 10.71
C CYS B 827 10.76 8.90 12.03
N ASP B 828 10.08 9.15 13.15
CA ASP B 828 10.69 9.05 14.48
C ASP B 828 11.06 7.59 14.82
N ASN B 829 10.32 6.60 14.32
CA ASN B 829 10.65 5.20 14.45
C ASN B 829 11.93 4.88 13.67
N ILE B 830 12.02 5.24 12.39
CA ILE B 830 13.24 5.00 11.61
C ILE B 830 14.43 5.76 12.19
N ASN B 831 14.26 7.00 12.62
CA ASN B 831 15.32 7.74 13.29
C ASN B 831 15.74 7.04 14.58
N SER B 832 14.81 6.57 15.41
CA SER B 832 15.14 5.86 16.64
C SER B 832 15.87 4.55 16.38
N ILE B 833 15.49 3.81 15.35
CA ILE B 833 16.15 2.56 14.99
C ILE B 833 17.55 2.82 14.48
N LEU B 834 17.76 3.81 13.61
CA LEU B 834 19.08 4.15 13.13
C LEU B 834 19.96 4.75 14.22
N ASP B 835 19.43 5.58 15.10
CA ASP B 835 20.20 6.08 16.25
C ASP B 835 20.60 4.95 17.20
N GLU B 836 19.72 3.99 17.47
CA GLU B 836 20.06 2.82 18.28
C GLU B 836 21.14 1.97 17.61
N VAL B 837 21.00 1.70 16.31
CA VAL B 837 22.03 1.01 15.52
C VAL B 837 23.37 1.75 15.55
N ASN B 838 23.39 3.06 15.31
CA ASN B 838 24.65 3.79 15.29
C ASN B 838 25.25 3.93 16.69
N GLY B 839 24.45 4.04 17.75
CA GLY B 839 24.97 4.00 19.10
C GLY B 839 25.53 2.63 19.45
N LEU B 840 24.90 1.57 18.93
CA LEU B 840 25.44 0.23 19.07
C LEU B 840 26.80 0.10 18.41
N LEU B 841 26.94 0.66 17.20
CA LEU B 841 28.23 0.65 16.52
C LEU B 841 29.28 1.42 17.31
N ASP B 842 28.90 2.58 17.87
CA ASP B 842 29.84 3.37 18.66
C ASP B 842 30.27 2.63 19.92
N THR B 843 29.31 2.01 20.60
CA THR B 843 29.62 1.24 21.80
C THR B 843 30.52 0.05 21.45
N THR B 844 30.25 -0.60 20.32
CA THR B 844 31.09 -1.71 19.89
C THR B 844 32.51 -1.25 19.59
N GLN B 845 32.66 -0.10 18.92
CA GLN B 845 34.00 0.41 18.64
C GLN B 845 34.73 0.76 19.93
N LEU B 846 34.03 1.38 20.87
CA LEU B 846 34.64 1.66 22.17
C LEU B 846 35.07 0.39 22.87
N HIS B 847 34.25 -0.65 22.81
CA HIS B 847 34.56 -1.90 23.48
C HIS B 847 35.75 -2.60 22.82
N VAL B 848 35.84 -2.51 21.48
CA VAL B 848 36.99 -3.07 20.78
C VAL B 848 38.26 -2.31 21.16
N ALA B 849 38.17 -0.99 21.23
CA ALA B 849 39.32 -0.19 21.66
C ALA B 849 39.73 -0.55 23.09
N ASP B 850 38.75 -0.75 23.96
CA ASP B 850 39.04 -1.13 25.34
C ASP B 850 39.74 -2.48 25.39
N THR B 851 39.28 -3.44 24.58
CA THR B 851 39.93 -4.75 24.53
C THR B 851 41.36 -4.62 24.03
N LEU B 852 41.58 -3.79 23.01
CA LEU B 852 42.93 -3.62 22.48
C LEU B 852 43.85 -2.98 23.51
N MET B 853 43.34 -2.02 24.28
CA MET B 853 44.17 -1.29 25.24
C MET B 853 44.10 -1.87 26.65
N GLN B 854 43.41 -2.98 26.84
CA GLN B 854 43.25 -3.56 28.18
C GLN B 854 44.58 -4.13 28.65
N GLY B 855 45.09 -3.59 29.75
CA GLY B 855 46.30 -4.11 30.35
C GLY B 855 47.60 -3.72 29.69
N VAL B 856 47.56 -2.79 28.74
CA VAL B 856 48.77 -2.39 28.01
C VAL B 856 49.54 -1.40 28.85
N THR B 857 50.81 -1.70 29.11
CA THR B 857 51.72 -0.81 29.84
C THR B 857 52.98 -0.63 29.00
N LEU B 858 53.28 0.61 28.66
CA LEU B 858 54.44 0.96 27.85
C LEU B 858 55.35 1.88 28.63
N SER B 859 56.65 1.78 28.35
CA SER B 859 57.62 2.63 29.00
C SER B 859 57.59 4.04 28.43
N SER B 860 57.91 5.02 29.29
CA SER B 860 58.05 6.39 28.82
C SER B 860 59.27 6.55 27.93
N ASN B 861 60.25 5.67 28.07
CA ASN B 861 61.47 5.73 27.28
C ASN B 861 61.32 5.08 25.91
N LEU B 862 60.14 4.56 25.59
CA LEU B 862 59.93 3.87 24.34
C LEU B 862 59.88 4.86 23.19
N ASN B 863 60.76 4.68 22.20
CA ASN B 863 60.83 5.55 21.03
C ASN B 863 60.83 4.64 19.80
N THR B 864 59.71 4.63 19.07
CA THR B 864 59.56 3.74 17.94
C THR B 864 60.49 4.09 16.79
N ASN B 865 60.90 5.35 16.69
CA ASN B 865 61.81 5.74 15.61
C ASN B 865 63.17 5.07 15.75
N LEU B 866 63.52 4.64 16.96
CA LEU B 866 64.81 4.01 17.22
C LEU B 866 64.70 2.54 17.63
N HIS B 867 63.54 2.12 18.12
CA HIS B 867 63.37 0.77 18.66
C HIS B 867 62.29 0.06 17.83
N PHE B 868 62.73 -0.80 16.91
CA PHE B 868 61.78 -1.48 16.04
C PHE B 868 62.05 -2.97 15.86
N ASP B 869 63.22 -3.47 16.26
CA ASP B 869 63.49 -4.91 16.14
C ASP B 869 64.17 -5.40 17.40
N VAL B 870 63.69 -6.53 17.92
CA VAL B 870 64.23 -7.15 19.12
C VAL B 870 64.49 -8.62 18.82
N ASP B 871 65.70 -9.09 19.15
CA ASP B 871 66.07 -10.49 18.98
C ASP B 871 65.86 -10.95 17.54
N ASN B 872 66.32 -10.13 16.59
CA ASN B 872 66.29 -10.37 15.16
C ASN B 872 64.88 -10.42 14.58
N ILE B 873 63.85 -10.13 15.37
CA ILE B 873 62.49 -10.08 14.86
C ILE B 873 62.14 -8.62 14.59
N ASN B 874 61.87 -8.31 13.33
CA ASN B 874 61.65 -6.94 12.89
C ASN B 874 60.16 -6.66 12.84
N PHE B 875 59.72 -5.66 13.61
CA PHE B 875 58.33 -5.25 13.65
C PHE B 875 58.19 -3.75 13.35
N LYS B 876 59.13 -3.21 12.58
CA LYS B 876 59.08 -1.79 12.23
C LYS B 876 57.81 -1.46 11.44
N SER B 877 57.44 -2.31 10.49
CA SER B 877 56.24 -2.07 9.70
C SER B 877 54.97 -2.20 10.52
N LEU B 878 55.03 -2.84 11.68
CA LEU B 878 53.85 -3.06 12.50
C LEU B 878 53.61 -1.94 13.51
N VAL B 879 54.52 -0.99 13.63
CA VAL B 879 54.47 0.02 14.69
C VAL B 879 54.52 1.41 14.05
N GLY B 880 53.62 2.28 14.48
CA GLY B 880 53.64 3.68 14.11
C GLY B 880 54.40 4.53 15.10
N CYS B 881 54.09 5.82 15.11
CA CYS B 881 54.73 6.73 16.04
C CYS B 881 54.11 6.63 17.43
N LEU B 882 54.94 6.86 18.45
CA LEU B 882 54.50 6.92 19.83
C LEU B 882 55.03 8.18 20.47
N GLY B 883 54.17 8.85 21.24
CA GLY B 883 54.54 10.06 21.93
C GLY B 883 54.29 11.31 21.10
N PRO B 884 54.61 12.48 21.64
CA PRO B 884 54.37 13.73 20.92
C PRO B 884 55.38 14.02 19.83
N HIS B 885 56.33 13.12 19.56
CA HIS B 885 57.31 13.37 18.51
C HIS B 885 56.69 13.40 17.13
N CYS B 886 55.53 12.77 16.95
CA CYS B 886 54.82 12.81 15.67
C CYS B 886 53.38 13.26 15.87
N GLY B 887 52.85 13.04 17.07
CA GLY B 887 51.48 13.40 17.35
C GLY B 887 50.49 12.45 16.70
N SER B 888 49.79 12.92 15.69
CA SER B 888 48.86 12.09 14.94
C SER B 888 49.64 11.23 13.96
N SER B 889 48.92 10.56 13.04
CA SER B 889 49.52 9.69 12.03
C SER B 889 50.37 8.60 12.67
N SER B 890 49.88 8.04 13.76
CA SER B 890 50.53 6.90 14.43
C SER B 890 50.28 5.60 13.72
N ARG B 891 49.74 5.69 12.51
CA ARG B 891 49.49 4.51 11.68
C ARG B 891 50.80 3.85 11.27
N SER B 892 50.83 2.52 11.32
CA SER B 892 52.02 1.78 10.96
C SER B 892 52.14 1.63 9.45
N PHE B 893 53.32 1.20 9.01
CA PHE B 893 53.54 0.94 7.59
C PHE B 893 52.60 -0.15 7.09
N PHE B 894 52.44 -1.21 7.88
CA PHE B 894 51.49 -2.27 7.54
C PHE B 894 50.08 -1.70 7.39
N GLU B 895 49.63 -0.92 8.38
CA GLU B 895 48.31 -0.34 8.33
C GLU B 895 48.21 0.72 7.24
N ASP B 896 49.28 1.45 6.96
CA ASP B 896 49.28 2.39 5.84
C ASP B 896 49.05 1.67 4.53
N LEU B 897 49.75 0.55 4.32
CA LEU B 897 49.58 -0.22 3.10
C LEU B 897 48.19 -0.84 3.03
N LEU B 898 47.61 -1.18 4.18
CA LEU B 898 46.27 -1.75 4.19
C LEU B 898 45.20 -0.68 3.97
N PHE B 899 45.47 0.56 4.34
CA PHE B 899 44.47 1.62 4.25
C PHE B 899 44.50 2.35 2.92
N ASP B 900 45.64 2.33 2.23
CA ASP B 900 45.74 3.02 0.96
C ASP B 900 44.90 2.38 -0.13
N LYS B 901 44.56 1.10 0.01
CA LYS B 901 43.79 0.39 -0.99
C LYS B 901 42.30 0.47 -0.78
N VAL B 902 41.85 1.17 0.25
CA VAL B 902 40.43 1.36 0.54
C VAL B 902 40.18 2.86 0.57
N LYS B 903 39.52 3.39 -0.46
CA LYS B 903 39.25 4.83 -0.57
C LYS B 903 38.28 5.30 0.49
N LEU B 904 37.09 4.72 0.56
CA LEU B 904 36.02 5.10 1.50
C LEU B 904 36.24 4.55 2.91
N SER B 905 37.31 4.94 3.57
CA SER B 905 37.47 4.78 5.01
C SER B 905 36.71 5.91 5.69
N ASP B 906 36.92 6.08 7.00
CA ASP B 906 36.32 7.21 7.70
C ASP B 906 36.84 8.53 7.14
N VAL B 907 38.16 8.62 6.95
CA VAL B 907 38.74 9.80 6.35
C VAL B 907 38.32 9.92 4.90
N GLY B 908 38.16 8.80 4.21
CA GLY B 908 37.66 8.85 2.83
C GLY B 908 36.27 9.45 2.74
N PHE B 909 35.35 9.03 3.61
CA PHE B 909 34.01 9.61 3.65
C PHE B 909 34.08 11.08 4.03
N VAL B 910 34.91 11.45 5.01
CA VAL B 910 34.99 12.85 5.41
C VAL B 910 35.47 13.70 4.25
N GLU B 911 36.51 13.24 3.54
CA GLU B 911 37.02 13.99 2.40
C GLU B 911 36.01 14.06 1.27
N ALA B 912 35.29 12.98 1.00
CA ALA B 912 34.29 12.96 -0.04
C ALA B 912 33.16 13.94 0.25
N TYR B 913 32.63 13.96 1.47
CA TYR B 913 31.66 14.95 1.86
C TYR B 913 32.21 16.36 1.91
N ASN B 914 33.51 16.54 2.13
CA ASN B 914 34.11 17.87 2.08
C ASN B 914 34.08 18.43 0.66
N ASN B 915 34.15 17.58 -0.36
CA ASN B 915 34.14 17.99 -1.77
C ASN B 915 32.76 18.28 -2.35
N CYS B 916 31.68 18.17 -1.57
CA CYS B 916 30.33 18.48 -2.04
C CYS B 916 30.03 19.97 -2.20
N THR B 917 30.78 20.84 -1.52
CA THR B 917 30.62 22.30 -1.59
C THR B 917 31.94 23.04 -1.87
N GLY B 918 33.00 22.30 -2.20
CA GLY B 918 34.34 22.86 -2.46
C GLY B 918 34.54 23.44 -3.86
N GLY B 919 33.49 23.50 -4.68
CA GLY B 919 33.55 23.98 -6.06
C GLY B 919 34.04 22.96 -7.09
N SER B 920 34.31 21.72 -6.68
CA SER B 920 34.74 20.62 -7.56
C SER B 920 33.77 20.37 -8.72
N GLU B 921 34.28 19.85 -9.84
CA GLU B 921 33.49 19.55 -11.05
C GLU B 921 32.83 18.17 -11.04
N ILE B 922 33.30 17.26 -10.19
CA ILE B 922 32.81 15.88 -10.13
C ILE B 922 31.50 15.81 -9.35
N ARG B 923 30.45 15.38 -10.03
CA ARG B 923 29.17 14.96 -9.45
C ARG B 923 29.31 13.61 -8.76
N ASP B 924 29.93 13.60 -7.60
CA ASP B 924 30.12 12.40 -6.79
C ASP B 924 28.78 11.90 -6.22
N LEU B 925 28.51 10.60 -6.34
CA LEU B 925 27.30 9.99 -5.80
C LEU B 925 27.13 10.20 -4.29
N LEU B 926 28.20 10.28 -3.49
CA LEU B 926 28.06 10.61 -2.08
C LEU B 926 27.51 12.01 -1.84
N CYS B 927 27.81 12.98 -2.71
CA CYS B 927 27.21 14.29 -2.61
C CYS B 927 25.73 14.26 -2.98
N VAL B 928 25.37 13.45 -3.98
CA VAL B 928 23.95 13.23 -4.29
C VAL B 928 23.25 12.58 -3.10
N GLN B 929 23.80 11.51 -2.53
CA GLN B 929 23.21 10.83 -1.39
C GLN B 929 23.02 11.78 -0.20
N SER B 930 24.06 12.53 0.16
CA SER B 930 24.02 13.39 1.35
C SER B 930 22.99 14.50 1.22
N PHE B 931 22.88 15.13 0.06
CA PHE B 931 21.86 16.14 -0.18
C PHE B 931 20.45 15.57 -0.29
N ASN B 932 20.31 14.24 -0.36
CA ASN B 932 19.02 13.58 -0.29
C ASN B 932 18.73 13.02 1.10
N GLY B 933 19.59 13.29 2.08
CA GLY B 933 19.38 12.87 3.44
C GLY B 933 20.14 11.63 3.85
N ILE B 934 20.86 10.98 2.95
CA ILE B 934 21.59 9.74 3.21
C ILE B 934 23.06 10.10 3.39
N LYS B 935 23.54 10.18 4.63
CA LYS B 935 24.91 10.56 4.93
C LYS B 935 25.53 9.56 5.89
N VAL B 936 26.80 9.25 5.70
CA VAL B 936 27.58 8.38 6.59
C VAL B 936 28.28 9.27 7.59
N LEU B 937 28.06 9.08 8.88
CA LEU B 937 28.78 9.89 9.85
C LEU B 937 30.06 9.18 10.26
N PRO B 938 31.10 9.95 10.62
CA PRO B 938 32.34 9.34 11.07
C PRO B 938 32.14 8.60 12.38
N PRO B 939 32.90 7.54 12.63
CA PRO B 939 32.81 6.86 13.92
C PRO B 939 33.32 7.77 15.04
N ILE B 940 32.90 7.44 16.27
CA ILE B 940 33.26 8.28 17.40
C ILE B 940 34.77 8.26 17.62
N LEU B 941 35.43 7.14 17.34
CA LEU B 941 36.87 7.04 17.37
C LEU B 941 37.38 6.94 15.94
N SER B 942 38.30 7.83 15.57
CA SER B 942 38.87 7.78 14.24
C SER B 942 39.73 6.54 14.07
N GLU B 943 39.85 6.09 12.82
CA GLU B 943 40.71 4.96 12.53
C GLU B 943 42.17 5.24 12.88
N SER B 944 42.56 6.51 12.95
CA SER B 944 43.89 6.84 13.45
C SER B 944 44.05 6.46 14.91
N GLN B 945 43.01 6.72 15.72
CA GLN B 945 43.06 6.32 17.13
C GLN B 945 43.10 4.82 17.28
N ILE B 946 42.32 4.09 16.47
CA ILE B 946 42.37 2.63 16.52
C ILE B 946 43.74 2.13 16.08
N SER B 947 44.34 2.80 15.10
CA SER B 947 45.69 2.44 14.68
C SER B 947 46.69 2.66 15.82
N GLY B 948 46.54 3.77 16.55
CA GLY B 948 47.38 3.99 17.72
C GLY B 948 47.18 2.92 18.77
N TYR B 949 45.94 2.51 18.99
CA TYR B 949 45.66 1.44 19.95
C TYR B 949 46.33 0.13 19.53
N THR B 950 46.24 -0.21 18.24
CA THR B 950 46.85 -1.45 17.76
C THR B 950 48.37 -1.38 17.84
N THR B 951 48.96 -0.22 17.53
CA THR B 951 50.41 -0.10 17.64
C THR B 951 50.86 -0.20 19.08
N ALA B 952 50.10 0.40 20.01
CA ALA B 952 50.43 0.25 21.43
C ALA B 952 50.32 -1.20 21.87
N ALA B 953 49.29 -1.90 21.40
CA ALA B 953 49.17 -3.33 21.70
C ALA B 953 50.29 -4.14 21.06
N THR B 954 50.91 -3.60 20.01
CA THR B 954 52.00 -4.32 19.35
C THR B 954 53.32 -4.12 20.08
N VAL B 955 53.66 -2.87 20.42
CA VAL B 955 54.88 -2.64 21.18
C VAL B 955 54.74 -3.11 22.62
N ALA B 956 53.53 -3.41 23.07
CA ALA B 956 53.34 -3.97 24.40
C ALA B 956 53.89 -5.39 24.51
N ALA B 957 54.23 -6.02 23.38
CA ALA B 957 54.70 -7.39 23.37
C ALA B 957 56.20 -7.51 23.11
N MET B 958 56.86 -6.43 22.70
CA MET B 958 58.25 -6.50 22.26
C MET B 958 59.23 -5.79 23.18
N PHE B 959 58.77 -5.15 24.24
CA PHE B 959 59.62 -4.43 25.17
C PHE B 959 59.09 -4.64 26.57
N PRO B 960 59.94 -4.50 27.59
CA PRO B 960 59.47 -4.62 28.97
C PRO B 960 58.41 -3.58 29.27
N PRO B 961 57.41 -3.91 30.09
CA PRO B 961 57.23 -5.17 30.83
C PRO B 961 56.59 -6.28 30.03
N TRP B 962 56.50 -6.16 28.71
CA TRP B 962 55.84 -7.14 27.86
C TRP B 962 54.42 -7.42 28.33
N SER B 963 53.64 -6.34 28.48
CA SER B 963 52.31 -6.44 29.06
C SER B 963 51.33 -7.21 28.19
N ALA B 964 51.67 -7.49 26.93
CA ALA B 964 50.81 -8.25 26.03
C ALA B 964 51.52 -9.46 25.43
N ALA B 965 52.57 -9.95 26.09
CA ALA B 965 53.33 -11.10 25.63
C ALA B 965 53.61 -12.05 26.77
N ALA B 966 52.66 -12.16 27.70
CA ALA B 966 52.77 -13.00 28.89
C ALA B 966 53.94 -12.60 29.79
N GLY B 967 54.38 -11.35 29.70
CA GLY B 967 55.41 -10.85 30.59
C GLY B 967 56.81 -11.35 30.32
N ILE B 968 57.06 -11.86 29.12
CA ILE B 968 58.39 -12.32 28.75
C ILE B 968 58.72 -11.76 27.36
N PRO B 969 60.00 -11.73 26.99
CA PRO B 969 60.37 -11.23 25.67
C PRO B 969 59.65 -11.97 24.56
N PHE B 970 59.39 -11.25 23.46
CA PHE B 970 58.59 -11.80 22.36
C PHE B 970 59.22 -13.05 21.78
N SER B 971 60.54 -13.04 21.57
CA SER B 971 61.21 -14.21 21.01
C SER B 971 61.10 -15.39 21.96
N LEU B 972 61.21 -15.16 23.27
CA LEU B 972 61.02 -16.22 24.24
C LEU B 972 59.60 -16.76 24.20
N ASN B 973 58.62 -15.88 24.02
CA ASN B 973 57.24 -16.35 23.91
C ASN B 973 57.06 -17.23 22.68
N VAL B 974 57.64 -16.82 21.55
CA VAL B 974 57.54 -17.62 20.33
C VAL B 974 58.19 -18.99 20.55
N GLN B 975 59.38 -18.99 21.16
CA GLN B 975 60.08 -20.24 21.39
C GLN B 975 59.30 -21.17 22.32
N TYR B 976 58.71 -20.62 23.38
CA TYR B 976 57.93 -21.44 24.30
C TYR B 976 56.65 -21.93 23.65
N ARG B 977 56.07 -21.13 22.75
CA ARG B 977 54.86 -21.57 22.05
C ARG B 977 55.17 -22.71 21.09
N ILE B 978 56.28 -22.62 20.35
CA ILE B 978 56.66 -23.71 19.46
C ILE B 978 56.98 -24.96 20.26
N ASN B 979 57.58 -24.79 21.44
CA ASN B 979 57.91 -25.94 22.28
C ASN B 979 56.66 -26.67 22.74
N GLY B 980 55.56 -25.93 22.96
CA GLY B 980 54.33 -26.55 23.41
C GLY B 980 53.67 -27.41 22.35
N LEU B 981 54.09 -27.27 21.09
CA LEU B 981 53.55 -28.08 20.01
C LEU B 981 54.24 -29.43 19.88
N GLY B 982 55.25 -29.69 20.70
CA GLY B 982 56.03 -30.90 20.59
C GLY B 982 57.38 -30.73 19.95
N VAL B 983 57.96 -29.54 20.01
CA VAL B 983 59.27 -29.26 19.42
C VAL B 983 60.26 -29.08 20.55
N THR B 984 61.34 -29.85 20.51
CA THR B 984 62.32 -29.81 21.59
C THR B 984 62.97 -28.43 21.67
N MET B 985 63.30 -28.03 22.89
CA MET B 985 63.89 -26.72 23.11
C MET B 985 65.28 -26.61 22.52
N ASP B 986 65.96 -27.73 22.32
CA ASP B 986 67.33 -27.70 21.81
C ASP B 986 67.39 -27.05 20.43
N VAL B 987 66.53 -27.50 19.52
CA VAL B 987 66.53 -26.93 18.18
C VAL B 987 65.98 -25.50 18.21
N LEU B 988 65.12 -25.19 19.17
CA LEU B 988 64.54 -23.85 19.24
C LEU B 988 65.58 -22.82 19.65
N ASN B 989 66.38 -23.12 20.68
CA ASN B 989 67.44 -22.18 21.04
C ASN B 989 68.70 -22.38 20.22
N LYS B 990 68.76 -23.40 19.38
CA LYS B 990 69.84 -23.53 18.43
C LYS B 990 69.55 -22.80 17.12
N ASN B 991 68.31 -22.89 16.63
CA ASN B 991 67.89 -22.24 15.41
C ASN B 991 67.09 -20.96 15.67
N GLN B 992 67.47 -20.21 16.71
CA GLN B 992 66.72 -19.01 17.07
C GLN B 992 66.72 -18.00 15.94
N LYS B 993 67.88 -17.76 15.32
CA LYS B 993 67.95 -16.77 14.26
C LYS B 993 67.20 -17.23 13.01
N LEU B 994 67.26 -18.53 12.71
CA LEU B 994 66.48 -19.05 11.58
C LEU B 994 64.99 -18.90 11.86
N ILE B 995 64.56 -19.14 13.10
CA ILE B 995 63.15 -18.97 13.45
C ILE B 995 62.75 -17.51 13.31
N ALA B 996 63.61 -16.59 13.75
CA ALA B 996 63.30 -15.17 13.63
C ALA B 996 63.21 -14.74 12.16
N THR B 997 64.12 -15.23 11.32
CA THR B 997 64.05 -14.92 9.90
C THR B 997 62.79 -15.48 9.28
N ALA B 998 62.42 -16.71 9.66
CA ALA B 998 61.17 -17.28 9.17
C ALA B 998 59.98 -16.45 9.61
N PHE B 999 60.01 -15.93 10.84
CA PHE B 999 58.92 -15.10 11.33
C PHE B 999 58.79 -13.82 10.52
N ASN B 1000 59.90 -13.11 10.30
CA ASN B 1000 59.77 -11.86 9.56
C ASN B 1000 59.50 -12.11 8.09
N ASN B 1001 59.93 -13.25 7.55
CA ASN B 1001 59.57 -13.59 6.19
C ASN B 1001 58.08 -13.89 6.07
N ALA B 1002 57.51 -14.56 7.07
CA ALA B 1002 56.06 -14.76 7.09
C ALA B 1002 55.32 -13.44 7.18
N LEU B 1003 55.83 -12.51 8.00
CA LEU B 1003 55.22 -11.19 8.09
C LEU B 1003 55.31 -10.46 6.76
N LEU B 1004 56.44 -10.57 6.07
CA LEU B 1004 56.58 -9.95 4.75
C LEU B 1004 55.63 -10.57 3.74
N SER B 1005 55.51 -11.90 3.75
CA SER B 1005 54.60 -12.57 2.82
C SER B 1005 53.16 -12.16 3.08
N ILE B 1006 52.81 -11.94 4.35
CA ILE B 1006 51.51 -11.36 4.66
C ILE B 1006 51.42 -9.95 4.07
N GLN B 1007 52.49 -9.17 4.20
CA GLN B 1007 52.51 -7.83 3.64
C GLN B 1007 52.42 -7.87 2.12
N ASN B 1008 53.20 -8.75 1.49
CA ASN B 1008 53.21 -8.80 0.03
C ASN B 1008 51.97 -9.46 -0.54
N GLY B 1009 51.17 -10.13 0.29
CA GLY B 1009 49.94 -10.73 -0.19
C GLY B 1009 48.86 -9.73 -0.53
N PHE B 1010 48.98 -8.50 -0.04
CA PHE B 1010 48.00 -7.47 -0.34
C PHE B 1010 48.18 -6.85 -1.71
N SER B 1011 49.35 -7.03 -2.33
CA SER B 1011 49.55 -6.63 -3.72
C SER B 1011 49.02 -7.66 -4.71
N ALA B 1012 48.31 -8.66 -4.21
CA ALA B 1012 47.72 -9.73 -4.99
C ALA B 1012 46.29 -9.90 -4.56
N PRO B 1013 45.44 -10.53 -5.39
CA PRO B 1013 44.04 -10.71 -4.99
C PRO B 1013 43.86 -11.66 -3.83
N ASN B 1014 44.18 -11.20 -2.63
CA ASN B 1014 44.01 -11.98 -1.42
C ASN B 1014 42.62 -11.78 -0.82
N SER B 1015 42.23 -12.70 0.07
CA SER B 1015 40.87 -12.73 0.56
C SER B 1015 40.59 -11.63 1.60
N ALA B 1016 41.60 -11.19 2.35
CA ALA B 1016 41.37 -10.20 3.40
C ALA B 1016 41.03 -8.84 2.80
N LEU B 1017 41.84 -8.38 1.84
CA LEU B 1017 41.54 -7.13 1.17
C LEU B 1017 40.23 -7.22 0.40
N ALA B 1018 39.94 -8.40 -0.15
CA ALA B 1018 38.66 -8.61 -0.80
C ALA B 1018 37.51 -8.47 0.19
N LYS B 1019 37.69 -8.96 1.41
CA LYS B 1019 36.65 -8.82 2.43
C LYS B 1019 36.45 -7.37 2.83
N ILE B 1020 37.54 -6.63 3.00
CA ILE B 1020 37.42 -5.21 3.37
C ILE B 1020 36.72 -4.43 2.26
N GLN B 1021 37.17 -4.62 1.02
CA GLN B 1021 36.55 -3.95 -0.10
C GLN B 1021 35.11 -4.42 -0.30
N SER B 1022 34.80 -5.66 0.08
CA SER B 1022 33.42 -6.13 0.02
C SER B 1022 32.56 -5.41 1.03
N VAL B 1023 33.07 -5.17 2.24
CA VAL B 1023 32.33 -4.37 3.21
C VAL B 1023 32.03 -2.98 2.62
N VAL B 1024 33.07 -2.33 2.10
CA VAL B 1024 32.89 -0.98 1.56
C VAL B 1024 31.93 -0.97 0.38
N ASN B 1025 32.09 -1.93 -0.53
CA ASN B 1025 31.26 -1.98 -1.74
C ASN B 1025 29.82 -2.33 -1.40
N SER B 1026 29.60 -3.22 -0.44
CA SER B 1026 28.24 -3.53 -0.02
C SER B 1026 27.57 -2.31 0.57
N ASN B 1027 28.29 -1.54 1.40
CA ASN B 1027 27.71 -0.32 1.94
C ASN B 1027 27.38 0.66 0.82
N ALA B 1028 28.30 0.86 -0.13
CA ALA B 1028 28.10 1.79 -1.23
C ALA B 1028 26.95 1.35 -2.13
N GLN B 1029 26.79 0.05 -2.36
CA GLN B 1029 25.68 -0.47 -3.15
C GLN B 1029 24.36 -0.29 -2.42
N ALA B 1030 24.34 -0.53 -1.11
CA ALA B 1030 23.11 -0.32 -0.35
C ALA B 1030 22.69 1.14 -0.38
N LEU B 1031 23.63 2.09 -0.22
CA LEU B 1031 23.30 3.51 -0.29
C LEU B 1031 22.84 3.94 -1.67
N ASN B 1032 23.51 3.46 -2.73
CA ASN B 1032 23.07 3.73 -4.09
C ASN B 1032 21.66 3.18 -4.33
N SER B 1033 21.37 1.97 -3.86
CA SER B 1033 20.04 1.40 -4.03
C SER B 1033 18.99 2.21 -3.29
N LEU B 1034 19.30 2.63 -2.05
CA LEU B 1034 18.35 3.46 -1.32
C LEU B 1034 18.13 4.79 -2.01
N LEU B 1035 19.17 5.44 -2.52
CA LEU B 1035 19.02 6.68 -3.27
C LEU B 1035 18.18 6.46 -4.52
N GLN B 1036 18.38 5.34 -5.22
CA GLN B 1036 17.61 5.07 -6.43
C GLN B 1036 16.13 4.88 -6.15
N GLN B 1037 15.76 4.61 -4.89
CA GLN B 1037 14.35 4.47 -4.56
C GLN B 1037 13.61 5.81 -4.66
N LEU B 1038 14.31 6.93 -4.61
CA LEU B 1038 13.67 8.23 -4.79
C LEU B 1038 13.20 8.44 -6.22
N PHE B 1039 13.80 7.76 -7.19
CA PHE B 1039 13.43 7.90 -8.58
C PHE B 1039 12.47 6.81 -9.05
N ASN B 1040 12.02 5.94 -8.15
CA ASN B 1040 10.96 5.00 -8.47
C ASN B 1040 9.61 5.69 -8.29
N LYS B 1041 8.62 5.20 -9.04
CA LYS B 1041 7.30 5.80 -9.02
C LYS B 1041 6.29 5.05 -8.16
N PHE B 1042 6.49 3.75 -7.96
CA PHE B 1042 5.60 2.93 -7.12
C PHE B 1042 4.14 3.08 -7.54
N GLY B 1043 3.91 3.11 -8.85
CA GLY B 1043 2.57 3.26 -9.36
C GLY B 1043 2.07 4.68 -9.49
N ALA B 1044 2.82 5.66 -9.03
CA ALA B 1044 2.44 7.05 -9.20
C ALA B 1044 2.78 7.52 -10.61
N ILE B 1045 2.19 8.66 -10.99
CA ILE B 1045 2.44 9.19 -12.33
C ILE B 1045 3.86 9.70 -12.48
N SER B 1046 4.54 10.02 -11.39
CA SER B 1046 5.91 10.51 -11.48
C SER B 1046 6.61 10.26 -10.15
N SER B 1047 7.95 10.22 -10.20
CA SER B 1047 8.76 10.09 -9.01
C SER B 1047 9.17 11.43 -8.41
N SER B 1048 8.87 12.53 -9.11
CA SER B 1048 9.25 13.87 -8.66
C SER B 1048 8.03 14.52 -8.01
N LEU B 1049 8.17 14.95 -6.75
CA LEU B 1049 7.11 15.64 -6.04
C LEU B 1049 6.81 17.01 -6.64
N GLN B 1050 7.79 17.67 -7.28
CA GLN B 1050 7.53 18.89 -8.01
C GLN B 1050 6.56 18.63 -9.18
N GLU B 1051 6.73 17.54 -9.92
CA GLU B 1051 5.81 17.21 -11.01
C GLU B 1051 4.41 16.92 -10.49
N ILE B 1052 4.32 16.21 -9.36
CA ILE B 1052 3.02 15.92 -8.78
C ILE B 1052 2.31 17.20 -8.38
N LEU B 1053 3.01 18.11 -7.72
CA LEU B 1053 2.42 19.34 -7.21
C LEU B 1053 2.20 20.40 -8.30
N SER B 1054 2.81 20.24 -9.48
CA SER B 1054 2.58 21.14 -10.60
C SER B 1054 1.53 20.65 -11.58
N ARG B 1055 1.49 19.34 -11.84
CA ARG B 1055 0.58 18.80 -12.83
C ARG B 1055 -0.82 18.54 -12.29
N LEU B 1056 -1.02 18.56 -10.98
CA LEU B 1056 -2.27 18.14 -10.39
C LEU B 1056 -2.73 19.13 -9.33
N ASP B 1057 -4.05 19.25 -9.19
CA ASP B 1057 -4.64 19.99 -8.09
C ASP B 1057 -4.69 19.11 -6.84
N PRO B 1058 -4.85 19.72 -5.66
CA PRO B 1058 -4.51 19.02 -4.39
C PRO B 1058 -5.21 17.68 -4.20
N PRO B 1059 -6.50 17.52 -4.54
CA PRO B 1059 -7.15 16.23 -4.23
C PRO B 1059 -6.50 15.00 -4.86
N GLU B 1060 -6.02 15.07 -6.11
CA GLU B 1060 -5.33 13.90 -6.67
C GLU B 1060 -3.82 13.98 -6.49
N ALA B 1061 -3.27 15.18 -6.37
CA ALA B 1061 -1.89 15.30 -5.95
C ALA B 1061 -1.67 14.58 -4.63
N GLN B 1062 -2.64 14.63 -3.72
CA GLN B 1062 -2.51 13.95 -2.44
C GLN B 1062 -2.46 12.44 -2.61
N VAL B 1063 -3.27 11.82 -3.47
CA VAL B 1063 -3.19 10.36 -3.61
C VAL B 1063 -1.90 9.96 -4.31
N GLN B 1064 -1.46 10.75 -5.31
CA GLN B 1064 -0.17 10.43 -5.94
C GLN B 1064 0.98 10.55 -4.95
N ILE B 1065 1.02 11.61 -4.15
CA ILE B 1065 2.03 11.77 -3.11
C ILE B 1065 1.91 10.66 -2.10
N ASP B 1066 0.69 10.20 -1.79
CA ASP B 1066 0.53 9.08 -0.87
C ASP B 1066 1.15 7.81 -1.43
N ARG B 1067 0.97 7.56 -2.72
CA ARG B 1067 1.63 6.42 -3.35
C ARG B 1067 3.15 6.52 -3.25
N LEU B 1068 3.73 7.70 -3.51
CA LEU B 1068 5.16 7.93 -3.35
C LEU B 1068 5.63 7.77 -1.91
N ILE B 1069 4.91 8.34 -0.94
CA ILE B 1069 5.22 8.17 0.47
C ILE B 1069 5.20 6.68 0.79
N ASN B 1070 4.18 5.92 0.40
CA ASN B 1070 4.12 4.52 0.77
C ASN B 1070 5.30 3.74 0.18
N GLY B 1071 5.61 3.99 -1.09
CA GLY B 1071 6.75 3.31 -1.69
C GLY B 1071 8.06 3.63 -0.97
N ARG B 1072 8.31 4.91 -0.68
CA ARG B 1072 9.52 5.35 0.00
C ARG B 1072 9.59 4.84 1.42
N LEU B 1073 8.51 4.89 2.19
CA LEU B 1073 8.44 4.32 3.53
C LEU B 1073 8.68 2.80 3.52
N THR B 1074 8.16 2.05 2.54
CA THR B 1074 8.44 0.62 2.49
C THR B 1074 9.91 0.37 2.18
N ALA B 1075 10.48 1.14 1.24
CA ALA B 1075 11.90 0.99 0.94
C ALA B 1075 12.76 1.31 2.15
N LEU B 1076 12.40 2.33 2.91
CA LEU B 1076 13.08 2.70 4.15
C LEU B 1076 12.97 1.61 5.20
N ASN B 1077 11.78 1.06 5.44
CA ASN B 1077 11.61 -0.07 6.34
C ASN B 1077 12.42 -1.30 5.93
N ALA B 1078 12.53 -1.57 4.64
CA ALA B 1078 13.34 -2.70 4.20
C ALA B 1078 14.82 -2.43 4.43
N TYR B 1079 15.27 -1.21 4.14
CA TYR B 1079 16.66 -0.86 4.39
C TYR B 1079 16.99 -0.94 5.87
N VAL B 1080 16.10 -0.46 6.75
CA VAL B 1080 16.37 -0.52 8.20
C VAL B 1080 16.37 -1.95 8.71
N SER B 1081 15.54 -2.84 8.16
CA SER B 1081 15.61 -4.24 8.55
C SER B 1081 16.94 -4.87 8.13
N GLN B 1082 17.35 -4.60 6.88
CA GLN B 1082 18.62 -5.12 6.40
C GLN B 1082 19.78 -4.56 7.23
N GLN B 1083 19.70 -3.28 7.61
CA GLN B 1083 20.73 -2.66 8.44
C GLN B 1083 20.76 -3.29 9.82
N LEU B 1084 19.62 -3.54 10.50
CA LEU B 1084 19.60 -4.30 11.75
C LEU B 1084 20.24 -5.68 11.60
N SER B 1085 19.98 -6.42 10.52
CA SER B 1085 20.62 -7.72 10.34
C SER B 1085 22.13 -7.57 10.18
N ASP B 1086 22.55 -6.62 9.35
CA ASP B 1086 23.97 -6.41 9.11
C ASP B 1086 24.69 -5.99 10.38
N ILE B 1087 24.05 -5.16 11.20
CA ILE B 1087 24.67 -4.68 12.42
C ILE B 1087 24.74 -5.80 13.47
N SER B 1088 23.76 -6.70 13.48
CA SER B 1088 23.91 -7.89 14.31
C SER B 1088 25.12 -8.71 13.88
N LEU B 1089 25.27 -8.90 12.57
CA LEU B 1089 26.46 -9.60 12.06
C LEU B 1089 27.73 -8.88 12.48
N VAL B 1090 27.73 -7.55 12.42
CA VAL B 1090 28.91 -6.78 12.79
C VAL B 1090 29.22 -6.91 14.28
N LYS B 1091 28.18 -6.88 15.11
CA LYS B 1091 28.36 -7.07 16.55
C LYS B 1091 28.99 -8.41 16.85
N PHE B 1092 28.51 -9.47 16.21
CA PHE B 1092 29.06 -10.79 16.53
C PHE B 1092 30.44 -10.99 15.92
N GLY B 1093 30.71 -10.37 14.77
CA GLY B 1093 32.07 -10.36 14.26
C GLY B 1093 33.02 -9.62 15.18
N ALA B 1094 32.56 -8.51 15.77
CA ALA B 1094 33.40 -7.75 16.69
C ALA B 1094 33.62 -8.51 17.99
N ALA B 1095 32.61 -9.26 18.44
CA ALA B 1095 32.81 -10.13 19.59
C ALA B 1095 33.84 -11.21 19.29
N LEU B 1096 33.79 -11.78 18.08
CA LEU B 1096 34.81 -12.74 17.68
C LEU B 1096 36.19 -12.10 17.62
N ALA B 1097 36.27 -10.86 17.11
CA ALA B 1097 37.55 -10.18 17.03
C ALA B 1097 38.11 -9.88 18.42
N MET B 1098 37.24 -9.51 19.35
CA MET B 1098 37.65 -9.32 20.73
C MET B 1098 38.16 -10.61 21.35
N GLU B 1099 37.46 -11.72 21.08
CA GLU B 1099 37.92 -13.02 21.54
C GLU B 1099 39.29 -13.34 20.97
N LYS B 1100 39.48 -13.06 19.68
CA LYS B 1100 40.76 -13.34 19.05
C LYS B 1100 41.86 -12.47 19.63
N VAL B 1101 41.58 -11.20 19.90
CA VAL B 1101 42.59 -10.36 20.54
C VAL B 1101 42.98 -10.95 21.88
N ASN B 1102 41.99 -11.23 22.74
CA ASN B 1102 42.26 -11.70 24.09
C ASN B 1102 42.93 -13.06 24.13
N GLU B 1103 42.63 -13.93 23.18
CA GLU B 1103 43.05 -15.33 23.27
C GLU B 1103 43.98 -15.77 22.15
N CYS B 1104 44.45 -14.85 21.32
CA CYS B 1104 45.46 -15.09 20.31
C CYS B 1104 46.56 -14.05 20.33
N VAL B 1105 46.23 -12.79 20.64
CA VAL B 1105 47.23 -11.73 20.59
C VAL B 1105 47.80 -11.51 21.98
N LYS B 1106 46.93 -11.23 22.94
CA LYS B 1106 47.38 -10.95 24.30
C LYS B 1106 47.68 -12.21 25.08
N SER B 1107 47.23 -13.36 24.61
CA SER B 1107 47.54 -14.65 25.23
C SER B 1107 47.24 -15.73 24.20
N GLN B 1108 47.45 -16.98 24.59
CA GLN B 1108 47.26 -18.13 23.70
C GLN B 1108 46.36 -19.14 24.41
N SER B 1109 45.05 -19.00 24.21
CA SER B 1109 44.12 -19.92 24.85
C SER B 1109 44.29 -21.32 24.27
N PRO B 1110 44.19 -22.40 25.06
CA PRO B 1110 44.37 -23.78 24.59
C PRO B 1110 43.17 -24.27 23.75
N ARG B 1111 42.98 -23.71 22.56
CA ARG B 1111 41.87 -23.97 21.63
C ARG B 1111 42.40 -24.15 20.22
N ILE B 1112 42.28 -25.34 19.65
CA ILE B 1112 43.15 -25.76 18.55
C ILE B 1112 43.10 -24.90 17.29
N ASN B 1113 41.92 -24.67 16.71
CA ASN B 1113 41.81 -23.95 15.46
C ASN B 1113 41.07 -22.63 15.62
N PHE B 1114 41.10 -22.07 16.84
CA PHE B 1114 40.48 -20.77 17.06
C PHE B 1114 41.25 -19.66 16.35
N CYS B 1115 42.57 -19.63 16.52
CA CYS B 1115 43.41 -18.59 15.95
C CYS B 1115 44.04 -19.07 14.64
N GLY B 1116 43.19 -19.29 13.65
CA GLY B 1116 43.64 -19.77 12.36
C GLY B 1116 43.97 -21.25 12.37
N ASN B 1117 43.88 -21.85 11.20
CA ASN B 1117 44.13 -23.28 11.06
C ASN B 1117 45.62 -23.57 11.19
N GLY B 1118 45.92 -24.73 11.76
CA GLY B 1118 47.29 -25.20 11.87
C GLY B 1118 47.83 -25.11 13.28
N ASN B 1119 49.13 -25.41 13.38
CA ASN B 1119 49.85 -25.37 14.65
C ASN B 1119 50.11 -23.92 15.01
N HIS B 1120 49.10 -23.29 15.61
CA HIS B 1120 49.17 -21.86 15.91
C HIS B 1120 50.26 -21.57 16.93
N ILE B 1121 51.19 -20.70 16.56
CA ILE B 1121 52.22 -20.26 17.48
C ILE B 1121 51.77 -19.04 18.26
N LEU B 1122 51.32 -18.02 17.53
CA LEU B 1122 51.15 -16.69 18.07
C LEU B 1122 50.44 -15.85 17.02
N SER B 1123 49.76 -14.80 17.48
CA SER B 1123 49.00 -13.95 16.59
C SER B 1123 49.27 -12.49 16.92
N LEU B 1124 49.18 -11.64 15.89
CA LEU B 1124 49.32 -10.20 16.02
C LEU B 1124 48.13 -9.54 15.36
N VAL B 1125 47.83 -8.31 15.77
CA VAL B 1125 46.66 -7.58 15.29
C VAL B 1125 47.10 -6.24 14.75
N GLN B 1126 46.48 -5.82 13.64
CA GLN B 1126 46.70 -4.51 13.06
C GLN B 1126 45.35 -3.90 12.71
N ASN B 1127 45.30 -2.57 12.73
CA ASN B 1127 44.08 -1.86 12.38
C ASN B 1127 43.79 -1.99 10.89
N ALA B 1128 42.53 -2.18 10.56
CA ALA B 1128 42.06 -2.26 9.19
C ALA B 1128 40.81 -1.40 9.06
N PRO B 1129 40.47 -0.98 7.85
CA PRO B 1129 39.21 -0.24 7.68
C PRO B 1129 38.01 -1.07 8.12
N TYR B 1130 37.25 -0.52 9.07
CA TYR B 1130 36.01 -1.13 9.55
C TYR B 1130 36.24 -2.51 10.17
N GLY B 1131 37.40 -2.72 10.78
CA GLY B 1131 37.66 -3.99 11.41
C GLY B 1131 39.11 -4.10 11.85
N LEU B 1132 39.51 -5.32 12.16
CA LEU B 1132 40.87 -5.63 12.55
C LEU B 1132 41.43 -6.69 11.62
N LEU B 1133 42.74 -6.65 11.42
CA LEU B 1133 43.45 -7.67 10.67
C LEU B 1133 44.33 -8.45 11.63
N PHE B 1134 44.14 -9.76 11.68
CA PHE B 1134 44.91 -10.64 12.55
C PHE B 1134 45.93 -11.40 11.72
N MET B 1135 47.17 -11.41 12.18
CA MET B 1135 48.24 -12.16 11.53
C MET B 1135 48.50 -13.40 12.38
N HIS B 1136 48.06 -14.56 11.89
CA HIS B 1136 48.22 -15.81 12.62
C HIS B 1136 49.46 -16.52 12.13
N PHE B 1137 50.39 -16.77 13.05
CA PHE B 1137 51.66 -17.40 12.72
C PHE B 1137 51.62 -18.85 13.18
N SER B 1138 51.97 -19.77 12.27
CA SER B 1138 51.80 -21.19 12.51
C SER B 1138 53.12 -21.93 12.32
N TYR B 1139 53.23 -23.06 13.01
CA TYR B 1139 54.34 -23.97 12.83
C TYR B 1139 54.03 -24.88 11.63
N LYS B 1140 54.78 -24.71 10.56
CA LYS B 1140 54.54 -25.49 9.35
C LYS B 1140 55.68 -26.48 9.14
N PRO B 1141 55.44 -27.78 9.31
CA PRO B 1141 56.47 -28.77 8.97
C PRO B 1141 56.83 -28.70 7.50
N ILE B 1142 58.11 -28.88 7.20
CA ILE B 1142 58.62 -28.80 5.84
C ILE B 1142 58.92 -30.18 5.28
N SER B 1143 59.67 -30.99 6.02
CA SER B 1143 60.03 -32.34 5.59
C SER B 1143 59.72 -33.32 6.70
N PHE B 1144 59.40 -34.55 6.32
CA PHE B 1144 58.95 -35.57 7.25
C PHE B 1144 59.85 -36.78 7.16
N LYS B 1145 59.90 -37.53 8.26
CA LYS B 1145 60.64 -38.80 8.33
C LYS B 1145 59.70 -39.86 8.88
N THR B 1146 59.62 -40.99 8.19
CA THR B 1146 58.83 -42.12 8.66
C THR B 1146 59.63 -42.84 9.74
N VAL B 1147 59.08 -42.88 10.94
CA VAL B 1147 59.77 -43.47 12.09
C VAL B 1147 58.79 -44.32 12.87
N LEU B 1148 59.22 -45.52 13.25
CA LEU B 1148 58.42 -46.39 14.10
C LEU B 1148 58.41 -45.83 15.52
N VAL B 1149 57.22 -45.70 16.09
CA VAL B 1149 57.05 -45.09 17.40
C VAL B 1149 56.25 -46.02 18.30
N SER B 1150 56.33 -45.76 19.60
CA SER B 1150 55.54 -46.48 20.58
C SER B 1150 54.75 -45.48 21.40
N PRO B 1151 53.44 -45.68 21.58
CA PRO B 1151 52.65 -44.77 22.39
C PRO B 1151 52.70 -45.04 23.89
N GLY B 1152 53.61 -45.90 24.34
CA GLY B 1152 53.73 -46.20 25.75
C GLY B 1152 54.65 -47.39 26.00
N LEU B 1153 55.24 -47.46 27.18
CA LEU B 1153 56.17 -48.52 27.52
C LEU B 1153 55.83 -49.09 28.89
N CYS B 1154 55.98 -50.41 29.02
CA CYS B 1154 55.89 -51.10 30.30
C CYS B 1154 57.31 -51.37 30.77
N ILE B 1155 57.76 -50.62 31.78
CA ILE B 1155 59.15 -50.62 32.17
C ILE B 1155 59.29 -51.14 33.60
N SER B 1156 60.49 -51.63 33.91
CA SER B 1156 60.90 -52.02 35.25
C SER B 1156 59.88 -52.94 35.93
N GLY B 1157 59.38 -52.52 37.08
CA GLY B 1157 58.41 -53.29 37.83
C GLY B 1157 57.00 -53.11 37.29
N ASP B 1158 56.81 -53.37 36.00
CA ASP B 1158 55.53 -53.25 35.31
C ASP B 1158 54.95 -51.84 35.42
N VAL B 1159 55.81 -50.84 35.61
CA VAL B 1159 55.37 -49.45 35.65
C VAL B 1159 55.22 -48.94 34.23
N GLY B 1160 54.06 -48.35 33.94
CA GLY B 1160 53.79 -47.84 32.62
C GLY B 1160 54.16 -46.36 32.50
N ILE B 1161 54.75 -46.02 31.37
CA ILE B 1161 55.12 -44.64 31.05
C ILE B 1161 54.59 -44.30 29.68
N ALA B 1162 53.97 -43.13 29.56
CA ALA B 1162 53.51 -42.65 28.27
C ALA B 1162 54.29 -41.41 27.87
N PRO B 1163 54.63 -41.25 26.60
CA PRO B 1163 55.36 -40.05 26.18
C PRO B 1163 54.52 -38.81 26.37
N LYS B 1164 55.17 -37.74 26.84
CA LYS B 1164 54.50 -36.48 27.10
C LYS B 1164 54.69 -35.56 25.90
N GLN B 1165 53.64 -35.42 25.09
CA GLN B 1165 53.68 -34.62 23.87
C GLN B 1165 54.80 -35.10 22.94
N GLY B 1166 54.79 -36.40 22.66
CA GLY B 1166 55.82 -36.98 21.83
C GLY B 1166 55.60 -38.47 21.68
N TYR B 1167 56.66 -39.16 21.26
CA TYR B 1167 56.59 -40.59 21.03
C TYR B 1167 57.86 -41.25 21.53
N PHE B 1168 57.74 -42.54 21.86
CA PHE B 1168 58.89 -43.36 22.19
C PHE B 1168 59.40 -44.05 20.94
N ILE B 1169 60.69 -43.91 20.67
CA ILE B 1169 61.30 -44.42 19.45
C ILE B 1169 62.54 -45.22 19.80
N LYS B 1170 62.95 -46.07 18.88
CA LYS B 1170 64.16 -46.89 19.03
C LYS B 1170 65.27 -46.26 18.19
N HIS B 1171 66.15 -45.51 18.85
CA HIS B 1171 67.30 -44.89 18.21
C HIS B 1171 68.56 -45.45 18.82
N ASN B 1172 69.47 -45.94 17.97
CA ASN B 1172 70.69 -46.63 18.40
C ASN B 1172 70.35 -47.84 19.27
N ASP B 1173 69.29 -48.54 18.89
CA ASP B 1173 68.91 -49.81 19.51
C ASP B 1173 68.63 -49.66 21.01
N HIS B 1174 68.07 -48.52 21.40
CA HIS B 1174 67.55 -48.37 22.76
C HIS B 1174 66.50 -47.28 22.76
N TRP B 1175 65.58 -47.38 23.72
CA TRP B 1175 64.41 -46.52 23.74
C TRP B 1175 64.77 -45.08 24.05
N MET B 1176 64.29 -44.17 23.22
CA MET B 1176 64.43 -42.73 23.47
C MET B 1176 63.15 -42.02 23.07
N PHE B 1177 63.04 -40.78 23.51
CA PHE B 1177 61.85 -39.95 23.30
C PHE B 1177 62.12 -38.94 22.20
N THR B 1178 61.10 -38.66 21.40
CA THR B 1178 61.15 -37.58 20.43
C THR B 1178 59.84 -36.79 20.50
N GLY B 1179 59.95 -35.49 20.30
CA GLY B 1179 58.75 -34.66 20.23
C GLY B 1179 57.92 -35.02 19.02
N SER B 1180 56.61 -34.77 19.14
CA SER B 1180 55.70 -35.18 18.07
C SER B 1180 55.82 -34.29 16.84
N SER B 1181 56.23 -33.04 17.02
CA SER B 1181 56.27 -32.08 15.93
C SER B 1181 57.67 -31.84 15.38
N TYR B 1182 58.67 -32.54 15.90
CA TYR B 1182 60.03 -32.41 15.38
C TYR B 1182 60.83 -33.63 15.79
N TYR B 1183 61.43 -34.30 14.81
CA TYR B 1183 62.18 -35.52 15.09
C TYR B 1183 63.50 -35.14 15.74
N TYR B 1184 63.65 -35.47 17.01
CA TYR B 1184 64.86 -35.19 17.76
C TYR B 1184 64.95 -36.15 18.94
N PRO B 1185 65.63 -37.29 18.77
CA PRO B 1185 65.70 -38.28 19.86
C PRO B 1185 66.38 -37.71 21.10
N GLU B 1186 65.70 -37.85 22.24
CA GLU B 1186 66.19 -37.38 23.53
C GLU B 1186 66.12 -38.51 24.54
N PRO B 1187 66.97 -38.51 25.56
CA PRO B 1187 66.88 -39.53 26.59
C PRO B 1187 65.55 -39.47 27.32
N ILE B 1188 65.04 -40.65 27.67
CA ILE B 1188 63.79 -40.73 28.40
C ILE B 1188 64.01 -40.24 29.83
N SER B 1189 63.15 -39.32 30.28
CA SER B 1189 63.27 -38.75 31.60
C SER B 1189 61.87 -38.40 32.10
N ASP B 1190 61.78 -38.09 33.39
CA ASP B 1190 60.50 -37.71 33.98
C ASP B 1190 59.97 -36.40 33.40
N LYS B 1191 60.82 -35.62 32.73
CA LYS B 1191 60.37 -34.38 32.12
C LYS B 1191 59.44 -34.63 30.94
N ASN B 1192 59.64 -35.73 30.22
CA ASN B 1192 58.88 -36.03 29.02
C ASN B 1192 58.14 -37.36 29.13
N VAL B 1193 57.62 -37.68 30.31
CA VAL B 1193 57.00 -38.97 30.58
C VAL B 1193 55.86 -38.78 31.57
N VAL B 1194 54.74 -39.45 31.32
CA VAL B 1194 53.63 -39.53 32.25
C VAL B 1194 53.66 -40.92 32.88
N PHE B 1195 53.74 -40.97 34.21
CA PHE B 1195 53.91 -42.23 34.91
C PHE B 1195 52.57 -42.87 35.23
N MET B 1196 52.54 -44.20 35.17
CA MET B 1196 51.37 -44.99 35.54
C MET B 1196 51.85 -46.17 36.37
N ASN B 1197 51.17 -46.42 37.50
CA ASN B 1197 51.60 -47.51 38.38
C ASN B 1197 51.38 -48.88 37.76
N THR B 1198 50.48 -49.00 36.79
CA THR B 1198 50.28 -50.24 36.06
C THR B 1198 50.27 -49.92 34.57
N CYS B 1199 51.07 -50.63 33.80
CA CYS B 1199 51.17 -50.36 32.37
C CYS B 1199 49.95 -50.89 31.64
N SER B 1200 49.48 -50.10 30.68
CA SER B 1200 48.38 -50.54 29.83
C SER B 1200 48.81 -51.72 28.97
N VAL B 1201 47.84 -52.58 28.65
CA VAL B 1201 48.12 -53.71 27.77
C VAL B 1201 48.47 -53.19 26.39
N ASN B 1202 49.24 -53.98 25.64
CA ASN B 1202 49.79 -53.67 24.33
C ASN B 1202 50.84 -52.57 24.36
N PHE B 1203 51.15 -52.02 25.54
CA PHE B 1203 52.33 -51.17 25.66
C PHE B 1203 53.57 -52.00 25.42
N THR B 1204 54.53 -51.44 24.71
CA THR B 1204 55.73 -52.20 24.38
C THR B 1204 56.51 -52.52 25.65
N LYS B 1205 56.77 -53.81 25.85
CA LYS B 1205 57.43 -54.28 27.07
C LYS B 1205 58.92 -53.99 26.99
N ALA B 1206 59.40 -53.13 27.88
CA ALA B 1206 60.81 -52.74 27.92
C ALA B 1206 61.32 -52.84 29.35
N PRO B 1207 61.59 -54.05 29.82
CA PRO B 1207 62.09 -54.21 31.20
C PRO B 1207 63.45 -53.57 31.43
N LEU B 1208 64.22 -53.32 30.38
CA LEU B 1208 65.57 -52.78 30.52
C LEU B 1208 65.60 -51.26 30.62
N VAL B 1209 64.45 -50.61 30.62
CA VAL B 1209 64.39 -49.15 30.69
C VAL B 1209 64.29 -48.73 32.15
N TYR B 1210 65.23 -47.88 32.59
CA TYR B 1210 65.25 -47.34 33.95
C TYR B 1210 65.22 -48.45 35.00
N VAL C 1 -48.65 -8.72 1.84
CA VAL C 1 -48.91 -9.49 0.59
C VAL C 1 -47.62 -9.74 -0.18
N ILE C 2 -47.57 -10.77 -1.03
CA ILE C 2 -46.39 -11.08 -1.84
C ILE C 2 -46.40 -10.24 -3.13
N GLY C 3 -47.33 -10.53 -4.05
CA GLY C 3 -47.53 -9.75 -5.26
C GLY C 3 -48.58 -8.64 -5.12
N ASP C 4 -48.71 -7.82 -6.15
CA ASP C 4 -49.73 -6.79 -6.31
C ASP C 4 -50.94 -7.24 -7.16
N PHE C 5 -50.78 -8.29 -7.99
CA PHE C 5 -51.82 -8.80 -8.88
C PHE C 5 -52.98 -9.49 -8.12
N ASN C 6 -54.21 -9.01 -8.33
CA ASN C 6 -55.43 -9.61 -7.75
C ASN C 6 -55.70 -11.03 -8.32
N CYS C 7 -55.32 -12.03 -7.53
CA CYS C 7 -55.35 -13.44 -7.92
C CYS C 7 -56.70 -14.13 -7.70
N THR C 8 -57.34 -13.84 -6.56
CA THR C 8 -58.58 -14.49 -6.10
C THR C 8 -59.26 -13.64 -5.03
N ASN C 9 -60.57 -13.83 -4.86
CA ASN C 9 -61.35 -13.27 -3.76
C ASN C 9 -62.14 -14.35 -2.97
N PHE C 10 -61.92 -15.63 -3.28
CA PHE C 10 -62.57 -16.75 -2.60
C PHE C 10 -61.94 -17.03 -1.22
N ALA C 11 -62.77 -16.95 -0.18
CA ALA C 11 -62.46 -17.31 1.21
C ALA C 11 -61.21 -16.58 1.70
N ILE C 12 -61.28 -15.25 1.71
CA ILE C 12 -60.24 -14.37 2.21
C ILE C 12 -60.74 -13.73 3.51
N ASN C 13 -60.01 -13.90 4.61
CA ASN C 13 -60.39 -13.33 5.90
C ASN C 13 -59.14 -12.80 6.58
N ASP C 14 -59.29 -12.39 7.84
CA ASP C 14 -58.19 -11.85 8.64
C ASP C 14 -58.02 -12.60 9.95
N LEU C 15 -58.46 -13.85 10.00
CA LEU C 15 -58.34 -14.63 11.22
C LEU C 15 -56.88 -14.92 11.54
N ASN C 16 -56.53 -14.78 12.81
CA ASN C 16 -55.15 -14.93 13.27
C ASN C 16 -54.96 -16.34 13.82
N THR C 17 -54.16 -17.14 13.13
CA THR C 17 -53.85 -18.50 13.56
C THR C 17 -52.62 -18.46 14.47
N THR C 18 -52.06 -19.63 14.76
CA THR C 18 -50.88 -19.71 15.62
C THR C 18 -49.68 -19.02 14.97
N VAL C 19 -48.90 -18.32 15.79
CA VAL C 19 -47.68 -17.66 15.34
C VAL C 19 -46.64 -18.73 15.04
N PRO C 20 -45.57 -18.42 14.30
CA PRO C 20 -44.54 -19.43 14.03
C PRO C 20 -44.00 -20.03 15.33
N ARG C 21 -43.83 -21.34 15.33
CA ARG C 21 -43.51 -22.09 16.54
C ARG C 21 -42.00 -22.21 16.71
N ILE C 22 -41.56 -22.16 17.96
CA ILE C 22 -40.15 -22.38 18.29
C ILE C 22 -39.91 -23.88 18.41
N SER C 23 -38.91 -24.37 17.68
CA SER C 23 -38.67 -25.80 17.61
C SER C 23 -38.06 -26.32 18.90
N GLU C 24 -38.12 -27.64 19.06
CA GLU C 24 -37.41 -28.34 20.12
C GLU C 24 -36.12 -28.99 19.64
N TYR C 25 -36.03 -29.31 18.35
CA TYR C 25 -34.80 -29.83 17.77
C TYR C 25 -33.76 -28.72 17.67
N VAL C 26 -32.49 -29.10 17.84
CA VAL C 26 -31.40 -28.15 17.90
C VAL C 26 -30.40 -28.44 16.79
N VAL C 27 -29.74 -27.41 16.28
CA VAL C 27 -28.73 -27.54 15.23
C VAL C 27 -27.50 -28.26 15.78
N ASP C 28 -27.09 -29.34 15.10
CA ASP C 28 -25.92 -30.14 15.47
C ASP C 28 -25.17 -30.47 14.18
N VAL C 29 -24.14 -29.68 13.89
CA VAL C 29 -23.34 -29.83 12.68
C VAL C 29 -22.20 -30.83 12.86
N SER C 30 -22.14 -31.58 13.96
CA SER C 30 -21.01 -32.45 14.24
C SER C 30 -20.78 -33.48 13.14
N TYR C 31 -21.81 -33.89 12.39
CA TYR C 31 -21.72 -34.85 11.28
C TYR C 31 -22.06 -34.21 9.93
N GLY C 32 -21.93 -32.89 9.83
CA GLY C 32 -22.16 -32.14 8.60
C GLY C 32 -23.62 -31.90 8.25
N LEU C 33 -24.60 -32.19 9.11
CA LEU C 33 -26.01 -32.08 8.75
C LEU C 33 -26.37 -30.65 8.33
N GLY C 34 -25.89 -29.64 9.06
CA GLY C 34 -26.17 -28.23 8.74
C GLY C 34 -25.30 -27.64 7.63
N THR C 35 -24.45 -28.45 6.99
CA THR C 35 -23.46 -28.00 6.01
C THR C 35 -23.86 -28.38 4.57
N TYR C 36 -23.01 -28.07 3.62
CA TYR C 36 -23.18 -28.41 2.22
C TYR C 36 -21.85 -28.75 1.58
N TYR C 37 -21.90 -29.53 0.52
CA TYR C 37 -20.74 -29.68 -0.35
C TYR C 37 -20.46 -28.36 -1.08
N ILE C 38 -19.19 -28.01 -1.23
CA ILE C 38 -18.80 -26.70 -1.75
C ILE C 38 -19.03 -26.62 -3.25
N LEU C 39 -20.20 -26.14 -3.68
CA LEU C 39 -20.56 -26.02 -5.09
C LEU C 39 -20.37 -27.38 -5.80
N ASP C 40 -19.84 -27.37 -7.01
CA ASP C 40 -19.44 -28.57 -7.75
C ASP C 40 -18.01 -29.05 -7.45
N ARG C 41 -17.40 -28.58 -6.36
CA ARG C 41 -16.07 -29.04 -5.93
C ARG C 41 -16.14 -30.31 -5.09
N VAL C 42 -15.07 -31.08 -5.10
CA VAL C 42 -14.84 -32.25 -4.23
C VAL C 42 -13.46 -32.10 -3.58
N TYR C 43 -13.31 -32.54 -2.32
CA TYR C 43 -12.03 -32.61 -1.62
C TYR C 43 -11.85 -34.04 -1.11
N LEU C 44 -10.67 -34.64 -1.25
CA LEU C 44 -10.43 -36.03 -0.83
C LEU C 44 -9.42 -36.09 0.30
N ASN C 45 -9.74 -36.82 1.38
CA ASN C 45 -8.83 -37.05 2.51
C ASN C 45 -8.17 -35.76 3.05
N THR C 46 -8.97 -34.73 3.28
CA THR C 46 -8.51 -33.40 3.72
C THR C 46 -9.41 -32.83 4.79
N THR C 47 -8.89 -31.83 5.50
CA THR C 47 -9.68 -31.04 6.43
C THR C 47 -9.58 -29.59 5.98
N ILE C 48 -10.69 -28.99 5.61
CA ILE C 48 -10.78 -27.69 4.95
C ILE C 48 -11.36 -26.66 5.90
N LEU C 49 -10.75 -25.49 6.01
CA LEU C 49 -11.30 -24.38 6.77
C LEU C 49 -12.03 -23.45 5.80
N PHE C 50 -13.36 -23.48 5.83
CA PHE C 50 -14.20 -22.81 4.85
C PHE C 50 -15.09 -21.76 5.51
N THR C 51 -15.02 -20.52 5.04
CA THR C 51 -15.92 -19.46 5.51
C THR C 51 -17.12 -19.39 4.58
N GLY C 52 -18.30 -19.65 5.13
CA GLY C 52 -19.51 -19.85 4.37
C GLY C 52 -20.75 -19.48 5.16
N TYR C 53 -21.90 -19.51 4.50
CA TYR C 53 -23.17 -19.18 5.11
C TYR C 53 -23.70 -20.45 5.75
N PHE C 54 -23.63 -20.53 7.07
CA PHE C 54 -23.96 -21.73 7.83
C PHE C 54 -24.95 -21.40 8.95
N PRO C 55 -25.71 -22.38 9.46
CA PRO C 55 -26.48 -22.21 10.67
C PRO C 55 -25.53 -21.95 11.86
N LYS C 56 -25.97 -21.16 12.84
CA LYS C 56 -25.28 -21.11 14.14
C LYS C 56 -25.48 -22.45 14.86
N SER C 57 -24.41 -23.10 15.29
CA SER C 57 -24.53 -24.37 16.00
C SER C 57 -25.31 -24.18 17.30
N GLY C 58 -26.26 -25.07 17.58
CA GLY C 58 -27.08 -24.96 18.76
C GLY C 58 -28.27 -24.05 18.65
N ALA C 59 -28.67 -23.66 17.44
CA ALA C 59 -29.81 -22.78 17.25
C ALA C 59 -31.10 -23.59 17.16
N ASN C 60 -32.22 -22.89 17.12
CA ASN C 60 -33.55 -23.49 17.03
C ASN C 60 -34.14 -23.23 15.65
N PHE C 61 -35.38 -23.69 15.46
CA PHE C 61 -36.05 -23.59 14.18
C PHE C 61 -37.44 -22.99 14.36
N ARG C 62 -37.95 -22.40 13.28
CA ARG C 62 -39.32 -21.91 13.21
C ARG C 62 -40.09 -22.72 12.18
N ASP C 63 -41.28 -23.18 12.57
CA ASP C 63 -42.15 -23.93 11.65
C ASP C 63 -43.03 -22.92 10.92
N LEU C 64 -42.63 -22.56 9.71
CA LEU C 64 -43.38 -21.61 8.90
C LEU C 64 -44.42 -22.29 8.01
N SER C 65 -44.56 -23.61 8.10
CA SER C 65 -45.55 -24.32 7.30
C SER C 65 -46.96 -23.94 7.72
N LEU C 66 -47.84 -23.81 6.72
CA LEU C 66 -49.23 -23.47 6.94
C LEU C 66 -50.12 -24.45 6.20
N LYS C 67 -51.06 -25.05 6.93
CA LYS C 67 -52.00 -26.02 6.36
C LYS C 67 -53.41 -25.47 6.55
N GLY C 68 -54.14 -25.35 5.44
CA GLY C 68 -55.50 -24.87 5.48
C GLY C 68 -56.42 -25.70 4.60
N THR C 69 -57.73 -25.43 4.67
CA THR C 69 -58.68 -26.18 3.85
C THR C 69 -59.36 -25.27 2.83
N THR C 70 -59.98 -24.19 3.30
CA THR C 70 -60.75 -23.31 2.43
C THR C 70 -60.28 -21.87 2.48
N TYR C 71 -60.06 -21.32 3.67
CA TYR C 71 -59.81 -19.90 3.83
C TYR C 71 -58.32 -19.59 3.85
N LEU C 72 -57.94 -18.47 3.25
CA LEU C 72 -56.58 -17.93 3.19
C LEU C 72 -56.57 -16.61 3.96
N SER C 73 -56.08 -16.64 5.19
CA SER C 73 -55.99 -15.42 5.97
C SER C 73 -54.93 -14.49 5.39
N THR C 74 -55.23 -13.19 5.37
CA THR C 74 -54.27 -12.21 4.89
C THR C 74 -53.06 -12.12 5.82
N LEU C 75 -53.25 -12.39 7.11
CA LEU C 75 -52.14 -12.38 8.06
C LEU C 75 -51.09 -13.44 7.73
N TRP C 76 -51.46 -14.46 6.95
CA TRP C 76 -50.49 -15.45 6.53
C TRP C 76 -49.39 -14.86 5.67
N TYR C 77 -49.63 -13.72 5.02
CA TYR C 77 -48.75 -13.08 4.04
C TYR C 77 -48.14 -11.79 4.60
N GLN C 78 -47.83 -11.74 5.91
CA GLN C 78 -47.39 -10.51 6.55
C GLN C 78 -46.09 -10.71 7.31
N LYS C 79 -45.72 -9.72 8.11
CA LYS C 79 -44.45 -9.77 8.85
C LYS C 79 -44.26 -11.02 9.70
N PRO C 80 -45.25 -11.53 10.44
CA PRO C 80 -44.99 -12.73 11.27
C PRO C 80 -44.48 -13.93 10.48
N PHE C 81 -44.86 -14.08 9.22
CA PHE C 81 -44.41 -15.20 8.40
C PHE C 81 -43.53 -14.80 7.24
N LEU C 82 -43.83 -13.75 6.46
CA LEU C 82 -42.95 -13.18 5.41
C LEU C 82 -41.74 -12.54 6.10
N SER C 83 -40.66 -13.32 6.24
CA SER C 83 -39.47 -12.88 6.96
C SER C 83 -38.40 -12.37 5.99
N ASP C 84 -37.51 -11.54 6.53
CA ASP C 84 -36.42 -11.01 5.73
C ASP C 84 -35.42 -12.12 5.41
N PHE C 85 -34.96 -12.17 4.16
CA PHE C 85 -33.96 -13.16 3.78
C PHE C 85 -32.66 -12.93 4.52
N ASN C 86 -32.23 -11.67 4.62
CA ASN C 86 -30.98 -11.28 5.29
C ASN C 86 -29.85 -12.06 4.63
N ASN C 87 -28.95 -12.68 5.39
CA ASN C 87 -27.92 -13.55 4.82
C ASN C 87 -28.54 -14.79 4.15
N GLY C 88 -29.56 -15.37 4.77
CA GLY C 88 -30.21 -16.55 4.22
C GLY C 88 -30.83 -17.36 5.35
N ILE C 89 -31.35 -18.53 4.97
CA ILE C 89 -31.95 -19.45 5.92
C ILE C 89 -31.55 -20.87 5.58
N PHE C 90 -31.42 -21.70 6.62
CA PHE C 90 -31.27 -23.13 6.48
C PHE C 90 -32.58 -23.79 6.89
N SER C 91 -33.04 -24.75 6.08
CA SER C 91 -34.38 -25.29 6.21
C SER C 91 -34.32 -26.79 6.46
N ARG C 92 -35.17 -27.27 7.36
CA ARG C 92 -35.40 -28.69 7.57
C ARG C 92 -36.87 -28.96 7.30
N VAL C 93 -37.13 -29.85 6.35
CA VAL C 93 -38.48 -30.08 5.84
C VAL C 93 -38.89 -31.52 6.14
N LYS C 94 -40.07 -31.68 6.73
CA LYS C 94 -40.64 -33.01 6.91
C LYS C 94 -41.36 -33.43 5.64
N ASN C 95 -40.96 -34.58 5.10
CA ASN C 95 -41.61 -35.14 3.91
C ASN C 95 -42.77 -35.99 4.40
N THR C 96 -43.90 -35.35 4.70
CA THR C 96 -45.09 -36.07 5.13
C THR C 96 -45.57 -36.96 4.00
N LYS C 97 -45.87 -38.21 4.33
CA LYS C 97 -46.23 -39.21 3.33
C LYS C 97 -47.69 -39.58 3.48
N LEU C 98 -48.47 -39.34 2.43
CA LEU C 98 -49.90 -39.64 2.41
C LEU C 98 -50.14 -40.94 1.66
N TYR C 99 -51.14 -41.68 2.11
CA TYR C 99 -51.51 -42.96 1.51
C TYR C 99 -52.85 -42.81 0.80
N VAL C 100 -52.85 -42.95 -0.52
CA VAL C 100 -54.06 -42.95 -1.33
C VAL C 100 -54.13 -44.32 -2.00
N ASN C 101 -54.97 -45.20 -1.46
CA ASN C 101 -55.04 -46.59 -1.91
C ASN C 101 -53.67 -47.26 -1.84
N LYS C 102 -52.99 -47.07 -0.71
CA LYS C 102 -51.67 -47.60 -0.41
C LYS C 102 -50.61 -47.12 -1.39
N THR C 103 -50.78 -45.92 -1.97
CA THR C 103 -49.78 -45.34 -2.86
C THR C 103 -49.04 -44.23 -2.11
N LEU C 104 -47.72 -44.30 -2.12
CA LEU C 104 -46.92 -43.30 -1.43
C LEU C 104 -46.99 -41.96 -2.17
N TYR C 105 -47.21 -40.90 -1.42
CA TYR C 105 -47.22 -39.55 -1.96
C TYR C 105 -46.39 -38.64 -1.07
N SER C 106 -45.74 -37.65 -1.69
CA SER C 106 -44.83 -36.75 -0.99
C SER C 106 -45.36 -35.33 -1.14
N GLU C 107 -45.54 -34.64 -0.02
CA GLU C 107 -45.99 -33.25 0.00
C GLU C 107 -45.20 -32.46 1.03
N PHE C 108 -44.96 -31.18 0.72
CA PHE C 108 -44.50 -30.22 1.71
C PHE C 108 -44.64 -28.82 1.13
N SER C 109 -44.25 -27.83 1.92
CA SER C 109 -44.58 -26.44 1.63
C SER C 109 -43.70 -25.89 0.51
N THR C 110 -43.84 -24.59 0.26
CA THR C 110 -43.21 -23.91 -0.86
C THR C 110 -42.68 -22.57 -0.37
N ILE C 111 -41.57 -22.12 -0.95
CA ILE C 111 -40.92 -20.88 -0.56
C ILE C 111 -40.77 -19.96 -1.77
N VAL C 112 -41.05 -18.68 -1.58
CA VAL C 112 -40.79 -17.63 -2.55
C VAL C 112 -39.66 -16.76 -2.04
N ILE C 113 -38.65 -16.47 -2.87
CA ILE C 113 -37.49 -15.66 -2.50
C ILE C 113 -37.22 -14.65 -3.60
N GLY C 114 -36.92 -13.42 -3.21
CA GLY C 114 -36.34 -12.46 -4.14
C GLY C 114 -37.07 -11.15 -4.31
N SER C 115 -36.42 -10.05 -3.92
CA SER C 115 -36.86 -8.69 -4.20
C SER C 115 -38.31 -8.44 -3.79
N VAL C 116 -39.04 -7.61 -4.53
CA VAL C 116 -40.42 -7.17 -4.32
C VAL C 116 -41.47 -8.19 -4.82
N PHE C 117 -41.03 -9.30 -5.41
CA PHE C 117 -41.88 -10.39 -5.91
C PHE C 117 -42.83 -10.03 -7.06
N ILE C 118 -42.56 -8.99 -7.84
CA ILE C 118 -43.42 -8.63 -8.98
C ILE C 118 -42.75 -9.09 -10.28
N ASN C 119 -43.49 -9.15 -11.39
CA ASN C 119 -42.97 -9.53 -12.72
C ASN C 119 -41.84 -8.64 -13.28
N ASN C 120 -41.51 -7.54 -12.60
CA ASN C 120 -40.34 -6.72 -12.91
C ASN C 120 -39.08 -7.18 -12.18
N SER C 121 -39.21 -8.14 -11.26
CA SER C 121 -38.09 -8.61 -10.46
C SER C 121 -38.05 -10.13 -10.51
N TYR C 122 -36.86 -10.68 -10.27
CA TYR C 122 -36.67 -12.13 -10.33
C TYR C 122 -37.04 -12.77 -9.01
N THR C 123 -37.78 -13.87 -9.09
CA THR C 123 -38.31 -14.56 -7.93
C THR C 123 -37.96 -16.04 -8.01
N ILE C 124 -37.54 -16.60 -6.87
CA ILE C 124 -37.15 -17.99 -6.76
C ILE C 124 -38.22 -18.73 -5.98
N VAL C 125 -38.76 -19.80 -6.58
CA VAL C 125 -39.81 -20.61 -5.98
C VAL C 125 -39.35 -22.06 -5.97
N VAL C 126 -39.65 -22.77 -4.87
CA VAL C 126 -39.26 -24.16 -4.71
C VAL C 126 -40.54 -24.92 -4.35
N GLN C 127 -41.00 -25.78 -5.26
CA GLN C 127 -42.26 -26.46 -5.05
C GLN C 127 -42.15 -27.93 -5.45
N PRO C 128 -42.66 -28.85 -4.63
CA PRO C 128 -42.52 -30.28 -4.92
C PRO C 128 -43.70 -30.83 -5.73
N HIS C 129 -43.38 -31.87 -6.51
CA HIS C 129 -44.37 -32.53 -7.37
C HIS C 129 -44.35 -34.03 -7.15
N ASN C 130 -44.34 -34.46 -5.89
CA ASN C 130 -44.40 -35.87 -5.52
C ASN C 130 -43.24 -36.64 -6.14
N GLY C 131 -42.03 -36.28 -5.71
CA GLY C 131 -40.82 -36.89 -6.19
C GLY C 131 -40.03 -36.04 -7.14
N VAL C 132 -40.58 -34.93 -7.62
CA VAL C 132 -39.89 -33.99 -8.49
C VAL C 132 -39.85 -32.64 -7.80
N LEU C 133 -38.66 -32.13 -7.55
CA LEU C 133 -38.46 -30.83 -6.92
C LEU C 133 -37.97 -29.88 -8.00
N GLU C 134 -38.78 -28.86 -8.30
CA GLU C 134 -38.49 -27.94 -9.39
C GLU C 134 -38.12 -26.58 -8.82
N ILE C 135 -37.08 -25.97 -9.39
CA ILE C 135 -36.69 -24.61 -9.09
C ILE C 135 -36.54 -23.87 -10.41
N THR C 136 -37.32 -22.81 -10.58
CA THR C 136 -37.25 -21.98 -11.78
C THR C 136 -37.18 -20.52 -11.37
N ALA C 137 -36.20 -19.80 -11.89
CA ALA C 137 -36.01 -18.38 -11.60
C ALA C 137 -36.54 -17.59 -12.78
N CYS C 138 -37.78 -17.12 -12.67
CA CYS C 138 -38.42 -16.37 -13.74
C CYS C 138 -39.03 -15.09 -13.20
N GLN C 139 -39.49 -14.25 -14.12
CA GLN C 139 -40.17 -13.00 -13.79
C GLN C 139 -41.63 -13.30 -13.46
N TYR C 140 -41.81 -14.05 -12.37
CA TYR C 140 -43.14 -14.54 -12.01
C TYR C 140 -44.09 -13.39 -11.66
N THR C 141 -45.35 -13.55 -12.03
CA THR C 141 -46.48 -12.68 -11.65
C THR C 141 -47.05 -13.15 -10.32
N MET C 142 -46.40 -12.83 -9.21
CA MET C 142 -46.90 -13.29 -7.91
C MET C 142 -48.32 -12.77 -7.64
N CYS C 143 -49.16 -13.67 -7.14
CA CYS C 143 -50.49 -13.33 -6.63
C CYS C 143 -50.43 -12.48 -5.35
N GLU C 144 -51.52 -11.78 -5.01
CA GLU C 144 -51.67 -11.11 -3.71
C GLU C 144 -51.60 -12.09 -2.52
N TYR C 145 -52.34 -13.20 -2.60
CA TYR C 145 -52.38 -14.26 -1.58
C TYR C 145 -51.97 -15.61 -2.20
N PRO C 146 -50.70 -15.79 -2.58
CA PRO C 146 -50.27 -16.96 -3.34
C PRO C 146 -50.36 -18.23 -2.50
N HIS C 147 -50.71 -19.36 -3.12
CA HIS C 147 -50.75 -20.63 -2.39
C HIS C 147 -50.71 -21.81 -3.35
N THR C 148 -50.57 -23.01 -2.79
CA THR C 148 -50.57 -24.26 -3.55
C THR C 148 -51.63 -25.18 -2.98
N ILE C 149 -52.00 -26.19 -3.76
CA ILE C 149 -53.05 -27.11 -3.36
C ILE C 149 -52.51 -28.53 -3.32
N CYS C 150 -53.40 -29.48 -3.01
CA CYS C 150 -53.00 -30.83 -2.64
C CYS C 150 -53.25 -31.74 -3.83
N LYS C 151 -52.17 -32.22 -4.46
CA LYS C 151 -52.32 -33.06 -5.64
C LYS C 151 -52.77 -34.48 -5.29
N SER C 152 -52.46 -34.95 -4.09
CA SER C 152 -52.75 -36.34 -3.74
C SER C 152 -54.20 -36.53 -3.31
N LYS C 153 -54.58 -35.85 -2.22
CA LYS C 153 -55.90 -36.04 -1.63
C LYS C 153 -56.91 -34.99 -2.09
N GLY C 154 -56.52 -34.10 -3.00
CA GLY C 154 -57.41 -33.06 -3.47
C GLY C 154 -57.46 -31.88 -2.51
N SER C 155 -58.01 -30.78 -3.00
CA SER C 155 -58.09 -29.56 -2.22
C SER C 155 -59.37 -28.81 -2.57
N SER C 156 -59.88 -28.06 -1.59
CA SER C 156 -61.07 -27.24 -1.83
C SER C 156 -60.78 -26.04 -2.72
N ARG C 157 -59.54 -25.54 -2.75
CA ARG C 157 -59.17 -24.41 -3.60
C ARG C 157 -58.50 -24.92 -4.87
N ASN C 158 -58.08 -23.98 -5.71
CA ASN C 158 -57.28 -24.24 -6.89
C ASN C 158 -55.92 -23.55 -6.74
N GLU C 159 -54.87 -24.23 -7.18
CA GLU C 159 -53.52 -23.70 -7.03
C GLU C 159 -53.37 -22.41 -7.82
N SER C 160 -53.09 -21.31 -7.11
CA SER C 160 -52.91 -20.01 -7.71
C SER C 160 -51.92 -19.18 -6.89
N TRP C 161 -50.65 -19.25 -7.30
CA TRP C 161 -49.56 -18.46 -6.75
C TRP C 161 -48.90 -17.56 -7.79
N HIS C 162 -49.01 -17.92 -9.06
CA HIS C 162 -48.74 -17.06 -10.19
C HIS C 162 -49.87 -17.16 -11.21
N PHE C 163 -50.00 -16.18 -12.09
CA PHE C 163 -50.96 -16.24 -13.19
C PHE C 163 -50.30 -15.79 -14.51
N ASP C 164 -49.09 -16.30 -14.78
CA ASP C 164 -48.41 -16.03 -16.05
C ASP C 164 -49.10 -16.81 -17.15
N LYS C 165 -49.90 -16.12 -17.98
CA LYS C 165 -50.60 -16.74 -19.12
C LYS C 165 -49.60 -17.39 -20.09
N SER C 166 -48.50 -16.68 -20.36
CA SER C 166 -47.36 -17.22 -21.08
C SER C 166 -46.18 -17.33 -20.11
N GLU C 167 -45.21 -18.15 -20.49
CA GLU C 167 -44.05 -18.36 -19.63
C GLU C 167 -43.26 -17.07 -19.50
N PRO C 168 -42.99 -16.60 -18.28
CA PRO C 168 -42.26 -15.35 -18.10
C PRO C 168 -40.78 -15.54 -18.40
N LEU C 169 -40.02 -14.47 -18.20
CA LEU C 169 -38.59 -14.50 -18.52
C LEU C 169 -37.84 -15.25 -17.45
N CYS C 170 -37.34 -16.44 -17.78
CA CYS C 170 -36.69 -17.33 -16.84
C CYS C 170 -35.18 -17.25 -17.02
N LEU C 171 -34.46 -17.02 -15.92
CA LEU C 171 -33.01 -17.08 -15.91
C LEU C 171 -32.47 -18.44 -15.49
N PHE C 172 -33.29 -19.27 -14.86
CA PHE C 172 -32.87 -20.60 -14.44
C PHE C 172 -34.05 -21.54 -14.52
N LYS C 173 -33.83 -22.73 -15.07
CA LYS C 173 -34.88 -23.73 -15.21
C LYS C 173 -34.26 -25.11 -15.02
N LYS C 174 -34.73 -25.83 -14.01
CA LYS C 174 -34.25 -27.19 -13.79
C LYS C 174 -35.22 -27.93 -12.87
N ASN C 175 -35.23 -29.25 -12.99
CA ASN C 175 -36.01 -30.12 -12.13
C ASN C 175 -35.08 -31.09 -11.43
N PHE C 176 -35.44 -31.45 -10.21
CA PHE C 176 -34.63 -32.36 -9.39
C PHE C 176 -35.54 -33.42 -8.76
N THR C 177 -34.98 -34.61 -8.62
CA THR C 177 -35.72 -35.76 -8.08
C THR C 177 -35.18 -36.11 -6.70
N TYR C 178 -36.08 -36.49 -5.80
CA TYR C 178 -35.73 -36.86 -4.44
C TYR C 178 -36.42 -38.16 -4.06
N ASN C 179 -35.76 -38.93 -3.20
CA ASN C 179 -36.31 -40.18 -2.70
C ASN C 179 -37.55 -39.87 -1.86
N VAL C 180 -38.72 -40.30 -2.34
CA VAL C 180 -39.98 -39.96 -1.68
C VAL C 180 -40.07 -40.59 -0.31
N SER C 181 -39.51 -41.79 -0.13
CA SER C 181 -39.60 -42.50 1.14
C SER C 181 -38.87 -41.79 2.27
N THR C 182 -38.02 -40.80 1.97
CA THR C 182 -37.30 -40.09 3.00
C THR C 182 -38.28 -39.36 3.93
N ASP C 183 -37.91 -39.30 5.21
CA ASP C 183 -38.74 -38.62 6.20
C ASP C 183 -38.43 -37.13 6.31
N TRP C 184 -37.19 -36.73 6.01
CA TRP C 184 -36.77 -35.35 6.17
C TRP C 184 -36.01 -34.89 4.94
N LEU C 185 -36.19 -33.61 4.60
CA LEU C 185 -35.45 -32.96 3.53
C LEU C 185 -34.87 -31.66 4.04
N TYR C 186 -33.66 -31.34 3.59
CA TYR C 186 -32.93 -30.17 4.05
C TYR C 186 -32.57 -29.28 2.88
N PHE C 187 -32.69 -27.97 3.08
CA PHE C 187 -32.44 -27.00 2.02
C PHE C 187 -31.64 -25.84 2.56
N HIS C 188 -30.68 -25.37 1.75
CA HIS C 188 -29.92 -24.17 2.04
C HIS C 188 -30.32 -23.09 1.04
N PHE C 189 -30.64 -21.89 1.56
CA PHE C 189 -31.00 -20.77 0.70
C PHE C 189 -30.27 -19.53 1.24
N TYR C 190 -29.36 -18.99 0.45
CA TYR C 190 -28.59 -17.81 0.82
C TYR C 190 -28.17 -17.01 -0.39
N GLN C 191 -27.67 -15.81 -0.11
CA GLN C 191 -27.14 -14.94 -1.15
C GLN C 191 -25.74 -14.49 -0.76
N GLU C 192 -24.89 -14.23 -1.76
CA GLU C 192 -23.48 -13.84 -1.57
C GLU C 192 -23.07 -12.92 -2.71
N ARG C 193 -22.72 -11.65 -2.41
CA ARG C 193 -22.47 -10.58 -3.38
C ARG C 193 -23.53 -10.52 -4.49
N GLY C 194 -24.80 -10.75 -4.13
CA GLY C 194 -25.88 -10.65 -5.09
C GLY C 194 -26.14 -11.89 -5.91
N THR C 195 -25.35 -12.95 -5.73
CA THR C 195 -25.53 -14.20 -6.46
C THR C 195 -26.21 -15.20 -5.55
N PHE C 196 -27.38 -15.68 -5.96
CA PHE C 196 -28.18 -16.57 -5.14
C PHE C 196 -27.64 -17.99 -5.20
N TYR C 197 -27.72 -18.72 -4.09
CA TYR C 197 -27.34 -20.14 -4.01
C TYR C 197 -28.45 -20.95 -3.37
N ALA C 198 -28.54 -22.20 -3.79
CA ALA C 198 -29.50 -23.13 -3.25
C ALA C 198 -28.86 -24.50 -3.11
N TYR C 199 -29.22 -25.27 -2.09
CA TYR C 199 -28.75 -26.62 -1.87
C TYR C 199 -29.88 -27.44 -1.33
N TYR C 200 -29.84 -28.74 -1.54
CA TYR C 200 -30.90 -29.64 -1.12
C TYR C 200 -30.32 -31.01 -0.80
N ALA C 201 -31.03 -31.73 0.07
CA ALA C 201 -30.69 -33.10 0.41
C ALA C 201 -31.91 -33.77 0.98
N ASP C 202 -31.86 -35.10 1.03
CA ASP C 202 -32.97 -35.89 1.55
C ASP C 202 -32.54 -37.02 2.48
N SER C 203 -31.25 -37.34 2.56
CA SER C 203 -30.77 -38.49 3.30
C SER C 203 -30.24 -38.15 4.68
N GLY C 204 -30.48 -36.94 5.17
CA GLY C 204 -29.91 -36.53 6.44
C GLY C 204 -28.40 -36.39 6.36
N MET C 205 -27.95 -35.62 5.38
CA MET C 205 -26.53 -35.53 5.05
C MET C 205 -26.24 -34.08 4.67
N PRO C 206 -24.97 -33.69 4.53
CA PRO C 206 -24.64 -32.40 3.96
C PRO C 206 -25.36 -32.16 2.64
N THR C 207 -26.04 -31.04 2.52
CA THR C 207 -26.87 -30.76 1.35
C THR C 207 -26.02 -30.62 0.10
N THR C 208 -26.47 -31.24 -0.99
CA THR C 208 -25.74 -31.17 -2.25
C THR C 208 -26.04 -29.86 -2.97
N PHE C 209 -25.16 -29.50 -3.90
CA PHE C 209 -25.29 -28.27 -4.66
C PHE C 209 -26.44 -28.34 -5.65
N LEU C 210 -27.28 -27.31 -5.66
CA LEU C 210 -28.40 -27.21 -6.59
C LEU C 210 -28.05 -26.33 -7.79
N PHE C 211 -27.73 -25.06 -7.54
CA PHE C 211 -27.38 -24.13 -8.60
C PHE C 211 -26.87 -22.84 -7.98
N SER C 212 -25.87 -22.23 -8.62
CA SER C 212 -25.43 -20.88 -8.30
C SER C 212 -25.94 -20.00 -9.42
N LEU C 213 -26.74 -19.01 -9.06
CA LEU C 213 -27.37 -18.13 -10.04
C LEU C 213 -27.04 -16.68 -9.70
N TYR C 214 -26.55 -15.95 -10.69
CA TYR C 214 -26.09 -14.57 -10.51
C TYR C 214 -27.28 -13.67 -10.81
N LEU C 215 -27.77 -12.95 -9.81
CA LEU C 215 -28.87 -12.01 -10.00
C LEU C 215 -28.41 -10.58 -10.24
N GLY C 216 -27.37 -10.15 -9.53
CA GLY C 216 -26.99 -8.74 -9.58
C GLY C 216 -27.83 -7.85 -8.70
N THR C 217 -28.70 -8.41 -7.88
CA THR C 217 -29.55 -7.64 -7.00
C THR C 217 -29.58 -8.29 -5.62
N LEU C 218 -30.20 -7.59 -4.68
CA LEU C 218 -30.31 -8.05 -3.30
C LEU C 218 -31.70 -8.63 -3.09
N LEU C 219 -31.76 -9.93 -2.77
CA LEU C 219 -33.04 -10.58 -2.48
C LEU C 219 -33.39 -10.31 -1.02
N SER C 220 -34.31 -9.36 -0.81
CA SER C 220 -34.57 -8.86 0.54
C SER C 220 -35.42 -9.79 1.38
N HIS C 221 -36.38 -10.50 0.77
CA HIS C 221 -37.42 -11.16 1.54
C HIS C 221 -37.61 -12.59 1.06
N TYR C 222 -38.15 -13.41 1.96
CA TYR C 222 -38.54 -14.78 1.64
C TYR C 222 -39.83 -15.09 2.39
N TYR C 223 -40.58 -16.07 1.91
CA TYR C 223 -41.83 -16.45 2.54
C TYR C 223 -42.19 -17.90 2.21
N VAL C 224 -42.81 -18.60 3.15
CA VAL C 224 -43.23 -19.98 2.97
C VAL C 224 -44.67 -19.99 2.46
N LEU C 225 -44.96 -20.26 1.21
CA LEU C 225 -46.29 -20.42 0.67
C LEU C 225 -47.10 -21.48 1.46
N PRO C 226 -48.35 -21.15 1.81
CA PRO C 226 -49.30 -22.07 2.43
C PRO C 226 -49.73 -23.16 1.46
N LEU C 227 -50.06 -24.33 2.01
CA LEU C 227 -50.53 -25.46 1.24
C LEU C 227 -51.85 -25.95 1.82
N THR C 228 -52.78 -26.31 0.94
CA THR C 228 -54.12 -26.71 1.33
C THR C 228 -54.38 -28.15 0.91
N CYS C 229 -54.87 -28.96 1.84
CA CYS C 229 -55.29 -30.33 1.57
C CYS C 229 -56.65 -30.57 2.19
N ASN C 230 -57.37 -31.56 1.64
CA ASN C 230 -58.54 -32.11 2.30
C ASN C 230 -58.16 -33.16 3.35
N ALA C 231 -56.87 -33.45 3.47
CA ALA C 231 -56.32 -34.39 4.44
C ALA C 231 -55.25 -33.70 5.27
N ILE C 232 -54.43 -34.47 5.98
CA ILE C 232 -53.35 -33.96 6.81
C ILE C 232 -53.93 -33.14 7.96
N SER C 233 -54.64 -33.80 8.86
CA SER C 233 -55.15 -33.19 10.08
C SER C 233 -55.25 -34.26 11.14
N SER C 234 -55.43 -33.82 12.38
CA SER C 234 -55.48 -34.75 13.50
C SER C 234 -56.69 -35.68 13.40
N ASN C 235 -57.76 -35.22 12.75
CA ASN C 235 -59.01 -35.95 12.72
C ASN C 235 -59.16 -36.88 11.52
N THR C 236 -58.21 -36.90 10.58
CA THR C 236 -58.37 -37.76 9.42
C THR C 236 -57.19 -38.74 9.24
N ASP C 237 -55.96 -38.27 9.43
CA ASP C 237 -54.80 -39.13 9.21
C ASP C 237 -53.71 -38.91 10.25
N ASN C 238 -53.91 -37.94 11.14
CA ASN C 238 -52.92 -37.57 12.15
C ASN C 238 -51.59 -37.16 11.56
N GLU C 239 -51.55 -36.78 10.28
CA GLU C 239 -50.33 -36.30 9.67
C GLU C 239 -50.29 -34.77 9.71
N THR C 240 -49.08 -34.22 9.59
CA THR C 240 -48.90 -32.79 9.73
C THR C 240 -47.74 -32.32 8.86
N LEU C 241 -47.78 -31.04 8.48
CA LEU C 241 -46.67 -30.42 7.76
C LEU C 241 -45.71 -29.77 8.75
N GLN C 242 -44.42 -29.99 8.53
CA GLN C 242 -43.39 -29.34 9.31
C GLN C 242 -42.36 -28.73 8.37
N TYR C 243 -42.09 -27.44 8.56
CA TYR C 243 -41.10 -26.74 7.74
C TYR C 243 -40.22 -25.92 8.68
N TRP C 244 -39.15 -26.55 9.15
CA TRP C 244 -38.27 -25.91 10.11
C TRP C 244 -37.28 -24.99 9.42
N VAL C 245 -37.19 -23.75 9.90
CA VAL C 245 -36.34 -22.73 9.29
C VAL C 245 -35.46 -22.12 10.37
N THR C 246 -34.17 -22.02 10.09
CA THR C 246 -33.23 -21.32 10.95
C THR C 246 -32.41 -20.35 10.12
N PRO C 247 -32.06 -19.16 10.64
CA PRO C 247 -31.30 -18.17 9.88
C PRO C 247 -29.86 -18.62 9.65
N LEU C 248 -29.31 -18.27 8.49
CA LEU C 248 -27.89 -18.40 8.18
C LEU C 248 -27.12 -17.17 8.59
N SER C 249 -25.81 -17.32 8.73
CA SER C 249 -24.86 -16.22 8.89
C SER C 249 -23.52 -16.60 8.27
N LYS C 250 -22.74 -15.63 7.83
CA LYS C 250 -21.36 -15.86 7.36
C LYS C 250 -20.49 -16.19 8.56
N ARG C 251 -20.00 -17.43 8.63
CA ARG C 251 -19.17 -17.94 9.73
C ARG C 251 -18.18 -18.96 9.24
N GLN C 252 -17.09 -19.13 9.98
CA GLN C 252 -16.06 -20.10 9.65
C GLN C 252 -16.47 -21.49 10.10
N TYR C 253 -16.36 -22.48 9.21
CA TYR C 253 -16.59 -23.89 9.49
C TYR C 253 -15.35 -24.69 9.12
N LEU C 254 -15.10 -25.75 9.87
CA LEU C 254 -14.07 -26.72 9.57
C LEU C 254 -14.77 -27.96 9.04
N LEU C 255 -14.45 -28.37 7.82
CA LEU C 255 -15.06 -29.50 7.11
C LEU C 255 -14.06 -30.63 6.92
N LYS C 256 -14.37 -31.83 7.37
CA LYS C 256 -13.49 -33.00 7.16
C LYS C 256 -14.06 -33.89 6.06
N PHE C 257 -13.25 -34.14 5.04
CA PHE C 257 -13.58 -35.01 3.91
C PHE C 257 -12.74 -36.27 3.97
N ASP C 258 -13.36 -37.45 3.90
CA ASP C 258 -12.63 -38.71 3.78
C ASP C 258 -12.39 -39.10 2.29
N ASN C 259 -12.21 -40.38 2.00
CA ASN C 259 -11.61 -40.87 0.76
C ASN C 259 -12.43 -40.90 -0.51
N ARG C 260 -13.76 -40.87 -0.41
CA ARG C 260 -14.65 -40.69 -1.56
C ARG C 260 -15.15 -39.24 -1.60
N GLY C 261 -14.59 -38.39 -0.76
CA GLY C 261 -14.89 -36.97 -0.68
C GLY C 261 -16.20 -36.64 0.01
N VAL C 262 -16.67 -37.51 0.92
CA VAL C 262 -17.90 -37.25 1.69
C VAL C 262 -17.56 -36.51 2.98
N ILE C 263 -18.40 -35.56 3.39
CA ILE C 263 -18.16 -34.81 4.63
C ILE C 263 -18.52 -35.72 5.80
N THR C 264 -17.52 -36.16 6.59
CA THR C 264 -17.77 -37.04 7.74
C THR C 264 -18.06 -36.26 9.01
N ASN C 265 -17.42 -35.11 9.16
CA ASN C 265 -17.50 -34.26 10.35
C ASN C 265 -17.45 -32.79 9.94
N ALA C 266 -18.06 -31.94 10.75
CA ALA C 266 -17.94 -30.49 10.61
C ALA C 266 -17.93 -29.81 11.97
N VAL C 267 -17.33 -28.62 12.05
CA VAL C 267 -17.19 -27.86 13.29
C VAL C 267 -17.56 -26.41 13.02
N ASP C 268 -18.45 -25.83 13.83
CA ASP C 268 -18.72 -24.39 13.83
C ASP C 268 -17.69 -23.68 14.69
N CYS C 269 -16.72 -23.01 14.08
CA CYS C 269 -15.53 -22.55 14.79
C CYS C 269 -15.84 -21.63 15.97
N SER C 270 -16.84 -20.77 15.83
CA SER C 270 -17.24 -19.83 16.89
C SER C 270 -18.14 -20.45 17.95
N SER C 271 -18.58 -21.70 17.80
CA SER C 271 -19.58 -22.29 18.69
C SER C 271 -19.07 -22.57 20.10
N SER C 272 -17.79 -22.95 20.24
CA SER C 272 -17.22 -23.24 21.55
C SER C 272 -15.72 -23.07 21.48
N PHE C 273 -15.10 -23.07 22.67
CA PHE C 273 -13.64 -22.92 22.76
C PHE C 273 -12.92 -24.07 22.07
N PHE C 274 -13.37 -25.30 22.32
CA PHE C 274 -12.73 -26.45 21.69
C PHE C 274 -12.92 -26.42 20.18
N SER C 275 -14.07 -25.93 19.72
CA SER C 275 -14.28 -25.74 18.29
C SER C 275 -13.30 -24.72 17.72
N GLU C 276 -13.04 -23.65 18.48
CA GLU C 276 -12.07 -22.66 18.05
C GLU C 276 -10.67 -23.27 17.95
N ILE C 277 -10.30 -24.12 18.91
CA ILE C 277 -9.02 -24.80 18.85
C ILE C 277 -8.95 -25.73 17.63
N GLN C 278 -10.02 -26.49 17.38
CA GLN C 278 -10.14 -27.40 16.24
C GLN C 278 -9.97 -26.65 14.93
N CYS C 279 -10.61 -25.50 14.77
CA CYS C 279 -10.44 -24.68 13.59
C CYS C 279 -9.06 -24.05 13.49
N LYS C 280 -8.44 -23.63 14.61
CA LYS C 280 -7.09 -23.09 14.58
C LYS C 280 -6.10 -24.14 14.10
N THR C 281 -6.23 -25.37 14.60
CA THR C 281 -5.34 -26.45 14.20
C THR C 281 -5.79 -27.16 12.93
N LYS C 282 -6.96 -26.84 12.36
CA LYS C 282 -7.52 -27.53 11.18
C LYS C 282 -7.59 -29.04 11.37
N SER C 283 -7.94 -29.49 12.57
CA SER C 283 -7.97 -30.91 12.94
C SER C 283 -9.15 -31.22 13.84
N LEU C 284 -9.76 -32.40 13.67
CA LEU C 284 -10.81 -32.85 14.58
C LEU C 284 -10.26 -33.16 15.96
N LEU C 285 -9.01 -33.64 16.06
CA LEU C 285 -8.36 -33.87 17.35
C LEU C 285 -7.08 -33.07 17.39
N PRO C 286 -7.08 -31.88 17.98
CA PRO C 286 -5.87 -31.05 17.99
C PRO C 286 -4.79 -31.63 18.88
N ASN C 287 -3.55 -31.24 18.57
CA ASN C 287 -2.42 -31.66 19.39
C ASN C 287 -2.49 -31.02 20.77
N THR C 288 -1.87 -31.70 21.74
CA THR C 288 -1.79 -31.16 23.09
C THR C 288 -1.02 -29.84 23.08
N GLY C 289 -1.58 -28.83 23.73
CA GLY C 289 -0.92 -27.55 23.78
C GLY C 289 -1.80 -26.51 24.45
N VAL C 290 -1.28 -25.29 24.52
CA VAL C 290 -2.00 -24.16 25.08
C VAL C 290 -2.31 -23.19 23.95
N TYR C 291 -3.59 -22.85 23.80
CA TYR C 291 -4.06 -22.04 22.69
C TYR C 291 -4.70 -20.76 23.23
N ASP C 292 -4.26 -19.62 22.70
CA ASP C 292 -4.82 -18.33 23.09
C ASP C 292 -6.06 -18.07 22.25
N LEU C 293 -7.23 -18.32 22.82
CA LEU C 293 -8.49 -18.18 22.10
C LEU C 293 -9.03 -16.78 22.26
N SER C 294 -9.45 -16.18 21.15
CA SER C 294 -9.93 -14.80 21.14
C SER C 294 -11.30 -14.76 21.81
N GLY C 295 -11.31 -14.53 23.12
CA GLY C 295 -12.53 -14.32 23.88
C GLY C 295 -13.23 -13.06 23.41
N PHE C 296 -14.57 -13.08 23.41
CA PHE C 296 -15.36 -11.94 22.99
C PHE C 296 -15.08 -10.70 23.86
N THR C 297 -15.10 -9.54 23.22
CA THR C 297 -15.08 -8.25 23.91
C THR C 297 -16.41 -8.02 24.62
N VAL C 298 -16.41 -7.39 25.79
CA VAL C 298 -17.66 -7.09 26.50
C VAL C 298 -18.51 -6.13 25.66
N LYS C 299 -19.66 -6.60 25.17
CA LYS C 299 -20.54 -5.80 24.32
C LYS C 299 -21.21 -4.69 25.14
N PRO C 300 -21.14 -3.42 24.71
CA PRO C 300 -21.82 -2.32 25.38
C PRO C 300 -23.34 -2.51 25.49
N VAL C 301 -23.92 -2.28 26.66
CA VAL C 301 -25.36 -2.49 26.90
C VAL C 301 -26.21 -1.23 26.72
N ALA C 302 -25.58 -0.06 26.74
CA ALA C 302 -26.21 1.25 26.68
C ALA C 302 -25.39 2.24 25.85
N THR C 303 -26.02 3.33 25.41
CA THR C 303 -25.41 4.41 24.64
C THR C 303 -25.54 5.72 25.40
N VAL C 304 -24.47 6.52 25.43
CA VAL C 304 -24.44 7.86 26.03
C VAL C 304 -24.04 8.87 24.97
N HIS C 305 -24.88 9.85 24.70
CA HIS C 305 -24.58 10.95 23.81
C HIS C 305 -24.50 12.27 24.57
N ARG C 306 -23.49 13.09 24.28
CA ARG C 306 -23.42 14.49 24.71
C ARG C 306 -22.93 15.36 23.58
N ARG C 307 -23.49 16.56 23.49
CA ARG C 307 -23.08 17.63 22.57
C ARG C 307 -23.66 18.93 23.07
N ILE C 308 -22.90 20.02 22.95
CA ILE C 308 -23.45 21.36 23.24
C ILE C 308 -24.54 21.67 22.21
N PRO C 309 -25.74 22.09 22.62
CA PRO C 309 -26.69 22.62 21.68
C PRO C 309 -26.14 23.96 21.22
N ASP C 310 -25.69 23.97 19.99
CA ASP C 310 -24.85 25.03 19.47
C ASP C 310 -25.60 26.36 19.38
N LEU C 311 -26.82 26.28 18.82
CA LEU C 311 -27.79 27.34 18.84
C LEU C 311 -28.51 27.44 20.20
N PRO C 312 -28.92 28.66 20.61
CA PRO C 312 -29.70 28.87 21.82
C PRO C 312 -31.11 28.27 21.68
N ASP C 313 -31.76 27.98 22.80
CA ASP C 313 -33.16 27.59 22.78
C ASP C 313 -34.05 28.73 22.24
N CYS C 314 -35.13 28.38 21.54
CA CYS C 314 -36.09 29.36 21.03
C CYS C 314 -36.85 30.06 22.16
N ASP C 315 -37.01 29.42 23.32
CA ASP C 315 -37.75 29.95 24.47
C ASP C 315 -39.18 30.38 24.09
N ILE C 316 -39.84 29.65 23.16
CA ILE C 316 -41.16 30.05 22.71
C ILE C 316 -42.15 30.07 23.88
N ASP C 317 -42.00 29.13 24.81
CA ASP C 317 -42.89 29.08 25.96
C ASP C 317 -42.76 30.33 26.83
N LYS C 318 -41.54 30.86 26.97
CA LYS C 318 -41.29 32.03 27.84
C LYS C 318 -42.01 33.26 27.28
N TRP C 319 -42.06 33.42 25.96
CA TRP C 319 -42.80 34.52 25.36
C TRP C 319 -44.30 34.23 25.35
N LEU C 320 -44.73 32.98 25.14
CA LEU C 320 -46.15 32.61 25.22
C LEU C 320 -46.67 32.67 26.65
N ASN C 321 -45.86 32.37 27.66
CA ASN C 321 -46.29 32.44 29.05
C ASN C 321 -46.36 33.88 29.58
N ASN C 322 -45.87 34.86 28.82
CA ASN C 322 -45.87 36.26 29.22
C ASN C 322 -47.30 36.72 29.54
N PHE C 323 -47.51 37.15 30.78
CA PHE C 323 -48.82 37.52 31.28
C PHE C 323 -49.41 38.78 30.63
N ASN C 324 -48.60 39.66 30.04
CA ASN C 324 -49.07 40.87 29.38
C ASN C 324 -49.45 40.57 27.92
N VAL C 325 -50.43 39.67 27.76
CA VAL C 325 -50.97 39.26 26.47
C VAL C 325 -51.75 40.42 25.81
N PRO C 326 -51.55 40.69 24.51
CA PRO C 326 -52.25 41.77 23.85
C PRO C 326 -53.63 41.35 23.39
N SER C 327 -54.41 42.37 23.01
CA SER C 327 -55.71 42.13 22.40
C SER C 327 -55.55 41.84 20.91
N PRO C 328 -56.55 41.19 20.29
CA PRO C 328 -56.48 40.99 18.84
C PRO C 328 -56.39 42.28 18.05
N LEU C 329 -56.88 43.39 18.62
CA LEU C 329 -56.73 44.68 17.96
C LEU C 329 -55.26 45.08 17.85
N ASN C 330 -54.48 44.80 18.89
CA ASN C 330 -53.06 45.15 18.92
C ASN C 330 -52.20 43.90 19.06
N TRP C 331 -52.50 42.88 18.26
CA TRP C 331 -51.80 41.61 18.36
C TRP C 331 -50.30 41.78 18.21
N GLU C 332 -49.55 41.11 19.06
CA GLU C 332 -48.09 41.14 19.02
C GLU C 332 -47.55 40.10 18.05
N ARG C 333 -46.39 40.41 17.46
CA ARG C 333 -45.73 39.52 16.52
C ARG C 333 -44.29 39.30 16.95
N LYS C 334 -43.89 38.03 17.03
CA LYS C 334 -42.52 37.66 17.34
C LYS C 334 -42.04 36.62 16.34
N ILE C 335 -40.81 36.80 15.87
CA ILE C 335 -40.19 35.89 14.90
C ILE C 335 -39.13 35.06 15.62
N PHE C 336 -39.30 33.74 15.62
CA PHE C 336 -38.34 32.80 16.17
C PHE C 336 -37.52 32.25 15.01
N SER C 337 -36.29 32.74 14.88
CA SER C 337 -35.40 32.30 13.82
C SER C 337 -34.05 31.92 14.42
N ASN C 338 -33.50 30.84 13.87
CA ASN C 338 -32.19 30.30 14.18
C ASN C 338 -32.04 29.93 15.67
N CYS C 339 -32.84 28.97 16.11
CA CYS C 339 -32.88 28.54 17.51
C CYS C 339 -33.38 27.09 17.61
N ASN C 340 -33.17 26.45 18.75
CA ASN C 340 -33.61 25.08 19.02
C ASN C 340 -34.90 25.04 19.86
N PHE C 341 -35.84 24.18 19.50
CA PHE C 341 -37.10 24.01 20.25
C PHE C 341 -37.50 22.54 20.34
N ASN C 342 -38.39 22.23 21.28
CA ASN C 342 -39.04 20.94 21.40
C ASN C 342 -40.56 21.18 21.57
N LEU C 343 -41.36 20.96 20.52
CA LEU C 343 -42.80 21.28 20.63
C LEU C 343 -43.48 20.45 21.71
N SER C 344 -43.01 19.22 21.93
CA SER C 344 -43.55 18.32 22.96
C SER C 344 -43.44 18.93 24.37
N THR C 345 -42.32 19.59 24.68
CA THR C 345 -42.12 20.30 25.95
C THR C 345 -42.84 21.64 25.94
N LEU C 346 -42.86 22.35 24.81
CA LEU C 346 -43.57 23.62 24.67
C LEU C 346 -45.04 23.46 25.01
N LEU C 347 -45.68 22.38 24.53
CA LEU C 347 -47.12 22.15 24.71
C LEU C 347 -47.47 21.94 26.19
N ARG C 348 -46.64 21.20 26.95
CA ARG C 348 -46.82 21.10 28.41
C ARG C 348 -46.52 22.42 29.10
N LEU C 349 -45.53 23.19 28.63
CA LEU C 349 -45.15 24.43 29.28
C LEU C 349 -46.14 25.55 29.06
N VAL C 350 -46.96 25.52 28.00
CA VAL C 350 -48.00 26.55 27.76
C VAL C 350 -49.40 26.16 28.23
N HIS C 351 -49.64 24.92 28.65
CA HIS C 351 -50.98 24.39 28.96
C HIS C 351 -51.93 24.53 27.75
N THR C 352 -51.61 23.79 26.69
CA THR C 352 -52.40 23.80 25.45
C THR C 352 -53.81 23.22 25.68
N ASP C 353 -54.79 23.86 25.06
CA ASP C 353 -56.17 23.39 24.97
C ASP C 353 -56.42 22.56 23.70
N SER C 354 -55.84 22.99 22.57
CA SER C 354 -55.89 22.30 21.28
C SER C 354 -54.72 22.73 20.40
N PHE C 355 -54.31 21.87 19.47
CA PHE C 355 -53.33 22.15 18.42
C PHE C 355 -53.83 21.61 17.07
N SER C 356 -53.72 22.40 16.00
CA SER C 356 -54.13 22.03 14.63
C SER C 356 -53.20 22.70 13.62
N CYS C 357 -53.14 22.18 12.39
CA CYS C 357 -52.30 22.75 11.33
C CYS C 357 -53.04 22.82 9.99
N ASN C 358 -52.62 23.76 9.15
CA ASN C 358 -53.11 24.07 7.82
C ASN C 358 -51.96 24.00 6.80
N ASN C 359 -52.16 23.29 5.68
CA ASN C 359 -51.13 22.96 4.69
C ASN C 359 -49.92 22.18 5.26
N PHE C 360 -50.05 21.62 6.46
CA PHE C 360 -48.99 21.00 7.27
C PHE C 360 -49.59 20.04 8.31
N ASP C 361 -48.76 19.23 8.94
CA ASP C 361 -49.17 18.27 9.97
C ASP C 361 -48.29 18.37 11.22
N GLU C 362 -48.90 18.35 12.41
CA GLU C 362 -48.19 18.40 13.70
C GLU C 362 -47.11 17.30 13.83
N SER C 363 -47.34 16.10 13.31
CA SER C 363 -46.33 15.05 13.33
C SER C 363 -45.07 15.42 12.52
N LYS C 364 -45.20 16.17 11.43
CA LYS C 364 -44.05 16.57 10.63
C LYS C 364 -43.25 17.72 11.26
N ILE C 365 -43.74 18.35 12.33
CA ILE C 365 -42.97 19.37 13.06
C ILE C 365 -41.77 18.75 13.80
N TYR C 366 -41.94 17.53 14.35
CA TYR C 366 -40.90 16.83 15.12
C TYR C 366 -39.64 16.59 14.27
N GLY C 367 -38.47 16.98 14.76
CA GLY C 367 -37.18 16.73 14.10
C GLY C 367 -36.93 17.55 12.82
N SER C 368 -37.91 18.30 12.35
CA SER C 368 -37.82 19.13 11.15
C SER C 368 -37.16 20.48 11.45
N CYS C 369 -36.71 21.16 10.39
CA CYS C 369 -36.12 22.49 10.50
C CYS C 369 -36.79 23.49 9.56
N PHE C 370 -36.93 24.72 10.02
CA PHE C 370 -37.57 25.82 9.30
C PHE C 370 -36.66 27.05 9.22
N LYS C 371 -36.81 27.87 8.18
CA LYS C 371 -36.09 29.14 8.03
C LYS C 371 -36.44 30.11 9.17
N SER C 372 -37.73 30.27 9.46
CA SER C 372 -38.20 31.05 10.61
C SER C 372 -39.60 30.63 11.06
N ILE C 373 -39.94 31.01 12.29
CA ILE C 373 -41.22 30.76 12.96
C ILE C 373 -41.83 32.09 13.44
N VAL C 374 -42.80 32.62 12.71
CA VAL C 374 -43.49 33.86 13.05
C VAL C 374 -44.68 33.49 13.93
N LEU C 375 -44.74 34.08 15.12
CA LEU C 375 -45.77 33.77 16.11
C LEU C 375 -46.55 35.02 16.46
N ASP C 376 -47.87 34.96 16.28
CA ASP C 376 -48.78 36.02 16.68
C ASP C 376 -49.77 35.48 17.70
N LYS C 377 -49.83 36.13 18.87
CA LYS C 377 -50.66 35.73 20.01
C LYS C 377 -51.57 36.86 20.47
N PHE C 378 -52.75 36.51 20.98
CA PHE C 378 -53.66 37.43 21.65
C PHE C 378 -54.68 36.68 22.51
N ALA C 379 -55.27 37.38 23.47
CA ALA C 379 -56.34 36.80 24.28
C ALA C 379 -57.60 36.50 23.46
N ILE C 380 -58.26 35.38 23.75
CA ILE C 380 -59.51 34.96 23.12
C ILE C 380 -60.69 35.62 23.85
N PRO C 381 -61.55 36.38 23.17
CA PRO C 381 -62.80 36.86 23.77
C PRO C 381 -63.84 35.72 23.77
N ASN C 382 -64.39 35.36 24.93
CA ASN C 382 -65.20 34.15 25.13
C ASN C 382 -66.38 33.98 24.14
N SER C 383 -67.12 35.05 23.90
CA SER C 383 -68.26 35.15 22.97
C SER C 383 -67.85 35.10 21.50
N ARG C 384 -66.57 35.37 21.19
CA ARG C 384 -66.02 35.49 19.83
C ARG C 384 -65.20 34.27 19.40
N ARG C 385 -65.14 33.24 20.25
CA ARG C 385 -64.30 32.05 20.12
C ARG C 385 -64.43 31.36 18.75
N SER C 386 -65.61 31.41 18.12
CA SER C 386 -65.84 30.72 16.86
C SER C 386 -65.28 31.46 15.65
N ASP C 387 -64.91 32.74 15.79
CA ASP C 387 -64.46 33.50 14.63
C ASP C 387 -62.97 33.35 14.38
N LEU C 388 -62.25 32.57 15.20
CA LEU C 388 -60.85 32.26 14.95
C LEU C 388 -60.67 31.09 14.01
N GLN C 389 -61.75 30.41 13.62
CA GLN C 389 -61.66 29.27 12.73
C GLN C 389 -61.27 29.72 11.32
N LEU C 390 -60.56 28.85 10.60
CA LEU C 390 -60.11 29.14 9.24
C LEU C 390 -61.32 29.25 8.30
N GLY C 391 -61.36 30.32 7.50
CA GLY C 391 -62.44 30.55 6.58
C GLY C 391 -63.63 31.29 7.16
N SER C 392 -63.61 31.63 8.44
CA SER C 392 -64.72 32.34 9.06
C SER C 392 -64.63 33.83 8.74
N SER C 393 -65.79 34.47 8.61
CA SER C 393 -65.89 35.89 8.28
C SER C 393 -66.30 36.72 9.49
N GLY C 394 -65.82 36.36 10.68
CA GLY C 394 -66.17 37.09 11.88
C GLY C 394 -65.44 38.41 11.98
N PHE C 395 -65.79 39.16 13.03
CA PHE C 395 -65.18 40.46 13.25
C PHE C 395 -63.67 40.34 13.48
N LEU C 396 -63.23 39.25 14.13
CA LEU C 396 -61.80 39.07 14.36
C LEU C 396 -61.04 38.94 13.05
N GLN C 397 -61.46 38.03 12.18
CA GLN C 397 -60.72 37.82 10.94
C GLN C 397 -60.91 38.97 9.96
N SER C 398 -61.95 39.78 10.15
CA SER C 398 -62.23 40.88 9.22
C SER C 398 -61.65 42.20 9.67
N SER C 399 -61.39 42.39 10.96
CA SER C 399 -60.96 43.68 11.46
C SER C 399 -59.80 43.66 12.45
N ASN C 400 -59.46 42.52 13.04
CA ASN C 400 -58.43 42.45 14.06
C ASN C 400 -57.20 41.69 13.61
N TYR C 401 -57.37 40.45 13.17
CA TYR C 401 -56.23 39.64 12.71
C TYR C 401 -56.76 38.59 11.75
N LYS C 402 -56.23 38.60 10.52
CA LYS C 402 -56.62 37.65 9.49
C LYS C 402 -55.57 36.56 9.37
N ILE C 403 -55.99 35.31 9.50
CA ILE C 403 -55.10 34.17 9.40
C ILE C 403 -55.01 33.75 7.93
N ASP C 404 -53.82 33.63 7.38
CA ASP C 404 -53.62 33.28 5.98
C ASP C 404 -53.70 31.75 5.73
N THR C 405 -54.78 31.29 5.13
CA THR C 405 -54.98 29.87 4.77
C THR C 405 -54.21 29.42 3.52
N THR C 406 -53.49 30.30 2.83
CA THR C 406 -52.73 29.95 1.61
C THR C 406 -51.31 29.46 1.92
N SER C 407 -50.78 29.81 3.10
CA SER C 407 -49.43 29.47 3.55
C SER C 407 -49.50 28.55 4.76
N SER C 408 -48.53 27.63 4.84
CA SER C 408 -48.43 26.66 5.92
C SER C 408 -48.49 27.32 7.30
N SER C 409 -49.57 27.00 8.02
CA SER C 409 -49.94 27.60 9.30
C SER C 409 -50.25 26.54 10.34
N CYS C 410 -50.09 26.85 11.63
CA CYS C 410 -50.60 26.01 12.70
C CYS C 410 -51.31 26.85 13.76
N GLN C 411 -52.47 26.41 14.21
CA GLN C 411 -53.27 27.11 15.22
C GLN C 411 -53.13 26.39 16.57
N LEU C 412 -52.63 27.11 17.55
CA LEU C 412 -52.49 26.67 18.93
C LEU C 412 -53.44 27.48 19.81
N TYR C 413 -54.15 26.79 20.70
CA TYR C 413 -54.96 27.40 21.74
C TYR C 413 -54.40 26.95 23.09
N TYR C 414 -54.33 27.86 24.06
CA TYR C 414 -53.76 27.59 25.38
C TYR C 414 -54.37 28.50 26.45
N SER C 415 -54.16 28.18 27.73
CA SER C 415 -54.73 28.95 28.83
C SER C 415 -53.74 29.22 29.95
N LEU C 416 -53.78 30.44 30.48
CA LEU C 416 -52.92 30.90 31.58
C LEU C 416 -53.75 31.41 32.78
N PRO C 417 -53.24 31.33 34.01
CA PRO C 417 -54.00 31.69 35.22
C PRO C 417 -54.45 33.17 35.21
N ALA C 418 -55.75 33.40 35.41
CA ALA C 418 -56.34 34.74 35.33
C ALA C 418 -55.84 35.70 36.43
N ILE C 419 -55.27 35.17 37.51
CA ILE C 419 -54.70 35.99 38.59
C ILE C 419 -53.42 36.74 38.17
N ASN C 420 -52.71 36.33 37.10
CA ASN C 420 -51.49 37.00 36.66
C ASN C 420 -51.62 37.66 35.30
N VAL C 421 -52.44 37.10 34.40
CA VAL C 421 -52.64 37.62 33.05
C VAL C 421 -53.32 38.98 33.07
N THR C 422 -52.73 39.98 32.42
CA THR C 422 -53.36 41.27 32.19
C THR C 422 -53.43 41.54 30.71
N ILE C 423 -54.58 42.01 30.23
CA ILE C 423 -54.79 42.27 28.80
C ILE C 423 -54.22 43.64 28.43
N ASN C 424 -53.36 43.68 27.42
CA ASN C 424 -52.74 44.91 26.93
C ASN C 424 -53.59 45.46 25.80
N ASN C 425 -54.65 46.19 26.18
CA ASN C 425 -55.55 46.80 25.22
C ASN C 425 -54.94 48.08 24.67
N TYR C 426 -54.79 48.16 23.36
CA TYR C 426 -54.20 49.33 22.73
C TYR C 426 -54.71 49.43 21.29
N ASN C 427 -54.85 50.67 20.82
CA ASN C 427 -55.33 50.92 19.47
C ASN C 427 -54.16 51.24 18.56
N PRO C 428 -53.82 50.38 17.60
CA PRO C 428 -52.68 50.67 16.72
C PRO C 428 -53.00 51.62 15.57
N SER C 429 -54.23 52.11 15.47
CA SER C 429 -54.59 53.02 14.39
C SER C 429 -53.89 54.36 14.56
N SER C 430 -53.15 54.77 13.53
CA SER C 430 -52.41 56.03 13.62
C SER C 430 -53.34 57.23 13.49
N TRP C 431 -54.28 57.18 12.54
CA TRP C 431 -55.17 58.32 12.34
C TRP C 431 -56.16 58.47 13.50
N ASN C 432 -56.59 57.36 14.09
CA ASN C 432 -57.41 57.44 15.30
C ASN C 432 -56.65 58.11 16.43
N ARG C 433 -55.37 57.73 16.61
CA ARG C 433 -54.55 58.36 17.64
C ARG C 433 -54.36 59.84 17.37
N ARG C 434 -54.21 60.21 16.10
CA ARG C 434 -54.03 61.61 15.74
C ARG C 434 -55.25 62.45 16.10
N TYR C 435 -56.46 61.87 15.98
CA TYR C 435 -57.70 62.63 16.12
C TYR C 435 -58.37 62.42 17.48
N GLY C 436 -57.58 62.33 18.56
CA GLY C 436 -58.10 62.40 19.90
C GLY C 436 -58.18 61.08 20.65
N PHE C 437 -58.07 59.94 19.97
CA PHE C 437 -58.12 58.66 20.67
C PHE C 437 -56.85 58.46 21.48
N ASN C 438 -57.00 58.33 22.80
CA ASN C 438 -55.88 58.17 23.71
C ASN C 438 -55.67 56.73 24.12
N ASN C 439 -56.69 56.11 24.73
CA ASN C 439 -56.60 54.74 25.22
C ASN C 439 -57.99 54.28 25.62
N PHE C 440 -58.07 53.05 26.12
CA PHE C 440 -59.31 52.49 26.64
C PHE C 440 -59.33 52.57 28.16
N ASN C 441 -60.52 52.36 28.72
CA ASN C 441 -60.70 52.32 30.18
C ASN C 441 -61.66 51.17 30.48
N LEU C 442 -61.12 49.98 30.72
CA LEU C 442 -61.86 48.74 30.99
C LEU C 442 -61.15 47.92 32.08
N SER C 443 -61.82 46.86 32.54
CA SER C 443 -61.29 45.90 33.51
C SER C 443 -60.01 45.20 33.01
N SER C 444 -59.26 44.60 33.93
CA SER C 444 -58.00 43.92 33.67
C SER C 444 -58.18 42.77 32.69
N HIS C 445 -59.23 41.96 32.88
CA HIS C 445 -59.58 40.79 32.04
C HIS C 445 -60.38 41.15 30.78
N SER C 446 -60.76 42.41 30.61
CA SER C 446 -61.50 42.87 29.43
C SER C 446 -60.59 42.83 28.20
N VAL C 447 -61.01 42.15 27.14
CA VAL C 447 -60.31 42.08 25.86
C VAL C 447 -61.10 42.87 24.81
N VAL C 448 -60.49 43.91 24.24
CA VAL C 448 -61.12 44.69 23.15
C VAL C 448 -60.95 44.00 21.80
N TYR C 449 -61.88 44.26 20.88
CA TYR C 449 -61.76 43.88 19.48
C TYR C 449 -62.46 44.92 18.59
N SER C 450 -62.07 44.96 17.33
CA SER C 450 -62.67 45.86 16.36
C SER C 450 -63.73 45.14 15.55
N ARG C 451 -64.92 45.73 15.48
CA ARG C 451 -65.99 45.19 14.65
C ARG C 451 -65.87 45.66 13.20
N TYR C 452 -65.62 46.95 12.99
CA TYR C 452 -65.42 47.52 11.66
C TYR C 452 -64.22 48.44 11.70
N CYS C 453 -63.38 48.35 10.68
CA CYS C 453 -62.18 49.18 10.56
C CYS C 453 -62.31 50.05 9.31
N PHE C 454 -62.01 51.32 9.46
CA PHE C 454 -62.13 52.29 8.38
C PHE C 454 -60.76 52.79 7.97
N SER C 455 -60.47 52.76 6.68
CA SER C 455 -59.21 53.25 6.13
C SER C 455 -59.43 54.62 5.52
N VAL C 456 -58.56 55.57 5.87
CA VAL C 456 -58.68 56.95 5.43
C VAL C 456 -57.37 57.38 4.79
N ASN C 457 -57.48 58.40 3.94
CA ASN C 457 -56.31 58.95 3.28
C ASN C 457 -55.56 59.89 4.23
N ASN C 458 -54.35 60.27 3.82
CA ASN C 458 -53.55 61.19 4.62
C ASN C 458 -54.15 62.59 4.67
N THR C 459 -55.02 62.93 3.73
CA THR C 459 -55.69 64.22 3.71
C THR C 459 -57.03 64.23 4.42
N PHE C 460 -57.42 63.11 5.03
CA PHE C 460 -58.69 63.06 5.74
C PHE C 460 -58.61 63.84 7.05
N CYS C 461 -59.71 64.52 7.39
CA CYS C 461 -59.81 65.22 8.66
C CYS C 461 -61.30 65.33 9.01
N PRO C 462 -61.70 64.85 10.18
CA PRO C 462 -63.13 64.85 10.53
C PRO C 462 -63.67 66.17 11.04
N CYS C 463 -62.83 67.20 11.14
CA CYS C 463 -63.25 68.50 11.66
C CYS C 463 -63.64 69.43 10.51
N ALA C 464 -64.83 70.01 10.61
CA ALA C 464 -65.31 70.92 9.57
C ALA C 464 -64.57 72.26 9.66
N LYS C 465 -64.65 73.02 8.57
CA LYS C 465 -64.01 74.32 8.51
C LYS C 465 -64.70 75.29 9.46
N PRO C 466 -63.97 76.03 10.29
CA PRO C 466 -64.62 77.01 11.17
C PRO C 466 -65.43 78.06 10.42
N SER C 467 -64.96 78.49 9.25
CA SER C 467 -65.71 79.47 8.46
C SER C 467 -67.04 78.88 7.99
N PHE C 468 -67.03 77.63 7.52
CA PHE C 468 -68.26 76.99 7.08
C PHE C 468 -69.24 76.83 8.24
N ALA C 469 -68.75 76.42 9.41
CA ALA C 469 -69.62 76.28 10.57
C ALA C 469 -70.20 77.62 10.98
N SER C 470 -69.38 78.68 10.94
CA SER C 470 -69.89 80.02 11.26
C SER C 470 -70.96 80.43 10.26
N SER C 471 -70.78 80.09 8.99
CA SER C 471 -71.80 80.38 7.99
C SER C 471 -73.08 79.59 8.27
N CYS C 472 -72.95 78.39 8.83
CA CYS C 472 -74.12 77.58 9.15
C CYS C 472 -74.93 78.21 10.28
N LYS C 473 -76.25 78.03 10.21
CA LYS C 473 -77.15 78.46 11.28
C LYS C 473 -78.11 77.38 11.73
N SER C 474 -78.39 76.37 10.91
CA SER C 474 -79.24 75.24 11.28
C SER C 474 -78.46 73.96 11.06
N HIS C 475 -78.46 73.09 12.07
CA HIS C 475 -77.68 71.84 12.04
C HIS C 475 -76.20 72.13 11.77
N LYS C 476 -75.65 73.05 12.56
CA LYS C 476 -74.26 73.46 12.36
C LYS C 476 -73.32 72.34 12.77
N PRO C 477 -72.46 71.85 11.87
CA PRO C 477 -71.52 70.81 12.27
C PRO C 477 -70.42 71.38 13.15
N PRO C 478 -69.85 70.56 14.03
CA PRO C 478 -68.71 71.03 14.83
C PRO C 478 -67.50 71.30 13.95
N SER C 479 -66.69 72.28 14.38
CA SER C 479 -65.55 72.73 13.61
C SER C 479 -64.31 72.80 14.49
N ALA C 480 -63.15 72.59 13.87
CA ALA C 480 -61.87 72.71 14.54
C ALA C 480 -60.79 72.87 13.49
N SER C 481 -59.62 73.37 13.93
CA SER C 481 -58.51 73.61 13.00
C SER C 481 -57.89 72.28 12.61
N CYS C 482 -58.09 71.87 11.36
CA CYS C 482 -57.54 70.62 10.87
C CYS C 482 -56.03 70.73 10.72
N PRO C 483 -55.31 69.61 10.78
CA PRO C 483 -53.87 69.63 10.52
C PRO C 483 -53.59 70.08 9.10
N ILE C 484 -52.42 70.73 8.93
CA ILE C 484 -52.06 71.28 7.63
C ILE C 484 -51.93 70.16 6.61
N GLY C 485 -52.47 70.39 5.41
CA GLY C 485 -52.44 69.41 4.35
C GLY C 485 -53.57 68.39 4.37
N THR C 486 -54.54 68.55 5.27
CA THR C 486 -55.67 67.63 5.38
C THR C 486 -56.96 68.36 5.02
N ASN C 487 -57.78 67.72 4.19
CA ASN C 487 -59.06 68.29 3.80
C ASN C 487 -60.05 68.23 4.94
N TYR C 488 -60.82 69.30 5.11
CA TYR C 488 -61.78 69.39 6.20
C TYR C 488 -62.94 68.42 5.97
N ARG C 489 -63.83 68.35 6.95
CA ARG C 489 -65.00 67.49 6.84
C ARG C 489 -65.90 67.95 5.71
N SER C 490 -66.35 67.00 4.90
CA SER C 490 -67.16 67.32 3.73
C SER C 490 -68.56 67.74 4.17
N CYS C 491 -68.95 68.96 3.82
CA CYS C 491 -70.27 69.48 4.16
C CYS C 491 -70.76 70.36 3.03
N GLU C 492 -72.09 70.50 2.96
CA GLU C 492 -72.73 71.30 1.92
C GLU C 492 -73.82 72.15 2.55
N SER C 493 -74.15 73.25 1.87
CA SER C 493 -75.18 74.18 2.31
C SER C 493 -76.35 74.11 1.34
N THR C 494 -77.55 73.87 1.87
CA THR C 494 -78.75 73.77 1.06
C THR C 494 -79.90 74.47 1.77
N THR C 495 -80.71 75.22 1.01
CA THR C 495 -81.84 75.93 1.57
C THR C 495 -82.98 74.94 1.81
N VAL C 496 -83.21 74.60 3.07
CA VAL C 496 -84.23 73.64 3.46
C VAL C 496 -85.13 74.27 4.52
N LEU C 497 -86.44 74.19 4.29
CA LEU C 497 -87.45 74.69 5.22
C LEU C 497 -87.26 76.18 5.50
N ASP C 498 -87.26 76.97 4.42
CA ASP C 498 -87.20 78.43 4.47
C ASP C 498 -85.89 78.94 5.03
N HIS C 499 -84.96 78.05 5.35
CA HIS C 499 -83.66 78.46 5.81
C HIS C 499 -82.76 78.83 4.63
N THR C 500 -81.73 79.63 4.92
CA THR C 500 -80.79 80.05 3.90
C THR C 500 -79.40 79.46 4.06
N ASP C 501 -79.07 78.95 5.23
CA ASP C 501 -77.74 78.40 5.49
C ASP C 501 -77.84 77.07 6.23
N TRP C 502 -78.86 76.29 5.93
CA TRP C 502 -78.96 74.94 6.48
C TRP C 502 -77.87 74.07 5.87
N CYS C 503 -77.15 73.33 6.71
CA CYS C 503 -75.93 72.64 6.29
C CYS C 503 -76.12 71.13 6.41
N ARG C 504 -75.73 70.41 5.36
CA ARG C 504 -75.70 68.97 5.34
C ARG C 504 -74.26 68.49 5.19
N CYS C 505 -73.95 67.37 5.85
CA CYS C 505 -72.60 66.84 5.87
C CYS C 505 -72.62 65.35 5.52
N SER C 506 -71.45 64.84 5.16
CA SER C 506 -71.31 63.42 4.82
C SER C 506 -71.14 62.59 6.09
N CYS C 507 -71.06 61.27 5.90
CA CYS C 507 -70.90 60.32 7.01
C CYS C 507 -72.02 60.48 8.05
N LEU C 508 -73.23 60.72 7.57
CA LEU C 508 -74.31 60.90 8.54
C LEU C 508 -75.20 59.68 8.60
N PRO C 509 -75.67 59.29 9.80
CA PRO C 509 -75.37 59.88 11.11
C PRO C 509 -73.97 59.50 11.58
N ASP C 510 -73.54 58.29 11.29
CA ASP C 510 -72.21 57.81 11.62
C ASP C 510 -71.59 57.14 10.39
N PRO C 511 -70.26 57.15 10.29
CA PRO C 511 -69.63 56.55 9.10
C PRO C 511 -69.94 55.08 8.91
N ILE C 512 -70.15 54.33 10.00
CA ILE C 512 -70.47 52.91 9.88
C ILE C 512 -71.82 52.73 9.20
N THR C 513 -72.82 53.50 9.61
CA THR C 513 -74.17 53.44 9.05
C THR C 513 -74.47 54.65 8.18
N ALA C 514 -73.47 55.13 7.45
CA ALA C 514 -73.66 56.29 6.58
C ALA C 514 -74.62 55.95 5.44
N TYR C 515 -75.44 56.92 5.06
CA TYR C 515 -76.41 56.71 3.99
C TYR C 515 -75.75 56.46 2.65
N ASP C 516 -74.51 56.93 2.46
CA ASP C 516 -73.79 56.72 1.22
C ASP C 516 -72.29 56.68 1.49
N PRO C 517 -71.66 55.52 1.40
CA PRO C 517 -70.21 55.44 1.66
C PRO C 517 -69.37 56.21 0.66
N ARG C 518 -69.92 56.53 -0.52
CA ARG C 518 -69.14 57.24 -1.53
C ARG C 518 -68.72 58.62 -1.04
N SER C 519 -69.65 59.36 -0.44
CA SER C 519 -69.34 60.70 0.06
C SER C 519 -68.51 60.66 1.34
N CYS C 520 -68.71 59.63 2.16
CA CYS C 520 -67.96 59.53 3.41
C CYS C 520 -66.48 59.31 3.14
N SER C 521 -65.63 60.02 3.88
CA SER C 521 -64.19 59.92 3.69
C SER C 521 -63.59 58.68 4.35
N GLN C 522 -64.36 57.97 5.17
CA GLN C 522 -63.90 56.74 5.81
C GLN C 522 -64.40 55.56 4.99
N LYS C 523 -63.47 54.72 4.53
CA LYS C 523 -63.78 53.60 3.65
C LYS C 523 -63.62 52.30 4.40
N LYS C 524 -64.65 51.45 4.32
CA LYS C 524 -64.58 50.13 4.94
C LYS C 524 -63.61 49.24 4.17
N SER C 525 -62.70 48.60 4.90
CA SER C 525 -61.70 47.75 4.28
C SER C 525 -61.31 46.64 5.25
N LEU C 526 -61.31 45.40 4.75
CA LEU C 526 -60.90 44.27 5.56
C LEU C 526 -59.41 44.32 5.84
N VAL C 527 -59.01 43.85 7.02
CA VAL C 527 -57.60 43.85 7.39
C VAL C 527 -56.87 42.80 6.57
N GLY C 528 -55.70 43.18 6.06
CA GLY C 528 -54.89 42.25 5.29
C GLY C 528 -54.17 41.25 6.18
N VAL C 529 -53.47 40.33 5.52
CA VAL C 529 -52.72 39.31 6.24
C VAL C 529 -51.54 39.97 6.95
N GLY C 530 -51.46 39.79 8.27
CA GLY C 530 -50.39 40.39 9.03
C GLY C 530 -50.51 41.89 9.23
N GLU C 531 -51.73 42.44 9.11
CA GLU C 531 -51.96 43.86 9.27
C GLU C 531 -52.96 44.10 10.41
N HIS C 532 -52.76 45.21 11.12
CA HIS C 532 -53.64 45.58 12.21
C HIS C 532 -54.87 46.29 11.67
N CYS C 533 -55.70 46.82 12.57
CA CYS C 533 -56.93 47.49 12.17
C CYS C 533 -56.63 48.80 11.47
N ALA C 534 -57.40 49.10 10.42
CA ALA C 534 -57.26 50.37 9.72
C ALA C 534 -57.63 51.54 10.63
N GLY C 535 -58.70 51.41 11.40
CA GLY C 535 -59.11 52.46 12.30
C GLY C 535 -60.58 52.41 12.68
N PHE C 536 -60.90 52.79 13.91
CA PHE C 536 -62.28 52.78 14.38
C PHE C 536 -63.10 53.83 13.64
N GLY C 537 -64.40 53.55 13.49
CA GLY C 537 -65.31 54.51 12.92
C GLY C 537 -65.54 55.68 13.86
N VAL C 538 -65.00 56.84 13.53
CA VAL C 538 -65.07 58.01 14.39
C VAL C 538 -66.30 58.83 14.02
N ASP C 539 -67.07 59.22 15.02
CA ASP C 539 -68.23 60.07 14.82
C ASP C 539 -67.76 61.49 14.57
N GLU C 540 -67.80 61.93 13.31
CA GLU C 540 -67.33 63.27 12.96
C GLU C 540 -68.23 64.36 13.50
N GLU C 541 -69.42 64.03 14.00
CA GLU C 541 -70.30 65.01 14.63
C GLU C 541 -69.88 65.34 16.05
N LYS C 542 -68.92 64.61 16.62
CA LYS C 542 -68.41 64.88 17.95
C LYS C 542 -66.99 65.42 17.95
N CYS C 543 -66.36 65.51 16.79
CA CYS C 543 -64.99 66.00 16.70
C CYS C 543 -64.97 67.52 16.89
N GLY C 544 -64.13 67.99 17.79
CA GLY C 544 -64.07 69.40 18.10
C GLY C 544 -65.30 69.86 18.89
N VAL C 545 -65.50 71.17 18.89
CA VAL C 545 -66.63 71.79 19.56
C VAL C 545 -67.52 72.46 18.51
N LEU C 546 -68.67 72.96 18.98
CA LEU C 546 -69.66 73.52 18.05
C LEU C 546 -69.13 74.75 17.33
N ASP C 547 -68.43 75.63 18.05
CA ASP C 547 -67.93 76.88 17.49
C ASP C 547 -66.40 76.95 17.59
N GLY C 548 -65.74 75.84 17.27
CA GLY C 548 -64.28 75.82 17.32
C GLY C 548 -63.69 76.66 16.21
N SER C 549 -62.83 77.59 16.60
CA SER C 549 -62.11 78.44 15.64
C SER C 549 -60.80 77.76 15.25
N TYR C 550 -59.93 78.50 14.57
CA TYR C 550 -58.64 77.97 14.15
C TYR C 550 -57.64 77.87 15.29
N ASN C 551 -57.96 78.40 16.47
CA ASN C 551 -57.05 78.39 17.61
C ASN C 551 -57.05 77.08 18.39
N VAL C 552 -57.98 76.17 18.10
CA VAL C 552 -58.08 74.89 18.80
C VAL C 552 -57.76 73.77 17.81
N SER C 553 -57.01 72.78 18.27
CA SER C 553 -56.63 71.68 17.41
C SER C 553 -57.80 70.74 17.14
N CYS C 554 -57.75 70.07 16.01
CA CYS C 554 -58.79 69.11 15.64
C CYS C 554 -58.63 67.83 16.44
N LEU C 555 -59.69 67.43 17.14
CA LEU C 555 -59.68 66.23 17.94
C LEU C 555 -61.11 65.75 18.13
N CYS C 556 -61.26 64.48 18.47
CA CYS C 556 -62.56 63.87 18.67
C CYS C 556 -62.62 63.21 20.04
N SER C 557 -63.82 63.16 20.60
CA SER C 557 -64.02 62.56 21.91
C SER C 557 -63.87 61.05 21.84
N THR C 558 -63.68 60.44 23.02
CA THR C 558 -63.47 58.99 23.08
C THR C 558 -64.69 58.23 22.59
N ASP C 559 -65.90 58.68 22.97
CA ASP C 559 -67.12 57.99 22.57
C ASP C 559 -67.43 58.16 21.09
N ALA C 560 -66.75 59.07 20.38
CA ALA C 560 -66.98 59.22 18.96
C ALA C 560 -66.46 58.04 18.16
N PHE C 561 -65.45 57.35 18.67
CA PHE C 561 -64.84 56.22 17.97
C PHE C 561 -65.71 54.99 18.19
N LEU C 562 -66.46 54.61 17.16
CA LEU C 562 -67.34 53.45 17.19
C LEU C 562 -66.70 52.29 16.45
N GLY C 563 -67.45 51.21 16.30
CA GLY C 563 -66.96 50.03 15.60
C GLY C 563 -66.11 49.10 16.43
N TRP C 564 -66.08 49.26 17.75
CA TRP C 564 -65.36 48.38 18.65
C TRP C 564 -66.32 47.84 19.72
N SER C 565 -65.98 46.68 20.27
CA SER C 565 -66.68 46.06 21.40
C SER C 565 -65.65 45.28 22.22
N TYR C 566 -66.01 44.85 23.42
CA TYR C 566 -65.12 44.06 24.27
C TYR C 566 -65.83 42.85 24.87
N ASP C 567 -65.03 41.88 25.30
CA ASP C 567 -65.50 40.72 26.03
C ASP C 567 -64.43 40.21 27.03
N THR C 568 -64.81 39.44 28.03
CA THR C 568 -63.86 38.77 28.93
C THR C 568 -63.22 37.54 28.27
N CYS C 569 -62.07 37.11 28.79
CA CYS C 569 -61.38 35.88 28.38
C CYS C 569 -61.36 34.76 29.44
N VAL C 570 -61.89 35.02 30.65
CA VAL C 570 -61.76 34.10 31.79
C VAL C 570 -62.69 32.90 31.64
N SER C 571 -62.13 31.69 31.68
CA SER C 571 -62.85 30.41 31.70
C SER C 571 -62.15 29.45 32.66
N ASN C 572 -62.86 28.83 33.61
CA ASN C 572 -62.26 27.98 34.66
C ASN C 572 -61.10 28.66 35.44
N ASN C 573 -61.22 29.97 35.70
CA ASN C 573 -60.16 30.82 36.27
C ASN C 573 -58.87 30.94 35.42
N ARG C 574 -58.93 30.60 34.13
CA ARG C 574 -57.83 30.70 33.16
C ARG C 574 -58.22 31.61 31.99
N CYS C 575 -57.40 32.56 31.61
CA CYS C 575 -57.62 33.32 30.38
C CYS C 575 -57.31 32.45 29.16
N ASN C 576 -58.27 32.31 28.24
CA ASN C 576 -58.03 31.65 26.95
C ASN C 576 -57.17 32.55 26.05
N ILE C 577 -56.13 31.99 25.43
CA ILE C 577 -55.19 32.70 24.54
C ILE C 577 -54.97 31.85 23.29
N PHE C 578 -54.93 32.50 22.14
CA PHE C 578 -54.71 31.85 20.84
C PHE C 578 -53.40 32.34 20.25
N SER C 579 -52.70 31.43 19.58
CA SER C 579 -51.47 31.71 18.83
C SER C 579 -51.45 31.04 17.46
N ASN C 580 -51.08 31.78 16.42
CA ASN C 580 -50.93 31.24 15.07
C ASN C 580 -49.44 31.14 14.69
N PHE C 581 -48.98 29.91 14.48
CA PHE C 581 -47.65 29.50 14.02
C PHE C 581 -47.56 29.58 12.50
N ILE C 582 -46.98 30.66 11.99
CA ILE C 582 -46.58 30.78 10.60
C ILE C 582 -45.25 30.05 10.39
N LEU C 583 -45.21 29.08 9.48
CA LEU C 583 -43.98 28.34 9.15
C LEU C 583 -43.42 28.86 7.82
N ASN C 584 -42.20 29.39 7.83
CA ASN C 584 -41.53 29.91 6.65
C ASN C 584 -40.29 29.08 6.36
N GLY C 585 -40.10 28.74 5.09
CA GLY C 585 -38.98 27.92 4.61
C GLY C 585 -38.90 26.56 5.31
N ILE C 586 -39.97 25.78 5.24
CA ILE C 586 -40.06 24.44 5.82
C ILE C 586 -39.02 23.49 5.20
N ASN C 587 -38.57 22.49 5.98
CA ASN C 587 -37.50 21.56 5.61
C ASN C 587 -36.20 22.27 5.13
N SER C 588 -35.87 23.38 5.77
CA SER C 588 -34.75 24.28 5.42
C SER C 588 -34.37 25.16 6.61
N GLY C 589 -33.34 25.97 6.48
CA GLY C 589 -32.98 26.95 7.50
C GLY C 589 -32.24 26.37 8.70
N THR C 590 -32.35 27.04 9.84
CA THR C 590 -31.62 26.73 11.09
C THR C 590 -32.50 26.82 12.34
N THR C 591 -33.80 27.02 12.20
CA THR C 591 -34.75 26.95 13.33
C THR C 591 -35.27 25.52 13.41
N CYS C 592 -34.52 24.64 14.07
CA CYS C 592 -34.74 23.19 13.97
C CYS C 592 -35.25 22.61 15.30
N SER C 593 -36.06 21.57 15.21
CA SER C 593 -36.53 20.82 16.38
C SER C 593 -35.53 19.74 16.82
N ASN C 594 -35.41 19.55 18.13
CA ASN C 594 -34.62 18.52 18.81
C ASN C 594 -35.50 17.33 19.29
N ASP C 595 -36.79 17.28 18.93
CA ASP C 595 -37.70 16.21 19.38
C ASP C 595 -37.37 14.81 18.85
N LEU C 596 -36.88 14.70 17.61
CA LEU C 596 -36.41 13.42 17.06
C LEU C 596 -34.95 13.10 17.39
N LEU C 597 -34.24 13.99 18.09
CA LEU C 597 -32.90 13.71 18.58
C LEU C 597 -32.94 12.78 19.80
N GLN C 598 -31.98 11.87 19.92
CA GLN C 598 -31.83 11.07 21.14
C GLN C 598 -31.57 11.99 22.36
N PRO C 599 -32.25 11.74 23.49
CA PRO C 599 -32.02 12.49 24.70
C PRO C 599 -30.66 12.18 25.33
N ASN C 600 -30.29 12.93 26.37
CA ASN C 600 -29.03 12.72 27.08
C ASN C 600 -29.06 11.47 27.94
N THR C 601 -30.24 11.04 28.37
CA THR C 601 -30.45 9.85 29.20
C THR C 601 -29.63 10.00 30.46
N GLU C 602 -28.67 9.11 30.75
CA GLU C 602 -27.92 9.17 32.00
C GLU C 602 -26.53 8.60 31.75
N VAL C 603 -25.55 9.01 32.57
CA VAL C 603 -24.19 8.47 32.53
C VAL C 603 -24.14 7.16 33.32
N PHE C 604 -24.31 6.03 32.63
CA PHE C 604 -24.20 4.70 33.23
C PHE C 604 -22.76 4.38 33.61
N THR C 605 -22.48 4.08 34.88
CA THR C 605 -21.12 3.74 35.33
C THR C 605 -20.88 2.25 35.41
N ASP C 606 -19.61 1.85 35.54
CA ASP C 606 -19.13 0.49 35.77
C ASP C 606 -19.42 -0.54 34.66
N VAL C 607 -20.36 -0.25 33.76
CA VAL C 607 -20.68 -1.01 32.55
C VAL C 607 -20.26 -0.20 31.34
N CYS C 608 -19.48 -0.76 30.42
CA CYS C 608 -19.03 0.03 29.28
C CYS C 608 -20.16 0.30 28.27
N VAL C 609 -20.03 1.42 27.58
CA VAL C 609 -21.04 2.03 26.71
C VAL C 609 -20.36 2.55 25.47
N ASP C 610 -20.98 2.45 24.30
CA ASP C 610 -20.47 3.05 23.05
C ASP C 610 -20.81 4.54 22.99
N TYR C 611 -20.19 5.31 23.87
CA TYR C 611 -20.43 6.74 23.98
C TYR C 611 -20.10 7.53 22.71
N ASP C 612 -20.70 8.70 22.62
CA ASP C 612 -20.40 9.76 21.68
C ASP C 612 -20.42 11.07 22.46
N LEU C 613 -19.25 11.57 22.84
CA LEU C 613 -19.10 12.74 23.69
C LEU C 613 -18.54 13.92 22.88
N TYR C 614 -19.32 14.98 22.76
CA TYR C 614 -18.94 16.23 22.10
C TYR C 614 -18.36 16.05 20.68
N GLY C 615 -18.87 15.04 19.96
CA GLY C 615 -18.48 14.74 18.59
C GLY C 615 -17.41 13.66 18.42
N ILE C 616 -16.90 13.06 19.49
CA ILE C 616 -15.92 11.96 19.44
C ILE C 616 -16.47 10.67 20.07
N THR C 617 -16.38 9.56 19.34
CA THR C 617 -16.93 8.27 19.76
C THR C 617 -15.92 7.36 20.44
N GLY C 618 -16.39 6.39 21.22
CA GLY C 618 -15.60 5.28 21.73
C GLY C 618 -16.42 4.35 22.62
N GLN C 619 -15.84 3.24 23.06
CA GLN C 619 -16.45 2.37 24.09
C GLN C 619 -15.64 2.45 25.38
N GLY C 620 -16.31 2.65 26.51
CA GLY C 620 -15.62 2.72 27.80
C GLY C 620 -16.55 2.70 29.00
N ILE C 621 -15.98 2.31 30.13
CA ILE C 621 -16.53 2.33 31.48
C ILE C 621 -16.37 3.72 32.06
N PHE C 622 -17.48 4.37 32.42
CA PHE C 622 -17.44 5.59 33.21
C PHE C 622 -17.37 5.29 34.71
N LYS C 623 -16.69 6.15 35.47
CA LYS C 623 -16.57 6.08 36.92
C LYS C 623 -16.34 7.47 37.50
N GLU C 624 -17.21 7.93 38.40
CA GLU C 624 -17.15 9.30 38.93
C GLU C 624 -15.87 9.52 39.75
N VAL C 625 -15.17 10.64 39.52
CA VAL C 625 -13.90 10.94 40.19
C VAL C 625 -13.95 12.29 40.89
N SER C 626 -15.03 13.06 40.69
CA SER C 626 -15.20 14.40 41.25
C SER C 626 -13.99 15.28 40.94
N ALA C 627 -13.76 15.49 39.65
CA ALA C 627 -12.61 16.28 39.21
C ALA C 627 -12.86 17.77 39.44
N VAL C 628 -11.76 18.52 39.55
CA VAL C 628 -11.81 19.96 39.76
C VAL C 628 -11.07 20.74 38.69
N TYR C 629 -10.33 20.08 37.80
CA TYR C 629 -9.50 20.74 36.81
C TYR C 629 -10.28 21.21 35.57
N TYR C 630 -11.55 20.85 35.42
CA TYR C 630 -12.33 21.28 34.27
C TYR C 630 -12.65 22.76 34.36
N ASN C 631 -12.59 23.45 33.23
CA ASN C 631 -12.94 24.86 33.15
C ASN C 631 -14.30 25.02 32.46
N SER C 632 -14.69 26.27 32.24
CA SER C 632 -15.98 26.54 31.61
C SER C 632 -16.03 25.99 30.19
N TRP C 633 -14.94 26.15 29.44
CA TRP C 633 -14.89 25.73 28.05
C TRP C 633 -14.39 24.31 27.86
N GLN C 634 -14.03 23.61 28.93
CA GLN C 634 -13.41 22.30 28.84
C GLN C 634 -14.40 21.21 29.23
N ASN C 635 -14.40 20.10 28.49
CA ASN C 635 -15.32 18.99 28.69
C ASN C 635 -14.67 17.62 28.63
N LEU C 636 -13.50 17.48 27.98
CA LEU C 636 -12.84 16.19 27.84
C LEU C 636 -11.42 16.28 28.38
N LEU C 637 -11.00 15.40 29.25
CA LEU C 637 -9.66 15.24 29.81
C LEU C 637 -8.92 14.22 28.96
N TYR C 638 -7.93 14.71 28.22
CA TYR C 638 -7.10 13.88 27.35
C TYR C 638 -5.82 13.49 28.06
N ASP C 639 -5.21 12.42 27.57
CA ASP C 639 -3.94 11.91 28.08
C ASP C 639 -2.74 12.52 27.35
N SER C 640 -1.53 12.06 27.70
CA SER C 640 -0.31 12.61 27.13
C SER C 640 -0.18 12.37 25.63
N ASN C 641 -0.75 11.30 25.08
CA ASN C 641 -0.57 10.98 23.68
C ASN C 641 -1.73 11.51 22.81
N GLY C 642 -2.95 11.73 23.35
CA GLY C 642 -3.99 12.34 22.56
C GLY C 642 -5.27 11.53 22.38
N ASN C 643 -5.63 10.69 23.35
CA ASN C 643 -6.89 9.99 23.31
C ASN C 643 -7.71 10.33 24.55
N ILE C 644 -9.02 10.10 24.45
CA ILE C 644 -9.99 10.41 25.48
C ILE C 644 -9.92 9.42 26.64
N ILE C 645 -9.65 9.93 27.84
CA ILE C 645 -9.56 9.12 29.06
C ILE C 645 -10.27 9.72 30.28
N GLY C 646 -10.82 10.92 30.17
CA GLY C 646 -11.75 11.47 31.14
C GLY C 646 -12.66 12.51 30.51
N PHE C 647 -13.85 12.72 31.01
CA PHE C 647 -14.83 13.66 30.50
C PHE C 647 -15.66 14.21 31.65
N LYS C 648 -16.35 15.32 31.36
CA LYS C 648 -17.26 15.96 32.30
C LYS C 648 -18.58 16.21 31.61
N ASP C 649 -19.68 15.90 32.30
CA ASP C 649 -21.02 16.04 31.73
C ASP C 649 -21.51 17.48 31.93
N PHE C 650 -21.76 18.19 30.83
CA PHE C 650 -22.26 19.56 30.91
C PHE C 650 -23.71 19.62 31.39
N VAL C 651 -24.49 18.55 31.22
CA VAL C 651 -25.88 18.54 31.71
C VAL C 651 -25.91 18.52 33.23
N THR C 652 -25.06 17.69 33.85
CA THR C 652 -25.12 17.46 35.29
C THR C 652 -23.91 17.99 36.04
N ASN C 653 -22.92 18.55 35.34
CA ASN C 653 -21.69 19.05 35.97
C ASN C 653 -20.98 17.96 36.77
N LYS C 654 -21.06 16.72 36.30
CA LYS C 654 -20.44 15.59 36.97
C LYS C 654 -19.25 15.10 36.14
N THR C 655 -18.14 14.86 36.82
CA THR C 655 -16.90 14.47 36.17
C THR C 655 -16.68 12.97 36.34
N TYR C 656 -16.20 12.31 35.30
CA TYR C 656 -15.93 10.87 35.28
C TYR C 656 -14.60 10.54 34.58
N ASN C 657 -13.89 9.54 35.08
CA ASN C 657 -12.83 8.89 34.33
C ASN C 657 -13.41 7.87 33.35
N ILE C 658 -12.69 7.62 32.26
CA ILE C 658 -13.05 6.64 31.23
C ILE C 658 -12.01 5.52 31.24
N PHE C 659 -12.46 4.28 31.41
CA PHE C 659 -11.64 3.07 31.32
C PHE C 659 -12.12 2.21 30.16
N PRO C 660 -11.28 1.50 29.39
CA PRO C 660 -11.81 0.57 28.40
C PRO C 660 -12.41 -0.65 29.08
N CYS C 661 -13.45 -1.26 28.51
CA CYS C 661 -13.88 -2.58 28.97
C CYS C 661 -12.95 -3.69 28.48
N TYR C 662 -12.97 -4.82 29.19
CA TYR C 662 -12.17 -5.99 28.90
C TYR C 662 -12.33 -6.48 27.45
N ALA C 663 -11.20 -6.81 26.83
CA ALA C 663 -11.09 -7.39 25.51
C ALA C 663 -9.96 -8.43 25.45
N GLY C 664 -9.69 -9.10 26.57
CA GLY C 664 -8.64 -10.11 26.65
C GLY C 664 -8.98 -11.43 25.98
N ARG C 665 -8.00 -12.31 25.91
CA ARG C 665 -8.12 -13.67 25.38
C ARG C 665 -8.37 -14.67 26.51
N VAL C 666 -8.67 -15.90 26.15
CA VAL C 666 -8.72 -17.04 27.07
C VAL C 666 -7.62 -18.02 26.69
N SER C 667 -6.73 -18.36 27.60
CA SER C 667 -5.71 -19.37 27.38
C SER C 667 -6.31 -20.74 27.71
N ALA C 668 -6.42 -21.60 26.71
CA ALA C 668 -7.04 -22.91 26.85
C ALA C 668 -5.96 -23.97 26.78
N ALA C 669 -5.90 -24.82 27.80
CA ALA C 669 -4.96 -25.93 27.84
C ALA C 669 -5.70 -27.20 27.43
N PHE C 670 -5.23 -27.85 26.39
CA PHE C 670 -5.86 -29.06 25.86
C PHE C 670 -4.85 -30.20 25.82
N HIS C 671 -5.30 -31.37 26.24
CA HIS C 671 -4.54 -32.61 26.10
C HIS C 671 -5.31 -33.54 25.15
N GLN C 672 -4.57 -34.27 24.32
CA GLN C 672 -5.21 -35.10 23.32
C GLN C 672 -6.15 -36.14 23.94
N ASN C 673 -5.72 -36.76 25.03
CA ASN C 673 -6.52 -37.79 25.68
C ASN C 673 -7.72 -37.22 26.42
N ALA C 674 -7.79 -35.91 26.59
CA ALA C 674 -8.88 -35.30 27.34
C ALA C 674 -10.07 -35.01 26.43
N SER C 675 -11.25 -34.92 27.04
CA SER C 675 -12.48 -34.63 26.33
C SER C 675 -12.97 -33.21 26.58
N SER C 676 -12.28 -32.44 27.43
CA SER C 676 -12.67 -31.08 27.75
C SER C 676 -11.44 -30.20 27.72
N LEU C 677 -11.58 -28.97 28.21
CA LEU C 677 -10.52 -27.99 28.21
C LEU C 677 -10.27 -27.47 29.62
N ALA C 678 -9.05 -26.97 29.83
CA ALA C 678 -8.71 -26.21 31.02
C ALA C 678 -8.50 -24.77 30.60
N LEU C 679 -9.35 -23.87 31.09
CA LEU C 679 -9.37 -22.49 30.65
C LEU C 679 -8.74 -21.61 31.72
N LEU C 680 -7.76 -20.79 31.32
CA LEU C 680 -7.14 -19.81 32.19
C LEU C 680 -7.55 -18.42 31.72
N TYR C 681 -8.36 -17.73 32.49
CA TYR C 681 -8.71 -16.34 32.26
C TYR C 681 -7.63 -15.50 32.93
N ARG C 682 -6.55 -15.32 32.18
CA ARG C 682 -5.29 -14.79 32.68
C ARG C 682 -5.48 -13.41 33.29
N ASN C 683 -4.99 -13.19 34.51
CA ASN C 683 -5.02 -11.93 35.25
C ASN C 683 -6.43 -11.46 35.56
N LEU C 684 -7.43 -12.34 35.52
CA LEU C 684 -8.81 -12.01 35.90
C LEU C 684 -9.21 -12.83 37.10
N LYS C 685 -9.87 -12.18 38.06
CA LYS C 685 -10.42 -12.87 39.22
C LYS C 685 -11.69 -13.62 38.83
N CYS C 686 -11.93 -14.73 39.53
CA CYS C 686 -13.06 -15.58 39.17
C CYS C 686 -14.39 -14.87 39.34
N SER C 687 -14.51 -14.02 40.36
CA SER C 687 -15.76 -13.27 40.53
C SER C 687 -16.02 -12.38 39.33
N TYR C 688 -15.01 -11.65 38.85
CA TYR C 688 -15.14 -10.81 37.67
C TYR C 688 -15.49 -11.64 36.44
N VAL C 689 -14.86 -12.81 36.27
CA VAL C 689 -15.15 -13.64 35.11
C VAL C 689 -16.61 -14.09 35.13
N LEU C 690 -17.05 -14.64 36.26
CA LEU C 690 -18.41 -15.16 36.34
C LEU C 690 -19.44 -14.05 36.20
N ASN C 691 -19.20 -12.90 36.83
CA ASN C 691 -20.21 -11.84 36.81
C ASN C 691 -20.28 -11.13 35.47
N ASN C 692 -19.13 -10.81 34.87
CA ASN C 692 -19.02 -9.87 33.75
C ASN C 692 -18.64 -10.51 32.41
N ILE C 693 -18.17 -11.76 32.36
CA ILE C 693 -17.84 -12.45 31.09
C ILE C 693 -18.91 -13.48 30.74
N SER C 694 -19.10 -14.52 31.55
CA SER C 694 -20.04 -15.60 31.25
C SER C 694 -20.21 -16.47 32.48
N LEU C 695 -21.45 -16.85 32.77
CA LEU C 695 -21.71 -17.83 33.80
C LEU C 695 -21.32 -19.22 33.29
N THR C 696 -20.59 -19.97 34.12
CA THR C 696 -20.06 -21.26 33.72
C THR C 696 -20.35 -22.29 34.81
N THR C 697 -20.66 -23.51 34.40
CA THR C 697 -20.92 -24.59 35.33
C THR C 697 -19.67 -25.36 35.72
N GLN C 698 -18.53 -25.07 35.09
CA GLN C 698 -17.30 -25.77 35.40
C GLN C 698 -16.72 -25.27 36.71
N PRO C 699 -15.95 -26.11 37.42
CA PRO C 699 -15.30 -25.65 38.65
C PRO C 699 -14.23 -24.62 38.36
N TYR C 700 -13.98 -23.77 39.35
CA TYR C 700 -13.08 -22.63 39.17
C TYR C 700 -12.37 -22.33 40.48
N PHE C 701 -11.20 -21.70 40.35
CA PHE C 701 -10.48 -21.18 41.51
C PHE C 701 -9.54 -20.09 41.04
N ASP C 702 -9.13 -19.24 41.98
CA ASP C 702 -8.28 -18.08 41.68
C ASP C 702 -6.82 -18.49 41.84
N SER C 703 -6.14 -18.69 40.72
CA SER C 703 -4.72 -18.98 40.72
C SER C 703 -3.92 -17.68 40.65
N TYR C 704 -2.60 -17.83 40.74
CA TYR C 704 -1.72 -16.67 40.61
C TYR C 704 -1.85 -16.03 39.23
N LEU C 705 -1.95 -16.85 38.19
CA LEU C 705 -2.05 -16.35 36.83
C LEU C 705 -3.43 -15.85 36.48
N GLY C 706 -4.45 -16.24 37.25
CA GLY C 706 -5.81 -15.84 36.96
C GLY C 706 -6.80 -16.95 37.26
N CYS C 707 -8.07 -16.74 36.93
CA CYS C 707 -9.09 -17.74 37.18
C CYS C 707 -8.86 -18.95 36.28
N VAL C 708 -8.88 -20.14 36.88
CA VAL C 708 -8.66 -21.40 36.17
C VAL C 708 -9.94 -22.21 36.22
N PHE C 709 -10.45 -22.58 35.06
CA PHE C 709 -11.68 -23.36 34.94
C PHE C 709 -11.35 -24.79 34.54
N ASN C 710 -12.08 -25.74 35.12
CA ASN C 710 -12.00 -27.15 34.76
C ASN C 710 -10.62 -27.74 35.04
N ALA C 711 -9.94 -27.24 36.07
CA ALA C 711 -8.67 -27.81 36.50
C ALA C 711 -8.58 -27.70 38.02
N ASP C 712 -8.10 -28.76 38.65
CA ASP C 712 -8.05 -28.84 40.10
C ASP C 712 -6.80 -28.16 40.64
N ASN C 713 -6.98 -27.33 41.66
CA ASN C 713 -5.86 -26.63 42.28
C ASN C 713 -4.97 -27.63 43.00
N LEU C 714 -3.80 -27.92 42.45
CA LEU C 714 -2.84 -28.83 43.04
C LEU C 714 -1.44 -28.24 42.96
N THR C 715 -1.30 -26.97 43.34
CA THR C 715 -0.01 -26.31 43.28
C THR C 715 1.01 -26.94 44.21
N ASP C 716 0.56 -27.72 45.21
CA ASP C 716 1.51 -28.43 46.06
C ASP C 716 2.26 -29.50 45.29
N TYR C 717 1.60 -30.15 44.34
CA TYR C 717 2.28 -31.15 43.52
C TYR C 717 3.17 -30.45 42.50
N SER C 718 4.13 -31.21 41.96
CA SER C 718 5.05 -30.70 40.97
C SER C 718 5.24 -31.72 39.86
N VAL C 719 5.58 -31.24 38.68
CA VAL C 719 5.92 -32.09 37.54
C VAL C 719 7.23 -31.59 36.95
N SER C 720 8.13 -32.52 36.67
CA SER C 720 9.41 -32.16 36.06
C SER C 720 9.30 -31.96 34.56
N SER C 721 8.21 -32.40 33.94
CA SER C 721 7.95 -32.19 32.52
C SER C 721 6.53 -31.71 32.35
N CYS C 722 6.30 -30.84 31.39
CA CYS C 722 4.98 -30.23 31.21
C CYS C 722 4.78 -29.85 29.76
N ALA C 723 3.73 -30.35 29.14
CA ALA C 723 3.35 -29.95 27.79
C ALA C 723 2.33 -28.82 27.78
N LEU C 724 1.84 -28.39 28.94
CA LEU C 724 0.83 -27.36 29.06
C LEU C 724 1.29 -26.25 29.98
N ARG C 725 2.52 -25.79 29.78
CA ARG C 725 3.08 -24.72 30.60
C ARG C 725 2.26 -23.45 30.47
N MET C 726 1.89 -22.87 31.61
CA MET C 726 1.05 -21.68 31.63
C MET C 726 1.82 -20.40 31.94
N GLY C 727 3.00 -20.52 32.54
CA GLY C 727 3.78 -19.35 32.90
C GLY C 727 4.00 -19.23 34.39
N SER C 728 5.11 -18.61 34.77
CA SER C 728 5.47 -18.40 36.18
C SER C 728 5.53 -19.72 36.94
N GLY C 729 6.04 -20.76 36.27
CA GLY C 729 6.26 -22.03 36.93
C GLY C 729 5.01 -22.81 37.25
N PHE C 730 3.91 -22.55 36.56
CA PHE C 730 2.67 -23.28 36.77
C PHE C 730 2.35 -24.12 35.55
N CYS C 731 1.79 -25.29 35.77
CA CYS C 731 1.54 -26.26 34.71
C CYS C 731 0.12 -26.80 34.82
N VAL C 732 -0.40 -27.25 33.69
CA VAL C 732 -1.68 -27.96 33.65
C VAL C 732 -1.38 -29.40 33.28
N ASP C 733 -1.71 -30.32 34.19
CA ASP C 733 -1.42 -31.74 34.01
C ASP C 733 -2.73 -32.52 33.91
N TYR C 734 -2.80 -33.43 32.95
CA TYR C 734 -3.99 -34.23 32.71
C TYR C 734 -3.75 -35.65 33.20
N ASN C 735 -4.70 -36.19 33.96
CA ASN C 735 -4.63 -37.56 34.42
C ASN C 735 -5.72 -38.41 33.78
N SER C 752 -8.79 -36.03 35.04
CA SER C 752 -9.11 -34.63 34.81
C SER C 752 -7.86 -33.77 34.70
N TYR C 753 -8.05 -32.46 34.56
CA TYR C 753 -6.94 -31.53 34.51
C TYR C 753 -6.50 -31.14 35.92
N ARG C 754 -5.19 -31.05 36.11
CA ARG C 754 -4.62 -30.66 37.39
C ARG C 754 -3.73 -29.44 37.19
N PHE C 755 -3.99 -28.39 37.97
CA PHE C 755 -3.18 -27.17 37.94
C PHE C 755 -2.07 -27.33 38.96
N VAL C 756 -0.85 -27.63 38.48
CA VAL C 756 0.27 -27.95 39.35
C VAL C 756 1.41 -26.99 39.04
N THR C 757 2.46 -27.09 39.85
CA THR C 757 3.66 -26.28 39.65
C THR C 757 4.65 -27.01 38.75
N PHE C 758 5.27 -26.24 37.87
CA PHE C 758 6.27 -26.75 36.94
C PHE C 758 7.64 -26.58 37.58
N GLU C 759 8.31 -27.69 37.87
CA GLU C 759 9.65 -27.69 38.46
C GLU C 759 10.54 -28.58 37.58
N PRO C 760 11.03 -28.04 36.47
CA PRO C 760 11.82 -28.88 35.55
C PRO C 760 13.14 -29.32 36.11
N PHE C 761 13.70 -28.62 37.09
CA PHE C 761 15.03 -28.92 37.59
C PHE C 761 15.00 -28.97 39.11
N ASN C 762 15.58 -30.03 39.66
CA ASN C 762 15.63 -30.25 41.10
C ASN C 762 17.07 -30.47 41.52
N VAL C 763 17.39 -30.02 42.73
CA VAL C 763 18.73 -30.23 43.27
C VAL C 763 18.92 -31.70 43.60
N SER C 764 20.03 -32.27 43.14
CA SER C 764 20.43 -33.59 43.61
C SER C 764 20.88 -33.46 45.07
N PHE C 765 20.25 -34.23 45.95
CA PHE C 765 20.45 -34.07 47.38
C PHE C 765 21.23 -35.24 47.96
N VAL C 766 22.08 -34.93 48.94
CA VAL C 766 22.76 -35.93 49.74
C VAL C 766 22.53 -35.58 51.21
N ASN C 767 22.65 -36.57 52.07
CA ASN C 767 22.47 -36.36 53.50
C ASN C 767 23.79 -36.34 54.26
N ASP C 768 24.88 -35.97 53.58
CA ASP C 768 26.17 -35.86 54.24
C ASP C 768 26.23 -34.58 55.07
N SER C 769 27.18 -34.56 56.01
CA SER C 769 27.32 -33.42 56.90
C SER C 769 27.82 -32.19 56.15
N ILE C 770 27.42 -31.02 56.64
CA ILE C 770 27.86 -29.75 56.06
C ILE C 770 29.12 -29.21 56.74
N GLU C 771 29.49 -29.76 57.88
CA GLU C 771 30.63 -29.28 58.65
C GLU C 771 31.85 -30.15 58.40
N SER C 772 32.96 -29.76 59.02
CA SER C 772 34.19 -30.55 59.02
C SER C 772 34.39 -31.10 60.42
N VAL C 773 34.44 -32.43 60.53
CA VAL C 773 34.61 -33.12 61.80
C VAL C 773 36.04 -33.60 61.87
N GLY C 774 36.82 -33.02 62.78
CA GLY C 774 38.22 -33.34 62.85
C GLY C 774 39.02 -32.91 61.65
N GLY C 775 38.58 -31.87 60.95
CA GLY C 775 39.25 -31.42 59.74
C GLY C 775 38.90 -32.19 58.50
N LEU C 776 37.90 -33.06 58.56
CA LEU C 776 37.51 -33.88 57.43
C LEU C 776 36.04 -33.63 57.06
N TYR C 777 35.77 -33.64 55.77
CA TYR C 777 34.43 -33.42 55.24
C TYR C 777 33.88 -34.71 54.66
N GLU C 778 32.57 -34.86 54.71
CA GLU C 778 31.90 -36.02 54.13
C GLU C 778 31.65 -35.77 52.65
N ILE C 779 32.19 -36.63 51.80
CA ILE C 779 32.07 -36.50 50.35
C ILE C 779 31.69 -37.87 49.78
N LYS C 780 30.82 -37.86 48.79
CA LYS C 780 30.45 -39.08 48.06
C LYS C 780 31.32 -39.17 46.82
N ILE C 781 32.21 -40.16 46.79
CA ILE C 781 33.14 -40.37 45.69
C ILE C 781 32.66 -41.58 44.89
N PRO C 782 32.61 -41.50 43.56
CA PRO C 782 32.15 -42.65 42.77
C PRO C 782 33.03 -43.88 43.01
N THR C 783 32.37 -45.04 43.04
CA THR C 783 33.06 -46.32 43.13
C THR C 783 32.90 -47.17 41.89
N ASN C 784 32.06 -46.74 40.95
CA ASN C 784 31.79 -47.49 39.74
C ASN C 784 31.18 -46.53 38.73
N PHE C 785 31.52 -46.72 37.46
CA PHE C 785 31.11 -45.76 36.45
C PHE C 785 30.73 -46.49 35.17
N THR C 786 30.12 -45.75 34.26
CA THR C 786 29.84 -46.15 32.91
C THR C 786 30.13 -44.99 31.97
N ILE C 787 30.06 -45.23 30.68
CA ILE C 787 30.09 -44.18 29.67
C ILE C 787 28.67 -43.98 29.19
N VAL C 788 28.18 -42.74 29.18
CA VAL C 788 26.88 -42.41 28.59
C VAL C 788 27.07 -41.61 27.33
N GLY C 789 26.31 -41.94 26.29
CA GLY C 789 26.36 -41.23 25.03
C GLY C 789 25.23 -40.22 24.94
N GLN C 790 25.56 -39.04 24.45
CA GLN C 790 24.60 -37.95 24.32
C GLN C 790 24.77 -37.33 22.94
N GLU C 791 23.75 -37.47 22.09
CA GLU C 791 23.82 -36.95 20.74
C GLU C 791 23.29 -35.53 20.70
N GLU C 792 23.93 -34.66 19.92
CA GLU C 792 23.54 -33.27 19.74
C GLU C 792 23.54 -32.95 18.25
N PHE C 793 22.48 -32.33 17.76
CA PHE C 793 22.40 -31.87 16.38
C PHE C 793 22.59 -30.36 16.35
N ILE C 794 23.53 -29.90 15.55
CA ILE C 794 23.76 -28.47 15.35
C ILE C 794 23.55 -28.18 13.87
N GLN C 795 22.64 -27.27 13.58
CA GLN C 795 22.31 -26.94 12.20
C GLN C 795 23.39 -26.03 11.62
N THR C 796 24.02 -26.50 10.54
CA THR C 796 25.04 -25.73 9.86
C THR C 796 24.61 -25.29 8.46
N ASN C 797 23.41 -25.65 8.04
CA ASN C 797 22.98 -25.40 6.68
C ASN C 797 21.46 -25.36 6.65
N SER C 798 20.93 -24.77 5.58
CA SER C 798 19.49 -24.72 5.36
C SER C 798 19.26 -24.81 3.87
N PRO C 799 18.06 -25.21 3.45
CA PRO C 799 17.76 -25.26 2.02
C PRO C 799 17.96 -23.92 1.35
N LYS C 800 18.65 -23.93 0.20
CA LYS C 800 18.95 -22.71 -0.55
C LYS C 800 17.73 -22.34 -1.38
N VAL C 801 16.84 -21.57 -0.79
CA VAL C 801 15.62 -21.16 -1.48
C VAL C 801 15.96 -20.07 -2.47
N THR C 802 15.58 -20.28 -3.73
CA THR C 802 15.72 -19.28 -4.78
C THR C 802 14.34 -18.92 -5.30
N ILE C 803 14.08 -17.63 -5.44
CA ILE C 803 12.79 -17.12 -5.88
C ILE C 803 13.00 -16.35 -7.18
N ASP C 804 12.31 -16.76 -8.25
CA ASP C 804 12.22 -15.94 -9.46
C ASP C 804 11.22 -14.82 -9.19
N CYS C 805 11.70 -13.66 -8.79
CA CYS C 805 10.85 -12.58 -8.31
C CYS C 805 9.83 -12.16 -9.35
N SER C 806 10.23 -11.97 -10.61
CA SER C 806 9.29 -11.57 -11.66
C SER C 806 8.24 -12.65 -11.95
N LEU C 807 8.62 -13.93 -11.98
CA LEU C 807 7.68 -15.01 -12.24
C LEU C 807 6.75 -15.26 -11.04
N PHE C 808 7.23 -15.08 -9.81
CA PHE C 808 6.38 -15.13 -8.64
C PHE C 808 5.35 -14.00 -8.68
N VAL C 809 5.79 -12.74 -8.81
CA VAL C 809 4.90 -11.60 -8.78
C VAL C 809 3.93 -11.55 -9.96
N CYS C 810 4.43 -11.72 -11.18
CA CYS C 810 3.67 -11.50 -12.41
C CYS C 810 3.42 -12.73 -13.25
N SER C 811 4.04 -13.85 -12.94
CA SER C 811 4.04 -15.03 -13.81
C SER C 811 4.52 -14.66 -15.21
N ASN C 812 3.70 -14.68 -16.25
CA ASN C 812 4.16 -14.31 -17.59
C ASN C 812 3.25 -13.26 -18.25
N TYR C 813 2.61 -12.41 -17.44
CA TYR C 813 1.64 -11.43 -17.92
C TYR C 813 2.28 -10.08 -18.16
N ALA C 814 2.34 -9.64 -19.42
CA ALA C 814 3.06 -8.45 -19.84
C ALA C 814 2.61 -7.18 -19.11
N ALA C 815 1.31 -7.00 -18.88
CA ALA C 815 0.80 -5.84 -18.16
C ALA C 815 1.29 -5.78 -16.71
N CYS C 816 1.42 -6.92 -16.05
CA CYS C 816 2.02 -6.97 -14.72
C CYS C 816 3.52 -6.67 -14.79
N HIS C 817 4.26 -7.24 -15.74
CA HIS C 817 5.69 -6.94 -15.86
C HIS C 817 5.96 -5.45 -16.11
N ASP C 818 5.12 -4.80 -16.91
CA ASP C 818 5.20 -3.36 -17.13
C ASP C 818 4.97 -2.57 -15.83
N LEU C 819 3.93 -2.89 -15.07
CA LEU C 819 3.67 -2.28 -13.76
C LEU C 819 4.76 -2.60 -12.73
N LEU C 820 5.32 -3.80 -12.73
CA LEU C 820 6.39 -4.19 -11.82
C LEU C 820 7.65 -3.38 -12.09
N SER C 821 7.91 -2.99 -13.34
CA SER C 821 9.05 -2.13 -13.67
C SER C 821 8.96 -0.74 -13.02
N GLU C 822 7.78 -0.27 -12.61
CA GLU C 822 7.69 0.99 -11.87
C GLU C 822 8.28 0.86 -10.48
N TYR C 823 8.38 -0.37 -9.96
CA TYR C 823 9.11 -0.68 -8.73
C TYR C 823 10.51 -1.18 -9.01
N GLY C 824 11.14 -0.67 -10.08
CA GLY C 824 12.31 -1.27 -10.71
C GLY C 824 13.35 -1.92 -9.82
N THR C 825 13.67 -1.27 -8.70
CA THR C 825 14.72 -1.77 -7.81
C THR C 825 14.29 -3.02 -7.05
N PHE C 826 12.99 -3.34 -7.04
CA PHE C 826 12.47 -4.29 -6.06
C PHE C 826 12.90 -5.73 -6.37
N CYS C 827 12.65 -6.22 -7.59
CA CYS C 827 12.99 -7.61 -7.89
C CYS C 827 14.48 -7.82 -7.97
N ASP C 828 15.24 -6.83 -8.43
CA ASP C 828 16.69 -6.94 -8.39
C ASP C 828 17.19 -6.97 -6.95
N ASN C 829 16.58 -6.17 -6.07
CA ASN C 829 16.98 -6.18 -4.66
C ASN C 829 16.70 -7.54 -4.02
N ILE C 830 15.52 -8.10 -4.28
CA ILE C 830 15.19 -9.40 -3.70
C ILE C 830 16.13 -10.48 -4.23
N ASN C 831 16.40 -10.46 -5.54
CA ASN C 831 17.31 -11.44 -6.11
C ASN C 831 18.71 -11.29 -5.53
N SER C 832 19.18 -10.05 -5.35
CA SER C 832 20.50 -9.82 -4.78
C SER C 832 20.58 -10.31 -3.34
N ILE C 833 19.54 -10.02 -2.54
CA ILE C 833 19.56 -10.46 -1.15
C ILE C 833 19.54 -11.98 -1.06
N LEU C 834 18.70 -12.63 -1.87
CA LEU C 834 18.65 -14.09 -1.85
C LEU C 834 19.95 -14.70 -2.35
N ASP C 835 20.56 -14.09 -3.38
CA ASP C 835 21.84 -14.59 -3.86
C ASP C 835 22.93 -14.44 -2.81
N GLU C 836 22.93 -13.31 -2.09
CA GLU C 836 23.89 -13.13 -1.01
C GLU C 836 23.67 -14.16 0.09
N VAL C 837 22.40 -14.43 0.43
CA VAL C 837 22.09 -15.43 1.44
C VAL C 837 22.56 -16.81 1.01
N ASN C 838 22.31 -17.18 -0.24
CA ASN C 838 22.69 -18.51 -0.70
C ASN C 838 24.20 -18.64 -0.84
N GLY C 839 24.88 -17.59 -1.30
CA GLY C 839 26.33 -17.62 -1.33
C GLY C 839 26.92 -17.68 0.07
N LEU C 840 26.27 -17.04 1.03
CA LEU C 840 26.69 -17.14 2.42
C LEU C 840 26.52 -18.56 2.94
N LEU C 841 25.42 -19.21 2.58
CA LEU C 841 25.23 -20.61 2.96
C LEU C 841 26.30 -21.50 2.32
N ASP C 842 26.63 -21.23 1.05
CA ASP C 842 27.66 -22.01 0.38
C ASP C 842 29.03 -21.81 1.03
N THR C 843 29.36 -20.56 1.37
CA THR C 843 30.61 -20.27 2.05
C THR C 843 30.65 -20.94 3.41
N THR C 844 29.53 -20.94 4.12
CA THR C 844 29.45 -21.62 5.41
C THR C 844 29.67 -23.12 5.26
N GLN C 845 29.06 -23.72 4.24
CA GLN C 845 29.25 -25.15 4.01
C GLN C 845 30.70 -25.46 3.66
N LEU C 846 31.34 -24.61 2.86
CA LEU C 846 32.76 -24.79 2.56
C LEU C 846 33.60 -24.67 3.82
N HIS C 847 33.28 -23.71 4.68
CA HIS C 847 34.02 -23.54 5.93
C HIS C 847 33.85 -24.75 6.84
N VAL C 848 32.64 -25.30 6.92
CA VAL C 848 32.40 -26.48 7.74
C VAL C 848 33.17 -27.67 7.19
N ALA C 849 33.15 -27.85 5.87
CA ALA C 849 33.90 -28.94 5.26
C ALA C 849 35.40 -28.78 5.50
N ASP C 850 35.90 -27.55 5.41
CA ASP C 850 37.31 -27.29 5.68
C ASP C 850 37.66 -27.62 7.13
N THR C 851 36.78 -27.24 8.07
CA THR C 851 37.02 -27.53 9.47
C THR C 851 37.04 -29.04 9.72
N LEU C 852 36.12 -29.80 9.11
CA LEU C 852 36.12 -31.25 9.19
C LEU C 852 37.38 -31.84 8.61
N MET C 853 37.86 -31.32 7.50
CA MET C 853 39.01 -31.87 6.81
C MET C 853 40.34 -31.25 7.22
N GLN C 854 40.33 -30.31 8.16
CA GLN C 854 41.55 -29.61 8.51
C GLN C 854 42.51 -30.53 9.27
N GLY C 855 43.68 -30.74 8.70
CA GLY C 855 44.71 -31.54 9.36
C GLY C 855 44.48 -33.03 9.35
N VAL C 856 43.58 -33.53 8.49
CA VAL C 856 43.28 -34.96 8.45
C VAL C 856 44.28 -35.64 7.53
N THR C 857 44.99 -36.63 8.08
CA THR C 857 45.94 -37.43 7.31
C THR C 857 45.58 -38.89 7.48
N LEU C 858 45.37 -39.59 6.37
CA LEU C 858 44.98 -40.99 6.38
C LEU C 858 45.98 -41.80 5.57
N SER C 859 46.16 -43.06 5.96
CA SER C 859 47.06 -43.95 5.25
C SER C 859 46.42 -44.45 3.97
N SER C 860 47.27 -44.70 2.97
CA SER C 860 46.78 -45.32 1.74
C SER C 860 46.35 -46.76 1.98
N ASN C 861 46.97 -47.43 2.97
CA ASN C 861 46.63 -48.80 3.30
C ASN C 861 45.27 -48.92 3.99
N LEU C 862 44.66 -47.80 4.37
CA LEU C 862 43.41 -47.84 5.12
C LEU C 862 42.29 -48.39 4.24
N ASN C 863 41.67 -49.48 4.68
CA ASN C 863 40.56 -50.11 3.98
C ASN C 863 39.45 -50.32 4.98
N THR C 864 38.38 -49.54 4.86
CA THR C 864 37.29 -49.59 5.83
C THR C 864 36.54 -50.91 5.81
N ASN C 865 36.55 -51.63 4.68
CA ASN C 865 35.86 -52.90 4.60
C ASN C 865 36.51 -53.94 5.52
N LEU C 866 37.78 -53.76 5.87
CA LEU C 866 38.49 -54.69 6.72
C LEU C 866 38.87 -54.13 8.08
N HIS C 867 38.96 -52.81 8.21
CA HIS C 867 39.43 -52.15 9.43
C HIS C 867 38.30 -51.30 9.99
N PHE C 868 37.64 -51.80 11.02
CA PHE C 868 36.52 -51.08 11.60
C PHE C 868 36.51 -51.04 13.12
N ASP C 869 37.34 -51.82 13.80
CA ASP C 869 37.39 -51.78 15.26
C ASP C 869 38.83 -51.89 15.73
N VAL C 870 39.22 -51.02 16.65
CA VAL C 870 40.55 -51.01 17.22
C VAL C 870 40.42 -51.03 18.74
N ASP C 871 41.17 -51.92 19.40
CA ASP C 871 41.20 -52.00 20.86
C ASP C 871 39.79 -52.16 21.44
N ASN C 872 39.02 -53.06 20.85
CA ASN C 872 37.68 -53.45 21.26
C ASN C 872 36.64 -52.36 21.09
N ILE C 873 37.01 -51.19 20.56
CA ILE C 873 36.05 -50.14 20.29
C ILE C 873 35.61 -50.25 18.84
N ASN C 874 34.32 -50.45 18.61
CA ASN C 874 33.78 -50.71 17.29
C ASN C 874 33.20 -49.43 16.71
N PHE C 875 33.74 -48.95 15.61
CA PHE C 875 33.27 -47.75 14.94
C PHE C 875 32.83 -48.08 13.52
N LYS C 876 32.47 -49.33 13.23
CA LYS C 876 32.05 -49.72 11.88
C LYS C 876 30.86 -48.89 11.41
N SER C 877 29.88 -48.67 12.29
CA SER C 877 28.71 -47.90 11.91
C SER C 877 29.01 -46.43 11.70
N LEU C 878 30.17 -45.93 12.15
CA LEU C 878 30.55 -44.52 12.00
C LEU C 878 31.36 -44.25 10.74
N VAL C 879 31.73 -45.28 9.99
CA VAL C 879 32.64 -45.14 8.87
C VAL C 879 32.00 -45.72 7.62
N GLY C 880 32.06 -44.98 6.53
CA GLY C 880 31.63 -45.44 5.22
C GLY C 880 32.79 -46.01 4.42
N CYS C 881 32.65 -45.96 3.09
CA CYS C 881 33.70 -46.46 2.23
C CYS C 881 34.80 -45.41 2.04
N LEU C 882 36.03 -45.89 1.86
CA LEU C 882 37.17 -45.03 1.57
C LEU C 882 37.93 -45.58 0.38
N GLY C 883 38.36 -44.68 -0.50
CA GLY C 883 39.12 -45.06 -1.66
C GLY C 883 38.25 -45.37 -2.86
N PRO C 884 38.87 -45.75 -3.97
CA PRO C 884 38.09 -46.05 -5.19
C PRO C 884 37.38 -47.39 -5.15
N HIS C 885 37.51 -48.16 -4.07
CA HIS C 885 36.85 -49.47 -3.99
C HIS C 885 35.33 -49.34 -4.00
N CYS C 886 34.79 -48.19 -3.57
CA CYS C 886 33.36 -47.94 -3.64
C CYS C 886 32.99 -46.64 -4.31
N GLY C 887 33.91 -45.69 -4.45
CA GLY C 887 33.60 -44.41 -5.07
C GLY C 887 32.66 -43.57 -4.24
N SER C 888 31.43 -43.42 -4.72
CA SER C 888 30.42 -42.65 -4.01
C SER C 888 29.81 -43.52 -2.90
N SER C 889 28.72 -43.04 -2.30
CA SER C 889 28.02 -43.75 -1.23
C SER C 889 28.94 -44.06 -0.06
N SER C 890 29.81 -43.12 0.26
CA SER C 890 30.71 -43.24 1.41
C SER C 890 30.01 -42.93 2.73
N ARG C 891 28.69 -42.87 2.70
CA ARG C 891 27.91 -42.62 3.90
C ARG C 891 27.99 -43.81 4.84
N SER C 892 28.10 -43.51 6.13
CA SER C 892 28.22 -44.55 7.14
C SER C 892 26.85 -45.10 7.52
N PHE C 893 26.86 -46.23 8.21
CA PHE C 893 25.62 -46.84 8.67
C PHE C 893 24.88 -45.91 9.62
N PHE C 894 25.61 -45.26 10.53
CA PHE C 894 25.02 -44.26 11.40
C PHE C 894 24.36 -43.15 10.60
N GLU C 895 25.09 -42.59 9.64
CA GLU C 895 24.55 -41.52 8.82
C GLU C 895 23.45 -42.02 7.89
N ASP C 896 23.54 -43.27 7.45
CA ASP C 896 22.45 -43.85 6.64
C ASP C 896 21.17 -43.91 7.44
N LEU C 897 21.27 -44.37 8.70
CA LEU C 897 20.09 -44.45 9.55
C LEU C 897 19.57 -43.07 9.90
N LEU C 898 20.46 -42.08 9.98
CA LEU C 898 20.04 -40.71 10.26
C LEU C 898 19.39 -40.04 9.05
N PHE C 899 19.81 -40.39 7.84
CA PHE C 899 19.33 -39.77 6.63
C PHE C 899 18.07 -40.41 6.07
N ASP C 900 17.81 -41.67 6.41
CA ASP C 900 16.62 -42.35 5.90
C ASP C 900 15.34 -41.78 6.49
N LYS C 901 15.41 -41.13 7.65
CA LYS C 901 14.24 -40.59 8.32
C LYS C 901 13.93 -39.17 7.92
N VAL C 902 14.71 -38.58 7.03
CA VAL C 902 14.48 -37.23 6.52
C VAL C 902 14.32 -37.34 5.00
N LYS C 903 13.10 -37.14 4.50
CA LYS C 903 12.84 -37.28 3.07
C LYS C 903 13.48 -36.15 2.29
N LEU C 904 13.16 -34.90 2.62
CA LEU C 904 13.66 -33.70 1.94
C LEU C 904 15.08 -33.32 2.35
N SER C 905 16.06 -34.19 2.07
CA SER C 905 17.46 -33.84 2.09
C SER C 905 17.80 -33.16 0.77
N ASP C 906 19.09 -32.95 0.49
CA ASP C 906 19.47 -32.43 -0.82
C ASP C 906 19.08 -33.39 -1.93
N VAL C 907 19.36 -34.68 -1.74
CA VAL C 907 18.94 -35.67 -2.72
C VAL C 907 17.43 -35.79 -2.76
N GLY C 908 16.76 -35.61 -1.61
CA GLY C 908 15.31 -35.62 -1.60
C GLY C 908 14.73 -34.49 -2.44
N PHE C 909 15.24 -33.26 -2.29
CA PHE C 909 14.80 -32.15 -3.11
C PHE C 909 15.11 -32.39 -4.58
N VAL C 910 16.27 -32.94 -4.90
CA VAL C 910 16.62 -33.20 -6.29
C VAL C 910 15.65 -34.21 -6.89
N GLU C 911 15.36 -35.28 -6.16
CA GLU C 911 14.43 -36.30 -6.66
C GLU C 911 13.03 -35.75 -6.79
N ALA C 912 12.57 -34.94 -5.83
CA ALA C 912 11.25 -34.37 -5.88
C ALA C 912 11.09 -33.44 -7.08
N TYR C 913 12.05 -32.57 -7.34
CA TYR C 913 12.04 -31.75 -8.54
C TYR C 913 12.23 -32.56 -9.81
N ASN C 914 12.87 -33.73 -9.76
CA ASN C 914 12.97 -34.58 -10.94
C ASN C 914 11.60 -35.13 -11.34
N ASN C 915 10.70 -35.36 -10.37
CA ASN C 915 9.37 -35.89 -10.63
C ASN C 915 8.35 -34.87 -11.14
N CYS C 916 8.70 -33.60 -11.31
CA CYS C 916 7.78 -32.59 -11.83
C CYS C 916 7.48 -32.69 -13.33
N THR C 917 8.30 -33.43 -14.08
CA THR C 917 8.12 -33.63 -15.53
C THR C 917 8.26 -35.09 -15.95
N GLY C 918 8.33 -36.03 -14.98
CA GLY C 918 8.48 -37.46 -15.21
C GLY C 918 7.19 -38.19 -15.62
N GLY C 919 6.06 -37.49 -15.70
CA GLY C 919 4.76 -38.07 -15.98
C GLY C 919 4.07 -38.73 -14.79
N SER C 920 4.60 -38.57 -13.57
CA SER C 920 4.03 -39.10 -12.32
C SER C 920 2.59 -38.65 -12.08
N GLU C 921 1.81 -39.44 -11.34
CA GLU C 921 0.40 -39.13 -11.01
C GLU C 921 0.25 -38.21 -9.79
N ILE C 922 1.29 -38.11 -8.95
CA ILE C 922 1.27 -37.33 -7.70
C ILE C 922 1.43 -35.83 -7.98
N ARG C 923 0.48 -35.00 -7.53
CA ARG C 923 0.66 -33.54 -7.43
C ARG C 923 1.45 -33.18 -6.18
N ASP C 924 2.77 -33.20 -6.31
CA ASP C 924 3.66 -32.74 -5.26
C ASP C 924 3.63 -31.21 -5.14
N LEU C 925 3.48 -30.67 -3.93
CA LEU C 925 3.57 -29.23 -3.68
C LEU C 925 4.91 -28.63 -4.10
N LEU C 926 6.02 -29.36 -4.03
CA LEU C 926 7.30 -28.81 -4.50
C LEU C 926 7.27 -28.52 -6.00
N CYS C 927 6.55 -29.30 -6.79
CA CYS C 927 6.41 -29.01 -8.19
C CYS C 927 5.59 -27.75 -8.42
N VAL C 928 4.50 -27.57 -7.68
CA VAL C 928 3.70 -26.35 -7.73
C VAL C 928 4.54 -25.14 -7.36
N GLN C 929 5.32 -25.22 -6.29
CA GLN C 929 6.22 -24.15 -5.89
C GLN C 929 7.22 -23.83 -6.99
N SER C 930 7.88 -24.83 -7.57
CA SER C 930 8.92 -24.60 -8.56
C SER C 930 8.39 -23.97 -9.84
N PHE C 931 7.20 -24.33 -10.29
CA PHE C 931 6.54 -23.71 -11.45
C PHE C 931 5.94 -22.34 -11.14
N ASN C 932 5.87 -21.96 -9.87
CA ASN C 932 5.63 -20.60 -9.43
C ASN C 932 6.92 -19.84 -9.07
N GLY C 933 8.09 -20.37 -9.42
CA GLY C 933 9.37 -19.70 -9.25
C GLY C 933 10.04 -19.91 -7.90
N ILE C 934 9.46 -20.69 -7.00
CA ILE C 934 10.03 -21.00 -5.68
C ILE C 934 10.68 -22.38 -5.76
N LYS C 935 12.00 -22.42 -5.87
CA LYS C 935 12.77 -23.66 -6.01
C LYS C 935 13.91 -23.70 -5.02
N VAL C 936 14.19 -24.86 -4.44
CA VAL C 936 15.34 -25.07 -3.55
C VAL C 936 16.48 -25.60 -4.39
N LEU C 937 17.61 -24.90 -4.44
CA LEU C 937 18.74 -25.43 -5.19
C LEU C 937 19.61 -26.30 -4.32
N PRO C 938 20.28 -27.30 -4.90
CA PRO C 938 21.15 -28.15 -4.10
C PRO C 938 22.34 -27.37 -3.58
N PRO C 939 22.90 -27.74 -2.44
CA PRO C 939 24.11 -27.08 -1.96
C PRO C 939 25.29 -27.39 -2.87
N ILE C 940 26.31 -26.54 -2.78
CA ILE C 940 27.47 -26.69 -3.65
C ILE C 940 28.18 -28.01 -3.38
N LEU C 941 28.19 -28.45 -2.12
CA LEU C 941 28.73 -29.75 -1.75
C LEU C 941 27.58 -30.68 -1.39
N SER C 942 27.53 -31.84 -2.03
CA SER C 942 26.50 -32.81 -1.73
C SER C 942 26.68 -33.35 -0.31
N GLU C 943 25.57 -33.78 0.29
CA GLU C 943 25.64 -34.40 1.61
C GLU C 943 26.44 -35.69 1.58
N SER C 944 26.59 -36.31 0.41
CA SER C 944 27.49 -37.44 0.29
C SER C 944 28.94 -37.02 0.51
N GLN C 945 29.32 -35.85 -0.02
CA GLN C 945 30.67 -35.34 0.20
C GLN C 945 30.89 -35.01 1.67
N ILE C 946 29.90 -34.40 2.32
CA ILE C 946 30.04 -34.10 3.74
C ILE C 946 30.11 -35.38 4.55
N SER C 947 29.36 -36.41 4.14
CA SER C 947 29.45 -37.70 4.80
C SER C 947 30.85 -38.30 4.65
N GLY C 948 31.43 -38.17 3.45
CA GLY C 948 32.80 -38.61 3.28
C GLY C 948 33.77 -37.84 4.15
N TYR C 949 33.56 -36.53 4.28
CA TYR C 949 34.41 -35.73 5.14
C TYR C 949 34.32 -36.18 6.60
N THR C 950 33.12 -36.40 7.13
CA THR C 950 32.92 -36.88 8.50
C THR C 950 33.43 -38.29 8.69
N THR C 951 33.38 -39.17 7.69
CA THR C 951 34.01 -40.48 7.82
C THR C 951 35.52 -40.36 7.87
N ALA C 952 36.09 -39.50 7.03
CA ALA C 952 37.54 -39.28 7.06
C ALA C 952 37.97 -38.72 8.41
N ALA C 953 37.24 -37.75 8.95
CA ALA C 953 37.50 -37.19 10.26
C ALA C 953 37.31 -38.24 11.37
N THR C 954 36.47 -39.25 11.17
CA THR C 954 36.30 -40.36 12.10
C THR C 954 37.45 -41.36 12.04
N VAL C 955 37.84 -41.86 10.86
CA VAL C 955 38.97 -42.79 10.77
C VAL C 955 40.29 -42.09 11.06
N ALA C 956 40.32 -40.75 11.02
CA ALA C 956 41.52 -40.02 11.39
C ALA C 956 41.86 -40.17 12.85
N ALA C 957 40.91 -40.59 13.69
CA ALA C 957 41.12 -40.80 15.10
C ALA C 957 41.56 -42.22 15.42
N MET C 958 41.29 -43.19 14.54
CA MET C 958 41.34 -44.61 14.89
C MET C 958 42.59 -45.35 14.45
N PHE C 959 43.37 -44.79 13.53
CA PHE C 959 44.53 -45.45 12.95
C PHE C 959 45.67 -44.45 12.86
N PRO C 960 46.91 -44.92 12.78
CA PRO C 960 48.04 -44.02 12.62
C PRO C 960 47.88 -43.17 11.38
N PRO C 961 48.27 -41.90 11.41
CA PRO C 961 48.97 -41.21 12.50
C PRO C 961 48.05 -40.62 13.57
N TRP C 962 46.78 -41.00 13.58
CA TRP C 962 45.80 -40.47 14.53
C TRP C 962 45.75 -38.95 14.45
N SER C 963 45.53 -38.44 13.24
CA SER C 963 45.60 -37.01 13.00
C SER C 963 44.47 -36.23 13.68
N ALA C 964 43.45 -36.91 14.19
CA ALA C 964 42.35 -36.25 14.88
C ALA C 964 42.10 -36.83 16.27
N ALA C 965 43.09 -37.54 16.83
CA ALA C 965 42.98 -38.11 18.16
C ALA C 965 44.21 -37.75 18.98
N ALA C 966 44.74 -36.55 18.76
CA ALA C 966 45.93 -36.03 19.45
C ALA C 966 47.17 -36.90 19.19
N GLY C 967 47.20 -37.60 18.07
CA GLY C 967 48.39 -38.36 17.69
C GLY C 967 48.62 -39.62 18.47
N ILE C 968 47.62 -40.10 19.21
CA ILE C 968 47.75 -41.34 19.97
C ILE C 968 46.55 -42.22 19.66
N PRO C 969 46.65 -43.52 19.95
CA PRO C 969 45.50 -44.41 19.68
C PRO C 969 44.25 -43.95 20.40
N PHE C 970 43.10 -44.21 19.79
CA PHE C 970 41.82 -43.73 20.27
C PHE C 970 41.50 -44.26 21.67
N SER C 971 41.81 -45.53 21.96
CA SER C 971 41.59 -46.06 23.30
C SER C 971 42.49 -45.38 24.32
N LEU C 972 43.74 -45.11 23.93
CA LEU C 972 44.63 -44.37 24.82
C LEU C 972 44.12 -42.97 25.07
N ASN C 973 43.56 -42.31 24.06
CA ASN C 973 42.98 -40.99 24.24
C ASN C 973 41.79 -41.03 25.20
N VAL C 974 40.88 -41.99 25.04
CA VAL C 974 39.76 -42.20 25.97
C VAL C 974 40.28 -42.41 27.38
N GLN C 975 41.30 -43.25 27.55
CA GLN C 975 41.82 -43.54 28.89
C GLN C 975 42.44 -42.30 29.52
N TYR C 976 43.21 -41.53 28.75
CA TYR C 976 43.84 -40.33 29.29
C TYR C 976 42.81 -39.25 29.58
N ARG C 977 41.73 -39.19 28.82
CA ARG C 977 40.63 -38.24 29.09
C ARG C 977 39.87 -38.62 30.34
N ILE C 978 39.56 -39.89 30.56
CA ILE C 978 38.95 -40.32 31.81
C ILE C 978 39.88 -40.04 33.00
N ASN C 979 41.19 -40.14 32.82
CA ASN C 979 42.13 -39.90 33.91
C ASN C 979 42.13 -38.44 34.33
N GLY C 980 41.99 -37.53 33.36
CA GLY C 980 41.98 -36.11 33.68
C GLY C 980 40.82 -35.67 34.53
N LEU C 981 39.75 -36.46 34.60
CA LEU C 981 38.57 -36.21 35.43
C LEU C 981 38.81 -36.59 36.89
N GLY C 982 39.95 -37.19 37.23
CA GLY C 982 40.19 -37.68 38.56
C GLY C 982 40.04 -39.17 38.74
N VAL C 983 40.25 -39.95 37.68
CA VAL C 983 40.14 -41.41 37.73
C VAL C 983 41.54 -41.98 37.60
N THR C 984 41.93 -42.82 38.56
CA THR C 984 43.28 -43.37 38.56
C THR C 984 43.49 -44.25 37.33
N MET C 985 44.71 -44.22 36.80
CA MET C 985 45.03 -45.03 35.63
C MET C 985 44.99 -46.52 35.92
N ASP C 986 45.11 -46.91 37.19
CA ASP C 986 45.09 -48.33 37.53
C ASP C 986 43.79 -48.99 37.09
N VAL C 987 42.65 -48.39 37.45
CA VAL C 987 41.37 -48.96 37.07
C VAL C 987 41.14 -48.79 35.57
N LEU C 988 41.73 -47.77 34.96
CA LEU C 988 41.51 -47.51 33.54
C LEU C 988 42.19 -48.56 32.68
N ASN C 989 43.44 -48.89 32.98
CA ASN C 989 44.10 -49.97 32.24
C ASN C 989 43.78 -51.34 32.82
N LYS C 990 43.08 -51.41 33.94
CA LYS C 990 42.58 -52.69 34.42
C LYS C 990 41.22 -53.02 33.80
N ASN C 991 40.37 -52.00 33.63
CA ASN C 991 39.04 -52.17 33.05
C ASN C 991 38.98 -51.64 31.63
N GLN C 992 40.04 -51.82 30.84
CA GLN C 992 40.06 -51.29 29.49
C GLN C 992 38.95 -51.89 28.64
N LYS C 993 38.76 -53.21 28.71
CA LYS C 993 37.73 -53.85 27.89
C LYS C 993 36.33 -53.44 28.34
N LEU C 994 36.12 -53.32 29.65
CA LEU C 994 34.83 -52.84 30.13
C LEU C 994 34.56 -51.42 29.68
N ILE C 995 35.58 -50.57 29.69
CA ILE C 995 35.43 -49.20 29.20
C ILE C 995 35.09 -49.19 27.73
N ALA C 996 35.76 -50.04 26.94
CA ALA C 996 35.47 -50.11 25.51
C ALA C 996 34.05 -50.59 25.24
N THR C 997 33.60 -51.60 25.98
CA THR C 997 32.24 -52.09 25.82
C THR C 997 31.23 -51.02 26.23
N ALA C 998 31.51 -50.29 27.30
CA ALA C 998 30.64 -49.19 27.69
C ALA C 998 30.58 -48.12 26.61
N PHE C 999 31.72 -47.79 26.01
CA PHE C 999 31.80 -46.82 24.94
C PHE C 999 30.97 -47.25 23.75
N ASN C 1000 31.10 -48.50 23.29
CA ASN C 1000 30.37 -48.90 22.10
C ASN C 1000 28.89 -49.15 22.42
N ASN C 1001 28.57 -49.49 23.67
CA ASN C 1001 27.17 -49.53 24.07
C ASN C 1001 26.54 -48.16 24.12
N ALA C 1002 27.30 -47.14 24.54
CA ALA C 1002 26.81 -45.77 24.46
C ALA C 1002 26.57 -45.36 23.02
N LEU C 1003 27.49 -45.71 22.12
CA LEU C 1003 27.32 -45.46 20.69
C LEU C 1003 26.07 -46.18 20.16
N LEU C 1004 25.81 -47.41 20.59
CA LEU C 1004 24.60 -48.13 20.17
C LEU C 1004 23.35 -47.46 20.71
N SER C 1005 23.37 -47.04 21.98
CA SER C 1005 22.22 -46.39 22.57
C SER C 1005 21.91 -45.08 21.86
N ILE C 1006 22.95 -44.36 21.43
CA ILE C 1006 22.74 -43.20 20.57
C ILE C 1006 22.09 -43.63 19.26
N GLN C 1007 22.58 -44.73 18.68
CA GLN C 1007 22.00 -45.24 17.45
C GLN C 1007 20.56 -45.67 17.65
N ASN C 1008 20.28 -46.40 18.73
CA ASN C 1008 18.92 -46.90 18.96
C ASN C 1008 17.98 -45.81 19.44
N GLY C 1009 18.50 -44.65 19.85
CA GLY C 1009 17.64 -43.56 20.27
C GLY C 1009 16.94 -42.86 19.13
N PHE C 1010 17.42 -43.06 17.90
CA PHE C 1010 16.76 -42.44 16.75
C PHE C 1010 15.49 -43.17 16.35
N SER C 1011 15.32 -44.42 16.77
CA SER C 1011 14.07 -45.14 16.57
C SER C 1011 13.01 -44.76 17.59
N ALA C 1012 13.26 -43.71 18.37
CA ALA C 1012 12.36 -43.19 19.39
C ALA C 1012 12.27 -41.69 19.23
N PRO C 1013 11.24 -41.06 19.79
CA PRO C 1013 11.11 -39.60 19.65
C PRO C 1013 12.18 -38.84 20.43
N ASN C 1014 13.40 -38.82 19.89
CA ASN C 1014 14.50 -38.09 20.49
C ASN C 1014 14.56 -36.67 19.95
N SER C 1015 15.34 -35.83 20.65
CA SER C 1015 15.33 -34.41 20.35
C SER C 1015 16.13 -34.07 19.10
N ALA C 1016 17.17 -34.85 18.78
CA ALA C 1016 18.02 -34.52 17.64
C ALA C 1016 17.28 -34.72 16.32
N LEU C 1017 16.64 -35.88 16.16
CA LEU C 1017 15.86 -36.12 14.95
C LEU C 1017 14.68 -35.15 14.86
N ALA C 1018 14.09 -34.83 16.02
CA ALA C 1018 13.04 -33.81 16.04
C ALA C 1018 13.56 -32.47 15.56
N LYS C 1019 14.79 -32.12 15.93
CA LYS C 1019 15.36 -30.85 15.49
C LYS C 1019 15.61 -30.84 13.99
N ILE C 1020 16.14 -31.95 13.46
CA ILE C 1020 16.38 -32.03 12.01
C ILE C 1020 15.07 -31.94 11.24
N GLN C 1021 14.08 -32.72 11.66
CA GLN C 1021 12.78 -32.66 11.02
C GLN C 1021 12.11 -31.31 11.22
N SER C 1022 12.41 -30.63 12.32
CA SER C 1022 11.90 -29.27 12.51
C SER C 1022 12.51 -28.31 11.52
N VAL C 1023 13.80 -28.43 11.25
CA VAL C 1023 14.42 -27.62 10.19
C VAL C 1023 13.72 -27.85 8.87
N VAL C 1024 13.56 -29.12 8.50
CA VAL C 1024 12.96 -29.44 7.20
C VAL C 1024 11.51 -28.95 7.14
N ASN C 1025 10.75 -29.18 8.22
CA ASN C 1025 9.35 -28.79 8.23
C ASN C 1025 9.18 -27.28 8.26
N SER C 1026 10.07 -26.56 8.95
CA SER C 1026 10.00 -25.12 8.93
C SER C 1026 10.27 -24.57 7.54
N ASN C 1027 11.19 -25.16 6.79
CA ASN C 1027 11.41 -24.74 5.42
C ASN C 1027 10.17 -25.04 4.58
N ALA C 1028 9.66 -26.26 4.62
CA ALA C 1028 8.48 -26.63 3.87
C ALA C 1028 7.27 -25.75 4.21
N GLN C 1029 7.11 -25.37 5.47
CA GLN C 1029 6.00 -24.50 5.86
C GLN C 1029 6.21 -23.09 5.34
N ALA C 1030 7.44 -22.57 5.41
CA ALA C 1030 7.71 -21.24 4.88
C ALA C 1030 7.47 -21.19 3.38
N LEU C 1031 7.89 -22.21 2.62
CA LEU C 1031 7.64 -22.25 1.19
C LEU C 1031 6.17 -22.40 0.84
N ASN C 1032 5.44 -23.25 1.57
CA ASN C 1032 4.00 -23.37 1.38
C ASN C 1032 3.31 -22.03 1.68
N SER C 1033 3.70 -21.34 2.74
CA SER C 1033 3.09 -20.06 3.06
C SER C 1033 3.38 -19.02 1.98
N LEU C 1034 4.62 -18.99 1.49
CA LEU C 1034 4.96 -18.05 0.41
C LEU C 1034 4.18 -18.36 -0.85
N LEU C 1035 4.03 -19.64 -1.22
CA LEU C 1035 3.22 -20.01 -2.39
C LEU C 1035 1.77 -19.61 -2.18
N GLN C 1036 1.24 -19.77 -0.98
CA GLN C 1036 -0.15 -19.39 -0.73
C GLN C 1036 -0.38 -17.90 -0.85
N GLN C 1037 0.68 -17.09 -0.81
CA GLN C 1037 0.52 -15.65 -1.00
C GLN C 1037 0.11 -15.31 -2.43
N LEU C 1038 0.32 -16.21 -3.41
CA LEU C 1038 -0.14 -15.97 -4.76
C LEU C 1038 -1.65 -16.04 -4.88
N PHE C 1039 -2.30 -16.80 -4.00
CA PHE C 1039 -3.75 -16.93 -4.04
C PHE C 1039 -4.46 -15.97 -3.12
N ASN C 1040 -3.74 -15.06 -2.47
CA ASN C 1040 -4.36 -13.98 -1.73
C ASN C 1040 -4.70 -12.83 -2.67
N LYS C 1041 -5.72 -12.06 -2.29
CA LYS C 1041 -6.20 -10.98 -3.13
C LYS C 1041 -5.73 -9.60 -2.70
N PHE C 1042 -5.40 -9.41 -1.42
CA PHE C 1042 -4.86 -8.15 -0.91
C PHE C 1042 -5.77 -6.97 -1.28
N GLY C 1043 -7.07 -7.18 -1.18
CA GLY C 1043 -8.03 -6.14 -1.50
C GLY C 1043 -8.40 -6.04 -2.97
N ALA C 1044 -7.77 -6.82 -3.84
CA ALA C 1044 -8.14 -6.83 -5.24
C ALA C 1044 -9.34 -7.73 -5.48
N ILE C 1045 -9.95 -7.60 -6.65
CA ILE C 1045 -11.14 -8.38 -6.97
C ILE C 1045 -10.81 -9.85 -7.16
N SER C 1046 -9.57 -10.18 -7.50
CA SER C 1046 -9.20 -11.57 -7.71
C SER C 1046 -7.71 -11.73 -7.46
N SER C 1047 -7.31 -12.96 -7.16
CA SER C 1047 -5.90 -13.30 -7.00
C SER C 1047 -5.27 -13.78 -8.30
N SER C 1048 -6.06 -13.97 -9.35
CA SER C 1048 -5.57 -14.46 -10.62
C SER C 1048 -5.41 -13.29 -11.59
N LEU C 1049 -4.21 -13.09 -12.12
CA LEU C 1049 -3.92 -12.02 -13.08
C LEU C 1049 -4.65 -12.24 -14.39
N GLN C 1050 -4.95 -13.48 -14.77
CA GLN C 1050 -5.78 -13.75 -15.93
C GLN C 1050 -7.20 -13.21 -15.73
N GLU C 1051 -7.79 -13.37 -14.55
CA GLU C 1051 -9.11 -12.82 -14.28
C GLU C 1051 -9.08 -11.30 -14.34
N ILE C 1052 -8.02 -10.68 -13.80
CA ILE C 1052 -7.91 -9.23 -13.85
C ILE C 1052 -7.83 -8.74 -15.28
N LEU C 1053 -7.02 -9.38 -16.11
CA LEU C 1053 -6.80 -8.96 -17.48
C LEU C 1053 -7.94 -9.34 -18.42
N SER C 1054 -8.84 -10.24 -18.00
CA SER C 1054 -10.00 -10.61 -18.80
C SER C 1054 -11.26 -9.86 -18.41
N ARG C 1055 -11.45 -9.59 -17.12
CA ARG C 1055 -12.67 -8.95 -16.65
C ARG C 1055 -12.64 -7.43 -16.75
N LEU C 1056 -11.48 -6.82 -16.93
CA LEU C 1056 -11.36 -5.38 -16.85
C LEU C 1056 -10.58 -4.82 -18.03
N ASP C 1057 -10.89 -3.57 -18.35
CA ASP C 1057 -10.11 -2.78 -19.30
C ASP C 1057 -8.86 -2.23 -18.64
N PRO C 1058 -7.84 -1.84 -19.41
CA PRO C 1058 -6.49 -1.62 -18.85
C PRO C 1058 -6.46 -0.62 -17.71
N PRO C 1059 -7.24 0.49 -17.75
CA PRO C 1059 -7.21 1.42 -16.60
C PRO C 1059 -7.46 0.79 -15.23
N GLU C 1060 -8.61 0.15 -14.99
CA GLU C 1060 -8.84 -0.44 -13.68
C GLU C 1060 -8.10 -1.76 -13.51
N ALA C 1061 -7.81 -2.46 -14.61
CA ALA C 1061 -6.94 -3.63 -14.52
C ALA C 1061 -5.60 -3.24 -13.91
N GLN C 1062 -5.08 -2.05 -14.25
CA GLN C 1062 -3.80 -1.62 -13.72
C GLN C 1062 -3.87 -1.40 -12.22
N VAL C 1063 -4.93 -0.80 -11.66
CA VAL C 1063 -4.97 -0.60 -10.22
C VAL C 1063 -5.16 -1.93 -9.49
N GLN C 1064 -5.96 -2.84 -10.07
CA GLN C 1064 -6.10 -4.15 -9.45
C GLN C 1064 -4.77 -4.91 -9.45
N ILE C 1065 -4.07 -4.94 -10.57
CA ILE C 1065 -2.75 -5.56 -10.66
C ILE C 1065 -1.79 -4.86 -9.71
N ASP C 1066 -1.89 -3.55 -9.54
CA ASP C 1066 -1.04 -2.84 -8.60
C ASP C 1066 -1.28 -3.30 -7.17
N ARG C 1067 -2.55 -3.51 -6.81
CA ARG C 1067 -2.86 -4.05 -5.49
C ARG C 1067 -2.24 -5.42 -5.30
N LEU C 1068 -2.36 -6.31 -6.30
CA LEU C 1068 -1.72 -7.63 -6.25
C LEU C 1068 -0.20 -7.56 -6.17
N ILE C 1069 0.43 -6.73 -6.97
CA ILE C 1069 1.86 -6.49 -6.91
C ILE C 1069 2.25 -6.02 -5.52
N ASN C 1070 1.57 -5.05 -4.94
CA ASN C 1070 1.95 -4.55 -3.63
C ASN C 1070 1.84 -5.65 -2.58
N GLY C 1071 0.76 -6.42 -2.61
CA GLY C 1071 0.63 -7.51 -1.66
C GLY C 1071 1.73 -8.54 -1.80
N ARG C 1072 2.03 -8.98 -3.03
CA ARG C 1072 3.06 -9.98 -3.31
C ARG C 1072 4.45 -9.47 -2.99
N LEU C 1073 4.78 -8.22 -3.31
CA LEU C 1073 6.04 -7.61 -2.93
C LEU C 1073 6.19 -7.48 -1.41
N THR C 1074 5.13 -7.13 -0.66
CA THR C 1074 5.24 -7.10 0.79
C THR C 1074 5.47 -8.51 1.34
N ALA C 1075 4.80 -9.51 0.78
CA ALA C 1075 5.03 -10.89 1.20
C ALA C 1075 6.47 -11.30 0.92
N LEU C 1076 7.01 -10.97 -0.26
CA LEU C 1076 8.40 -11.29 -0.57
C LEU C 1076 9.35 -10.56 0.37
N ASN C 1077 9.10 -9.30 0.70
CA ASN C 1077 9.96 -8.60 1.66
C ASN C 1077 9.94 -9.27 3.02
N ALA C 1078 8.75 -9.67 3.49
CA ALA C 1078 8.66 -10.35 4.76
C ALA C 1078 9.42 -11.67 4.74
N TYR C 1079 9.27 -12.43 3.64
CA TYR C 1079 9.99 -13.70 3.52
C TYR C 1079 11.49 -13.47 3.50
N VAL C 1080 11.94 -12.42 2.80
CA VAL C 1080 13.37 -12.14 2.71
C VAL C 1080 13.93 -11.75 4.08
N SER C 1081 13.19 -10.94 4.84
CA SER C 1081 13.64 -10.57 6.17
C SER C 1081 13.73 -11.80 7.08
N GLN C 1082 12.71 -12.65 7.05
CA GLN C 1082 12.74 -13.86 7.87
C GLN C 1082 13.87 -14.78 7.42
N GLN C 1083 14.14 -14.83 6.12
CA GLN C 1083 15.23 -15.64 5.61
C GLN C 1083 16.57 -15.11 6.08
N LEU C 1084 16.74 -13.79 6.10
CA LEU C 1084 17.98 -13.21 6.61
C LEU C 1084 18.17 -13.56 8.09
N SER C 1085 17.10 -13.45 8.87
CA SER C 1085 17.21 -13.81 10.28
C SER C 1085 17.57 -15.29 10.45
N ASP C 1086 16.91 -16.16 9.69
CA ASP C 1086 17.17 -17.58 9.79
C ASP C 1086 18.60 -17.91 9.37
N ILE C 1087 19.10 -17.24 8.33
CA ILE C 1087 20.45 -17.51 7.86
C ILE C 1087 21.48 -16.97 8.84
N SER C 1088 21.19 -15.87 9.54
CA SER C 1088 22.07 -15.46 10.62
C SER C 1088 22.13 -16.53 11.71
N LEU C 1089 20.96 -17.06 12.09
CA LEU C 1089 20.94 -18.16 13.06
C LEU C 1089 21.73 -19.35 12.57
N VAL C 1090 21.61 -19.68 11.28
CA VAL C 1090 22.33 -20.82 10.71
C VAL C 1090 23.83 -20.55 10.72
N LYS C 1091 24.25 -19.33 10.38
CA LYS C 1091 25.66 -18.99 10.41
C LYS C 1091 26.24 -19.16 11.80
N PHE C 1092 25.51 -18.71 12.82
CA PHE C 1092 26.08 -18.78 14.15
C PHE C 1092 26.02 -20.20 14.72
N GLY C 1093 24.99 -20.96 14.35
CA GLY C 1093 24.98 -22.38 14.67
C GLY C 1093 26.12 -23.12 14.01
N ALA C 1094 26.45 -22.75 12.77
CA ALA C 1094 27.55 -23.42 12.07
C ALA C 1094 28.90 -23.01 12.65
N ALA C 1095 29.02 -21.76 13.09
CA ALA C 1095 30.23 -21.36 13.81
C ALA C 1095 30.38 -22.17 15.09
N LEU C 1096 29.30 -22.36 15.84
CA LEU C 1096 29.32 -23.21 17.02
C LEU C 1096 29.68 -24.65 16.64
N ALA C 1097 29.19 -25.13 15.50
CA ALA C 1097 29.50 -26.50 15.08
C ALA C 1097 30.97 -26.66 14.74
N MET C 1098 31.55 -25.68 14.03
CA MET C 1098 32.98 -25.72 13.75
C MET C 1098 33.80 -25.65 15.03
N GLU C 1099 33.37 -24.84 15.99
CA GLU C 1099 34.01 -24.75 17.29
C GLU C 1099 33.92 -26.09 18.04
N LYS C 1100 32.80 -26.78 18.00
CA LYS C 1100 32.67 -28.13 18.56
C LYS C 1100 33.51 -29.17 17.82
N VAL C 1101 33.64 -29.12 16.50
CA VAL C 1101 34.58 -29.99 15.78
C VAL C 1101 36.01 -29.75 16.23
N ASN C 1102 36.40 -28.49 16.41
CA ASN C 1102 37.79 -28.20 16.75
C ASN C 1102 38.10 -28.51 18.20
N GLU C 1103 37.14 -28.31 19.10
CA GLU C 1103 37.36 -28.29 20.55
C GLU C 1103 36.70 -29.43 21.33
N CYS C 1104 35.94 -30.30 20.66
CA CYS C 1104 35.40 -31.54 21.19
C CYS C 1104 35.84 -32.78 20.39
N VAL C 1105 35.92 -32.67 19.07
CA VAL C 1105 36.21 -33.81 18.19
C VAL C 1105 37.70 -33.95 17.92
N LYS C 1106 38.33 -32.95 17.29
CA LYS C 1106 39.74 -32.99 16.96
C LYS C 1106 40.64 -32.72 18.14
N SER C 1107 40.12 -32.20 19.23
CA SER C 1107 40.85 -31.96 20.48
C SER C 1107 39.85 -31.77 21.58
N GLN C 1108 40.32 -31.69 22.82
CA GLN C 1108 39.48 -31.62 23.99
C GLN C 1108 39.82 -30.34 24.75
N SER C 1109 39.17 -29.25 24.40
CA SER C 1109 39.45 -27.95 25.01
C SER C 1109 39.01 -27.94 26.47
N PRO C 1110 39.76 -27.32 27.41
CA PRO C 1110 39.43 -27.30 28.82
C PRO C 1110 38.27 -26.34 29.14
N ARG C 1111 37.04 -26.69 28.77
CA ARG C 1111 35.82 -25.88 28.89
C ARG C 1111 34.66 -26.74 29.35
N ILE C 1112 34.22 -26.60 30.60
CA ILE C 1112 33.58 -27.74 31.29
C ILE C 1112 32.29 -28.32 30.69
N ASN C 1113 31.38 -27.50 30.15
CA ASN C 1113 30.13 -27.99 29.57
C ASN C 1113 29.98 -27.58 28.11
N PHE C 1114 31.09 -27.32 27.41
CA PHE C 1114 31.02 -26.92 26.01
C PHE C 1114 30.57 -28.07 25.11
N CYS C 1115 31.08 -29.27 25.38
CA CYS C 1115 30.85 -30.48 24.61
C CYS C 1115 29.81 -31.38 25.28
N GLY C 1116 28.60 -30.87 25.46
CA GLY C 1116 27.55 -31.52 26.22
C GLY C 1116 27.74 -31.44 27.73
N ASN C 1117 26.66 -31.63 28.48
CA ASN C 1117 26.68 -31.62 29.93
C ASN C 1117 27.41 -32.83 30.53
N GLY C 1118 28.03 -32.65 31.68
CA GLY C 1118 28.66 -33.72 32.45
C GLY C 1118 30.16 -33.82 32.24
N ASN C 1119 30.76 -34.89 32.74
CA ASN C 1119 32.20 -35.13 32.70
C ASN C 1119 32.64 -35.58 31.31
N HIS C 1120 32.79 -34.66 30.38
CA HIS C 1120 33.07 -34.95 28.98
C HIS C 1120 34.41 -35.67 28.78
N ILE C 1121 34.36 -36.89 28.27
CA ILE C 1121 35.53 -37.66 27.88
C ILE C 1121 35.98 -37.16 26.51
N LEU C 1122 35.12 -37.30 25.52
CA LEU C 1122 35.46 -37.22 24.12
C LEU C 1122 34.20 -37.02 23.29
N SER C 1123 34.31 -36.43 22.11
CA SER C 1123 33.21 -36.31 21.16
C SER C 1123 33.57 -36.84 19.78
N LEU C 1124 32.60 -37.36 19.05
CA LEU C 1124 32.69 -37.77 17.65
C LEU C 1124 31.65 -37.01 16.84
N VAL C 1125 31.81 -36.94 15.53
CA VAL C 1125 30.89 -36.22 14.66
C VAL C 1125 30.47 -37.09 13.48
N GLN C 1126 29.21 -37.00 13.10
CA GLN C 1126 28.63 -37.64 11.92
C GLN C 1126 27.86 -36.62 11.12
N ASN C 1127 27.73 -36.85 9.84
CA ASN C 1127 26.93 -35.99 9.01
C ASN C 1127 25.44 -36.14 9.32
N ALA C 1128 24.71 -35.06 9.19
CA ALA C 1128 23.26 -35.06 9.35
C ALA C 1128 22.68 -34.14 8.29
N PRO C 1129 21.41 -34.30 7.95
CA PRO C 1129 20.77 -33.38 7.01
C PRO C 1129 20.82 -31.95 7.53
N TYR C 1130 21.41 -31.06 6.73
CA TYR C 1130 21.48 -29.63 7.03
C TYR C 1130 22.19 -29.35 8.34
N GLY C 1131 23.21 -30.14 8.66
CA GLY C 1131 23.98 -29.88 9.87
C GLY C 1131 24.90 -31.03 10.18
N LEU C 1132 25.35 -31.07 11.43
CA LEU C 1132 26.20 -32.13 11.95
C LEU C 1132 25.57 -32.71 13.20
N LEU C 1133 25.78 -34.00 13.42
CA LEU C 1133 25.44 -34.62 14.67
C LEU C 1133 26.71 -34.97 15.44
N PHE C 1134 26.86 -34.39 16.61
CA PHE C 1134 27.90 -34.73 17.56
C PHE C 1134 27.43 -35.84 18.48
N MET C 1135 28.32 -36.76 18.84
CA MET C 1135 28.09 -37.71 19.91
C MET C 1135 29.08 -37.38 21.02
N HIS C 1136 28.59 -36.91 22.15
CA HIS C 1136 29.41 -36.56 23.30
C HIS C 1136 29.39 -37.71 24.29
N PHE C 1137 30.54 -38.24 24.64
CA PHE C 1137 30.69 -39.36 25.53
C PHE C 1137 31.15 -38.84 26.88
N SER C 1138 30.43 -39.19 27.93
CA SER C 1138 30.62 -38.63 29.26
C SER C 1138 30.92 -39.73 30.24
N TYR C 1139 31.79 -39.45 31.20
CA TYR C 1139 31.98 -40.28 32.37
C TYR C 1139 30.79 -40.13 33.30
N LYS C 1140 30.03 -41.19 33.53
CA LYS C 1140 28.89 -41.20 34.44
C LYS C 1140 29.20 -42.10 35.62
N PRO C 1141 29.36 -41.56 36.84
CA PRO C 1141 29.33 -42.34 38.07
C PRO C 1141 28.08 -43.22 38.19
N ILE C 1142 28.24 -44.46 38.60
CA ILE C 1142 27.13 -45.39 38.80
C ILE C 1142 26.77 -45.51 40.27
N SER C 1143 27.75 -45.78 41.12
CA SER C 1143 27.53 -45.94 42.55
C SER C 1143 28.53 -45.08 43.31
N PHE C 1144 28.12 -44.63 44.49
CA PHE C 1144 28.89 -43.69 45.29
C PHE C 1144 29.18 -44.29 46.65
N LYS C 1145 30.26 -43.81 47.26
CA LYS C 1145 30.64 -44.16 48.62
C LYS C 1145 30.88 -42.89 49.41
N THR C 1146 30.26 -42.78 50.57
CA THR C 1146 30.48 -41.64 51.45
C THR C 1146 31.80 -41.84 52.18
N VAL C 1147 32.73 -40.92 52.00
CA VAL C 1147 34.08 -41.05 52.54
C VAL C 1147 34.49 -39.70 53.11
N LEU C 1148 35.12 -39.73 54.29
CA LEU C 1148 35.67 -38.53 54.89
C LEU C 1148 36.96 -38.15 54.18
N VAL C 1149 37.05 -36.91 53.71
CA VAL C 1149 38.18 -36.45 52.92
C VAL C 1149 38.79 -35.22 53.57
N SER C 1150 40.00 -34.90 53.15
CA SER C 1150 40.68 -33.69 53.56
C SER C 1150 41.15 -32.92 52.33
N PRO C 1151 40.89 -31.62 52.25
CA PRO C 1151 41.35 -30.82 51.11
C PRO C 1151 42.78 -30.33 51.23
N GLY C 1152 43.55 -30.82 52.19
CA GLY C 1152 44.93 -30.43 52.36
C GLY C 1152 45.53 -30.96 53.64
N LEU C 1153 46.85 -31.02 53.70
CA LEU C 1153 47.55 -31.54 54.87
C LEU C 1153 48.75 -30.64 55.20
N CYS C 1154 48.99 -30.47 56.49
CA CYS C 1154 50.19 -29.79 56.99
C CYS C 1154 51.15 -30.88 57.46
N ILE C 1155 52.18 -31.16 56.66
CA ILE C 1155 53.04 -32.31 56.88
C ILE C 1155 54.44 -31.84 57.25
N SER C 1156 55.18 -32.75 57.89
CA SER C 1156 56.59 -32.57 58.20
C SER C 1156 56.91 -31.22 58.82
N GLY C 1157 57.81 -30.47 58.20
CA GLY C 1157 58.19 -29.16 58.70
C GLY C 1157 57.19 -28.08 58.35
N ASP C 1158 55.93 -28.30 58.71
CA ASP C 1158 54.84 -27.37 58.44
C ASP C 1158 54.68 -27.09 56.95
N VAL C 1159 55.13 -28.03 56.13
CA VAL C 1159 54.97 -27.91 54.68
C VAL C 1159 53.56 -28.34 54.31
N GLY C 1160 52.86 -27.50 53.56
CA GLY C 1160 51.50 -27.81 53.15
C GLY C 1160 51.46 -28.50 51.79
N ILE C 1161 50.57 -29.49 51.68
CA ILE C 1161 50.35 -30.20 50.44
C ILE C 1161 48.85 -30.25 50.18
N ALA C 1162 48.47 -30.07 48.93
CA ALA C 1162 47.08 -30.17 48.52
C ALA C 1162 46.92 -31.31 47.52
N PRO C 1163 45.83 -32.06 47.57
CA PRO C 1163 45.64 -33.14 46.60
C PRO C 1163 45.45 -32.59 45.21
N LYS C 1164 46.05 -33.26 44.23
CA LYS C 1164 45.99 -32.83 42.84
C LYS C 1164 44.88 -33.62 42.15
N GLN C 1165 43.75 -32.95 41.90
CA GLN C 1165 42.57 -33.58 41.30
C GLN C 1165 42.12 -34.79 42.11
N GLY C 1166 41.95 -34.58 43.41
CA GLY C 1166 41.55 -35.66 44.29
C GLY C 1166 41.41 -35.17 45.71
N TYR C 1167 41.42 -36.12 46.64
CA TYR C 1167 41.25 -35.80 48.05
C TYR C 1167 42.20 -36.65 48.88
N PHE C 1168 42.49 -36.17 50.08
CA PHE C 1168 43.25 -36.93 51.06
C PHE C 1168 42.28 -37.66 51.97
N ILE C 1169 42.47 -38.98 52.10
CA ILE C 1169 41.56 -39.83 52.86
C ILE C 1169 42.37 -40.66 53.84
N LYS C 1170 41.70 -41.11 54.89
CA LYS C 1170 42.31 -41.98 55.91
C LYS C 1170 41.88 -43.41 55.62
N HIS C 1171 42.76 -44.17 54.97
CA HIS C 1171 42.51 -45.57 54.67
C HIS C 1171 43.55 -46.42 55.39
N ASN C 1172 43.08 -47.41 56.14
CA ASN C 1172 43.94 -48.23 57.00
C ASN C 1172 44.70 -47.37 58.00
N ASP C 1173 44.03 -46.36 58.53
CA ASP C 1173 44.56 -45.52 59.61
C ASP C 1173 45.85 -44.82 59.22
N HIS C 1174 45.94 -44.41 57.95
CA HIS C 1174 47.03 -43.54 57.52
C HIS C 1174 46.60 -42.81 56.26
N TRP C 1175 47.21 -41.65 56.03
CA TRP C 1175 46.77 -40.75 54.97
C TRP C 1175 47.14 -41.31 53.60
N MET C 1176 46.14 -41.39 52.71
CA MET C 1176 46.37 -41.74 51.32
C MET C 1176 45.51 -40.86 50.43
N PHE C 1177 45.84 -40.87 49.15
CA PHE C 1177 45.19 -40.05 48.13
C PHE C 1177 44.18 -40.89 47.36
N THR C 1178 43.07 -40.27 46.99
CA THR C 1178 42.11 -40.87 46.08
C THR C 1178 41.68 -39.84 45.05
N GLY C 1179 41.50 -40.28 43.81
CA GLY C 1179 40.97 -39.41 42.79
C GLY C 1179 39.56 -38.98 43.10
N SER C 1180 39.19 -37.80 42.61
CA SER C 1180 37.89 -37.24 42.94
C SER C 1180 36.75 -37.96 42.22
N SER C 1181 36.99 -38.54 41.07
CA SER C 1181 35.94 -39.18 40.27
C SER C 1181 35.92 -40.68 40.41
N TYR C 1182 36.75 -41.29 41.27
CA TYR C 1182 36.73 -42.73 41.47
C TYR C 1182 37.43 -43.02 42.78
N TYR C 1183 36.77 -43.76 43.66
CA TYR C 1183 37.35 -44.09 44.96
C TYR C 1183 38.39 -45.18 44.78
N TYR C 1184 39.66 -44.82 44.97
CA TYR C 1184 40.76 -45.76 44.84
C TYR C 1184 41.94 -45.22 45.63
N PRO C 1185 42.10 -45.63 46.89
CA PRO C 1185 43.20 -45.11 47.70
C PRO C 1185 44.55 -45.40 47.08
N GLU C 1186 45.40 -44.38 47.05
CA GLU C 1186 46.73 -44.45 46.48
C GLU C 1186 47.74 -43.86 47.46
N PRO C 1187 48.97 -44.33 47.46
CA PRO C 1187 49.99 -43.71 48.31
C PRO C 1187 50.21 -42.25 47.92
N ILE C 1188 50.43 -41.41 48.93
CA ILE C 1188 50.65 -39.99 48.68
C ILE C 1188 52.04 -39.80 48.11
N SER C 1189 52.12 -39.15 46.96
CA SER C 1189 53.39 -38.92 46.29
C SER C 1189 53.35 -37.56 45.61
N ASP C 1190 54.52 -37.13 45.11
CA ASP C 1190 54.60 -35.86 44.42
C ASP C 1190 53.81 -35.84 43.13
N LYS C 1191 53.42 -37.01 42.61
CA LYS C 1191 52.62 -37.06 41.39
C LYS C 1191 51.23 -36.50 41.63
N ASN C 1192 50.65 -36.75 42.80
CA ASN C 1192 49.28 -36.36 43.10
C ASN C 1192 49.21 -35.35 44.24
N VAL C 1193 50.14 -34.40 44.29
CA VAL C 1193 50.24 -33.46 45.39
C VAL C 1193 50.76 -32.13 44.85
N VAL C 1194 50.18 -31.03 45.33
CA VAL C 1194 50.69 -29.69 45.06
C VAL C 1194 51.35 -29.19 46.35
N PHE C 1195 52.64 -28.84 46.25
CA PHE C 1195 53.42 -28.48 47.43
C PHE C 1195 53.29 -27.00 47.75
N MET C 1196 53.22 -26.71 49.04
CA MET C 1196 53.19 -25.34 49.55
C MET C 1196 54.19 -25.23 50.69
N ASN C 1197 55.02 -24.19 50.65
CA ASN C 1197 56.04 -24.04 51.68
C ASN C 1197 55.45 -23.75 53.05
N THR C 1198 54.27 -23.16 53.12
CA THR C 1198 53.56 -22.94 54.37
C THR C 1198 52.15 -23.50 54.21
N CYS C 1199 51.73 -24.30 55.18
CA CYS C 1199 50.43 -24.93 55.10
C CYS C 1199 49.33 -23.94 55.47
N SER C 1200 48.23 -24.01 54.74
CA SER C 1200 47.06 -23.19 55.03
C SER C 1200 46.48 -23.57 56.38
N VAL C 1201 45.91 -22.58 57.08
CA VAL C 1201 45.24 -22.87 58.34
C VAL C 1201 44.04 -23.76 58.06
N ASN C 1202 43.66 -24.55 59.05
CA ASN C 1202 42.60 -25.56 59.01
C ASN C 1202 42.96 -26.74 58.12
N PHE C 1203 44.13 -26.76 57.50
CA PHE C 1203 44.63 -27.98 56.90
C PHE C 1203 44.86 -29.02 57.98
N THR C 1204 44.53 -30.27 57.69
CA THR C 1204 44.64 -31.32 58.69
C THR C 1204 46.10 -31.54 59.05
N LYS C 1205 46.40 -31.49 60.34
CA LYS C 1205 47.78 -31.57 60.80
C LYS C 1205 48.23 -33.02 60.85
N ALA C 1206 49.17 -33.38 59.98
CA ALA C 1206 49.70 -34.74 59.89
C ALA C 1206 51.22 -34.69 59.88
N PRO C 1207 51.82 -34.49 61.06
CA PRO C 1207 53.30 -34.44 61.12
C PRO C 1207 53.97 -35.75 60.76
N LEU C 1208 53.24 -36.87 60.80
CA LEU C 1208 53.82 -38.18 60.53
C LEU C 1208 53.85 -38.54 59.05
N VAL C 1209 53.44 -37.62 58.17
CA VAL C 1209 53.42 -37.88 56.74
C VAL C 1209 54.73 -37.40 56.13
N TYR C 1210 55.42 -38.30 55.44
CA TYR C 1210 56.67 -38.00 54.74
C TYR C 1210 57.71 -37.39 55.68
C1 NAG D . -1.44 56.80 1.51
C2 NAG D . -0.89 56.02 0.31
C3 NAG D . 0.32 55.18 0.73
C4 NAG D . 1.35 56.06 1.43
C5 NAG D . 0.71 56.83 2.57
C6 NAG D . 1.65 57.82 3.23
C7 NAG D . -2.74 55.58 -1.25
C8 NAG D . -3.73 54.57 -1.74
N2 NAG D . -1.91 55.17 -0.28
O3 NAG D . 0.89 54.58 -0.42
O4 NAG D . 2.39 55.24 1.97
O5 NAG D . -0.40 57.60 2.07
O6 NAG D . 2.58 58.35 2.30
O7 NAG D . -2.68 56.72 -1.71
C1 NAG D . 3.58 55.40 1.17
C2 NAG D . 4.80 55.19 2.07
C3 NAG D . 6.08 55.29 1.25
C4 NAG D . 6.04 54.33 0.07
C5 NAG D . 4.78 54.59 -0.75
C6 NAG D . 4.59 53.59 -1.88
C7 NAG D . 4.41 55.85 4.41
C8 NAG D . 4.50 56.96 5.41
N2 NAG D . 4.82 56.14 3.16
O3 NAG D . 7.20 54.97 2.08
O4 NAG D . 7.18 54.52 -0.76
O5 NAG D . 3.61 54.46 0.09
O6 NAG D . 5.06 52.30 -1.53
O7 NAG D . 4.01 54.73 4.70
C1 NAG E . -29.48 40.39 -0.29
C2 NAG E . -30.92 40.96 -0.15
C3 NAG E . -31.27 41.78 -1.39
C4 NAG E . -30.24 42.91 -1.57
C5 NAG E . -28.81 42.38 -1.65
C6 NAG E . -27.81 43.53 -1.65
C7 NAG E . -32.17 39.39 1.28
C8 NAG E . -33.24 38.29 1.32
N2 NAG E . -31.89 39.89 0.08
O3 NAG E . -32.59 42.37 -1.28
O4 NAG E . -30.57 43.60 -2.82
O5 NAG E . -28.55 41.52 -0.46
O6 NAG E . -27.56 43.96 -3.00
O7 NAG E . -31.57 39.77 2.28
C1 NAG E . -30.75 45.05 -2.68
C2 NAG E . -30.90 45.71 -4.07
C3 NAG E . -31.16 47.21 -3.89
C4 NAG E . -32.39 47.45 -3.00
C5 NAG E . -32.22 46.75 -1.65
C6 NAG E . -33.45 46.87 -0.73
C7 NAG E . -29.69 44.85 -6.03
C8 NAG E . -28.31 44.53 -6.62
N2 NAG E . -29.69 45.47 -4.85
O3 NAG E . -31.37 47.86 -5.17
O4 NAG E . -32.53 48.86 -2.79
O5 NAG E . -31.96 45.31 -1.89
O6 NAG E . -33.19 46.16 0.51
O7 NAG E . -30.74 44.58 -6.61
C1 NAG F . 42.56 24.71 16.55
C2 NAG F . 43.23 25.30 15.32
C3 NAG F . 44.38 24.42 14.85
C4 NAG F . 45.34 24.14 16.01
C5 NAG F . 44.57 23.60 17.22
C6 NAG F . 45.43 23.44 18.44
C7 NAG F . 41.70 26.66 13.95
C8 NAG F . 40.73 26.66 12.80
N2 NAG F . 42.27 25.48 14.24
O3 NAG F . 45.08 25.06 13.80
O4 NAG F . 46.30 23.18 15.60
O5 NAG F . 43.52 24.51 17.57
O6 NAG F . 46.17 22.23 18.41
O7 NAG F . 41.95 27.68 14.59
C1 NAG F . 47.65 23.66 15.82
C2 NAG F . 48.61 22.55 15.43
C3 NAG F . 50.06 23.01 15.61
C4 NAG F . 50.30 24.31 14.87
C5 NAG F . 49.26 25.36 15.28
C6 NAG F . 49.36 26.64 14.49
C7 NAG F . 47.81 20.24 15.67
C8 NAG F . 47.61 19.09 16.60
N2 NAG F . 48.36 21.34 16.19
O3 NAG F . 50.94 22.00 15.13
O4 NAG F . 51.59 24.81 15.17
O5 NAG F . 47.93 24.84 15.06
O6 NAG F . 49.14 27.77 15.32
O7 NAG F . 47.48 20.18 14.49
C1 NAG G . 70.90 -10.91 22.24
C2 NAG G . 70.01 -10.82 21.02
C3 NAG G . 70.74 -10.14 19.88
C4 NAG G . 71.35 -8.81 20.32
C5 NAG G . 72.16 -8.99 21.59
C6 NAG G . 72.66 -7.69 22.17
C7 NAG G . 68.55 -12.78 21.24
C8 NAG G . 68.20 -14.13 20.68
N2 NAG G . 69.53 -12.13 20.61
O3 NAG G . 69.84 -9.93 18.80
O4 NAG G . 72.23 -8.32 19.32
O5 NAG G . 71.35 -9.62 22.61
O6 NAG G . 71.60 -6.87 22.60
O7 NAG G . 67.98 -12.32 22.21
C1 NAG G . 71.60 -7.34 18.47
C2 NAG G . 72.71 -6.69 17.63
C3 NAG G . 72.10 -5.70 16.63
C4 NAG G . 71.04 -6.39 15.80
C5 NAG G . 69.99 -6.99 16.71
C6 NAG G . 68.91 -7.76 15.98
C7 NAG G . 74.74 -6.65 19.00
C8 NAG G . 75.64 -5.81 19.85
N2 NAG G . 73.69 -6.02 18.48
O3 NAG G . 73.14 -5.19 15.79
O4 NAG G . 70.43 -5.46 14.89
O5 NAG G . 70.62 -7.92 17.61
O6 NAG G . 69.48 -8.73 15.10
O7 NAG G . 74.96 -7.84 18.79
C1 BMA G . 70.89 -5.80 13.56
C2 BMA G . 69.65 -6.16 12.69
C3 BMA G . 70.10 -6.43 11.26
C4 BMA G . 70.99 -5.28 10.73
C5 BMA G . 72.16 -5.04 11.69
C6 BMA G . 73.05 -3.89 11.26
O2 BMA G . 68.74 -5.09 12.65
O3 BMA G . 68.99 -6.62 10.38
O4 BMA G . 71.50 -5.63 9.45
O5 BMA G . 71.61 -4.73 12.99
O6 BMA G . 74.20 -3.88 12.10
C1 NAG H . -1.75 -10.97 -55.72
C2 NAG H . -2.65 -11.69 -54.72
C3 NAG H . -1.79 -12.48 -53.72
C4 NAG H . -0.83 -13.40 -54.45
C5 NAG H . -0.01 -12.61 -55.48
C6 NAG H . 0.88 -13.48 -56.33
C7 NAG H . -4.72 -10.40 -54.46
C8 NAG H . -5.48 -9.43 -53.61
N2 NAG H . -3.51 -10.75 -54.03
O3 NAG H . -2.65 -13.24 -52.87
O4 NAG H . 0.07 -14.00 -53.52
O5 NAG H . -0.90 -11.92 -56.37
O6 NAG H . 0.31 -14.76 -56.53
O7 NAG H . -5.19 -10.88 -55.49
C1 NAG H . -0.27 -15.38 -53.34
C2 NAG H . 1.00 -16.16 -53.00
C3 NAG H . 0.68 -17.62 -52.74
C4 NAG H . -0.41 -17.75 -51.68
C5 NAG H . -1.63 -16.91 -52.07
C6 NAG H . -2.70 -16.90 -51.02
C7 NAG H . 3.03 -15.20 -54.00
C8 NAG H . 3.95 -15.20 -55.19
N2 NAG H . 1.99 -16.03 -54.06
O3 NAG H . 1.86 -18.29 -52.31
O4 NAG H . -0.80 -19.11 -51.54
O5 NAG H . -1.23 -15.56 -52.28
O6 NAG H . -2.14 -16.96 -49.71
O7 NAG H . 3.23 -14.48 -53.03
C1 NAG I . -12.41 17.56 -45.07
C2 NAG I . -12.74 18.85 -45.86
C3 NAG I . -14.09 18.66 -46.57
C4 NAG I . -13.99 17.46 -47.51
C5 NAG I . -13.57 16.18 -46.77
C6 NAG I . -13.31 15.02 -47.74
C7 NAG I . -11.89 21.03 -45.05
C8 NAG I . -12.03 22.11 -43.99
N2 NAG I . -12.72 19.99 -44.96
O3 NAG I . -14.45 19.84 -47.34
O4 NAG I . -15.31 17.26 -48.12
O5 NAG I . -12.32 16.44 -46.01
O6 NAG I . -14.51 14.25 -47.90
O7 NAG I . -11.04 21.08 -45.94
C1 NAG I . -15.28 17.18 -49.58
C2 NAG I . -16.66 16.72 -50.11
C3 NAG I . -16.64 16.72 -51.65
C4 NAG I . -16.23 18.10 -52.19
C5 NAG I . -14.87 18.55 -51.60
C6 NAG I . -14.45 19.96 -52.03
C7 NAG I . -17.85 15.19 -48.60
C8 NAG I . -17.98 13.76 -48.07
N2 NAG I . -16.99 15.39 -49.60
O3 NAG I . -17.95 16.37 -52.19
O4 NAG I . -16.13 18.00 -53.62
O5 NAG I . -14.97 18.50 -50.13
O6 NAG I . -13.19 20.29 -51.41
O7 NAG I . -18.52 16.11 -48.14
C1 NAG J . 29.08 -39.18 -17.71
C2 NAG J . 28.14 -40.33 -18.03
C3 NAG J . 28.15 -41.35 -16.90
C4 NAG J . 29.56 -41.79 -16.56
C5 NAG J . 30.44 -40.57 -16.31
C6 NAG J . 31.90 -40.91 -16.12
C7 NAG J . 26.29 -39.66 -19.50
C8 NAG J . 24.89 -39.16 -19.57
N2 NAG J . 26.78 -39.86 -18.28
O3 NAG J . 27.36 -42.49 -17.27
O4 NAG J . 29.55 -42.60 -15.40
O5 NAG J . 30.38 -39.68 -17.44
O6 NAG J . 32.15 -41.37 -14.79
O7 NAG J . 26.96 -39.87 -20.51
C1 NAG J . 30.20 -43.87 -15.64
C2 NAG J . 30.28 -44.61 -14.30
C3 NAG J . 30.94 -45.97 -14.49
C4 NAG J . 30.22 -46.76 -15.58
C5 NAG J . 30.13 -45.93 -16.86
C6 NAG J . 29.33 -46.61 -17.94
C7 NAG J . 30.70 -43.79 -12.02
C8 NAG J . 31.56 -42.92 -11.16
N2 NAG J . 31.02 -43.83 -13.32
O3 NAG J . 30.91 -46.69 -13.27
O4 NAG J . 30.93 -47.97 -15.85
O5 NAG J . 29.48 -44.68 -16.59
O6 NAG J . 29.94 -46.44 -19.22
O7 NAG J . 29.75 -44.43 -11.57
C1 NAG K . 45.93 -55.31 21.80
C2 NAG K . 44.47 -54.87 21.68
C3 NAG K . 43.58 -56.07 21.33
C4 NAG K . 44.12 -56.81 20.12
C5 NAG K . 45.60 -57.13 20.29
C6 NAG K . 46.22 -57.73 19.06
C7 NAG K . 44.32 -52.99 23.26
C8 NAG K . 43.76 -52.51 24.56
N2 NAG K . 44.01 -54.24 22.90
O3 NAG K . 42.26 -55.61 21.09
O4 NAG K . 43.42 -58.04 19.96
O5 NAG K . 46.33 -55.93 20.58
O6 NAG K . 46.34 -56.78 18.01
O7 NAG K . 45.05 -52.28 22.56
C1 NAG K . 42.37 -57.95 18.98
C2 NAG K . 41.94 -59.38 18.64
C3 NAG K . 40.75 -59.37 17.68
C4 NAG K . 39.63 -58.51 18.26
C5 NAG K . 40.15 -57.12 18.56
C6 NAG K . 39.12 -56.22 19.20
C7 NAG K . 43.96 -60.76 18.80
C8 NAG K . 45.03 -61.49 18.04
N2 NAG K . 43.04 -60.13 18.06
O3 NAG K . 40.30 -60.69 17.47
O4 NAG K . 38.53 -58.44 17.35
O5 NAG K . 41.24 -57.22 19.48
O6 NAG K . 38.55 -56.83 20.35
O7 NAG K . 43.92 -60.76 20.03
C1 BMA K . 37.43 -59.19 17.92
C2 BMA K . 36.21 -58.25 18.03
C3 BMA K . 35.01 -59.05 18.54
C4 BMA K . 34.79 -60.33 17.72
C5 BMA K . 36.09 -61.15 17.68
C6 BMA K . 35.98 -62.41 16.82
O2 BMA K . 35.85 -57.73 16.77
O3 BMA K . 33.82 -58.27 18.54
O4 BMA K . 33.75 -61.11 18.29
O5 BMA K . 37.13 -60.33 17.12
O6 BMA K . 37.13 -63.20 17.05
C1 NAG L . -52.27 -14.20 17.11
C2 NAG L . -51.61 -12.89 17.50
C3 NAG L . -50.34 -13.15 18.32
C4 NAG L . -50.65 -14.08 19.49
C5 NAG L . -51.37 -15.34 19.00
C6 NAG L . -51.81 -16.24 20.13
C7 NAG L . -52.16 -11.18 15.83
C8 NAG L . -51.67 -10.44 14.62
N2 NAG L . -51.30 -12.07 16.34
O3 NAG L . -49.81 -11.93 18.79
O4 NAG L . -49.43 -14.46 20.13
O5 NAG L . -52.54 -14.98 18.27
O6 NAG L . -52.14 -15.50 21.30
O7 NAG L . -53.26 -10.99 16.31
C1 NAG L . -49.32 -13.78 21.39
C2 NAG L . -48.54 -14.67 22.36
C3 NAG L . -48.33 -13.95 23.69
C4 NAG L . -47.70 -12.58 23.48
C5 NAG L . -48.53 -11.78 22.47
C6 NAG L . -47.90 -10.45 22.12
C7 NAG L . -48.81 -17.07 21.96
C8 NAG L . -49.61 -18.30 22.28
N2 NAG L . -49.21 -15.94 22.55
O3 NAG L . -47.50 -14.74 24.52
O4 NAG L . -47.65 -11.87 24.71
O5 NAG L . -48.66 -12.51 21.24
O6 NAG L . -46.48 -10.53 22.09
O7 NAG L . -47.84 -17.10 21.21
C1 NAG M . -47.22 -7.47 -14.37
C2 NAG M . -48.23 -7.71 -15.52
C3 NAG M . -49.34 -6.64 -15.45
C4 NAG M . -50.04 -6.77 -14.09
C5 NAG M . -49.06 -6.59 -12.93
C6 NAG M . -49.75 -6.87 -11.60
C7 NAG M . -47.02 -8.77 -17.38
C8 NAG M . -46.41 -8.57 -18.77
N2 NAG M . -47.56 -7.69 -16.83
O3 NAG M . -50.31 -6.83 -16.50
O4 NAG M . -51.10 -5.74 -14.02
O5 NAG M . -47.94 -7.56 -13.09
O6 NAG M . -50.31 -5.67 -11.06
O7 NAG M . -46.99 -9.83 -16.80
C1 NAG M . -52.43 -6.27 -13.67
C2 NAG M . -53.40 -5.09 -13.41
C3 NAG M . -54.83 -5.61 -13.19
C4 NAG M . -55.27 -6.46 -14.39
C5 NAG M . -54.30 -7.64 -14.59
C6 NAG M . -54.67 -8.53 -15.77
C7 NAG M . -52.43 -3.12 -12.30
C8 NAG M . -51.84 -2.57 -10.99
N2 NAG M . -52.96 -4.33 -12.24
O3 NAG M . -55.76 -4.51 -13.01
O4 NAG M . -56.59 -6.95 -14.12
O5 NAG M . -52.93 -7.10 -14.78
O6 NAG M . -53.64 -9.54 -15.94
O7 NAG M . -52.41 -2.47 -13.34
C1 NAG N . -4.59 -23.70 45.97
C2 NAG N . -5.15 -22.66 46.94
C3 NAG N . -4.04 -22.07 47.81
C4 NAG N . -3.25 -23.17 48.48
C5 NAG N . -2.76 -24.19 47.45
C6 NAG N . -2.09 -25.39 48.07
C7 NAG N . -7.19 -21.53 46.14
C8 NAG N . -7.74 -20.38 45.36
N2 NAG N . -5.86 -21.61 46.21
O3 NAG N . -4.61 -21.21 48.78
O4 NAG N . -2.12 -22.60 49.14
O5 NAG N . -3.88 -24.70 46.70
O6 NAG N . -2.51 -26.60 47.45
O7 NAG N . -7.92 -22.36 46.68
C1 NAG N . -2.10 -22.96 50.54
C2 NAG N . -0.78 -22.50 51.13
C3 NAG N . -0.71 -22.83 52.62
C4 NAG N . -1.94 -22.27 53.34
C5 NAG N . -3.22 -22.75 52.66
C6 NAG N . -4.47 -22.13 53.24
C7 NAG N . 0.97 -22.50 49.41
C8 NAG N . 2.12 -23.26 48.80
N2 NAG N . 0.35 -23.10 50.43
O3 NAG N . 0.48 -22.28 53.18
O4 NAG N . -1.95 -22.71 54.69
O5 NAG N . -3.19 -22.37 51.27
O6 NAG N . -5.48 -23.11 53.44
O7 NAG N . 0.64 -21.39 49.00
C1 NAG O . 38.96 -22.51 60.21
C2 NAG O . 38.31 -21.30 59.54
C3 NAG O . 37.73 -20.36 60.59
C4 NAG O . 36.81 -21.11 61.55
C5 NAG O . 37.53 -22.35 62.09
C6 NAG O . 36.63 -23.23 62.94
C7 NAG O . 39.65 -21.02 57.50
C8 NAG O . 40.64 -20.15 56.77
N2 NAG O . 39.26 -20.58 58.70
O3 NAG O . 37.01 -19.33 59.94
O4 NAG O . 36.49 -20.28 62.65
O5 NAG O . 38.00 -23.17 61.02
O6 NAG O . 35.48 -23.63 62.21
O7 NAG O . 39.22 -22.06 57.01
C1 NAG O . 35.20 -19.66 62.50
C2 NAG O . 34.82 -19.04 63.85
C3 NAG O . 33.51 -18.27 63.73
C4 NAG O . 33.60 -17.25 62.62
C5 NAG O . 33.98 -17.96 61.31
C6 NAG O . 34.16 -17.00 60.16
C7 NAG O . 35.77 -20.51 65.57
C8 NAG O . 35.49 -21.57 66.59
N2 NAG O . 34.71 -20.07 64.88
O3 NAG O . 33.23 -17.62 64.97
O4 NAG O . 32.37 -16.56 62.46
O5 NAG O . 35.23 -18.64 61.49
O6 NAG O . 34.99 -15.89 60.53
O7 NAG O . 36.90 -20.08 65.39
C1 BMA O . 32.58 -15.20 62.89
C2 BMA O . 31.86 -14.24 61.91
C3 BMA O . 31.96 -12.81 62.42
C4 BMA O . 31.55 -12.69 63.90
C5 BMA O . 32.36 -13.69 64.74
C6 BMA O . 31.97 -13.68 66.21
O2 BMA O . 30.48 -14.55 61.83
O3 BMA O . 31.18 -11.92 61.62
O4 BMA O . 31.79 -11.38 64.37
O5 BMA O . 32.10 -15.01 64.22
O6 BMA O . 32.97 -14.37 66.94
C1 NAG P . -27.42 55.07 -2.05
C2 NAG P . -27.06 55.69 -3.41
C3 NAG P . -27.02 57.23 -3.27
C4 NAG P . -28.34 57.76 -2.69
C5 NAG P . -28.71 57.05 -1.37
C6 NAG P . -30.03 57.51 -0.75
C7 NAG P . -25.58 54.53 -5.00
C8 NAG P . -24.17 53.96 -5.24
N2 NAG P . -25.75 55.20 -3.86
O3 NAG P . -26.78 57.86 -4.55
O4 NAG P . -28.16 59.17 -2.44
O5 NAG P . -28.72 55.58 -1.59
O6 NAG P . -31.09 57.49 -1.71
O7 NAG P . -26.49 54.39 -5.81
C1 NAG Q . 3.92 15.00 37.07
C2 NAG Q . 3.75 14.20 38.36
C3 NAG Q . 5.09 14.01 39.05
C4 NAG Q . 6.11 13.40 38.09
C5 NAG Q . 6.18 14.23 36.81
C6 NAG Q . 7.06 13.60 35.76
C7 NAG Q . 1.51 14.57 39.29
C8 NAG Q . 0.68 15.34 40.27
N2 NAG Q . 2.81 14.86 39.27
O3 NAG Q . 4.93 13.17 40.19
O4 NAG Q . 7.39 13.36 38.70
O5 NAG Q . 4.87 14.34 36.22
O6 NAG Q . 6.94 12.19 35.74
O7 NAG Q . 1.01 13.71 38.56
C1 NAG R . -25.58 39.58 23.16
C2 NAG R . -27.06 39.28 22.83
C3 NAG R . -27.64 40.45 22.03
C4 NAG R . -27.45 41.79 22.76
C5 NAG R . -25.97 42.03 23.10
C6 NAG R . -25.71 43.30 23.91
C7 NAG R . -27.40 36.85 22.63
C8 NAG R . -27.32 35.63 21.71
N2 NAG R . -27.16 38.04 22.06
O3 NAG R . -29.07 40.25 21.78
O4 NAG R . -27.92 42.83 21.88
O5 NAG R . -25.47 40.86 23.87
O6 NAG R . -26.27 43.18 25.23
O7 NAG R . -27.66 36.76 23.83
C1 NAG S . -9.53 42.60 35.40
C2 NAG S . -9.14 41.82 36.65
C3 NAG S . -8.32 42.70 37.59
C4 NAG S . -7.13 43.30 36.86
C5 NAG S . -7.60 44.04 35.61
C6 NAG S . -6.46 44.56 34.77
C7 NAG S . -10.91 40.16 37.00
C8 NAG S . -12.12 39.79 37.81
N2 NAG S . -10.32 41.30 37.34
O3 NAG S . -7.87 41.92 38.70
O4 NAG S . -6.44 44.22 37.71
O5 NAG S . -8.34 43.14 34.78
O6 NAG S . -5.75 43.51 34.12
O7 NAG S . -10.51 39.46 36.08
C1 NAG T . -2.11 64.50 25.50
C2 NAG T . -2.54 65.88 26.01
C3 NAG T . -1.58 66.95 25.48
C4 NAG T . -0.14 66.59 25.83
C5 NAG T . 0.19 65.18 25.35
C6 NAG T . 1.56 64.71 25.78
C7 NAG T . -4.95 66.00 26.41
C8 NAG T . -6.29 66.36 25.84
N2 NAG T . -3.90 66.18 25.61
O3 NAG T . -1.91 68.21 26.06
O4 NAG T . 0.76 67.52 25.22
O5 NAG T . -0.76 64.25 25.89
O6 NAG T . 1.61 64.46 27.17
O7 NAG T . -4.83 65.56 27.55
C1 NAG U . 24.90 26.99 -32.06
C2 NAG U . 24.61 28.26 -32.85
C3 NAG U . 23.82 27.93 -34.12
C4 NAG U . 24.55 26.87 -34.93
C5 NAG U . 24.85 25.65 -34.06
C6 NAG U . 25.68 24.60 -34.76
C7 NAG U . 24.47 30.26 -31.44
C8 NAG U . 23.57 31.15 -30.65
N2 NAG U . 23.88 29.23 -32.04
O3 NAG U . 23.66 29.11 -34.90
O4 NAG U . 23.75 26.46 -36.04
O5 NAG U . 25.59 26.05 -32.89
O6 NAG U . 27.02 25.03 -34.91
O7 NAG U . 25.67 30.48 -31.54
C1 NAG V . 25.36 20.21 36.07
C2 NAG V . 26.74 19.75 36.55
C3 NAG V . 26.58 18.62 37.56
C4 NAG V . 25.65 19.03 38.69
C5 NAG V . 24.32 19.53 38.12
C6 NAG V . 23.40 20.07 39.18
C7 NAG V . 28.41 20.16 34.79
C8 NAG V . 29.19 19.56 33.66
N2 NAG V . 27.57 19.34 35.43
O3 NAG V . 27.87 18.28 38.08
O4 NAG V . 25.41 17.92 39.55
O5 NAG V . 24.56 20.59 37.19
O6 NAG V . 23.87 21.30 39.70
O7 NAG V . 28.52 21.34 35.12
C1 NAG W . 60.77 7.10 37.67
C2 NAG W . 62.11 7.74 38.05
C3 NAG W . 62.35 7.61 39.55
C4 NAG W . 61.16 8.19 40.33
C5 NAG W . 59.87 7.54 39.85
C6 NAG W . 58.64 8.15 40.49
C7 NAG W . 63.68 7.64 36.17
C8 NAG W . 64.82 6.89 35.54
N2 NAG W . 63.20 7.13 37.31
O3 NAG W . 63.53 8.31 39.90
O4 NAG W . 61.33 7.95 41.72
O5 NAG W . 59.73 7.71 38.44
O6 NAG W . 58.52 9.53 40.18
O7 NAG W . 63.23 8.67 35.67
C1 NAG X . 48.51 -3.30 51.64
C2 NAG X . 49.27 -3.14 52.96
C3 NAG X . 48.30 -3.06 54.13
C4 NAG X . 47.26 -1.98 53.89
C5 NAG X . 46.58 -2.19 52.55
C6 NAG X . 45.61 -1.09 52.19
C7 NAG X . 51.48 -4.19 52.71
C8 NAG X . 52.30 -5.41 52.99
N2 NAG X . 50.21 -4.24 53.14
O3 NAG X . 49.02 -2.80 55.32
O4 NAG X . 46.29 -1.99 54.92
O5 NAG X . 47.56 -2.23 51.51
O6 NAG X . 46.21 -0.14 51.32
O7 NAG X . 51.93 -3.22 52.12
C1 NAG Y . -2.28 -2.40 41.89
C2 NAG Y . -0.95 -1.67 42.14
C3 NAG Y . -0.70 -1.51 43.65
C4 NAG Y . -1.90 -0.85 44.34
C5 NAG Y . -3.18 -1.66 44.08
C6 NAG Y . -4.46 -1.06 44.69
C7 NAG Y . 0.58 -2.17 40.28
C8 NAG Y . 1.78 -2.95 39.78
N2 NAG Y . 0.17 -2.40 41.52
O3 NAG Y . 0.48 -0.71 43.90
O4 NAG Y . -1.63 -0.82 45.76
O5 NAG Y . -3.37 -1.77 42.63
O6 NAG Y . -4.88 0.09 43.93
O7 NAG Y . 0.00 -1.34 39.57
C21 A1AR1 Z . -11.67 67.45 13.99
C6 A1AR1 Z . -8.88 60.66 12.47
C7 A1AR1 Z . -8.73 61.01 11.00
C8 A1AR1 Z . -9.51 62.27 10.67
C11 A1AR1 Z . -7.93 56.61 10.52
C10 A1AR1 Z . -7.43 57.83 11.21
C9 A1AR1 Z . -9.81 62.32 9.17
C5 A1AR1 Z . -7.92 59.55 12.87
C4 A1AR1 Z . -7.99 59.31 14.36
C3 A1AR1 Z . -7.72 60.59 15.11
C2 A1AR1 Z . -8.66 61.71 14.68
O6 A1AR1 Z . -8.66 61.84 13.25
C1 A1AR1 Z . -10.04 61.44 15.24
C12 A1AR1 Z . -12.24 66.70 12.80
C31 A1AR1 Z . -12.76 67.61 15.04
C41 A1AR1 Z . -13.13 66.29 15.69
C51 A1AR1 Z . -11.88 65.63 16.25
C61 A1AR1 Z . -10.83 65.50 15.15
C71 A1AR1 Z . -9.55 64.87 15.69
C81 A1AR1 Z . -8.83 64.07 14.63
C91 A1AR1 Z . -7.80 64.90 13.89
CA9 A1AR1 Z . -10.94 60.91 7.46
CM9 A1AR1 Z . -11.21 61.99 6.46
N5 A1AR1 Z . -8.24 58.34 12.14
N51 A1AR1 Z . -12.20 64.32 16.78
O10 A1AR1 Z . -6.36 58.34 10.94
O1A A1AR1 Z . -10.16 61.39 16.49
O1B A1AR1 Z . -11.04 61.31 14.48
O3 A1AR1 Z . -11.27 68.76 13.57
O4 A1AR1 Z . -7.05 58.31 14.75
O41 A1AR1 Z . -14.07 66.51 16.74
O61 A1AR1 Z . -10.55 66.76 14.55
O7 A1AR1 Z . -7.35 61.20 10.69
O71 A1AR1 Z . -8.69 65.92 16.15
O8 A1AR1 Z . -10.72 62.30 11.40
O81 A1AR1 Z . -8.19 62.94 15.23
O9 A1AR1 Z . -10.71 61.27 8.85
O91 A1AR1 Z . -8.43 65.84 13.02
OA9 A1AR1 Z . -10.92 59.74 7.15
C101 A1AR1 Z . -12.16 64.04 18.09
C111 A1AR1 Z . -12.01 65.20 19.02
O101 A1AR1 Z . -12.23 62.90 18.50
O1A1 A1AR1 Z . -11.53 65.89 12.17
O1B1 A1AR1 Z . -13.42 66.94 12.47
C1 NAG AA . -13.90 12.04 -58.66
C2 NAG AA . -15.11 11.16 -59.03
C3 NAG AA . -15.07 10.79 -60.52
C4 NAG AA . -14.94 12.05 -61.39
C5 NAG AA . -13.76 12.95 -60.95
C6 NAG AA . -13.63 14.25 -61.76
C7 NAG AA . -15.89 9.81 -57.13
C8 NAG AA . -15.68 8.52 -56.31
N2 NAG AA . -15.12 9.94 -58.20
O3 NAG AA . -16.25 10.06 -60.91
O4 NAG AA . -14.70 11.60 -62.74
O5 NAG AA . -13.88 13.25 -59.49
O6 NAG AA . -14.88 14.96 -61.81
O7 NAG AA . -16.71 10.66 -56.81
C1 NAG BA . 35.56 5.36 -18.26
C2 NAG BA . 36.64 6.19 -17.53
C3 NAG BA . 37.78 5.28 -17.08
C4 NAG BA . 37.26 4.13 -16.22
C5 NAG BA . 36.15 3.34 -16.95
C6 NAG BA . 35.53 2.22 -16.09
C7 NAG BA . 36.64 8.48 -18.40
C8 NAG BA . 37.38 9.52 -19.27
N2 NAG BA . 37.15 7.26 -18.39
O3 NAG BA . 38.77 6.03 -16.32
O4 NAG BA . 38.38 3.24 -15.96
O5 NAG BA . 35.09 4.29 -17.39
O6 NAG BA . 35.03 2.74 -14.84
O7 NAG BA . 35.65 8.78 -17.74
C1 NAG CA . 10.88 22.06 -46.36
C2 NAG CA . 10.16 23.44 -46.31
C3 NAG CA . 9.12 23.48 -47.44
C4 NAG CA . 9.80 23.25 -48.79
C5 NAG CA . 10.57 21.91 -48.81
C6 NAG CA . 11.36 21.66 -50.11
C7 NAG CA . 10.07 24.36 -44.03
C8 NAG CA . 9.37 24.35 -42.68
N2 NAG CA . 9.52 23.64 -45.00
O3 NAG CA . 8.45 24.78 -47.47
O4 NAG CA . 8.77 23.23 -49.80
O5 NAG CA . 11.50 21.87 -47.66
O6 NAG CA . 12.45 22.60 -50.21
O7 NAG CA . 11.09 25.02 -44.22
C1 NAG DA . 27.87 10.77 -47.61
C2 NAG DA . 29.21 11.00 -46.91
C3 NAG DA . 30.34 10.37 -47.71
C4 NAG DA . 30.05 8.90 -47.98
C5 NAG DA . 28.68 8.76 -48.65
C6 NAG DA . 28.28 7.31 -48.85
C7 NAG DA . 28.97 13.11 -45.68
C8 NAG DA . 29.32 14.57 -45.63
N2 NAG DA . 29.45 12.42 -46.72
O3 NAG DA . 31.56 10.49 -46.98
O4 NAG DA . 31.06 8.35 -48.82
O5 NAG DA . 27.68 9.36 -47.84
O6 NAG DA . 28.00 6.68 -47.61
O7 NAG DA . 28.27 12.58 -44.82
C1 NAG EA . 20.08 -4.22 -66.38
C2 NAG EA . 20.45 -3.91 -67.83
C3 NAG EA . 20.25 -5.16 -68.69
C4 NAG EA . 21.01 -6.34 -68.10
C5 NAG EA . 20.62 -6.54 -66.64
C6 NAG EA . 21.44 -7.62 -65.95
C7 NAG EA . 20.09 -1.54 -68.34
C8 NAG EA . 19.15 -0.52 -68.92
N2 NAG EA . 19.66 -2.80 -68.35
O3 NAG EA . 20.71 -4.90 -70.01
O4 NAG EA . 20.70 -7.52 -68.83
O5 NAG EA . 20.85 -5.32 -65.91
O6 NAG EA . 22.78 -7.21 -65.77
O7 NAG EA . 21.19 -1.23 -67.90
C1 NAG FA . -22.69 -39.42 -17.56
C2 NAG FA . -23.58 -39.70 -18.75
C3 NAG FA . -25.03 -39.30 -18.45
C4 NAG FA . -25.50 -39.97 -17.17
C5 NAG FA . -24.53 -39.68 -16.03
C6 NAG FA . -24.87 -40.42 -14.75
C7 NAG FA . -22.40 -39.62 -20.91
C8 NAG FA . -21.98 -38.75 -22.05
N2 NAG FA . -23.10 -39.01 -19.94
O3 NAG FA . -25.86 -39.67 -19.53
O4 NAG FA . -26.79 -39.49 -16.82
O5 NAG FA . -23.20 -40.09 -16.41
O6 NAG FA . -24.61 -41.81 -14.88
O7 NAG FA . -22.11 -40.81 -20.85
C1 NAG GA . 41.63 -16.09 -19.00
C2 NAG GA . 42.56 -17.10 -18.35
C3 NAG GA . 43.52 -16.40 -17.39
C4 NAG GA . 44.25 -15.28 -18.11
C5 NAG GA . 43.26 -14.34 -18.78
C6 NAG GA . 43.92 -13.27 -19.62
C7 NAG GA . 41.44 -19.29 -18.21
C8 NAG GA . 40.66 -20.23 -17.35
N2 NAG GA . 41.80 -18.14 -17.65
O3 NAG GA . 44.44 -17.35 -16.87
O4 NAG GA . 45.04 -14.55 -17.18
O5 NAG GA . 42.40 -15.08 -19.66
O6 NAG GA . 44.51 -13.82 -20.78
O7 NAG GA . 41.74 -19.56 -19.38
C1 NAG HA . 55.99 -44.93 0.37
C2 NAG HA . 56.79 -46.17 -0.02
C3 NAG HA . 58.28 -45.83 -0.09
C4 NAG HA . 58.51 -44.64 -1.00
C5 NAG HA . 57.63 -43.46 -0.57
C6 NAG HA . 57.73 -42.28 -1.52
C7 NAG HA . 55.67 -48.24 0.67
C8 NAG HA . 55.55 -49.29 1.72
N2 NAG HA . 56.55 -47.26 0.90
O3 NAG HA . 59.00 -46.96 -0.58
O4 NAG HA . 59.88 -44.24 -0.95
O5 NAG HA . 56.26 -43.87 -0.54
O6 NAG HA . 57.35 -42.64 -2.84
O7 NAG HA . 54.99 -48.27 -0.36
C1 NAG IA . 65.35 -26.78 6.44
C2 NAG IA . 66.84 -27.08 6.29
C3 NAG IA . 67.59 -25.81 5.87
C4 NAG IA . 66.95 -25.20 4.63
C5 NAG IA . 65.46 -24.97 4.86
C6 NAG IA . 64.75 -24.46 3.64
C7 NAG IA . 67.43 -28.93 7.78
C8 NAG IA . 68.04 -29.32 9.09
N2 NAG IA . 67.40 -27.62 7.52
O3 NAG IA . 68.95 -26.14 5.61
O4 NAG IA . 67.58 -23.96 4.32
O5 NAG IA . 64.84 -26.21 5.24
O6 NAG IA . 63.98 -25.49 3.03
O7 NAG IA . 66.99 -29.77 6.99
C1 NAG JA . 38.62 16.40 -3.12
C2 NAG JA . 39.29 15.10 -3.61
C3 NAG JA . 40.79 15.35 -3.90
C4 NAG JA . 40.97 16.52 -4.87
C5 NAG JA . 40.32 17.79 -4.29
C6 NAG JA . 40.39 19.02 -5.21
C7 NAG JA . 38.08 13.22 -2.63
C8 NAG JA . 38.06 12.08 -1.59
N2 NAG JA . 39.13 14.02 -2.64
O3 NAG JA . 41.40 14.16 -4.49
O4 NAG JA . 42.39 16.73 -5.02
O5 NAG JA . 38.89 17.50 -4.04
O6 NAG JA . 39.48 18.90 -6.31
O7 NAG JA . 37.16 13.36 -3.44
C21 A1AR1 KA . 5.82 -0.10 -69.58
C6 A1AR1 KA . 5.80 -1.46 -62.24
C7 A1AR1 KA . 4.43 -2.12 -62.34
C8 A1AR1 KA . 3.80 -1.88 -63.70
C11 A1AR1 KA . 4.49 -1.98 -57.87
C10 A1AR1 KA . 5.26 -2.50 -59.04
C9 A1AR1 KA . 2.30 -2.14 -63.65
C5 A1AR1 KA . 6.54 -1.96 -61.02
C4 A1AR1 KA . 7.95 -1.37 -61.00
C3 A1AR1 KA . 8.67 -1.70 -62.30
C2 A1AR1 KA . 7.86 -1.24 -63.52
O6 A1AR1 KA . 6.52 -1.76 -63.44
C1 A1AR1 KA . 7.90 0.26 -63.59
C12 A1AR1 KA . 4.59 0.26 -68.77
C31 A1AR1 KA . 6.42 1.17 -70.18
C41 A1AR1 KA . 7.03 2.07 -69.11
C51 A1AR1 KA . 8.02 1.27 -68.28
C61 A1AR1 KA . 7.35 0.03 -67.72
C71 A1AR1 KA . 8.34 -0.81 -66.90
C81 A1AR1 KA . 7.63 -1.62 -65.83
C91 A1AR1 KA . 7.21 -2.99 -66.34
CA9 A1AR1 KA . 0.31 -1.35 -62.39
CM9 A1AR1 KA . -0.71 -1.66 -63.43
N5 A1AR1 KA . 5.82 -1.60 -59.82
N51 A1AR1 KA . 8.56 2.09 -67.21
O10 A1AR1 KA . 5.34 -3.70 -59.27
O1A A1AR1 KA . 8.99 0.83 -63.36
O1B A1AR1 KA . 6.87 0.91 -63.88
O3 A1AR1 KA . 5.45 -0.95 -70.66
O4 A1AR1 KA . 8.68 -1.88 -59.89
O41 A1AR1 KA . 7.69 3.18 -69.73
O61 A1AR1 KA . 6.80 -0.77 -68.77
O7 A1AR1 KA . 4.56 -3.53 -62.11
O71 A1AR1 KA . 9.06 -1.68 -67.76
O8 A1AR1 KA . 4.03 -0.54 -64.12
O81 A1AR1 KA . 8.48 -1.77 -64.69
O9 A1AR1 KA . 1.70 -1.19 -62.79
O91 A1AR1 KA . 6.02 -2.88 -67.12
OA9 A1AR1 KA . 0.02 -1.23 -61.21
C101 A1AR1 KA . 9.82 2.50 -67.18
C111 A1AR1 KA . 10.67 2.21 -68.38
O101 A1AR1 KA . 10.27 3.10 -66.21
O1A1 A1AR1 KA . 4.29 -0.44 -67.78
O1B1 A1AR1 KA . 3.90 1.23 -69.14
C1 NAG LA . -60.38 -9.23 -7.30
C2 NAG LA . -61.09 -8.04 -6.62
C3 NAG LA . -62.45 -8.50 -6.07
C4 NAG LA . -63.29 -9.16 -7.17
C5 NAG LA . -62.52 -10.29 -7.87
C6 NAG LA . -63.30 -10.97 -9.01
C7 NAG LA . -59.55 -6.38 -5.68
C8 NAG LA . -58.69 -5.97 -4.47
N2 NAG LA . -60.25 -7.51 -5.54
O3 NAG LA . -63.19 -7.37 -5.53
O4 NAG LA . -64.48 -9.70 -6.54
O5 NAG LA . -61.22 -9.76 -8.38
O6 NAG LA . -63.84 -10.01 -9.93
O7 NAG LA . -59.62 -5.70 -6.70
C1 NAG MA . -4.97 -39.69 4.11
C2 NAG MA . -4.00 -40.74 3.53
C3 NAG MA . -3.16 -41.35 4.67
C4 NAG MA . -2.42 -40.25 5.45
C5 NAG MA . -3.36 -39.13 5.92
C6 NAG MA . -2.63 -37.95 6.58
C7 NAG MA . -4.99 -41.73 1.51
C8 NAG MA . -5.59 -42.99 0.88
N2 NAG MA . -4.72 -41.80 2.81
O3 NAG MA . -2.19 -42.31 4.17
O4 NAG MA . -1.82 -40.88 6.61
O5 NAG MA . -4.18 -38.64 4.77
O6 NAG MA . -1.64 -37.39 5.68
O7 NAG MA . -4.74 -40.73 0.86
C1 NAG NA . -40.70 -30.23 -13.71
C2 NAG NA . -40.88 -29.80 -15.16
C3 NAG NA . -42.26 -29.17 -15.36
C4 NAG NA . -43.35 -30.12 -14.87
C5 NAG NA . -43.07 -30.54 -13.43
C6 NAG NA . -44.04 -31.58 -12.91
C7 NAG NA . -38.77 -29.25 -16.28
C8 NAG NA . -37.79 -28.17 -16.62
N2 NAG NA . -39.84 -28.87 -15.57
O3 NAG NA . -42.46 -28.89 -16.74
O4 NAG NA . -44.62 -29.49 -14.93
O5 NAG NA . -41.75 -31.12 -13.33
O6 NAG NA . -43.69 -32.88 -13.35
O7 NAG NA . -38.60 -30.42 -16.64
C1 NAG OA . -35.45 -43.63 0.75
C2 NAG OA . -34.34 -44.67 0.71
C3 NAG OA . -34.66 -45.83 1.65
C4 NAG OA . -34.94 -45.30 3.06
C5 NAG OA . -36.04 -44.24 3.00
C6 NAG OA . -36.30 -43.59 4.34
C7 NAG OA . -33.36 -44.55 -1.54
C8 NAG OA . -33.26 -45.20 -2.88
N2 NAG OA . -34.13 -45.17 -0.64
O3 NAG OA . -33.56 -46.72 1.70
O4 NAG OA . -35.36 -46.36 3.90
O5 NAG OA . -35.65 -43.19 2.10
O6 NAG OA . -35.17 -42.85 4.79
O7 NAG OA . -32.77 -43.50 -1.28
C1 NAG PA . -54.81 -39.26 16.26
C2 NAG PA . -56.12 -40.06 16.28
C3 NAG PA . -56.84 -39.85 17.60
C4 NAG PA . -55.92 -40.16 18.77
C5 NAG PA . -54.62 -39.37 18.64
C6 NAG PA . -53.60 -39.73 19.70
C7 NAG PA . -57.00 -40.36 14.00
C8 NAG PA . -57.94 -39.84 12.97
N2 NAG PA . -56.97 -39.69 15.16
O3 NAG PA . -57.99 -40.68 17.66
O4 NAG PA . -56.55 -39.81 20.00
O5 NAG PA . -54.00 -39.64 17.37
O6 NAG PA . -53.05 -41.02 19.47
O7 NAG PA . -56.31 -41.35 13.82
C1 NAG QA . -22.42 23.93 36.06
C2 NAG QA . -23.85 24.43 36.28
C3 NAG QA . -24.06 25.76 35.57
C4 NAG QA . -22.99 26.76 35.98
C5 NAG QA . -21.60 26.17 35.78
C6 NAG QA . -20.49 27.06 36.30
C7 NAG QA . -25.49 22.65 36.66
C8 NAG QA . -26.46 21.69 36.02
N2 NAG QA . -24.82 23.44 35.83
O3 NAG QA . -25.35 26.27 35.86
O4 NAG QA . -23.11 27.95 35.22
O5 NAG QA . -21.49 24.93 36.50
O6 NAG QA . -20.49 27.10 37.73
O7 NAG QA . -25.33 22.70 37.87
C1 NAG RA . -2.58 -40.72 26.11
C2 NAG RA . -1.62 -41.18 27.21
C3 NAG RA . -0.41 -41.87 26.59
C4 NAG RA . -0.86 -42.99 25.66
C5 NAG RA . -1.85 -42.46 24.63
C6 NAG RA . -2.43 -43.55 23.75
C7 NAG RA . -1.85 -39.69 29.15
C8 NAG RA . -1.27 -38.52 29.88
N2 NAG RA . -1.21 -40.06 28.04
O3 NAG RA . 0.41 -42.40 27.63
O4 NAG RA . 0.27 -43.55 24.99
O5 NAG RA . -2.96 -41.84 25.30
O6 NAG RA . -3.29 -44.40 24.49
O7 NAG RA . -2.84 -40.29 29.55
C1 NAG SA . 21.89 -41.15 54.56
C2 NAG SA . 21.94 -41.75 55.96
C3 NAG SA . 22.36 -43.22 55.89
C4 NAG SA . 21.47 -43.99 54.93
C5 NAG SA . 21.43 -43.29 53.57
C6 NAG SA . 20.44 -43.93 52.61
C7 NAG SA . 22.42 -40.04 57.65
C8 NAG SA . 23.48 -39.37 58.47
N2 NAG SA . 22.84 -41.01 56.82
O3 NAG SA . 22.30 -43.81 57.19
O4 NAG SA . 21.94 -45.32 54.76
O5 NAG SA . 21.01 -41.93 53.74
O6 NAG SA . 19.15 -44.02 53.17
O7 NAG SA . 21.24 -39.74 57.75
C1 NAG TA . 29.99 -51.80 38.10
C2 NAG TA . 30.33 -53.15 38.71
C3 NAG TA . 30.15 -54.27 37.69
C4 NAG TA . 28.75 -54.22 37.08
C5 NAG TA . 28.49 -52.82 36.52
C6 NAG TA . 27.08 -52.66 36.00
C7 NAG TA . 31.99 -52.79 40.48
C8 NAG TA . 33.43 -52.85 40.86
N2 NAG TA . 31.69 -53.17 39.24
O3 NAG TA . 30.36 -55.53 38.32
O4 NAG TA . 28.64 -55.17 36.03
O5 NAG TA . 28.66 -51.84 37.55
O6 NAG TA . 26.23 -52.06 36.97
O7 NAG TA . 31.13 -52.41 41.28
C1 NAG UA . 9.65 -40.06 -7.98
C2 NAG UA . 9.44 -40.53 -6.52
C3 NAG UA . 9.66 -42.06 -6.41
C4 NAG UA . 8.78 -42.81 -7.43
C5 NAG UA . 9.10 -42.33 -8.85
C6 NAG UA . 8.27 -42.98 -9.95
C7 NAG UA . 10.02 -38.69 -5.02
C8 NAG UA . 11.06 -38.05 -4.08
N2 NAG UA . 10.36 -39.83 -5.62
O3 NAG UA . 9.32 -42.53 -5.07
O4 NAG UA . 9.09 -44.21 -7.31
O5 NAG UA . 8.86 -40.86 -8.90
O6 NAG UA . 6.92 -42.47 -9.94
O7 NAG UA . 8.93 -38.16 -5.23
C21 A1AR1 VA . -63.23 -28.11 9.54
C6 A1AR1 VA . -56.35 -25.50 10.19
C7 A1AR1 VA . -56.87 -24.11 10.53
C8 A1AR1 VA . -58.37 -24.00 10.24
C11 A1AR1 VA . -52.68 -22.78 9.78
C10 A1AR1 VA . -53.46 -23.72 10.64
C9 A1AR1 VA . -58.80 -22.55 10.24
C5 A1AR1 VA . -54.91 -25.67 10.67
C4 A1AR1 VA . -54.44 -27.08 10.41
C3 A1AR1 VA . -55.40 -28.08 11.01
C2 A1AR1 VA . -56.83 -27.83 10.54
O6 A1AR1 VA . -57.20 -26.47 10.80
C1 A1AR1 VA . -56.94 -28.18 9.07
C12 A1AR1 VA . -63.04 -26.77 8.86
C31 A1AR1 VA . -63.60 -29.17 8.50
C41 A1AR1 VA . -62.41 -29.61 7.66
C51 A1AR1 VA . -61.28 -30.07 8.57
C61 A1AR1 VA . -60.93 -28.99 9.58
C71 A1AR1 VA . -59.86 -29.48 10.55
C81 A1AR1 VA . -59.07 -28.32 11.13
C91 A1AR1 VA . -59.64 -27.87 12.47
CA9 A1AR1 VA . -58.33 -20.44 9.00
CM9 A1AR1 VA . -59.67 -19.82 9.23
N5 A1AR1 VA . -54.06 -24.71 9.99
N51 A1AR1 VA . -60.12 -30.39 7.76
O10 A1AR1 VA . -53.54 -23.59 11.85
O1A A1AR1 VA . -56.25 -29.13 8.64
O1B A1AR1 VA . -57.71 -27.53 8.33
O3 A1AR1 VA . -64.34 -28.02 10.43
O4 A1AR1 VA . -53.13 -27.27 10.96
O41 A1AR1 VA . -62.81 -30.67 6.80
O61 A1AR1 VA . -62.08 -28.53 10.30
O7 A1AR1 VA . -56.63 -23.83 11.90
O71 A1AR1 VA . -60.48 -30.20 11.61
O8 A1AR1 VA . -58.65 -24.59 8.98
O81 A1AR1 VA . -57.71 -28.69 11.28
O9 A1AR1 VA . -58.20 -21.88 9.13
O91 A1AR1 VA . -60.85 -27.16 12.27
OA9 A1AR1 VA . -57.35 -19.80 8.71
C101 A1AR1 VA . -59.67 -31.63 7.59
C111 A1AR1 VA . -60.56 -32.75 8.05
O101 A1AR1 VA . -58.59 -31.86 7.06
O1A1 A1AR1 VA . -63.97 -25.95 8.89
O1B1 A1AR1 VA . -61.96 -26.50 8.26
#